data_2LFH
#
_entry.id   2LFH
#
_entity_poly.entity_id   1
_entity_poly.type   'polypeptide(L)'
_entity_poly.pdbx_seq_one_letter_code
;MGHHHHHHSHMGGGKGPAAEEPLSLLDDMNHCYSRLRELVPGVPRGTQLSQVEILQRVIDYILDLQVV
;
_entity_poly.pdbx_strand_id   A,B
#
# COMPACT_ATOMS: atom_id res chain seq x y z
N MET A 1 26.45 -8.00 7.45
CA MET A 1 26.00 -8.33 6.07
C MET A 1 24.74 -9.23 6.14
N GLY A 2 23.55 -8.61 6.04
CA GLY A 2 22.28 -9.30 6.27
C GLY A 2 21.81 -9.15 7.73
N HIS A 3 20.63 -8.53 7.95
CA HIS A 3 20.11 -8.22 9.30
C HIS A 3 18.59 -8.45 9.41
N HIS A 4 18.10 -8.63 10.64
CA HIS A 4 16.65 -8.69 10.95
C HIS A 4 16.23 -7.44 11.76
N HIS A 5 14.90 -7.26 11.95
CA HIS A 5 14.35 -6.15 12.76
C HIS A 5 13.39 -6.71 13.83
N HIS A 6 13.94 -7.03 15.03
CA HIS A 6 13.13 -7.48 16.17
C HIS A 6 12.50 -6.25 16.89
N HIS A 7 11.22 -5.97 16.56
CA HIS A 7 10.46 -4.84 17.11
C HIS A 7 8.94 -5.09 16.98
N HIS A 8 8.20 -4.75 18.04
CA HIS A 8 6.72 -4.87 18.07
C HIS A 8 6.13 -3.66 18.83
N SER A 9 4.93 -3.24 18.42
CA SER A 9 4.19 -2.11 19.05
C SER A 9 2.69 -2.45 19.15
N HIS A 10 2.13 -2.21 20.34
CA HIS A 10 0.70 -2.47 20.64
C HIS A 10 0.14 -1.34 21.53
N MET A 11 -0.46 -0.32 20.88
CA MET A 11 -1.13 0.80 21.59
C MET A 11 -2.56 0.99 21.03
N GLY A 12 -2.69 1.02 19.69
CA GLY A 12 -4.01 1.05 19.02
C GLY A 12 -4.16 2.21 18.03
N GLY A 13 -5.11 2.07 17.09
CA GLY A 13 -5.37 3.07 16.06
C GLY A 13 -4.38 3.03 14.90
N GLY A 14 -3.25 3.77 15.03
CA GLY A 14 -2.25 3.88 13.97
C GLY A 14 -2.69 4.77 12.79
N LYS A 15 -3.77 5.54 13.00
CA LYS A 15 -4.33 6.47 12.01
C LYS A 15 -3.48 7.77 11.94
N GLY A 16 -3.28 8.30 10.73
CA GLY A 16 -2.59 9.59 10.54
C GLY A 16 -2.34 9.93 9.07
N PRO A 17 -2.19 11.26 8.72
CA PRO A 17 -1.78 11.70 7.36
C PRO A 17 -0.29 11.39 7.05
N ALA A 18 0.53 11.32 8.14
CA ALA A 18 1.98 10.97 8.08
C ALA A 18 2.83 12.01 7.31
N ALA A 19 4.13 11.69 7.11
CA ALA A 19 5.07 12.52 6.33
C ALA A 19 5.64 11.72 5.14
N GLU A 20 5.80 12.41 3.98
CA GLU A 20 6.34 11.80 2.75
C GLU A 20 7.86 11.56 2.83
N GLU A 21 8.33 10.49 2.16
CA GLU A 21 9.77 10.12 2.09
C GLU A 21 10.20 9.96 0.60
N PRO A 22 11.54 9.93 0.28
CA PRO A 22 12.02 9.50 -1.06
C PRO A 22 11.48 8.08 -1.43
N LEU A 23 10.46 8.04 -2.32
CA LEU A 23 9.70 6.80 -2.61
C LEU A 23 10.58 5.71 -3.27
N SER A 24 10.85 4.66 -2.49
CA SER A 24 11.57 3.44 -2.90
C SER A 24 13.08 3.67 -3.13
N LEU A 25 13.92 2.89 -2.42
CA LEU A 25 15.41 2.94 -2.54
C LEU A 25 15.92 1.76 -3.39
N LEU A 26 15.57 0.54 -2.98
CA LEU A 26 16.04 -0.73 -3.61
C LEU A 26 14.84 -1.45 -4.29
N ASP A 27 13.86 -0.65 -4.79
CA ASP A 27 12.56 -1.16 -5.33
C ASP A 27 11.85 -2.06 -4.28
N ASP A 28 11.93 -1.61 -3.00
CA ASP A 28 11.41 -2.32 -1.82
C ASP A 28 9.89 -2.57 -1.94
N MET A 29 9.20 -1.60 -2.55
CA MET A 29 7.77 -1.66 -2.90
C MET A 29 7.42 -2.92 -3.75
N ASN A 30 8.26 -3.22 -4.75
CA ASN A 30 8.08 -4.39 -5.64
C ASN A 30 8.23 -5.72 -4.86
N HIS A 31 9.21 -5.78 -3.94
CA HIS A 31 9.42 -6.95 -3.06
C HIS A 31 8.18 -7.19 -2.15
N CYS A 32 7.65 -6.09 -1.60
CA CYS A 32 6.49 -6.13 -0.68
C CYS A 32 5.20 -6.64 -1.37
N TYR A 33 4.91 -6.10 -2.57
CA TYR A 33 3.70 -6.48 -3.36
C TYR A 33 3.70 -7.96 -3.78
N SER A 34 4.89 -8.53 -4.03
CA SER A 34 5.07 -9.97 -4.30
C SER A 34 4.63 -10.81 -3.09
N ARG A 35 5.19 -10.47 -1.91
CA ARG A 35 4.94 -11.17 -0.64
C ARG A 35 3.46 -11.00 -0.15
N LEU A 36 2.84 -9.84 -0.45
CA LEU A 36 1.41 -9.59 -0.15
C LEU A 36 0.50 -10.60 -0.89
N ARG A 37 0.66 -10.68 -2.24
CA ARG A 37 -0.14 -11.59 -3.11
C ARG A 37 0.03 -13.10 -2.76
N GLU A 38 1.10 -13.44 -2.03
CA GLU A 38 1.38 -14.83 -1.59
C GLU A 38 0.63 -15.14 -0.27
N LEU A 39 0.51 -14.13 0.60
CA LEU A 39 -0.24 -14.24 1.88
C LEU A 39 -1.78 -14.15 1.66
N VAL A 40 -2.17 -13.40 0.60
CA VAL A 40 -3.59 -13.23 0.21
C VAL A 40 -4.03 -14.38 -0.73
N PRO A 41 -4.92 -15.32 -0.26
CA PRO A 41 -5.39 -16.48 -1.08
C PRO A 41 -6.38 -16.09 -2.22
N GLY A 42 -6.87 -14.83 -2.20
CA GLY A 42 -7.92 -14.35 -3.12
C GLY A 42 -7.42 -13.92 -4.51
N VAL A 43 -6.32 -14.51 -4.99
CA VAL A 43 -5.79 -14.27 -6.36
C VAL A 43 -6.33 -15.37 -7.33
N PRO A 44 -7.02 -14.97 -8.46
CA PRO A 44 -7.45 -15.95 -9.51
C PRO A 44 -6.25 -16.49 -10.34
N ARG A 45 -6.27 -17.81 -10.66
CA ARG A 45 -5.23 -18.46 -11.49
C ARG A 45 -5.23 -17.90 -12.94
N GLY A 46 -4.11 -17.22 -13.31
CA GLY A 46 -3.96 -16.61 -14.65
C GLY A 46 -4.09 -15.07 -14.65
N THR A 47 -3.98 -14.43 -13.46
CA THR A 47 -4.03 -12.95 -13.32
C THR A 47 -2.68 -12.39 -12.82
N GLN A 48 -2.28 -11.23 -13.39
CA GLN A 48 -1.08 -10.48 -12.92
C GLN A 48 -1.52 -9.51 -11.78
N LEU A 49 -2.67 -8.83 -12.00
CA LEU A 49 -3.26 -7.81 -11.08
C LEU A 49 -2.43 -6.49 -11.06
N SER A 50 -3.12 -5.34 -11.00
CA SER A 50 -2.46 -4.01 -10.97
C SER A 50 -1.96 -3.66 -9.54
N GLN A 51 -1.05 -2.68 -9.47
CA GLN A 51 -0.45 -2.20 -8.21
C GLN A 51 -1.52 -1.73 -7.16
N VAL A 52 -2.59 -1.08 -7.66
CA VAL A 52 -3.71 -0.60 -6.79
C VAL A 52 -4.63 -1.77 -6.35
N GLU A 53 -4.92 -2.73 -7.27
CA GLU A 53 -5.78 -3.92 -6.98
C GLU A 53 -5.26 -4.72 -5.76
N ILE A 54 -3.93 -4.87 -5.69
CA ILE A 54 -3.27 -5.59 -4.58
C ILE A 54 -3.65 -4.98 -3.22
N LEU A 55 -3.51 -3.64 -3.09
CA LEU A 55 -3.83 -2.88 -1.85
C LEU A 55 -5.27 -3.14 -1.35
N GLN A 56 -6.22 -3.01 -2.28
CA GLN A 56 -7.66 -3.19 -2.02
C GLN A 56 -7.96 -4.64 -1.55
N ARG A 57 -7.35 -5.60 -2.26
CA ARG A 57 -7.55 -7.05 -2.07
C ARG A 57 -6.83 -7.58 -0.80
N VAL A 58 -5.78 -6.86 -0.35
CA VAL A 58 -5.11 -7.12 0.95
C VAL A 58 -6.04 -6.69 2.11
N ILE A 59 -6.76 -5.56 1.94
CA ILE A 59 -7.73 -5.06 2.94
C ILE A 59 -8.88 -6.07 3.15
N ASP A 60 -9.44 -6.62 2.03
CA ASP A 60 -10.47 -7.68 2.06
C ASP A 60 -9.99 -8.92 2.87
N TYR A 61 -8.73 -9.30 2.62
CA TYR A 61 -8.03 -10.38 3.36
C TYR A 61 -7.98 -10.10 4.88
N ILE A 62 -7.62 -8.86 5.27
CA ILE A 62 -7.49 -8.45 6.70
C ILE A 62 -8.89 -8.33 7.39
N LEU A 63 -9.95 -8.03 6.62
CA LEU A 63 -11.34 -7.93 7.15
C LEU A 63 -11.81 -9.27 7.80
N ASP A 64 -11.51 -10.38 7.11
CA ASP A 64 -11.78 -11.75 7.62
C ASP A 64 -10.96 -12.08 8.91
N LEU A 65 -9.74 -11.52 8.99
CA LEU A 65 -8.85 -11.70 10.16
C LEU A 65 -9.35 -10.86 11.37
N GLN A 66 -9.92 -9.68 11.10
CA GLN A 66 -10.44 -8.75 12.13
C GLN A 66 -11.90 -9.11 12.53
N VAL A 67 -12.88 -8.61 11.76
CA VAL A 67 -14.33 -8.79 12.05
C VAL A 67 -15.09 -9.11 10.74
N VAL A 68 -15.76 -10.27 10.69
CA VAL A 68 -16.59 -10.69 9.52
C VAL A 68 -18.05 -10.13 9.61
N MET B 1 -13.69 -22.71 -20.27
CA MET B 1 -13.18 -22.18 -18.98
C MET B 1 -13.43 -20.67 -18.82
N GLY B 2 -13.30 -20.19 -17.57
CA GLY B 2 -13.50 -18.77 -17.22
C GLY B 2 -13.70 -18.58 -15.71
N HIS B 3 -12.86 -19.30 -14.92
CA HIS B 3 -12.92 -19.35 -13.43
C HIS B 3 -14.29 -19.91 -12.93
N HIS B 4 -14.37 -21.25 -12.85
CA HIS B 4 -15.57 -21.98 -12.37
C HIS B 4 -15.82 -21.74 -10.86
N HIS B 5 -17.09 -21.48 -10.49
CA HIS B 5 -17.47 -21.15 -9.09
C HIS B 5 -17.65 -22.45 -8.26
N HIS B 6 -16.52 -23.10 -7.92
CA HIS B 6 -16.48 -24.34 -7.11
C HIS B 6 -15.52 -24.18 -5.90
N HIS B 7 -15.64 -25.11 -4.94
CA HIS B 7 -14.84 -25.10 -3.70
C HIS B 7 -13.44 -25.73 -3.92
N HIS B 8 -12.41 -24.87 -4.04
CA HIS B 8 -11.00 -25.28 -4.22
C HIS B 8 -10.12 -24.83 -3.02
N SER B 9 -8.85 -25.25 -3.04
CA SER B 9 -7.86 -24.92 -1.98
C SER B 9 -6.52 -24.47 -2.62
N HIS B 10 -6.62 -23.63 -3.67
CA HIS B 10 -5.45 -23.09 -4.39
C HIS B 10 -5.55 -21.55 -4.58
N MET B 11 -4.41 -20.85 -4.37
CA MET B 11 -4.24 -19.42 -4.73
C MET B 11 -3.85 -19.31 -6.24
N GLY B 12 -3.72 -18.07 -6.78
CA GLY B 12 -3.34 -17.83 -8.19
C GLY B 12 -2.09 -18.57 -8.67
N GLY B 13 -1.12 -18.79 -7.76
CA GLY B 13 0.08 -19.60 -8.05
C GLY B 13 1.31 -19.13 -7.28
N GLY B 14 1.71 -17.87 -7.51
CA GLY B 14 2.91 -17.27 -6.89
C GLY B 14 3.46 -16.11 -7.73
N LYS B 15 4.62 -16.34 -8.40
CA LYS B 15 5.22 -15.36 -9.33
C LYS B 15 4.70 -15.56 -10.78
N GLY B 16 4.93 -14.55 -11.63
CA GLY B 16 4.53 -14.61 -13.06
C GLY B 16 5.23 -13.53 -13.91
N PRO B 17 4.77 -13.31 -15.18
CA PRO B 17 5.33 -12.25 -16.06
C PRO B 17 5.03 -10.82 -15.53
N ALA B 18 6.05 -10.22 -14.88
CA ALA B 18 5.94 -8.88 -14.25
C ALA B 18 5.70 -7.76 -15.30
N ALA B 19 4.42 -7.43 -15.52
CA ALA B 19 3.99 -6.40 -16.49
C ALA B 19 2.86 -5.55 -15.89
N GLU B 20 3.21 -4.32 -15.46
CA GLU B 20 2.27 -3.37 -14.81
C GLU B 20 2.91 -1.98 -14.69
N GLU B 21 2.10 -0.99 -14.28
CA GLU B 21 2.56 0.39 -14.02
C GLU B 21 1.72 1.05 -12.88
N PRO B 22 2.34 1.96 -12.06
CA PRO B 22 1.58 2.77 -11.06
C PRO B 22 0.59 3.76 -11.73
N LEU B 23 -0.69 3.35 -11.83
CA LEU B 23 -1.76 4.18 -12.42
C LEU B 23 -2.10 5.39 -11.50
N SER B 24 -2.68 5.08 -10.31
CA SER B 24 -3.13 6.09 -9.28
C SER B 24 -4.41 6.86 -9.69
N LEU B 25 -4.40 7.45 -10.91
CA LEU B 25 -5.55 8.16 -11.53
C LEU B 25 -5.88 9.50 -10.81
N LEU B 26 -6.50 9.40 -9.62
CA LEU B 26 -6.85 10.56 -8.78
C LEU B 26 -5.92 10.55 -7.53
N ASP B 27 -6.23 9.65 -6.58
CA ASP B 27 -5.46 9.47 -5.31
C ASP B 27 -5.78 8.07 -4.70
N ASP B 28 -6.36 7.19 -5.55
CA ASP B 28 -7.05 5.95 -5.11
C ASP B 28 -6.12 4.99 -4.31
N MET B 29 -4.82 5.02 -4.64
CA MET B 29 -3.80 4.23 -3.90
C MET B 29 -3.74 4.62 -2.42
N ASN B 30 -3.71 5.94 -2.16
CA ASN B 30 -3.57 6.52 -0.81
C ASN B 30 -4.86 6.35 0.03
N HIS B 31 -6.02 6.26 -0.64
CA HIS B 31 -7.30 5.87 0.01
C HIS B 31 -7.23 4.43 0.56
N CYS B 32 -6.59 3.52 -0.21
CA CYS B 32 -6.30 2.14 0.25
C CYS B 32 -5.24 2.12 1.38
N TYR B 33 -4.20 2.97 1.22
CA TYR B 33 -3.08 3.09 2.20
C TYR B 33 -3.55 3.63 3.57
N SER B 34 -4.52 4.56 3.57
CA SER B 34 -5.14 5.08 4.81
C SER B 34 -5.92 3.96 5.51
N ARG B 35 -6.71 3.21 4.73
CA ARG B 35 -7.53 2.08 5.23
C ARG B 35 -6.65 0.92 5.78
N LEU B 36 -5.42 0.80 5.26
CA LEU B 36 -4.38 -0.08 5.85
C LEU B 36 -3.95 0.44 7.25
N ARG B 37 -3.59 1.75 7.33
CA ARG B 37 -3.14 2.42 8.59
C ARG B 37 -4.17 2.30 9.75
N GLU B 38 -5.48 2.28 9.37
CA GLU B 38 -6.61 2.16 10.34
C GLU B 38 -6.50 0.84 11.16
N LEU B 39 -6.05 -0.23 10.48
CA LEU B 39 -6.00 -1.60 11.02
C LEU B 39 -4.62 -1.96 11.62
N VAL B 40 -3.63 -1.04 11.51
CA VAL B 40 -2.25 -1.27 12.05
C VAL B 40 -2.06 -0.54 13.41
N PRO B 41 -2.03 -1.28 14.57
CA PRO B 41 -1.76 -0.69 15.91
C PRO B 41 -0.24 -0.53 16.22
N GLY B 42 0.60 -0.67 15.16
CA GLY B 42 2.06 -0.53 15.26
C GLY B 42 2.59 0.87 14.91
N VAL B 43 1.74 1.68 14.26
CA VAL B 43 2.07 3.08 13.89
C VAL B 43 1.84 4.05 15.10
N PRO B 44 2.84 4.95 15.44
CA PRO B 44 2.66 6.01 16.48
C PRO B 44 1.39 6.88 16.27
N ARG B 45 1.39 7.72 15.20
CA ARG B 45 0.31 8.68 14.88
C ARG B 45 0.65 9.45 13.59
N GLY B 46 1.57 10.44 13.70
CA GLY B 46 2.01 11.26 12.57
C GLY B 46 3.52 11.12 12.34
N THR B 47 3.92 9.91 11.93
CA THR B 47 5.35 9.56 11.67
C THR B 47 5.64 9.53 10.14
N GLN B 48 6.92 9.40 9.76
CA GLN B 48 7.35 9.36 8.34
C GLN B 48 6.99 8.00 7.69
N LEU B 49 5.80 7.95 7.06
CA LEU B 49 5.33 6.76 6.32
C LEU B 49 5.23 7.05 4.82
N SER B 50 6.21 6.56 4.05
CA SER B 50 6.10 6.48 2.58
C SER B 50 5.08 5.39 2.17
N GLN B 51 4.65 5.43 0.91
CA GLN B 51 3.80 4.37 0.32
C GLN B 51 4.46 2.97 0.45
N VAL B 52 5.81 2.94 0.46
CA VAL B 52 6.62 1.72 0.60
C VAL B 52 6.57 1.14 2.04
N GLU B 53 6.86 2.00 3.05
CA GLU B 53 6.99 1.55 4.46
C GLU B 53 5.64 1.08 5.04
N ILE B 54 4.53 1.62 4.51
CA ILE B 54 3.17 1.13 4.84
C ILE B 54 3.04 -0.37 4.48
N LEU B 55 3.43 -0.74 3.23
CA LEU B 55 3.41 -2.13 2.74
C LEU B 55 4.19 -3.08 3.68
N GLN B 56 5.41 -2.65 4.03
CA GLN B 56 6.35 -3.42 4.88
C GLN B 56 5.75 -3.67 6.29
N ARG B 57 5.16 -2.61 6.89
CA ARG B 57 4.57 -2.67 8.25
C ARG B 57 3.21 -3.42 8.27
N VAL B 58 2.52 -3.44 7.12
CA VAL B 58 1.32 -4.28 6.93
C VAL B 58 1.72 -5.77 6.85
N ILE B 59 2.86 -6.08 6.19
CA ILE B 59 3.44 -7.45 6.19
C ILE B 59 3.81 -7.88 7.63
N ASP B 60 4.52 -6.99 8.37
CA ASP B 60 4.90 -7.22 9.79
C ASP B 60 3.66 -7.50 10.68
N TYR B 61 2.58 -6.77 10.40
CA TYR B 61 1.27 -6.96 11.04
C TYR B 61 0.69 -8.37 10.76
N ILE B 62 0.76 -8.78 9.48
CA ILE B 62 0.29 -10.11 9.04
C ILE B 62 1.23 -11.24 9.57
N LEU B 63 2.53 -10.93 9.81
CA LEU B 63 3.51 -11.89 10.40
C LEU B 63 3.17 -12.22 11.86
N ASP B 64 2.54 -11.26 12.57
CA ASP B 64 2.01 -11.45 13.93
C ASP B 64 0.79 -12.42 13.91
N LEU B 65 -0.04 -12.30 12.86
CA LEU B 65 -1.27 -13.11 12.69
C LEU B 65 -0.98 -14.55 12.17
N GLN B 66 0.05 -14.67 11.33
CA GLN B 66 0.48 -15.96 10.73
C GLN B 66 1.49 -16.70 11.63
N VAL B 67 2.33 -15.92 12.34
CA VAL B 67 3.44 -16.40 13.19
C VAL B 67 4.44 -17.27 12.37
N VAL B 68 5.33 -16.58 11.65
CA VAL B 68 6.32 -17.20 10.74
C VAL B 68 7.72 -17.30 11.41
N MET A 1 -7.41 -18.12 -15.91
CA MET A 1 -6.44 -17.23 -16.60
C MET A 1 -5.22 -16.93 -15.70
N GLY A 2 -4.02 -17.02 -16.27
CA GLY A 2 -2.78 -16.66 -15.59
C GLY A 2 -2.07 -17.86 -14.94
N HIS A 3 -1.09 -18.43 -15.67
CA HIS A 3 -0.16 -19.44 -15.11
C HIS A 3 0.96 -18.73 -14.31
N HIS A 4 0.61 -18.28 -13.10
CA HIS A 4 1.57 -17.71 -12.12
C HIS A 4 2.50 -18.82 -11.57
N HIS A 5 3.82 -18.59 -11.64
CA HIS A 5 4.82 -19.61 -11.26
C HIS A 5 6.00 -18.98 -10.51
N HIS A 6 6.17 -19.38 -9.23
CA HIS A 6 7.27 -18.93 -8.36
C HIS A 6 7.60 -20.03 -7.33
N HIS A 7 8.89 -20.24 -7.06
CA HIS A 7 9.36 -21.25 -6.11
C HIS A 7 10.54 -20.68 -5.29
N HIS A 8 10.21 -20.16 -4.10
CA HIS A 8 11.18 -19.53 -3.18
C HIS A 8 10.73 -19.69 -1.72
N SER A 9 11.68 -19.64 -0.77
CA SER A 9 11.42 -19.75 0.69
C SER A 9 12.64 -19.27 1.50
N HIS A 10 12.40 -18.88 2.76
CA HIS A 10 13.45 -18.46 3.71
C HIS A 10 13.38 -19.34 4.98
N MET A 11 14.55 -19.84 5.43
CA MET A 11 14.67 -20.75 6.60
C MET A 11 14.55 -19.98 7.95
N GLY A 12 14.66 -18.65 7.91
CA GLY A 12 14.43 -17.79 9.09
C GLY A 12 15.63 -17.68 10.05
N GLY A 13 16.84 -17.98 9.56
CA GLY A 13 18.09 -17.81 10.35
C GLY A 13 18.40 -16.34 10.64
N GLY A 14 18.04 -15.87 11.85
CA GLY A 14 18.07 -14.44 12.19
C GLY A 14 16.72 -13.79 11.88
N LYS A 15 16.52 -13.44 10.59
CA LYS A 15 15.22 -12.94 10.03
C LYS A 15 14.69 -11.66 10.74
N GLY A 16 14.87 -10.50 10.08
CA GLY A 16 14.45 -9.20 10.64
C GLY A 16 15.46 -8.10 10.29
N PRO A 17 16.66 -8.08 10.93
CA PRO A 17 17.75 -7.10 10.58
C PRO A 17 18.26 -7.30 9.12
N ALA A 18 18.37 -6.18 8.36
CA ALA A 18 18.83 -6.19 6.95
C ALA A 18 19.15 -4.76 6.45
N ALA A 19 20.43 -4.47 6.19
CA ALA A 19 20.87 -3.22 5.53
C ALA A 19 20.64 -3.29 4.00
N GLU A 20 20.51 -2.12 3.36
CA GLU A 20 20.07 -1.99 1.95
C GLU A 20 21.19 -1.44 1.05
N GLU A 21 21.14 -1.82 -0.24
CA GLU A 21 21.91 -1.13 -1.32
C GLU A 21 21.15 0.16 -1.74
N PRO A 22 21.74 1.09 -2.59
CA PRO A 22 21.00 2.26 -3.13
C PRO A 22 19.70 1.85 -3.92
N LEU A 23 18.57 1.75 -3.17
CA LEU A 23 17.25 1.37 -3.73
C LEU A 23 16.57 2.58 -4.41
N SER A 24 16.43 2.50 -5.75
CA SER A 24 15.82 3.58 -6.57
C SER A 24 15.27 2.97 -7.89
N LEU A 25 16.16 2.30 -8.65
CA LEU A 25 15.77 1.48 -9.82
C LEU A 25 15.23 0.11 -9.36
N LEU A 26 15.84 -0.44 -8.29
CA LEU A 26 15.31 -1.63 -7.59
C LEU A 26 14.08 -1.19 -6.77
N ASP A 27 12.88 -1.58 -7.23
CA ASP A 27 11.61 -1.27 -6.57
C ASP A 27 11.42 -2.07 -5.26
N ASP A 28 11.85 -1.45 -4.13
CA ASP A 28 11.58 -1.97 -2.76
C ASP A 28 10.05 -2.17 -2.56
N MET A 29 9.27 -1.19 -3.03
CA MET A 29 7.79 -1.20 -2.93
C MET A 29 7.18 -2.45 -3.60
N ASN A 30 7.61 -2.71 -4.85
CA ASN A 30 7.08 -3.82 -5.68
C ASN A 30 7.55 -5.21 -5.15
N HIS A 31 8.75 -5.24 -4.52
CA HIS A 31 9.26 -6.43 -3.82
C HIS A 31 8.35 -6.80 -2.61
N CYS A 32 7.88 -5.76 -1.91
CA CYS A 32 6.88 -5.88 -0.82
C CYS A 32 5.48 -6.30 -1.34
N TYR A 33 5.10 -5.76 -2.52
CA TYR A 33 3.81 -6.08 -3.22
C TYR A 33 3.68 -7.58 -3.56
N SER A 34 4.82 -8.25 -3.80
CA SER A 34 4.88 -9.73 -4.01
C SER A 34 4.29 -10.49 -2.80
N ARG A 35 4.73 -10.11 -1.58
CA ARG A 35 4.27 -10.73 -0.31
C ARG A 35 2.82 -10.37 0.06
N LEU A 36 2.33 -9.22 -0.44
CA LEU A 36 0.91 -8.83 -0.31
C LEU A 36 -0.02 -9.76 -1.14
N ARG A 37 0.54 -10.47 -2.12
CA ARG A 37 -0.18 -11.56 -2.83
C ARG A 37 0.02 -12.94 -2.15
N GLU A 38 1.19 -13.14 -1.50
CA GLU A 38 1.56 -14.45 -0.88
C GLU A 38 0.73 -14.72 0.40
N LEU A 39 0.61 -13.67 1.23
CA LEU A 39 0.02 -13.74 2.58
C LEU A 39 -1.53 -13.54 2.55
N VAL A 40 -2.10 -13.31 1.36
CA VAL A 40 -3.55 -13.08 1.17
C VAL A 40 -4.22 -14.26 0.42
N PRO A 41 -5.00 -15.14 1.14
CA PRO A 41 -5.78 -16.25 0.50
C PRO A 41 -7.00 -15.76 -0.31
N GLY A 42 -7.41 -14.49 -0.08
CA GLY A 42 -8.51 -13.84 -0.81
C GLY A 42 -8.29 -13.75 -2.32
N VAL A 43 -7.00 -13.72 -2.75
CA VAL A 43 -6.61 -13.76 -4.17
C VAL A 43 -7.19 -15.03 -4.87
N PRO A 44 -7.99 -14.88 -5.99
CA PRO A 44 -8.61 -16.03 -6.70
C PRO A 44 -7.58 -16.93 -7.45
N ARG A 45 -8.09 -17.92 -8.22
CA ARG A 45 -7.26 -18.87 -9.02
C ARG A 45 -6.39 -18.11 -10.06
N GLY A 46 -5.09 -17.97 -9.75
CA GLY A 46 -4.16 -17.17 -10.56
C GLY A 46 -4.53 -15.68 -10.56
N THR A 47 -5.01 -15.19 -11.73
CA THR A 47 -5.53 -13.80 -11.93
C THR A 47 -4.45 -12.70 -11.75
N GLN A 48 -4.14 -11.98 -12.85
CA GLN A 48 -3.15 -10.90 -12.86
C GLN A 48 -3.75 -9.61 -12.24
N LEU A 49 -3.51 -9.41 -10.93
CA LEU A 49 -4.02 -8.26 -10.17
C LEU A 49 -3.24 -6.96 -10.50
N SER A 50 -3.95 -5.85 -10.71
CA SER A 50 -3.34 -4.50 -10.80
C SER A 50 -2.73 -4.11 -9.42
N GLN A 51 -1.76 -3.19 -9.42
CA GLN A 51 -1.01 -2.80 -8.18
C GLN A 51 -1.96 -2.19 -7.10
N VAL A 52 -3.08 -1.57 -7.56
CA VAL A 52 -4.16 -1.10 -6.66
C VAL A 52 -4.97 -2.30 -6.10
N GLU A 53 -5.35 -3.23 -7.01
CA GLU A 53 -6.13 -4.46 -6.64
C GLU A 53 -5.40 -5.29 -5.55
N ILE A 54 -4.06 -5.30 -5.61
CA ILE A 54 -3.21 -5.99 -4.59
C ILE A 54 -3.47 -5.41 -3.18
N LEU A 55 -3.42 -4.06 -3.04
CA LEU A 55 -3.75 -3.35 -1.78
C LEU A 55 -5.17 -3.68 -1.29
N GLN A 56 -6.14 -3.64 -2.23
CA GLN A 56 -7.57 -3.88 -1.96
C GLN A 56 -7.86 -5.34 -1.50
N ARG A 57 -7.08 -6.30 -2.03
CA ARG A 57 -7.11 -7.72 -1.59
C ARG A 57 -6.61 -7.85 -0.14
N VAL A 58 -5.58 -7.05 0.22
CA VAL A 58 -5.06 -6.97 1.62
C VAL A 58 -6.10 -6.33 2.58
N ILE A 59 -6.80 -5.28 2.10
CA ILE A 59 -7.87 -4.60 2.89
C ILE A 59 -8.98 -5.61 3.28
N ASP A 60 -9.59 -6.26 2.27
CA ASP A 60 -10.64 -7.28 2.47
C ASP A 60 -10.12 -8.53 3.24
N TYR A 61 -8.82 -8.83 3.12
CA TYR A 61 -8.14 -9.90 3.90
C TYR A 61 -8.22 -9.62 5.42
N ILE A 62 -7.73 -8.44 5.84
CA ILE A 62 -7.67 -8.06 7.26
C ILE A 62 -9.10 -7.84 7.85
N LEU A 63 -10.03 -7.38 6.98
CA LEU A 63 -11.48 -7.31 7.31
C LEU A 63 -12.08 -8.71 7.55
N ASP A 64 -11.70 -9.70 6.71
CA ASP A 64 -12.17 -11.10 6.81
C ASP A 64 -11.71 -11.76 8.14
N LEU A 65 -10.49 -11.43 8.59
CA LEU A 65 -9.92 -11.95 9.85
C LEU A 65 -10.72 -11.50 11.09
N GLN A 66 -11.02 -10.20 11.14
CA GLN A 66 -11.57 -9.53 12.36
C GLN A 66 -13.09 -9.27 12.26
N VAL A 67 -13.52 -8.58 11.20
CA VAL A 67 -14.94 -8.22 10.97
C VAL A 67 -15.75 -9.45 10.50
N VAL A 68 -16.57 -10.01 11.41
CA VAL A 68 -17.45 -11.16 11.12
C VAL A 68 -18.68 -10.71 10.26
N MET B 1 10.63 -6.37 23.50
CA MET B 1 11.96 -6.54 22.87
C MET B 1 13.09 -6.26 23.91
N GLY B 2 13.79 -7.32 24.35
CA GLY B 2 14.96 -7.17 25.24
C GLY B 2 16.25 -6.78 24.51
N HIS B 3 17.32 -6.47 25.26
CA HIS B 3 18.62 -6.07 24.67
C HIS B 3 19.43 -7.32 24.23
N HIS B 4 19.44 -7.58 22.91
CA HIS B 4 20.26 -8.64 22.27
C HIS B 4 21.07 -8.04 21.09
N HIS B 5 22.29 -8.57 20.85
CA HIS B 5 23.15 -8.13 19.73
C HIS B 5 22.73 -8.83 18.41
N HIS B 6 22.13 -8.06 17.49
CA HIS B 6 21.75 -8.54 16.14
C HIS B 6 22.73 -7.96 15.07
N HIS B 7 23.17 -8.81 14.15
CA HIS B 7 24.00 -8.42 12.98
C HIS B 7 23.27 -7.40 12.06
N HIS B 8 24.05 -6.48 11.44
CA HIS B 8 23.52 -5.44 10.53
C HIS B 8 22.84 -6.07 9.29
N SER B 9 23.50 -7.12 8.73
CA SER B 9 22.96 -7.98 7.65
C SER B 9 22.77 -7.22 6.31
N HIS B 10 22.27 -7.93 5.29
CA HIS B 10 21.91 -7.36 3.98
C HIS B 10 20.92 -8.32 3.27
N MET B 11 19.87 -7.76 2.64
CA MET B 11 18.81 -8.58 1.97
C MET B 11 18.20 -7.84 0.76
N GLY B 12 17.84 -6.57 0.97
CA GLY B 12 17.21 -5.74 -0.07
C GLY B 12 16.31 -4.68 0.52
N GLY B 13 15.03 -5.04 0.71
CA GLY B 13 14.01 -4.12 1.27
C GLY B 13 14.30 -3.68 2.71
N GLY B 14 14.19 -2.36 2.97
CA GLY B 14 14.47 -1.80 4.29
C GLY B 14 14.11 -0.31 4.41
N LYS B 15 15.12 0.54 4.67
CA LYS B 15 14.94 1.99 4.90
C LYS B 15 15.43 2.81 3.68
N GLY B 16 14.48 3.38 2.90
CA GLY B 16 14.81 4.27 1.77
C GLY B 16 13.57 4.77 1.00
N PRO B 17 12.75 5.70 1.60
CA PRO B 17 11.55 6.28 0.93
C PRO B 17 11.89 7.43 -0.08
N ALA B 18 10.84 8.12 -0.59
CA ALA B 18 11.00 9.27 -1.53
C ALA B 18 11.39 10.57 -0.78
N ALA B 19 12.11 11.47 -1.49
CA ALA B 19 12.59 12.76 -0.93
C ALA B 19 11.44 13.80 -0.84
N GLU B 20 10.57 13.82 -1.86
CA GLU B 20 9.40 14.74 -1.93
C GLU B 20 8.23 14.06 -2.68
N GLU B 21 7.04 14.70 -2.65
CA GLU B 21 5.79 14.14 -3.25
C GLU B 21 5.31 14.98 -4.46
N PRO B 22 4.51 14.38 -5.41
CA PRO B 22 3.82 15.14 -6.49
C PRO B 22 2.50 15.81 -5.98
N LEU B 23 1.75 16.43 -6.92
CA LEU B 23 0.42 17.01 -6.62
C LEU B 23 -0.64 15.91 -6.36
N SER B 24 -1.23 15.90 -5.15
CA SER B 24 -2.35 15.00 -4.82
C SER B 24 -3.65 15.50 -5.50
N LEU B 25 -4.11 14.74 -6.51
CA LEU B 25 -5.29 15.08 -7.33
C LEU B 25 -6.54 14.36 -6.80
N LEU B 26 -6.37 13.07 -6.46
CA LEU B 26 -7.43 12.19 -5.89
C LEU B 26 -6.71 11.04 -5.16
N ASP B 27 -5.88 10.31 -5.94
CA ASP B 27 -4.98 9.25 -5.46
C ASP B 27 -5.74 8.09 -4.81
N ASP B 28 -6.37 7.26 -5.67
CA ASP B 28 -7.14 6.06 -5.26
C ASP B 28 -6.30 5.11 -4.38
N MET B 29 -5.00 5.00 -4.73
CA MET B 29 -4.03 4.17 -3.99
C MET B 29 -3.78 4.71 -2.56
N ASN B 30 -3.76 6.06 -2.40
CA ASN B 30 -3.53 6.74 -1.09
C ASN B 30 -4.70 6.45 -0.12
N HIS B 31 -5.93 6.36 -0.67
CA HIS B 31 -7.14 5.96 0.10
C HIS B 31 -7.03 4.49 0.56
N CYS B 32 -6.45 3.63 -0.31
CA CYS B 32 -6.16 2.21 0.02
C CYS B 32 -5.05 2.08 1.11
N TYR B 33 -4.03 2.97 1.05
CA TYR B 33 -2.94 3.07 2.06
C TYR B 33 -3.46 3.54 3.43
N SER B 34 -4.47 4.43 3.40
CA SER B 34 -5.17 4.88 4.61
C SER B 34 -5.85 3.70 5.33
N ARG B 35 -6.59 2.89 4.55
CA ARG B 35 -7.26 1.66 5.02
C ARG B 35 -6.28 0.63 5.60
N LEU B 36 -5.08 0.53 5.01
CA LEU B 36 -4.00 -0.31 5.56
C LEU B 36 -3.66 0.15 7.00
N ARG B 37 -3.33 1.45 7.15
CA ARG B 37 -3.01 2.05 8.48
C ARG B 37 -4.21 2.01 9.47
N GLU B 38 -5.46 1.90 8.95
CA GLU B 38 -6.67 1.79 9.79
C GLU B 38 -6.82 0.35 10.36
N LEU B 39 -6.39 -0.62 9.54
CA LEU B 39 -6.45 -2.06 9.87
C LEU B 39 -5.18 -2.54 10.62
N VAL B 40 -4.09 -1.76 10.53
CA VAL B 40 -2.81 -2.06 11.21
C VAL B 40 -2.60 -1.11 12.44
N PRO B 41 -2.88 -1.61 13.70
CA PRO B 41 -2.57 -0.83 14.94
C PRO B 41 -1.09 -0.87 15.34
N GLY B 42 -0.28 -1.70 14.63
CA GLY B 42 1.16 -1.88 14.92
C GLY B 42 2.07 -0.79 14.33
N VAL B 43 1.49 0.38 13.99
CA VAL B 43 2.24 1.57 13.52
C VAL B 43 3.05 2.21 14.68
N PRO B 44 4.38 2.53 14.49
CA PRO B 44 5.24 3.17 15.55
C PRO B 44 4.66 4.50 16.14
N ARG B 45 5.09 4.84 17.37
CA ARG B 45 4.53 5.94 18.19
C ARG B 45 4.70 7.33 17.50
N GLY B 46 3.56 7.87 17.02
CA GLY B 46 3.50 9.21 16.42
C GLY B 46 4.11 9.33 15.02
N THR B 47 4.58 8.19 14.46
CA THR B 47 5.22 8.15 13.13
C THR B 47 4.17 7.90 12.03
N GLN B 48 4.18 8.77 11.00
CA GLN B 48 3.18 8.75 9.91
C GLN B 48 3.49 7.64 8.86
N LEU B 49 4.80 7.30 8.69
CA LEU B 49 5.31 6.35 7.66
C LEU B 49 5.09 6.91 6.22
N SER B 50 6.20 7.08 5.46
CA SER B 50 6.16 7.79 4.15
C SER B 50 5.32 7.03 3.09
N GLN B 51 5.78 5.82 2.71
CA GLN B 51 5.10 5.00 1.67
C GLN B 51 5.50 3.50 1.73
N VAL B 52 6.83 3.22 1.65
CA VAL B 52 7.35 1.83 1.63
C VAL B 52 7.23 1.18 3.03
N GLU B 53 7.48 2.03 4.04
CA GLU B 53 7.44 1.66 5.47
C GLU B 53 6.03 1.15 5.87
N ILE B 54 4.98 1.64 5.17
CA ILE B 54 3.60 1.15 5.31
C ILE B 54 3.50 -0.32 4.83
N LEU B 55 4.01 -0.59 3.60
CA LEU B 55 3.96 -1.94 2.98
C LEU B 55 4.70 -3.00 3.85
N GLN B 56 5.93 -2.67 4.27
CA GLN B 56 6.75 -3.51 5.16
C GLN B 56 6.09 -3.71 6.55
N ARG B 57 5.40 -2.65 7.03
CA ARG B 57 4.61 -2.69 8.29
C ARG B 57 3.43 -3.70 8.19
N VAL B 58 2.78 -3.71 7.01
CA VAL B 58 1.65 -4.62 6.72
C VAL B 58 2.11 -6.10 6.63
N ILE B 59 3.24 -6.36 5.94
CA ILE B 59 3.83 -7.73 5.84
C ILE B 59 4.13 -8.29 7.25
N ASP B 60 4.88 -7.51 8.05
CA ASP B 60 5.23 -7.85 9.44
C ASP B 60 3.98 -8.08 10.33
N TYR B 61 2.95 -7.22 10.12
CA TYR B 61 1.63 -7.31 10.79
C TYR B 61 0.97 -8.69 10.54
N ILE B 62 0.91 -9.09 9.26
CA ILE B 62 0.28 -10.36 8.82
C ILE B 62 1.06 -11.60 9.38
N LEU B 63 2.40 -11.53 9.36
CA LEU B 63 3.29 -12.58 9.92
C LEU B 63 3.07 -12.75 11.44
N ASP B 64 2.93 -11.61 12.13
CA ASP B 64 2.68 -11.54 13.59
C ASP B 64 1.29 -12.12 13.96
N LEU B 65 0.32 -12.01 13.05
CA LEU B 65 -1.03 -12.63 13.21
C LEU B 65 -0.97 -14.16 12.97
N GLN B 66 -0.46 -14.57 11.80
CA GLN B 66 -0.49 -15.97 11.33
C GLN B 66 0.88 -16.67 11.54
N VAL B 67 1.76 -16.60 10.51
CA VAL B 67 2.99 -17.41 10.44
C VAL B 67 4.25 -16.53 10.63
N VAL B 68 5.04 -16.85 11.67
CA VAL B 68 6.28 -16.08 12.00
C VAL B 68 7.42 -16.36 10.96
N MET A 1 -16.19 -10.22 33.17
CA MET A 1 -14.76 -9.82 33.23
C MET A 1 -14.28 -9.19 31.89
N GLY A 2 -14.76 -9.74 30.75
CA GLY A 2 -14.42 -9.25 29.41
C GLY A 2 -15.10 -7.92 29.03
N HIS A 3 -14.36 -7.02 28.34
CA HIS A 3 -14.89 -5.70 27.90
C HIS A 3 -15.51 -5.79 26.48
N HIS A 4 -16.53 -4.96 26.22
CA HIS A 4 -17.25 -4.91 24.92
C HIS A 4 -17.77 -3.48 24.64
N HIS A 5 -17.69 -3.07 23.36
CA HIS A 5 -18.14 -1.74 22.88
C HIS A 5 -18.25 -1.75 21.33
N HIS A 6 -18.51 -0.56 20.73
CA HIS A 6 -18.63 -0.41 19.26
C HIS A 6 -18.37 1.07 18.84
N HIS A 7 -18.16 1.30 17.54
CA HIS A 7 -17.93 2.65 16.96
C HIS A 7 -18.59 2.74 15.57
N HIS A 8 -19.30 3.85 15.32
CA HIS A 8 -19.97 4.12 14.03
C HIS A 8 -19.05 4.95 13.09
N SER A 9 -19.22 4.76 11.77
CA SER A 9 -18.48 5.50 10.73
C SER A 9 -19.45 6.04 9.64
N HIS A 10 -18.94 6.86 8.71
CA HIS A 10 -19.74 7.49 7.64
C HIS A 10 -18.90 7.63 6.34
N MET A 11 -19.54 7.41 5.19
CA MET A 11 -18.87 7.50 3.86
C MET A 11 -18.74 8.97 3.36
N GLY A 12 -17.78 9.17 2.45
CA GLY A 12 -17.52 10.48 1.84
C GLY A 12 -16.57 10.39 0.64
N GLY A 13 -15.99 11.54 0.25
CA GLY A 13 -14.97 11.60 -0.82
C GLY A 13 -15.45 11.06 -2.19
N GLY A 14 -14.71 10.06 -2.71
CA GLY A 14 -15.01 9.45 -4.02
C GLY A 14 -13.74 8.86 -4.68
N LYS A 15 -13.51 7.55 -4.48
CA LYS A 15 -12.37 6.82 -5.09
C LYS A 15 -12.55 6.68 -6.62
N GLY A 16 -11.85 7.52 -7.39
CA GLY A 16 -11.94 7.49 -8.85
C GLY A 16 -10.72 8.09 -9.53
N PRO A 17 -10.61 9.46 -9.61
CA PRO A 17 -9.38 10.15 -10.11
C PRO A 17 -8.11 9.72 -9.32
N ALA A 18 -7.23 8.96 -10.01
CA ALA A 18 -6.06 8.30 -9.39
C ALA A 18 -4.79 8.50 -10.24
N ALA A 19 -3.69 8.90 -9.58
CA ALA A 19 -2.36 8.98 -10.21
C ALA A 19 -1.70 7.57 -10.29
N GLU A 20 -1.02 7.32 -11.41
CA GLU A 20 -0.22 6.09 -11.59
C GLU A 20 1.22 6.28 -11.04
N GLU A 21 1.96 5.18 -10.87
CA GLU A 21 3.35 5.20 -10.34
C GLU A 21 4.29 6.08 -11.23
N PRO A 22 4.90 7.20 -10.67
CA PRO A 22 5.78 8.13 -11.43
C PRO A 22 7.22 7.57 -11.62
N LEU A 23 7.30 6.35 -12.21
CA LEU A 23 8.56 5.61 -12.51
C LEU A 23 9.33 5.18 -11.23
N SER A 24 10.41 4.40 -11.44
CA SER A 24 11.21 3.82 -10.34
C SER A 24 12.64 3.46 -10.82
N LEU A 25 13.58 3.35 -9.86
CA LEU A 25 14.97 2.95 -10.13
C LEU A 25 15.14 1.45 -9.77
N LEU A 26 14.96 1.12 -8.48
CA LEU A 26 15.00 -0.27 -7.96
C LEU A 26 13.66 -0.57 -7.25
N ASP A 27 12.89 -1.52 -7.81
CA ASP A 27 11.51 -1.82 -7.35
C ASP A 27 11.50 -2.65 -6.03
N ASP A 28 11.68 -1.95 -4.90
CA ASP A 28 11.56 -2.53 -3.55
C ASP A 28 10.07 -2.81 -3.23
N MET A 29 9.20 -1.86 -3.65
CA MET A 29 7.73 -1.92 -3.39
C MET A 29 7.10 -3.16 -4.05
N ASN A 30 7.58 -3.52 -5.26
CA ASN A 30 7.11 -4.70 -6.02
C ASN A 30 7.28 -6.02 -5.20
N HIS A 31 8.42 -6.15 -4.52
CA HIS A 31 8.71 -7.33 -3.66
C HIS A 31 7.88 -7.31 -2.35
N CYS A 32 7.56 -6.09 -1.87
CA CYS A 32 6.62 -5.89 -0.74
C CYS A 32 5.18 -6.33 -1.14
N TYR A 33 4.79 -5.98 -2.37
CA TYR A 33 3.48 -6.34 -2.97
C TYR A 33 3.40 -7.86 -3.27
N SER A 34 4.54 -8.46 -3.62
CA SER A 34 4.69 -9.92 -3.79
C SER A 34 4.41 -10.64 -2.46
N ARG A 35 5.05 -10.15 -1.37
CA ARG A 35 4.91 -10.71 0.00
C ARG A 35 3.48 -10.60 0.54
N LEU A 36 2.80 -9.47 0.25
CA LEU A 36 1.36 -9.30 0.50
C LEU A 36 0.56 -10.41 -0.20
N ARG A 37 0.78 -10.53 -1.53
CA ARG A 37 0.10 -11.51 -2.42
C ARG A 37 0.35 -12.98 -1.99
N GLU A 38 1.49 -13.25 -1.32
CA GLU A 38 1.84 -14.60 -0.80
C GLU A 38 0.93 -14.99 0.38
N LEU A 39 0.70 -14.01 1.27
CA LEU A 39 -0.10 -14.19 2.50
C LEU A 39 -1.62 -14.10 2.21
N VAL A 40 -1.99 -13.43 1.08
CA VAL A 40 -3.40 -13.28 0.65
C VAL A 40 -3.80 -14.42 -0.35
N PRO A 41 -4.67 -15.40 0.07
CA PRO A 41 -5.19 -16.46 -0.84
C PRO A 41 -6.42 -16.00 -1.68
N GLY A 42 -6.91 -14.77 -1.40
CA GLY A 42 -8.09 -14.20 -2.10
C GLY A 42 -7.73 -13.50 -3.41
N VAL A 43 -6.97 -14.20 -4.26
CA VAL A 43 -6.56 -13.73 -5.60
C VAL A 43 -7.28 -14.58 -6.70
N PRO A 44 -8.23 -13.97 -7.49
CA PRO A 44 -8.92 -14.70 -8.60
C PRO A 44 -7.95 -15.01 -9.78
N ARG A 45 -7.81 -16.30 -10.14
CA ARG A 45 -6.89 -16.77 -11.20
C ARG A 45 -7.42 -16.36 -12.61
N GLY A 46 -6.63 -15.55 -13.33
CA GLY A 46 -7.01 -15.01 -14.66
C GLY A 46 -7.32 -13.51 -14.64
N THR A 47 -7.54 -12.96 -13.44
CA THR A 47 -7.85 -11.51 -13.23
C THR A 47 -6.61 -10.61 -13.46
N GLN A 48 -5.49 -10.98 -12.80
CA GLN A 48 -4.24 -10.16 -12.73
C GLN A 48 -4.44 -8.86 -11.90
N LEU A 49 -3.52 -8.61 -10.96
CA LEU A 49 -3.60 -7.47 -10.01
C LEU A 49 -2.53 -6.40 -10.32
N SER A 50 -2.94 -5.12 -10.38
CA SER A 50 -1.99 -3.96 -10.39
C SER A 50 -1.58 -3.61 -8.94
N GLN A 51 -0.66 -2.63 -8.76
CA GLN A 51 -0.25 -2.17 -7.41
C GLN A 51 -1.46 -1.63 -6.59
N VAL A 52 -2.44 -1.00 -7.29
CA VAL A 52 -3.69 -0.51 -6.67
C VAL A 52 -4.62 -1.68 -6.25
N GLU A 53 -4.78 -2.64 -7.18
CA GLU A 53 -5.64 -3.83 -6.97
C GLU A 53 -5.15 -4.69 -5.79
N ILE A 54 -3.81 -4.82 -5.65
CA ILE A 54 -3.18 -5.54 -4.51
C ILE A 54 -3.53 -4.86 -3.16
N LEU A 55 -3.39 -3.51 -3.09
CA LEU A 55 -3.79 -2.72 -1.89
C LEU A 55 -5.22 -3.07 -1.42
N GLN A 56 -6.14 -3.13 -2.40
CA GLN A 56 -7.57 -3.44 -2.17
C GLN A 56 -7.77 -4.92 -1.70
N ARG A 57 -7.02 -5.88 -2.30
CA ARG A 57 -7.10 -7.33 -1.92
C ARG A 57 -6.56 -7.58 -0.50
N VAL A 58 -5.56 -6.79 -0.10
CA VAL A 58 -4.99 -6.82 1.26
C VAL A 58 -6.01 -6.29 2.30
N ILE A 59 -6.72 -5.19 1.94
CA ILE A 59 -7.82 -4.65 2.79
C ILE A 59 -8.91 -5.74 3.02
N ASP A 60 -9.37 -6.37 1.92
CA ASP A 60 -10.36 -7.48 1.98
C ASP A 60 -9.88 -8.63 2.90
N TYR A 61 -8.60 -9.00 2.73
CA TYR A 61 -7.93 -10.07 3.52
C TYR A 61 -7.97 -9.77 5.04
N ILE A 62 -7.60 -8.53 5.42
CA ILE A 62 -7.59 -8.10 6.83
C ILE A 62 -9.03 -8.02 7.40
N LEU A 63 -10.02 -7.72 6.53
CA LEU A 63 -11.46 -7.74 6.91
C LEU A 63 -11.94 -9.17 7.24
N ASP A 64 -11.36 -10.19 6.55
CA ASP A 64 -11.58 -11.62 6.86
C ASP A 64 -10.95 -12.00 8.23
N LEU A 65 -9.80 -11.39 8.58
CA LEU A 65 -9.10 -11.62 9.86
C LEU A 65 -9.89 -11.05 11.06
N GLN A 66 -10.58 -9.93 10.81
CA GLN A 66 -11.40 -9.22 11.82
C GLN A 66 -12.84 -9.75 11.84
N VAL A 67 -13.50 -9.64 13.01
CA VAL A 67 -14.94 -9.95 13.18
C VAL A 67 -15.78 -8.64 13.16
N VAL A 68 -17.12 -8.79 13.23
CA VAL A 68 -18.06 -7.63 13.29
C VAL A 68 -18.28 -7.13 14.77
N MET B 1 15.34 15.50 -7.00
CA MET B 1 14.80 16.57 -7.89
C MET B 1 13.52 16.11 -8.63
N GLY B 2 13.50 14.83 -9.10
CA GLY B 2 12.36 14.27 -9.84
C GLY B 2 11.12 14.01 -8.97
N HIS B 3 10.36 15.08 -8.67
CA HIS B 3 9.19 15.05 -7.78
C HIS B 3 8.01 15.84 -8.40
N HIS B 4 8.26 17.12 -8.72
CA HIS B 4 7.22 18.06 -9.19
C HIS B 4 6.72 17.72 -10.61
N HIS B 5 5.40 17.47 -10.72
CA HIS B 5 4.72 17.15 -11.99
C HIS B 5 3.18 17.20 -11.76
N HIS B 6 2.45 17.83 -12.69
CA HIS B 6 0.97 17.98 -12.58
C HIS B 6 0.23 16.81 -13.27
N HIS B 7 0.48 15.57 -12.79
CA HIS B 7 -0.25 14.36 -13.25
C HIS B 7 -1.61 14.25 -12.51
N HIS B 8 -2.61 14.99 -13.02
CA HIS B 8 -3.98 15.03 -12.47
C HIS B 8 -4.80 13.82 -13.01
N SER B 9 -4.42 12.60 -12.53
CA SER B 9 -5.09 11.30 -12.89
C SER B 9 -4.95 10.90 -14.39
N HIS B 10 -4.23 11.73 -15.19
CA HIS B 10 -4.09 11.61 -16.67
C HIS B 10 -5.47 11.86 -17.38
N MET B 11 -6.42 10.91 -17.24
CA MET B 11 -7.81 11.03 -17.78
C MET B 11 -8.83 11.27 -16.63
N GLY B 12 -8.93 10.30 -15.70
CA GLY B 12 -9.99 10.28 -14.68
C GLY B 12 -11.27 9.61 -15.20
N GLY B 13 -12.42 9.92 -14.57
CA GLY B 13 -13.72 9.35 -14.97
C GLY B 13 -14.17 8.17 -14.11
N GLY B 14 -13.31 7.74 -13.15
CA GLY B 14 -13.63 6.63 -12.24
C GLY B 14 -14.59 7.01 -11.11
N LYS B 15 -15.35 6.03 -10.60
CA LYS B 15 -16.32 6.21 -9.48
C LYS B 15 -16.20 5.06 -8.44
N GLY B 16 -16.42 5.39 -7.16
CA GLY B 16 -16.41 4.41 -6.07
C GLY B 16 -16.54 5.05 -4.66
N PRO B 17 -17.12 4.34 -3.64
CA PRO B 17 -17.27 4.87 -2.26
C PRO B 17 -15.90 5.02 -1.53
N ALA B 18 -15.78 6.05 -0.68
CA ALA B 18 -14.52 6.40 0.02
C ALA B 18 -14.77 6.93 1.45
N ALA B 19 -13.70 7.45 2.07
CA ALA B 19 -13.76 8.20 3.35
C ALA B 19 -13.21 9.63 3.15
N GLU B 20 -13.04 10.39 4.26
CA GLU B 20 -12.47 11.75 4.21
C GLU B 20 -10.94 11.71 3.98
N GLU B 21 -10.50 12.26 2.84
CA GLU B 21 -9.06 12.40 2.48
C GLU B 21 -8.48 13.71 3.11
N PRO B 22 -7.16 13.71 3.53
CA PRO B 22 -6.46 14.96 3.95
C PRO B 22 -6.30 15.95 2.77
N LEU B 23 -6.11 17.26 3.07
CA LEU B 23 -5.91 18.30 2.02
C LEU B 23 -4.58 18.05 1.25
N SER B 24 -4.73 17.33 0.11
CA SER B 24 -3.63 16.82 -0.72
C SER B 24 -4.23 16.18 -2.01
N LEU B 25 -3.46 15.32 -2.70
CA LEU B 25 -3.95 14.54 -3.87
C LEU B 25 -5.09 13.54 -3.48
N LEU B 26 -5.98 13.25 -4.44
CA LEU B 26 -7.11 12.32 -4.25
C LEU B 26 -6.57 10.87 -4.20
N ASP B 27 -6.25 10.34 -5.41
CA ASP B 27 -5.64 9.01 -5.63
C ASP B 27 -6.41 7.83 -4.96
N ASP B 28 -6.96 6.95 -5.80
CA ASP B 28 -7.54 5.64 -5.39
C ASP B 28 -6.53 4.85 -4.49
N MET B 29 -5.22 5.01 -4.81
CA MET B 29 -4.10 4.42 -4.04
C MET B 29 -4.03 5.01 -2.60
N ASN B 30 -4.14 6.36 -2.50
CA ASN B 30 -4.04 7.12 -1.23
C ASN B 30 -5.14 6.75 -0.22
N HIS B 31 -6.39 6.59 -0.71
CA HIS B 31 -7.54 6.14 0.12
C HIS B 31 -7.34 4.68 0.63
N CYS B 32 -6.73 3.84 -0.21
CA CYS B 32 -6.36 2.45 0.16
C CYS B 32 -5.22 2.43 1.23
N TYR B 33 -4.23 3.34 1.07
CA TYR B 33 -3.10 3.50 2.02
C TYR B 33 -3.58 4.03 3.41
N SER B 34 -4.61 4.90 3.38
CA SER B 34 -5.29 5.39 4.59
C SER B 34 -5.84 4.23 5.43
N ARG B 35 -6.61 3.35 4.74
CA ARG B 35 -7.22 2.16 5.34
C ARG B 35 -6.18 1.17 5.88
N LEU B 36 -5.07 0.95 5.15
CA LEU B 36 -3.95 0.11 5.63
C LEU B 36 -3.42 0.66 6.99
N ARG B 37 -3.11 1.97 7.04
CA ARG B 37 -2.67 2.67 8.28
C ARG B 37 -3.70 2.51 9.44
N GLU B 38 -5.00 2.40 9.09
CA GLU B 38 -6.10 2.24 10.08
C GLU B 38 -6.22 0.76 10.55
N LEU B 39 -5.90 -0.19 9.65
CA LEU B 39 -5.99 -1.64 9.91
C LEU B 39 -4.73 -2.18 10.64
N VAL B 40 -3.63 -1.39 10.63
CA VAL B 40 -2.42 -1.68 11.43
C VAL B 40 -2.58 -1.10 12.87
N PRO B 41 -2.78 -1.97 13.92
CA PRO B 41 -3.05 -1.50 15.31
C PRO B 41 -1.78 -1.20 16.14
N GLY B 42 -0.62 -1.06 15.47
CA GLY B 42 0.68 -0.83 16.14
C GLY B 42 1.44 0.38 15.59
N VAL B 43 0.71 1.45 15.22
CA VAL B 43 1.31 2.71 14.72
C VAL B 43 1.45 3.75 15.88
N PRO B 44 2.70 4.17 16.26
CA PRO B 44 2.92 5.25 17.27
C PRO B 44 2.47 6.65 16.74
N ARG B 45 1.86 7.47 17.62
CA ARG B 45 1.41 8.84 17.27
C ARG B 45 2.64 9.76 17.03
N GLY B 46 2.89 10.10 15.76
CA GLY B 46 4.03 10.94 15.35
C GLY B 46 4.92 10.27 14.30
N THR B 47 4.85 8.92 14.24
CA THR B 47 5.61 8.11 13.26
C THR B 47 5.00 8.24 11.85
N GLN B 48 5.63 9.07 11.00
CA GLN B 48 5.20 9.30 9.61
C GLN B 48 5.57 8.09 8.71
N LEU B 49 4.56 7.24 8.44
CA LEU B 49 4.75 6.02 7.61
C LEU B 49 4.92 6.38 6.11
N SER B 50 6.15 6.24 5.58
CA SER B 50 6.43 6.41 4.13
C SER B 50 5.69 5.33 3.30
N GLN B 51 5.57 5.55 1.97
CA GLN B 51 4.79 4.67 1.05
C GLN B 51 5.13 3.16 1.19
N VAL B 52 6.44 2.86 1.21
CA VAL B 52 6.95 1.48 1.40
C VAL B 52 6.75 1.02 2.88
N GLU B 53 7.03 1.92 3.83
CA GLU B 53 6.91 1.65 5.29
C GLU B 53 5.48 1.25 5.73
N ILE B 54 4.47 1.76 5.01
CA ILE B 54 3.06 1.33 5.16
C ILE B 54 2.94 -0.18 4.87
N LEU B 55 3.46 -0.60 3.69
CA LEU B 55 3.46 -2.01 3.25
C LEU B 55 4.24 -2.90 4.24
N GLN B 56 5.39 -2.39 4.75
CA GLN B 56 6.26 -3.11 5.70
C GLN B 56 5.51 -3.44 7.03
N ARG B 57 4.72 -2.47 7.52
CA ARG B 57 3.92 -2.64 8.77
C ARG B 57 2.77 -3.65 8.58
N VAL B 58 2.21 -3.70 7.36
CA VAL B 58 1.12 -4.66 7.03
C VAL B 58 1.66 -6.11 6.90
N ILE B 59 2.76 -6.32 6.15
CA ILE B 59 3.41 -7.66 5.99
C ILE B 59 3.83 -8.21 7.38
N ASP B 60 4.54 -7.37 8.15
CA ASP B 60 5.04 -7.70 9.50
C ASP B 60 3.89 -8.04 10.50
N TYR B 61 2.75 -7.32 10.35
CA TYR B 61 1.49 -7.57 11.10
C TYR B 61 0.95 -9.00 10.83
N ILE B 62 0.83 -9.36 9.56
CA ILE B 62 0.26 -10.66 9.12
C ILE B 62 1.21 -11.84 9.49
N LEU B 63 2.54 -11.60 9.39
CA LEU B 63 3.58 -12.57 9.80
C LEU B 63 3.60 -12.78 11.34
N ASP B 64 3.21 -11.74 12.10
CA ASP B 64 3.06 -11.83 13.57
C ASP B 64 1.87 -12.73 13.95
N LEU B 65 0.80 -12.69 13.14
CA LEU B 65 -0.39 -13.56 13.31
C LEU B 65 -0.06 -15.01 12.91
N GLN B 66 0.56 -15.15 11.73
CA GLN B 66 0.99 -16.45 11.17
C GLN B 66 2.43 -16.79 11.65
N VAL B 67 3.12 -17.70 10.95
CA VAL B 67 4.56 -17.98 11.18
C VAL B 67 5.44 -17.15 10.21
N VAL B 68 6.56 -16.61 10.74
CA VAL B 68 7.53 -15.82 9.94
C VAL B 68 8.51 -16.77 9.19
N MET A 1 0.67 -3.37 19.71
CA MET A 1 -0.65 -2.77 19.36
C MET A 1 -1.02 -1.66 20.36
N GLY A 2 -1.75 -0.63 19.88
CA GLY A 2 -2.10 0.54 20.68
C GLY A 2 -3.35 0.33 21.56
N HIS A 3 -4.26 1.31 21.53
CA HIS A 3 -5.45 1.35 22.41
C HIS A 3 -6.66 1.93 21.62
N HIS A 4 -7.73 2.35 22.32
CA HIS A 4 -8.97 2.86 21.69
C HIS A 4 -8.87 4.36 21.27
N HIS A 5 -7.65 4.88 21.04
CA HIS A 5 -7.43 6.29 20.62
C HIS A 5 -7.71 6.48 19.10
N HIS A 6 -9.00 6.53 18.75
CA HIS A 6 -9.45 6.70 17.35
C HIS A 6 -9.98 8.13 17.11
N HIS A 7 -9.57 8.76 16.00
CA HIS A 7 -10.08 10.09 15.59
C HIS A 7 -11.45 9.95 14.86
N HIS A 8 -12.06 11.08 14.50
CA HIS A 8 -13.28 11.10 13.67
C HIS A 8 -13.31 12.33 12.73
N SER A 9 -13.78 12.10 11.49
CA SER A 9 -13.92 13.15 10.44
C SER A 9 -14.98 12.72 9.41
N HIS A 10 -15.32 13.64 8.50
CA HIS A 10 -16.23 13.40 7.37
C HIS A 10 -15.91 14.40 6.23
N MET A 11 -14.92 14.00 5.40
CA MET A 11 -14.43 14.81 4.26
C MET A 11 -14.00 13.89 3.10
N GLY A 12 -14.37 14.27 1.85
CA GLY A 12 -14.03 13.48 0.66
C GLY A 12 -14.04 14.33 -0.62
N GLY A 13 -12.85 14.82 -1.02
CA GLY A 13 -12.70 15.56 -2.29
C GLY A 13 -12.50 14.60 -3.47
N GLY A 14 -11.27 14.03 -3.55
CA GLY A 14 -10.95 12.91 -4.46
C GLY A 14 -11.33 13.10 -5.93
N LYS A 15 -10.47 13.80 -6.69
CA LYS A 15 -10.68 14.03 -8.15
C LYS A 15 -9.34 14.26 -8.88
N GLY A 16 -8.86 13.21 -9.58
CA GLY A 16 -7.63 13.27 -10.39
C GLY A 16 -7.04 11.88 -10.68
N PRO A 17 -7.78 10.97 -11.41
CA PRO A 17 -7.31 9.59 -11.74
C PRO A 17 -6.32 9.58 -12.95
N ALA A 18 -5.07 10.01 -12.66
CA ALA A 18 -3.95 10.06 -13.64
C ALA A 18 -2.58 10.25 -12.93
N ALA A 19 -2.61 10.27 -11.58
CA ALA A 19 -1.42 10.53 -10.74
C ALA A 19 -0.45 9.31 -10.74
N GLU A 20 0.69 9.46 -11.44
CA GLU A 20 1.77 8.45 -11.50
C GLU A 20 3.10 9.06 -10.99
N GLU A 21 3.55 8.66 -9.79
CA GLU A 21 4.85 9.09 -9.24
C GLU A 21 6.00 8.16 -9.78
N PRO A 22 7.19 8.74 -10.15
CA PRO A 22 8.34 7.94 -10.64
C PRO A 22 9.02 7.11 -9.50
N LEU A 23 9.17 5.79 -9.71
CA LEU A 23 9.82 4.89 -8.73
C LEU A 23 11.32 5.21 -8.57
N SER A 24 11.80 5.24 -7.32
CA SER A 24 13.19 5.65 -6.98
C SER A 24 13.88 4.59 -6.09
N LEU A 25 15.22 4.74 -5.97
CA LEU A 25 16.09 3.88 -5.13
C LEU A 25 16.15 2.41 -5.65
N LEU A 26 15.12 1.62 -5.34
CA LEU A 26 15.05 0.18 -5.67
C LEU A 26 13.58 -0.28 -5.68
N ASP A 27 13.35 -1.52 -6.18
CA ASP A 27 12.01 -2.15 -6.24
C ASP A 27 11.49 -2.64 -4.85
N ASP A 28 11.77 -1.87 -3.76
CA ASP A 28 11.27 -2.17 -2.39
C ASP A 28 9.73 -2.28 -2.34
N MET A 29 9.06 -1.36 -3.05
CA MET A 29 7.60 -1.36 -3.21
C MET A 29 7.09 -2.65 -3.92
N ASN A 30 7.74 -3.00 -5.04
CA ASN A 30 7.39 -4.20 -5.86
C ASN A 30 7.69 -5.52 -5.08
N HIS A 31 8.74 -5.49 -4.24
CA HIS A 31 9.16 -6.61 -3.39
C HIS A 31 8.07 -6.92 -2.33
N CYS A 32 7.65 -5.85 -1.63
CA CYS A 32 6.59 -5.90 -0.63
C CYS A 32 5.25 -6.39 -1.23
N TYR A 33 4.92 -5.88 -2.43
CA TYR A 33 3.68 -6.27 -3.18
C TYR A 33 3.66 -7.75 -3.58
N SER A 34 4.82 -8.30 -3.98
CA SER A 34 4.96 -9.74 -4.30
C SER A 34 4.63 -10.61 -3.07
N ARG A 35 5.21 -10.21 -1.92
CA ARG A 35 5.02 -10.91 -0.64
C ARG A 35 3.56 -10.76 -0.11
N LEU A 36 2.92 -9.58 -0.32
CA LEU A 36 1.51 -9.35 0.05
C LEU A 36 0.58 -10.35 -0.69
N ARG A 37 0.72 -10.39 -2.04
CA ARG A 37 -0.06 -11.28 -2.92
C ARG A 37 0.04 -12.78 -2.51
N GLU A 38 1.16 -13.14 -1.87
CA GLU A 38 1.43 -14.51 -1.37
C GLU A 38 0.76 -14.75 0.00
N LEU A 39 0.81 -13.73 0.89
CA LEU A 39 0.24 -13.80 2.25
C LEU A 39 -1.29 -13.59 2.27
N VAL A 40 -1.86 -13.22 1.09
CA VAL A 40 -3.32 -13.08 0.90
C VAL A 40 -3.90 -14.28 0.10
N PRO A 41 -4.51 -15.31 0.78
CA PRO A 41 -5.30 -16.35 0.10
C PRO A 41 -6.62 -15.77 -0.46
N GLY A 42 -7.04 -16.24 -1.64
CA GLY A 42 -8.19 -15.67 -2.38
C GLY A 42 -7.76 -15.02 -3.69
N VAL A 43 -6.46 -14.65 -3.81
CA VAL A 43 -5.87 -14.14 -5.07
C VAL A 43 -5.83 -15.28 -6.13
N PRO A 44 -6.49 -15.11 -7.33
CA PRO A 44 -6.46 -16.13 -8.40
C PRO A 44 -5.09 -16.22 -9.09
N ARG A 45 -4.39 -17.36 -8.90
CA ARG A 45 -3.14 -17.66 -9.62
C ARG A 45 -3.45 -17.90 -11.13
N GLY A 46 -3.37 -16.82 -11.91
CA GLY A 46 -3.82 -16.79 -13.31
C GLY A 46 -4.33 -15.41 -13.70
N THR A 47 -4.97 -14.71 -12.74
CA THR A 47 -5.37 -13.29 -12.90
C THR A 47 -4.17 -12.36 -12.62
N GLN A 48 -3.93 -11.40 -13.53
CA GLN A 48 -2.77 -10.48 -13.45
C GLN A 48 -2.87 -9.49 -12.26
N LEU A 49 -4.06 -8.91 -12.07
CA LEU A 49 -4.31 -7.82 -11.07
C LEU A 49 -3.47 -6.54 -11.39
N SER A 50 -3.41 -5.60 -10.43
CA SER A 50 -2.66 -4.33 -10.56
C SER A 50 -2.08 -3.91 -9.20
N GLN A 51 -1.25 -2.85 -9.19
CA GLN A 51 -0.64 -2.28 -7.96
C GLN A 51 -1.72 -1.92 -6.90
N VAL A 52 -2.80 -1.28 -7.37
CA VAL A 52 -3.95 -0.91 -6.50
C VAL A 52 -4.77 -2.16 -6.10
N GLU A 53 -4.99 -3.07 -7.07
CA GLU A 53 -5.80 -4.31 -6.87
C GLU A 53 -5.22 -5.21 -5.76
N ILE A 54 -3.88 -5.25 -5.64
CA ILE A 54 -3.21 -5.97 -4.53
C ILE A 54 -3.61 -5.34 -3.17
N LEU A 55 -3.51 -3.99 -3.08
CA LEU A 55 -3.95 -3.22 -1.87
C LEU A 55 -5.41 -3.54 -1.47
N GLN A 56 -6.30 -3.57 -2.48
CA GLN A 56 -7.73 -3.89 -2.28
C GLN A 56 -7.90 -5.32 -1.69
N ARG A 57 -7.22 -6.31 -2.29
CA ARG A 57 -7.23 -7.72 -1.82
C ARG A 57 -6.66 -7.87 -0.39
N VAL A 58 -5.67 -7.03 -0.03
CA VAL A 58 -5.09 -7.00 1.33
C VAL A 58 -6.12 -6.46 2.35
N ILE A 59 -6.85 -5.39 1.98
CA ILE A 59 -7.92 -4.81 2.83
C ILE A 59 -9.05 -5.84 3.06
N ASP A 60 -9.51 -6.48 1.95
CA ASP A 60 -10.52 -7.57 1.99
C ASP A 60 -10.07 -8.72 2.91
N TYR A 61 -8.78 -9.08 2.80
CA TYR A 61 -8.12 -10.11 3.64
C TYR A 61 -8.26 -9.78 5.15
N ILE A 62 -7.92 -8.53 5.52
CA ILE A 62 -8.00 -8.05 6.91
C ILE A 62 -9.48 -8.06 7.41
N LEU A 63 -10.43 -7.69 6.52
CA LEU A 63 -11.88 -7.69 6.83
C LEU A 63 -12.41 -9.12 7.14
N ASP A 64 -11.87 -10.14 6.43
CA ASP A 64 -12.17 -11.57 6.68
C ASP A 64 -11.48 -12.07 7.98
N LEU A 65 -10.31 -11.51 8.33
CA LEU A 65 -9.63 -11.82 9.62
C LEU A 65 -10.47 -11.35 10.83
N GLN A 66 -11.15 -10.21 10.63
CA GLN A 66 -12.05 -9.61 11.63
C GLN A 66 -13.39 -10.39 11.72
N VAL A 67 -14.10 -10.51 10.58
CA VAL A 67 -15.44 -11.15 10.50
C VAL A 67 -15.50 -12.18 9.35
N VAL A 68 -15.89 -13.43 9.67
CA VAL A 68 -16.23 -14.48 8.67
C VAL A 68 -17.76 -14.80 8.75
N MET B 1 12.23 -3.53 -38.03
CA MET B 1 12.54 -2.15 -37.55
C MET B 1 11.26 -1.29 -37.46
N GLY B 2 11.33 -0.21 -36.64
CA GLY B 2 10.17 0.65 -36.37
C GLY B 2 9.38 0.20 -35.13
N HIS B 3 9.69 0.81 -33.97
CA HIS B 3 9.05 0.46 -32.68
C HIS B 3 8.66 1.73 -31.87
N HIS B 4 7.48 1.66 -31.21
CA HIS B 4 7.01 2.68 -30.24
C HIS B 4 6.04 2.04 -29.22
N HIS B 5 5.90 2.66 -28.04
CA HIS B 5 5.04 2.15 -26.95
C HIS B 5 4.59 3.30 -26.02
N HIS B 6 3.27 3.45 -25.85
CA HIS B 6 2.64 4.53 -25.04
C HIS B 6 1.13 4.26 -24.86
N HIS B 7 0.52 4.88 -23.83
CA HIS B 7 -0.93 4.70 -23.51
C HIS B 7 -1.48 5.87 -22.62
N HIS B 8 -1.13 5.88 -21.32
CA HIS B 8 -1.72 6.78 -20.28
C HIS B 8 -3.26 6.61 -20.09
N SER B 9 -3.73 6.84 -18.85
CA SER B 9 -5.16 6.73 -18.45
C SER B 9 -5.65 8.02 -17.76
N HIS B 10 -6.82 8.53 -18.21
CA HIS B 10 -7.45 9.74 -17.64
C HIS B 10 -8.97 9.51 -17.45
N MET B 11 -9.44 9.46 -16.18
CA MET B 11 -10.88 9.26 -15.85
C MET B 11 -11.46 10.50 -15.12
N GLY B 12 -12.77 10.46 -14.80
CA GLY B 12 -13.44 11.55 -14.06
C GLY B 12 -13.14 11.53 -12.55
N GLY B 13 -13.50 10.40 -11.89
CA GLY B 13 -13.28 10.22 -10.46
C GLY B 13 -14.46 10.68 -9.58
N GLY B 14 -15.67 10.21 -9.92
CA GLY B 14 -16.88 10.48 -9.11
C GLY B 14 -16.98 9.54 -7.89
N LYS B 15 -16.06 9.73 -6.93
CA LYS B 15 -15.90 8.83 -5.76
C LYS B 15 -15.07 9.53 -4.64
N GLY B 16 -15.33 9.15 -3.37
CA GLY B 16 -14.66 9.78 -2.22
C GLY B 16 -14.64 8.86 -0.97
N PRO B 17 -13.58 8.02 -0.78
CA PRO B 17 -13.40 7.20 0.42
C PRO B 17 -12.59 7.93 1.54
N ALA B 18 -12.26 7.17 2.62
CA ALA B 18 -11.52 7.67 3.82
C ALA B 18 -12.34 8.70 4.66
N ALA B 19 -11.82 9.05 5.84
CA ALA B 19 -12.39 10.14 6.69
C ALA B 19 -11.82 11.51 6.26
N GLU B 20 -10.56 11.51 5.80
CA GLU B 20 -9.87 12.70 5.25
C GLU B 20 -8.73 12.25 4.29
N GLU B 21 -8.16 13.21 3.53
CA GLU B 21 -7.13 12.93 2.49
C GLU B 21 -5.95 13.96 2.60
N PRO B 22 -4.73 13.65 2.02
CA PRO B 22 -3.58 14.60 1.97
C PRO B 22 -3.69 15.65 0.82
N LEU B 23 -4.88 15.73 0.18
CA LEU B 23 -5.22 16.72 -0.89
C LEU B 23 -4.29 16.61 -2.14
N SER B 24 -3.76 15.39 -2.41
CA SER B 24 -2.85 15.14 -3.56
C SER B 24 -3.57 15.39 -4.92
N LEU B 25 -4.24 14.36 -5.47
CA LEU B 25 -5.15 14.51 -6.65
C LEU B 25 -6.45 13.72 -6.34
N LEU B 26 -6.30 12.40 -6.28
CA LEU B 26 -7.35 11.44 -5.87
C LEU B 26 -6.62 10.30 -5.17
N ASP B 27 -5.83 9.56 -5.98
CA ASP B 27 -4.93 8.48 -5.55
C ASP B 27 -5.70 7.37 -4.78
N ASP B 28 -6.39 6.48 -5.53
CA ASP B 28 -7.07 5.28 -4.96
C ASP B 28 -6.10 4.45 -4.07
N MET B 29 -4.81 4.46 -4.48
CA MET B 29 -3.72 3.83 -3.73
C MET B 29 -3.61 4.42 -2.30
N ASN B 30 -3.58 5.76 -2.23
CA ASN B 30 -3.41 6.52 -0.97
C ASN B 30 -4.59 6.27 0.01
N HIS B 31 -5.83 6.15 -0.52
CA HIS B 31 -7.03 5.82 0.29
C HIS B 31 -6.97 4.37 0.84
N CYS B 32 -6.38 3.46 0.04
CA CYS B 32 -6.06 2.09 0.50
C CYS B 32 -4.97 2.10 1.61
N TYR B 33 -3.98 2.99 1.43
CA TYR B 33 -2.89 3.21 2.41
C TYR B 33 -3.40 3.84 3.73
N SER B 34 -4.48 4.64 3.64
CA SER B 34 -5.19 5.19 4.82
C SER B 34 -5.75 4.03 5.68
N ARG B 35 -6.40 3.06 5.03
CA ARG B 35 -6.90 1.82 5.69
C ARG B 35 -5.75 0.95 6.25
N LEU B 36 -4.67 0.79 5.47
CA LEU B 36 -3.46 0.06 5.91
C LEU B 36 -2.73 0.80 7.07
N ARG B 37 -3.03 2.08 7.25
CA ARG B 37 -2.54 2.87 8.39
C ARG B 37 -3.48 2.72 9.63
N GLU B 38 -4.80 2.69 9.40
CA GLU B 38 -5.82 2.74 10.49
C GLU B 38 -6.15 1.35 11.08
N LEU B 39 -6.22 0.33 10.21
CA LEU B 39 -6.55 -1.07 10.59
C LEU B 39 -5.34 -1.77 11.26
N VAL B 40 -4.12 -1.23 11.03
CA VAL B 40 -2.88 -1.70 11.68
C VAL B 40 -2.62 -0.85 12.96
N PRO B 41 -2.77 -1.47 14.18
CA PRO B 41 -2.69 -0.72 15.48
C PRO B 41 -1.24 -0.42 15.97
N GLY B 42 -0.25 -0.57 15.07
CA GLY B 42 1.16 -0.30 15.38
C GLY B 42 1.64 1.08 14.94
N VAL B 43 0.73 1.89 14.36
CA VAL B 43 1.06 3.25 13.85
C VAL B 43 1.07 4.32 15.00
N PRO B 44 2.21 5.07 15.19
CA PRO B 44 2.25 6.24 16.10
C PRO B 44 1.42 7.45 15.58
N ARG B 45 0.77 8.19 16.49
CA ARG B 45 0.02 9.43 16.17
C ARG B 45 1.03 10.56 15.77
N GLY B 46 1.24 10.71 14.45
CA GLY B 46 2.31 11.57 13.91
C GLY B 46 3.62 10.77 13.75
N THR B 47 3.94 10.41 12.50
CA THR B 47 5.07 9.48 12.18
C THR B 47 5.63 9.72 10.74
N GLN B 48 6.71 9.02 10.39
CA GLN B 48 7.48 9.24 9.13
C GLN B 48 7.17 8.18 8.04
N LEU B 49 5.94 7.62 8.07
CA LEU B 49 5.54 6.54 7.13
C LEU B 49 5.26 7.05 5.69
N SER B 50 6.07 6.60 4.72
CA SER B 50 5.78 6.74 3.27
C SER B 50 4.88 5.58 2.81
N GLN B 51 4.43 5.61 1.54
CA GLN B 51 3.62 4.53 0.94
C GLN B 51 4.36 3.17 0.96
N VAL B 52 5.70 3.21 0.77
CA VAL B 52 6.55 1.99 0.83
C VAL B 52 6.61 1.44 2.27
N GLU B 53 6.84 2.35 3.25
CA GLU B 53 6.94 2.00 4.70
C GLU B 53 5.67 1.31 5.22
N ILE B 54 4.51 1.79 4.73
CA ILE B 54 3.18 1.20 5.05
C ILE B 54 3.10 -0.28 4.61
N LEU B 55 3.52 -0.57 3.36
CA LEU B 55 3.56 -1.96 2.81
C LEU B 55 4.36 -2.93 3.70
N GLN B 56 5.52 -2.45 4.17
CA GLN B 56 6.44 -3.21 5.04
C GLN B 56 5.74 -3.62 6.36
N ARG B 57 5.09 -2.64 7.00
CA ARG B 57 4.35 -2.82 8.29
C ARG B 57 3.22 -3.85 8.16
N VAL B 58 2.52 -3.84 7.01
CA VAL B 58 1.40 -4.76 6.73
C VAL B 58 1.91 -6.22 6.64
N ILE B 59 3.09 -6.42 6.03
CA ILE B 59 3.78 -7.74 6.01
C ILE B 59 4.05 -8.23 7.45
N ASP B 60 4.66 -7.34 8.28
CA ASP B 60 4.95 -7.61 9.71
C ASP B 60 3.65 -7.88 10.51
N TYR B 61 2.56 -7.19 10.15
CA TYR B 61 1.23 -7.35 10.79
C TYR B 61 0.67 -8.76 10.56
N ILE B 62 0.69 -9.20 9.29
CA ILE B 62 0.19 -10.52 8.87
C ILE B 62 1.01 -11.66 9.55
N LEU B 63 2.34 -11.62 9.37
CA LEU B 63 3.29 -12.62 9.94
C LEU B 63 3.23 -12.69 11.49
N ASP B 64 2.90 -11.54 12.12
CA ASP B 64 2.67 -11.44 13.58
C ASP B 64 1.46 -12.31 14.02
N LEU B 65 0.36 -12.22 13.26
CA LEU B 65 -0.86 -13.01 13.50
C LEU B 65 -0.61 -14.53 13.27
N GLN B 66 0.17 -14.82 12.22
CA GLN B 66 0.48 -16.21 11.78
C GLN B 66 1.22 -17.04 12.86
N VAL B 67 2.40 -16.53 13.31
CA VAL B 67 3.31 -17.27 14.23
C VAL B 67 3.66 -16.44 15.49
N VAL B 68 4.12 -17.14 16.55
CA VAL B 68 4.56 -16.53 17.83
C VAL B 68 6.12 -16.63 17.98
N MET A 1 -10.87 6.49 20.12
CA MET A 1 -9.86 7.50 20.56
C MET A 1 -9.89 8.72 19.62
N GLY A 2 -10.69 9.75 19.98
CA GLY A 2 -10.90 10.94 19.14
C GLY A 2 -11.72 10.65 17.87
N HIS A 3 -12.61 9.64 17.96
CA HIS A 3 -13.47 9.18 16.85
C HIS A 3 -14.95 9.52 17.13
N HIS A 4 -15.54 10.37 16.28
CA HIS A 4 -16.95 10.81 16.39
C HIS A 4 -17.83 10.05 15.38
N HIS A 5 -18.59 9.05 15.87
CA HIS A 5 -19.50 8.23 15.04
C HIS A 5 -20.75 9.05 14.59
N HIS A 6 -20.67 9.56 13.35
CA HIS A 6 -21.70 10.41 12.72
C HIS A 6 -21.48 10.45 11.18
N HIS A 7 -20.19 10.44 10.77
CA HIS A 7 -19.77 10.54 9.35
C HIS A 7 -20.25 9.32 8.52
N HIS A 8 -21.26 9.54 7.66
CA HIS A 8 -21.78 8.51 6.74
C HIS A 8 -20.86 8.36 5.50
N SER A 9 -20.30 7.15 5.28
CA SER A 9 -19.37 6.86 4.17
C SER A 9 -20.16 6.46 2.88
N HIS A 10 -20.51 7.46 2.06
CA HIS A 10 -21.22 7.25 0.78
C HIS A 10 -20.22 7.24 -0.41
N MET A 11 -19.91 6.03 -0.93
CA MET A 11 -18.99 5.84 -2.07
C MET A 11 -19.67 4.99 -3.17
N GLY A 12 -19.54 5.42 -4.45
CA GLY A 12 -20.11 4.69 -5.60
C GLY A 12 -19.12 4.58 -6.76
N GLY A 13 -17.82 4.42 -6.42
CA GLY A 13 -16.75 4.37 -7.41
C GLY A 13 -16.35 5.74 -7.95
N GLY A 14 -15.56 5.74 -9.03
CA GLY A 14 -15.11 6.97 -9.66
C GLY A 14 -14.30 6.74 -10.93
N LYS A 15 -14.12 7.81 -11.70
CA LYS A 15 -13.30 7.85 -12.93
C LYS A 15 -12.21 8.93 -12.77
N GLY A 16 -11.13 8.81 -13.54
CA GLY A 16 -10.03 9.80 -13.50
C GLY A 16 -8.82 9.36 -14.32
N PRO A 17 -8.71 9.75 -15.64
CA PRO A 17 -7.47 9.54 -16.45
C PRO A 17 -6.24 10.25 -15.83
N ALA A 18 -5.53 9.53 -14.94
CA ALA A 18 -4.35 10.04 -14.21
C ALA A 18 -3.45 8.85 -13.78
N ALA A 19 -2.45 8.53 -14.63
CA ALA A 19 -1.53 7.39 -14.41
C ALA A 19 -0.15 7.69 -15.03
N GLU A 20 0.89 7.74 -14.19
CA GLU A 20 2.29 7.96 -14.63
C GLU A 20 3.10 6.66 -14.45
N GLU A 21 3.61 6.10 -15.56
CA GLU A 21 4.37 4.83 -15.53
C GLU A 21 5.81 5.05 -14.96
N PRO A 22 6.31 4.15 -14.07
CA PRO A 22 7.65 4.30 -13.44
C PRO A 22 8.81 3.75 -14.33
N LEU A 23 10.03 3.73 -13.78
CA LEU A 23 11.25 3.32 -14.50
C LEU A 23 11.52 1.80 -14.37
N SER A 24 12.61 1.34 -15.02
CA SER A 24 13.09 -0.06 -14.91
C SER A 24 13.99 -0.23 -13.66
N LEU A 25 13.36 -0.23 -12.48
CA LEU A 25 14.04 -0.36 -11.19
C LEU A 25 13.68 -1.70 -10.50
N LEU A 26 14.27 -1.95 -9.33
CA LEU A 26 13.90 -3.10 -8.46
C LEU A 26 12.61 -2.76 -7.70
N ASP A 27 12.65 -1.59 -7.02
CA ASP A 27 11.57 -1.06 -6.15
C ASP A 27 11.28 -1.99 -4.94
N ASP A 28 11.64 -1.52 -3.73
CA ASP A 28 11.42 -2.25 -2.45
C ASP A 28 9.92 -2.56 -2.25
N MET A 29 9.08 -1.58 -2.63
CA MET A 29 7.61 -1.68 -2.52
C MET A 29 7.02 -2.73 -3.49
N ASN A 30 7.64 -2.86 -4.69
CA ASN A 30 7.23 -3.85 -5.71
C ASN A 30 7.55 -5.29 -5.24
N HIS A 31 8.71 -5.45 -4.57
CA HIS A 31 9.08 -6.72 -3.90
C HIS A 31 8.07 -7.07 -2.78
N CYS A 32 7.66 -6.04 -2.01
CA CYS A 32 6.61 -6.17 -0.96
C CYS A 32 5.24 -6.58 -1.58
N TYR A 33 4.91 -6.03 -2.76
CA TYR A 33 3.66 -6.35 -3.49
C TYR A 33 3.60 -7.81 -3.98
N SER A 34 4.77 -8.35 -4.37
CA SER A 34 4.92 -9.78 -4.70
C SER A 34 4.60 -10.66 -3.48
N ARG A 35 5.11 -10.24 -2.30
CA ARG A 35 4.94 -10.98 -1.04
C ARG A 35 3.51 -10.82 -0.45
N LEU A 36 2.86 -9.67 -0.67
CA LEU A 36 1.46 -9.43 -0.22
C LEU A 36 0.50 -10.43 -0.90
N ARG A 37 0.68 -10.61 -2.22
CA ARG A 37 -0.07 -11.62 -3.02
C ARG A 37 0.16 -13.08 -2.53
N GLU A 38 1.25 -13.31 -1.78
CA GLU A 38 1.57 -14.64 -1.21
C GLU A 38 0.87 -14.81 0.18
N LEU A 39 0.86 -13.72 0.96
CA LEU A 39 0.28 -13.69 2.32
C LEU A 39 -1.27 -13.72 2.29
N VAL A 40 -1.85 -13.23 1.16
CA VAL A 40 -3.31 -13.22 0.94
C VAL A 40 -3.75 -14.49 0.14
N PRO A 41 -4.46 -15.47 0.79
CA PRO A 41 -4.99 -16.68 0.08
C PRO A 41 -6.28 -16.38 -0.74
N GLY A 42 -6.85 -15.17 -0.57
CA GLY A 42 -8.05 -14.72 -1.30
C GLY A 42 -7.75 -14.17 -2.71
N VAL A 43 -6.50 -14.31 -3.19
CA VAL A 43 -6.12 -13.94 -4.57
C VAL A 43 -6.75 -14.95 -5.61
N PRO A 44 -7.59 -14.46 -6.59
CA PRO A 44 -8.21 -15.34 -7.63
C PRO A 44 -7.15 -15.97 -8.58
N ARG A 45 -7.41 -17.23 -9.01
CA ARG A 45 -6.46 -18.00 -9.87
C ARG A 45 -6.38 -17.40 -11.30
N GLY A 46 -5.14 -17.18 -11.78
CA GLY A 46 -4.89 -16.61 -13.11
C GLY A 46 -5.37 -15.16 -13.25
N THR A 47 -5.13 -14.35 -12.19
CA THR A 47 -5.58 -12.94 -12.14
C THR A 47 -4.41 -12.01 -11.75
N GLN A 48 -3.97 -11.17 -12.70
CA GLN A 48 -2.89 -10.18 -12.49
C GLN A 48 -3.46 -8.96 -11.71
N LEU A 49 -3.29 -8.97 -10.37
CA LEU A 49 -3.67 -7.85 -9.50
C LEU A 49 -2.63 -6.71 -9.59
N SER A 50 -3.03 -5.55 -10.15
CA SER A 50 -2.20 -4.33 -10.17
C SER A 50 -1.86 -3.88 -8.74
N GLN A 51 -0.79 -3.09 -8.56
CA GLN A 51 -0.29 -2.64 -7.22
C GLN A 51 -1.40 -2.00 -6.35
N VAL A 52 -2.34 -1.29 -7.00
CA VAL A 52 -3.49 -0.65 -6.34
C VAL A 52 -4.54 -1.71 -5.89
N GLU A 53 -4.78 -2.69 -6.77
CA GLU A 53 -5.76 -3.79 -6.55
C GLU A 53 -5.28 -4.77 -5.46
N ILE A 54 -3.93 -4.86 -5.31
CA ILE A 54 -3.27 -5.62 -4.23
C ILE A 54 -3.61 -5.00 -2.87
N LEU A 55 -3.47 -3.65 -2.77
CA LEU A 55 -3.81 -2.88 -1.55
C LEU A 55 -5.26 -3.16 -1.08
N GLN A 56 -6.19 -3.10 -2.04
CA GLN A 56 -7.63 -3.36 -1.83
C GLN A 56 -7.88 -4.80 -1.34
N ARG A 57 -7.19 -5.78 -1.98
CA ARG A 57 -7.33 -7.23 -1.65
C ARG A 57 -6.78 -7.54 -0.23
N VAL A 58 -5.74 -6.80 0.19
CA VAL A 58 -5.18 -6.88 1.55
C VAL A 58 -6.19 -6.31 2.59
N ILE A 59 -6.92 -5.24 2.22
CA ILE A 59 -8.01 -4.68 3.07
C ILE A 59 -9.10 -5.75 3.34
N ASP A 60 -9.53 -6.47 2.28
CA ASP A 60 -10.47 -7.63 2.40
C ASP A 60 -9.92 -8.69 3.37
N TYR A 61 -8.65 -9.07 3.14
CA TYR A 61 -7.94 -10.10 3.91
C TYR A 61 -7.96 -9.81 5.43
N ILE A 62 -7.58 -8.57 5.81
CA ILE A 62 -7.50 -8.15 7.23
C ILE A 62 -8.91 -8.06 7.87
N LEU A 63 -9.92 -7.59 7.08
CA LEU A 63 -11.34 -7.55 7.55
C LEU A 63 -11.91 -8.95 7.86
N ASP A 64 -11.41 -9.99 7.16
CA ASP A 64 -11.77 -11.41 7.44
C ASP A 64 -11.10 -11.92 8.74
N LEU A 65 -9.90 -11.39 9.05
CA LEU A 65 -9.17 -11.72 10.31
C LEU A 65 -9.75 -10.95 11.52
N GLN A 66 -10.30 -9.76 11.25
CA GLN A 66 -10.96 -8.89 12.25
C GLN A 66 -12.50 -8.97 12.10
N VAL A 67 -13.23 -8.04 12.73
CA VAL A 67 -14.70 -7.87 12.55
C VAL A 67 -15.01 -6.64 11.66
N VAL A 68 -16.29 -6.21 11.64
CA VAL A 68 -16.72 -4.98 10.92
C VAL A 68 -16.13 -3.70 11.59
N MET B 1 23.77 -0.69 -3.26
CA MET B 1 23.78 -1.72 -4.35
C MET B 1 22.39 -1.84 -5.00
N GLY B 2 22.23 -1.27 -6.21
CA GLY B 2 20.97 -1.30 -6.96
C GLY B 2 21.10 -0.58 -8.30
N HIS B 3 22.22 -0.85 -9.01
CA HIS B 3 22.60 -0.17 -10.25
C HIS B 3 21.63 -0.50 -11.42
N HIS B 4 20.72 0.44 -11.73
CA HIS B 4 19.78 0.33 -12.87
C HIS B 4 20.51 0.64 -14.20
N HIS B 5 20.18 -0.10 -15.26
CA HIS B 5 20.87 0.02 -16.57
C HIS B 5 19.97 -0.45 -17.76
N HIS B 6 18.83 -1.09 -17.47
CA HIS B 6 17.92 -1.62 -18.52
C HIS B 6 17.19 -0.46 -19.25
N HIS B 7 17.08 -0.60 -20.59
CA HIS B 7 16.64 0.47 -21.49
C HIS B 7 15.09 0.60 -21.57
N HIS B 8 14.43 -0.46 -22.07
CA HIS B 8 12.98 -0.43 -22.41
C HIS B 8 12.11 -1.18 -21.36
N SER B 9 11.22 -0.43 -20.69
CA SER B 9 10.19 -0.97 -19.76
C SER B 9 8.93 -0.09 -19.86
N HIS B 10 7.89 -0.62 -20.52
CA HIS B 10 6.63 0.09 -20.77
C HIS B 10 5.43 -0.75 -20.26
N MET B 11 5.04 -0.51 -18.99
CA MET B 11 3.94 -1.24 -18.32
C MET B 11 2.59 -0.52 -18.49
N GLY B 12 1.49 -1.30 -18.59
CA GLY B 12 0.13 -0.74 -18.68
C GLY B 12 -0.36 -0.19 -17.34
N GLY B 13 -0.56 1.16 -17.26
CA GLY B 13 -1.02 1.82 -16.04
C GLY B 13 -2.52 1.65 -15.76
N GLY B 14 -2.93 0.41 -15.42
CA GLY B 14 -4.33 0.08 -15.13
C GLY B 14 -4.61 0.01 -13.63
N LYS B 15 -5.48 0.90 -13.14
CA LYS B 15 -5.92 0.94 -11.73
C LYS B 15 -7.45 0.73 -11.63
N GLY B 16 -7.93 0.58 -10.40
CA GLY B 16 -9.35 0.76 -10.09
C GLY B 16 -9.54 2.16 -9.47
N PRO B 17 -9.98 3.20 -10.27
CA PRO B 17 -10.01 4.63 -9.82
C PRO B 17 -10.82 4.85 -8.52
N ALA B 18 -10.34 5.77 -7.67
CA ALA B 18 -10.91 6.05 -6.34
C ALA B 18 -12.28 6.78 -6.42
N ALA B 19 -12.88 7.04 -5.24
CA ALA B 19 -14.25 7.60 -5.13
C ALA B 19 -14.32 9.14 -5.35
N GLU B 20 -13.37 9.71 -6.11
CA GLU B 20 -13.34 11.16 -6.45
C GLU B 20 -13.65 11.41 -7.95
N GLU B 21 -13.82 12.70 -8.28
CA GLU B 21 -14.07 13.17 -9.67
C GLU B 21 -12.75 13.20 -10.50
N PRO B 22 -12.83 13.09 -11.88
CA PRO B 22 -11.65 13.21 -12.77
C PRO B 22 -10.89 14.56 -12.60
N LEU B 23 -9.78 14.50 -11.85
CA LEU B 23 -8.86 15.64 -11.66
C LEU B 23 -7.46 15.32 -12.26
N SER B 24 -6.61 16.36 -12.38
CA SER B 24 -5.25 16.28 -13.00
C SER B 24 -4.40 15.12 -12.44
N LEU B 25 -4.48 14.90 -11.12
CA LEU B 25 -3.80 13.80 -10.43
C LEU B 25 -4.74 13.21 -9.36
N LEU B 26 -5.27 11.99 -9.62
CA LEU B 26 -6.15 11.26 -8.67
C LEU B 26 -5.26 10.27 -7.84
N ASP B 27 -5.39 10.33 -6.51
CA ASP B 27 -4.56 9.54 -5.57
C ASP B 27 -5.24 8.17 -5.22
N ASP B 28 -5.52 7.38 -6.29
CA ASP B 28 -6.25 6.09 -6.21
C ASP B 28 -5.65 5.11 -5.16
N MET B 29 -4.30 5.11 -5.10
CA MET B 29 -3.53 4.25 -4.17
C MET B 29 -3.65 4.73 -2.71
N ASN B 30 -3.60 6.07 -2.51
CA ASN B 30 -3.55 6.71 -1.18
C ASN B 30 -4.83 6.44 -0.34
N HIS B 31 -5.99 6.39 -1.03
CA HIS B 31 -7.29 6.00 -0.42
C HIS B 31 -7.20 4.59 0.23
N CYS B 32 -6.54 3.67 -0.48
CA CYS B 32 -6.34 2.28 -0.01
C CYS B 32 -5.30 2.21 1.15
N TYR B 33 -4.21 3.02 1.02
CA TYR B 33 -3.16 3.16 2.07
C TYR B 33 -3.75 3.65 3.42
N SER B 34 -4.75 4.54 3.34
CA SER B 34 -5.46 5.07 4.52
C SER B 34 -6.06 3.94 5.39
N ARG B 35 -6.79 3.01 4.75
CA ARG B 35 -7.46 1.89 5.45
C ARG B 35 -6.47 0.81 5.92
N LEU B 36 -5.32 0.67 5.24
CA LEU B 36 -4.21 -0.17 5.73
C LEU B 36 -3.75 0.32 7.12
N ARG B 37 -3.50 1.64 7.24
CA ARG B 37 -3.08 2.28 8.52
C ARG B 37 -4.10 2.07 9.66
N GLU B 38 -5.39 1.91 9.29
CA GLU B 38 -6.50 1.78 10.27
C GLU B 38 -6.61 0.33 10.77
N LEU B 39 -6.48 -0.62 9.82
CA LEU B 39 -6.60 -2.06 10.08
C LEU B 39 -5.31 -2.65 10.72
N VAL B 40 -4.20 -1.89 10.63
CA VAL B 40 -2.91 -2.22 11.28
C VAL B 40 -2.70 -1.36 12.55
N PRO B 41 -3.04 -1.87 13.78
CA PRO B 41 -2.71 -1.19 15.06
C PRO B 41 -1.21 -1.37 15.45
N GLY B 42 -0.46 -2.15 14.63
CA GLY B 42 1.00 -2.32 14.79
C GLY B 42 1.81 -1.11 14.32
N VAL B 43 1.13 -0.11 13.72
CA VAL B 43 1.77 1.19 13.38
C VAL B 43 1.86 2.09 14.65
N PRO B 44 3.09 2.55 15.06
CA PRO B 44 3.21 3.57 16.11
C PRO B 44 2.76 4.96 15.58
N ARG B 45 1.60 5.45 16.09
CA ARG B 45 0.90 6.65 15.54
C ARG B 45 1.76 7.94 15.74
N GLY B 46 2.60 8.24 14.72
CA GLY B 46 3.57 9.36 14.77
C GLY B 46 5.00 8.94 14.42
N THR B 47 5.14 7.80 13.71
CA THR B 47 6.46 7.23 13.31
C THR B 47 6.95 7.80 11.94
N GLN B 48 6.02 8.40 11.16
CA GLN B 48 6.30 9.00 9.83
C GLN B 48 6.80 7.93 8.81
N LEU B 49 5.86 7.14 8.25
CA LEU B 49 6.16 6.13 7.20
C LEU B 49 5.76 6.65 5.80
N SER B 50 6.57 6.32 4.77
CA SER B 50 6.20 6.53 3.35
C SER B 50 5.36 5.33 2.84
N GLN B 51 4.87 5.43 1.58
CA GLN B 51 4.06 4.39 0.90
C GLN B 51 4.67 2.96 1.00
N VAL B 52 6.01 2.90 0.91
CA VAL B 52 6.77 1.64 0.97
C VAL B 52 6.78 1.04 2.41
N GLU B 53 7.08 1.88 3.42
CA GLU B 53 7.15 1.46 4.84
C GLU B 53 5.77 1.05 5.40
N ILE B 54 4.68 1.61 4.81
CA ILE B 54 3.30 1.15 5.05
C ILE B 54 3.18 -0.35 4.71
N LEU B 55 3.63 -0.72 3.50
CA LEU B 55 3.59 -2.12 3.00
C LEU B 55 4.43 -3.07 3.89
N GLN B 56 5.62 -2.60 4.30
CA GLN B 56 6.52 -3.33 5.20
C GLN B 56 5.82 -3.61 6.56
N ARG B 57 5.16 -2.56 7.11
CA ARG B 57 4.44 -2.64 8.40
C ARG B 57 3.21 -3.59 8.31
N VAL B 58 2.56 -3.60 7.13
CA VAL B 58 1.45 -4.53 6.82
C VAL B 58 1.96 -6.00 6.80
N ILE B 59 3.15 -6.22 6.19
CA ILE B 59 3.80 -7.56 6.19
C ILE B 59 4.09 -8.04 7.64
N ASP B 60 4.69 -7.15 8.47
CA ASP B 60 4.98 -7.42 9.91
C ASP B 60 3.70 -7.77 10.70
N TYR B 61 2.62 -7.03 10.41
CA TYR B 61 1.27 -7.23 10.98
C TYR B 61 0.72 -8.64 10.66
N ILE B 62 0.75 -8.99 9.36
CA ILE B 62 0.24 -10.28 8.86
C ILE B 62 1.04 -11.45 9.48
N LEU B 63 2.38 -11.35 9.48
CA LEU B 63 3.29 -12.36 10.06
C LEU B 63 3.07 -12.55 11.59
N ASP B 64 2.70 -11.44 12.26
CA ASP B 64 2.35 -11.44 13.71
C ASP B 64 1.13 -12.36 13.98
N LEU B 65 0.16 -12.34 13.05
CA LEU B 65 -1.08 -13.15 13.14
C LEU B 65 -0.86 -14.61 12.64
N GLN B 66 -0.02 -14.74 11.59
CA GLN B 66 0.28 -16.02 10.92
C GLN B 66 1.13 -16.96 11.82
N VAL B 67 2.09 -16.36 12.57
CA VAL B 67 3.05 -17.09 13.45
C VAL B 67 3.87 -18.15 12.64
N VAL B 68 4.99 -17.70 12.07
CA VAL B 68 5.84 -18.51 11.14
C VAL B 68 6.98 -19.24 11.92
N MET A 1 -37.64 2.63 23.52
CA MET A 1 -37.08 3.55 22.49
C MET A 1 -35.71 3.05 21.99
N GLY A 2 -35.57 2.87 20.67
CA GLY A 2 -34.32 2.38 20.04
C GLY A 2 -33.61 3.45 19.21
N HIS A 3 -32.27 3.45 19.24
CA HIS A 3 -31.43 4.41 18.48
C HIS A 3 -30.85 3.71 17.24
N HIS A 4 -31.33 4.08 16.04
CA HIS A 4 -30.89 3.49 14.75
C HIS A 4 -31.20 4.43 13.58
N HIS A 5 -30.39 4.33 12.51
CA HIS A 5 -30.63 5.02 11.23
C HIS A 5 -30.11 4.16 10.06
N HIS A 6 -30.93 4.00 9.01
CA HIS A 6 -30.58 3.23 7.81
C HIS A 6 -29.58 4.02 6.94
N HIS A 7 -28.41 3.40 6.69
CA HIS A 7 -27.34 4.01 5.88
C HIS A 7 -27.76 4.10 4.39
N HIS A 8 -28.38 5.23 4.02
CA HIS A 8 -28.84 5.50 2.63
C HIS A 8 -27.65 5.91 1.74
N SER A 9 -26.90 4.91 1.26
CA SER A 9 -25.69 5.12 0.41
C SER A 9 -26.06 5.32 -1.08
N HIS A 10 -26.06 6.58 -1.54
CA HIS A 10 -26.35 6.96 -2.94
C HIS A 10 -25.13 7.71 -3.55
N MET A 11 -24.34 7.00 -4.37
CA MET A 11 -23.13 7.58 -5.02
C MET A 11 -23.49 8.25 -6.37
N GLY A 12 -23.05 9.51 -6.55
CA GLY A 12 -23.25 10.26 -7.81
C GLY A 12 -21.93 10.56 -8.53
N GLY A 13 -21.82 11.76 -9.12
CA GLY A 13 -20.59 12.18 -9.81
C GLY A 13 -20.41 11.56 -11.20
N GLY A 14 -20.06 10.26 -11.24
CA GLY A 14 -19.85 9.53 -12.51
C GLY A 14 -18.54 9.90 -13.22
N LYS A 15 -17.41 9.72 -12.51
CA LYS A 15 -16.06 10.13 -12.98
C LYS A 15 -14.94 9.51 -12.10
N GLY A 16 -13.69 9.53 -12.62
CA GLY A 16 -12.53 9.02 -11.86
C GLY A 16 -11.21 9.10 -12.64
N PRO A 17 -10.55 10.30 -12.75
CA PRO A 17 -9.29 10.46 -13.52
C PRO A 17 -8.00 9.98 -12.76
N ALA A 18 -8.08 8.78 -12.14
CA ALA A 18 -6.96 8.15 -11.43
C ALA A 18 -7.06 6.61 -11.49
N ALA A 19 -6.07 5.96 -12.13
CA ALA A 19 -5.97 4.49 -12.23
C ALA A 19 -4.52 4.03 -11.96
N GLU A 20 -4.26 2.72 -12.10
CA GLU A 20 -2.94 2.10 -11.83
C GLU A 20 -2.08 1.97 -13.12
N GLU A 21 -0.79 1.60 -12.94
CA GLU A 21 0.20 1.53 -14.04
C GLU A 21 1.16 0.29 -13.89
N PRO A 22 1.87 -0.15 -14.99
CA PRO A 22 2.85 -1.28 -14.93
C PRO A 22 4.07 -1.02 -14.00
N LEU A 23 4.61 -2.13 -13.45
CA LEU A 23 5.81 -2.11 -12.57
C LEU A 23 7.08 -2.39 -13.41
N SER A 24 8.22 -1.78 -13.05
CA SER A 24 9.46 -1.79 -13.89
C SER A 24 10.72 -2.15 -13.06
N LEU A 25 11.88 -2.22 -13.77
CA LEU A 25 13.25 -2.33 -13.19
C LEU A 25 13.42 -3.45 -12.12
N LEU A 26 13.00 -3.13 -10.88
CA LEU A 26 13.12 -4.02 -9.71
C LEU A 26 11.97 -3.67 -8.74
N ASP A 27 11.96 -2.38 -8.33
CA ASP A 27 10.97 -1.77 -7.41
C ASP A 27 10.92 -2.47 -6.01
N ASP A 28 11.45 -1.77 -4.98
CA ASP A 28 11.39 -2.21 -3.57
C ASP A 28 9.93 -2.37 -3.09
N MET A 29 9.05 -1.53 -3.66
CA MET A 29 7.61 -1.56 -3.39
C MET A 29 6.99 -2.86 -3.93
N ASN A 30 7.34 -3.22 -5.19
CA ASN A 30 6.88 -4.46 -5.85
C ASN A 30 7.40 -5.73 -5.12
N HIS A 31 8.59 -5.63 -4.52
CA HIS A 31 9.15 -6.69 -3.66
C HIS A 31 8.23 -6.90 -2.41
N CYS A 32 7.77 -5.80 -1.82
CA CYS A 32 6.81 -5.82 -0.68
C CYS A 32 5.39 -6.28 -1.13
N TYR A 33 5.01 -5.90 -2.37
CA TYR A 33 3.72 -6.30 -3.02
C TYR A 33 3.66 -7.81 -3.25
N SER A 34 4.83 -8.43 -3.47
CA SER A 34 4.97 -9.90 -3.60
C SER A 34 4.44 -10.61 -2.33
N ARG A 35 4.99 -10.21 -1.17
CA ARG A 35 4.61 -10.79 0.16
C ARG A 35 3.13 -10.56 0.50
N LEU A 36 2.60 -9.39 0.16
CA LEU A 36 1.15 -9.12 0.26
C LEU A 36 0.38 -10.17 -0.56
N ARG A 37 0.73 -10.28 -1.86
CA ARG A 37 0.13 -11.23 -2.81
C ARG A 37 0.20 -12.70 -2.31
N GLU A 38 1.25 -13.05 -1.53
CA GLU A 38 1.45 -14.42 -1.02
C GLU A 38 0.50 -14.72 0.15
N LEU A 39 0.26 -13.70 0.99
CA LEU A 39 -0.58 -13.81 2.19
C LEU A 39 -2.07 -13.50 1.89
N VAL A 40 -2.36 -12.95 0.69
CA VAL A 40 -3.74 -12.58 0.26
C VAL A 40 -4.34 -13.61 -0.75
N PRO A 41 -5.38 -14.41 -0.32
CA PRO A 41 -6.13 -15.32 -1.24
C PRO A 41 -7.04 -14.57 -2.24
N GLY A 42 -7.33 -13.28 -1.96
CA GLY A 42 -8.12 -12.41 -2.86
C GLY A 42 -7.50 -12.22 -4.25
N VAL A 43 -6.16 -12.31 -4.32
CA VAL A 43 -5.42 -12.34 -5.60
C VAL A 43 -5.37 -13.81 -6.12
N PRO A 44 -6.02 -14.14 -7.29
CA PRO A 44 -6.07 -15.52 -7.82
C PRO A 44 -4.74 -15.97 -8.50
N ARG A 45 -3.71 -16.27 -7.67
CA ARG A 45 -2.36 -16.69 -8.14
C ARG A 45 -1.68 -15.59 -9.03
N GLY A 46 -0.78 -16.01 -9.95
CA GLY A 46 -0.11 -15.09 -10.90
C GLY A 46 -0.99 -14.70 -12.11
N THR A 47 -2.16 -14.10 -11.84
CA THR A 47 -3.03 -13.47 -12.88
C THR A 47 -2.44 -12.10 -13.35
N GLN A 48 -1.47 -11.59 -12.57
CA GLN A 48 -0.71 -10.33 -12.85
C GLN A 48 -1.60 -9.07 -12.69
N LEU A 49 -1.66 -8.56 -11.44
CA LEU A 49 -2.32 -7.28 -11.10
C LEU A 49 -1.25 -6.18 -10.96
N SER A 50 -1.60 -4.92 -11.28
CA SER A 50 -0.61 -3.82 -11.37
C SER A 50 -0.09 -3.40 -9.96
N GLN A 51 -0.93 -2.69 -9.18
CA GLN A 51 -0.49 -2.13 -7.88
C GLN A 51 -1.67 -1.84 -6.92
N VAL A 52 -2.67 -1.06 -7.38
CA VAL A 52 -3.83 -0.65 -6.54
C VAL A 52 -4.80 -1.84 -6.31
N GLU A 53 -4.92 -2.71 -7.34
CA GLU A 53 -5.70 -3.98 -7.27
C GLU A 53 -5.24 -4.86 -6.09
N ILE A 54 -3.90 -5.00 -5.93
CA ILE A 54 -3.30 -5.73 -4.81
C ILE A 54 -3.73 -5.10 -3.47
N LEU A 55 -3.52 -3.77 -3.31
CA LEU A 55 -3.87 -2.99 -2.09
C LEU A 55 -5.32 -3.22 -1.61
N GLN A 56 -6.27 -3.12 -2.55
CA GLN A 56 -7.72 -3.31 -2.28
C GLN A 56 -8.01 -4.73 -1.73
N ARG A 57 -7.36 -5.74 -2.33
CA ARG A 57 -7.49 -7.15 -1.94
C ARG A 57 -6.74 -7.48 -0.62
N VAL A 58 -5.70 -6.67 -0.28
CA VAL A 58 -5.00 -6.77 1.03
C VAL A 58 -5.95 -6.33 2.17
N ILE A 59 -6.64 -5.19 1.96
CA ILE A 59 -7.71 -4.71 2.88
C ILE A 59 -8.78 -5.81 3.06
N ASP A 60 -9.20 -6.41 1.93
CA ASP A 60 -10.19 -7.51 1.88
C ASP A 60 -9.74 -8.73 2.76
N TYR A 61 -8.44 -9.08 2.67
CA TYR A 61 -7.83 -10.15 3.49
C TYR A 61 -7.88 -9.81 4.99
N ILE A 62 -7.49 -8.57 5.34
CA ILE A 62 -7.43 -8.13 6.75
C ILE A 62 -8.86 -8.02 7.37
N LEU A 63 -9.85 -7.58 6.58
CA LEU A 63 -11.27 -7.50 7.00
C LEU A 63 -11.88 -8.91 7.20
N ASP A 64 -11.38 -9.89 6.44
CA ASP A 64 -11.70 -11.32 6.65
C ASP A 64 -11.28 -11.79 8.07
N LEU A 65 -10.14 -11.26 8.56
CA LEU A 65 -9.58 -11.58 9.89
C LEU A 65 -10.25 -10.74 11.01
N GLN A 66 -10.55 -9.46 10.71
CA GLN A 66 -11.04 -8.47 11.72
C GLN A 66 -12.57 -8.51 11.91
N VAL A 67 -13.33 -8.43 10.81
CA VAL A 67 -14.81 -8.42 10.84
C VAL A 67 -15.36 -9.87 11.02
N VAL A 68 -16.24 -10.05 12.04
CA VAL A 68 -16.88 -11.35 12.39
C VAL A 68 -15.82 -12.43 12.85
N MET B 1 15.73 13.77 5.34
CA MET B 1 15.80 14.94 4.41
C MET B 1 16.21 14.47 2.99
N GLY B 2 15.75 15.21 1.96
CA GLY B 2 16.04 14.86 0.56
C GLY B 2 15.10 13.78 0.00
N HIS B 3 13.85 14.18 -0.30
CA HIS B 3 12.81 13.27 -0.86
C HIS B 3 12.88 13.19 -2.41
N HIS B 4 12.25 12.15 -2.98
CA HIS B 4 12.20 11.93 -4.45
C HIS B 4 10.83 12.37 -5.01
N HIS B 5 10.83 13.10 -6.15
CA HIS B 5 9.57 13.49 -6.84
C HIS B 5 9.05 12.30 -7.70
N HIS B 6 7.85 11.80 -7.36
CA HIS B 6 7.23 10.61 -8.01
C HIS B 6 6.10 10.99 -8.98
N HIS B 7 5.90 10.14 -10.01
CA HIS B 7 4.78 10.22 -10.99
C HIS B 7 4.87 11.45 -11.94
N HIS B 8 4.84 11.17 -13.26
CA HIS B 8 4.66 12.21 -14.30
C HIS B 8 3.21 12.17 -14.84
N SER B 9 2.45 13.26 -14.66
CA SER B 9 1.04 13.37 -15.12
C SER B 9 0.98 13.47 -16.67
N HIS B 10 0.42 12.43 -17.31
CA HIS B 10 0.35 12.32 -18.79
C HIS B 10 -1.08 11.92 -19.24
N MET B 11 -1.30 11.83 -20.57
CA MET B 11 -2.58 11.36 -21.13
C MET B 11 -2.77 9.84 -20.85
N GLY B 12 -3.77 9.49 -20.01
CA GLY B 12 -4.11 8.10 -19.70
C GLY B 12 -4.33 7.84 -18.21
N GLY B 13 -4.95 6.68 -17.89
CA GLY B 13 -5.27 6.30 -16.50
C GLY B 13 -6.49 7.05 -15.96
N GLY B 14 -7.60 7.03 -16.72
CA GLY B 14 -8.84 7.75 -16.35
C GLY B 14 -10.09 6.87 -16.46
N LYS B 15 -10.52 6.28 -15.33
CA LYS B 15 -11.77 5.47 -15.25
C LYS B 15 -13.01 6.37 -15.04
N GLY B 16 -14.21 5.76 -14.93
CA GLY B 16 -15.46 6.52 -14.69
C GLY B 16 -16.50 5.79 -13.83
N PRO B 17 -16.20 5.51 -12.51
CA PRO B 17 -17.21 4.95 -11.56
C PRO B 17 -18.09 6.07 -10.93
N ALA B 18 -19.11 5.69 -10.13
CA ALA B 18 -19.91 6.66 -9.36
C ALA B 18 -19.10 7.21 -8.16
N ALA B 19 -18.27 8.23 -8.43
CA ALA B 19 -17.35 8.83 -7.44
C ALA B 19 -17.50 10.36 -7.39
N GLU B 20 -17.62 10.90 -6.16
CA GLU B 20 -17.76 12.36 -5.91
C GLU B 20 -16.49 12.90 -5.20
N GLU B 21 -15.34 12.43 -5.68
CA GLU B 21 -14.01 12.81 -5.15
C GLU B 21 -13.56 14.17 -5.79
N PRO B 22 -12.80 15.03 -5.04
CA PRO B 22 -12.32 16.36 -5.57
C PRO B 22 -11.40 16.21 -6.81
N LEU B 23 -11.79 16.86 -7.94
CA LEU B 23 -11.06 16.80 -9.22
C LEU B 23 -9.76 17.65 -9.19
N SER B 24 -8.72 17.07 -8.60
CA SER B 24 -7.36 17.64 -8.56
C SER B 24 -6.38 16.49 -8.25
N LEU B 25 -6.51 15.94 -7.03
CA LEU B 25 -5.89 14.66 -6.64
C LEU B 25 -7.01 13.74 -6.08
N LEU B 26 -7.20 12.58 -6.72
CA LEU B 26 -8.20 11.58 -6.27
C LEU B 26 -7.58 10.72 -5.16
N ASP B 27 -6.30 10.29 -5.40
CA ASP B 27 -5.53 9.44 -4.47
C ASP B 27 -6.19 8.06 -4.22
N ASP B 28 -6.62 7.40 -5.31
CA ASP B 28 -7.29 6.07 -5.28
C ASP B 28 -6.43 5.01 -4.53
N MET B 29 -5.11 5.05 -4.80
CA MET B 29 -4.09 4.24 -4.12
C MET B 29 -3.94 4.61 -2.61
N ASN B 30 -3.97 5.92 -2.29
CA ASN B 30 -3.80 6.43 -0.90
C ASN B 30 -5.04 6.10 -0.02
N HIS B 31 -6.24 6.00 -0.64
CA HIS B 31 -7.47 5.53 0.04
C HIS B 31 -7.29 4.09 0.57
N CYS B 32 -6.62 3.27 -0.25
CA CYS B 32 -6.26 1.88 0.09
C CYS B 32 -5.18 1.83 1.20
N TYR B 33 -4.12 2.66 1.03
CA TYR B 33 -3.03 2.82 2.03
C TYR B 33 -3.55 3.33 3.40
N SER B 34 -4.63 4.13 3.36
CA SER B 34 -5.26 4.69 4.57
C SER B 34 -5.80 3.56 5.46
N ARG B 35 -6.61 2.68 4.87
CA ARG B 35 -7.21 1.52 5.59
C ARG B 35 -6.16 0.52 6.09
N LEU B 36 -5.03 0.38 5.37
CA LEU B 36 -3.88 -0.42 5.85
C LEU B 36 -3.38 0.13 7.22
N ARG B 37 -3.11 1.44 7.26
CA ARG B 37 -2.64 2.16 8.48
C ARG B 37 -3.67 2.07 9.64
N GLU B 38 -4.95 1.90 9.30
CA GLU B 38 -6.08 1.87 10.28
C GLU B 38 -6.29 0.45 10.85
N LEU B 39 -6.02 -0.56 10.01
CA LEU B 39 -6.20 -2.00 10.36
C LEU B 39 -4.94 -2.59 11.04
N VAL B 40 -3.79 -1.91 10.90
CA VAL B 40 -2.54 -2.29 11.58
C VAL B 40 -2.39 -1.52 12.93
N PRO B 41 -2.58 -2.20 14.11
CA PRO B 41 -2.41 -1.55 15.44
C PRO B 41 -0.93 -1.40 15.87
N GLY B 42 0.00 -2.04 15.12
CA GLY B 42 1.44 -2.04 15.43
C GLY B 42 2.21 -0.80 14.95
N VAL B 43 1.50 0.34 14.77
CA VAL B 43 2.13 1.64 14.44
C VAL B 43 2.54 2.39 15.74
N PRO B 44 3.86 2.73 15.93
CA PRO B 44 4.34 3.46 17.16
C PRO B 44 3.81 4.93 17.25
N ARG B 45 4.12 5.62 18.36
CA ARG B 45 3.52 6.94 18.72
C ARG B 45 4.33 8.10 18.11
N GLY B 46 3.78 8.74 17.04
CA GLY B 46 4.47 9.84 16.34
C GLY B 46 5.51 9.35 15.32
N THR B 47 5.10 8.38 14.47
CA THR B 47 5.99 7.73 13.48
C THR B 47 5.72 8.23 12.04
N GLN B 48 6.80 8.54 11.29
CA GLN B 48 6.73 8.96 9.88
C GLN B 48 7.10 7.79 8.93
N LEU B 49 6.07 7.02 8.49
CA LEU B 49 6.27 5.87 7.56
C LEU B 49 5.97 6.29 6.10
N SER B 50 6.95 6.11 5.21
CA SER B 50 6.80 6.36 3.75
C SER B 50 5.96 5.24 3.08
N GLN B 51 5.62 5.42 1.78
CA GLN B 51 4.79 4.48 0.98
C GLN B 51 5.25 3.00 1.12
N VAL B 52 6.57 2.79 1.02
CA VAL B 52 7.19 1.45 1.09
C VAL B 52 7.12 0.88 2.53
N GLU B 53 7.38 1.77 3.50
CA GLU B 53 7.39 1.42 4.94
C GLU B 53 5.99 1.05 5.48
N ILE B 54 4.92 1.58 4.84
CA ILE B 54 3.52 1.18 5.13
C ILE B 54 3.29 -0.29 4.71
N LEU B 55 3.76 -0.65 3.50
CA LEU B 55 3.72 -2.05 2.99
C LEU B 55 4.44 -3.02 3.97
N GLN B 56 5.66 -2.62 4.40
CA GLN B 56 6.48 -3.36 5.39
C GLN B 56 5.71 -3.55 6.72
N ARG B 57 5.06 -2.44 7.18
CA ARG B 57 4.24 -2.39 8.43
C ARG B 57 3.08 -3.42 8.39
N VAL B 58 2.47 -3.58 7.20
CA VAL B 58 1.37 -4.53 6.95
C VAL B 58 1.90 -5.99 6.94
N ILE B 59 3.09 -6.21 6.34
CA ILE B 59 3.75 -7.54 6.33
C ILE B 59 4.07 -7.99 7.79
N ASP B 60 4.64 -7.05 8.60
CA ASP B 60 4.90 -7.26 10.04
C ASP B 60 3.60 -7.62 10.81
N TYR B 61 2.51 -6.88 10.48
CA TYR B 61 1.16 -7.10 11.06
C TYR B 61 0.66 -8.55 10.84
N ILE B 62 0.70 -9.01 9.57
CA ILE B 62 0.21 -10.35 9.19
C ILE B 62 1.07 -11.45 9.85
N LEU B 63 2.41 -11.31 9.76
CA LEU B 63 3.37 -12.25 10.39
C LEU B 63 3.24 -12.29 11.93
N ASP B 64 2.84 -11.14 12.53
CA ASP B 64 2.57 -11.01 13.98
C ASP B 64 1.36 -11.91 14.40
N LEU B 65 0.38 -12.03 13.49
CA LEU B 65 -0.80 -12.91 13.67
C LEU B 65 -0.43 -14.40 13.46
N GLN B 66 0.42 -14.66 12.45
CA GLN B 66 0.80 -16.03 12.05
C GLN B 66 1.75 -16.72 13.07
N VAL B 67 1.49 -18.01 13.35
CA VAL B 67 2.40 -18.85 14.15
C VAL B 67 3.49 -19.49 13.26
N VAL B 68 4.72 -19.58 13.79
CA VAL B 68 5.88 -20.16 13.07
C VAL B 68 6.34 -21.48 13.77
N MET A 1 15.33 -26.95 10.54
CA MET A 1 15.02 -25.62 11.10
C MET A 1 15.33 -25.56 12.61
N GLY A 2 16.18 -24.59 13.02
CA GLY A 2 16.51 -24.36 14.44
C GLY A 2 15.94 -23.04 14.97
N HIS A 3 14.80 -22.63 14.39
CA HIS A 3 14.16 -21.32 14.69
C HIS A 3 13.21 -21.42 15.92
N HIS A 4 13.78 -21.60 17.12
CA HIS A 4 13.03 -21.69 18.39
C HIS A 4 13.04 -20.33 19.14
N HIS A 5 12.62 -19.27 18.42
CA HIS A 5 12.59 -17.88 18.94
C HIS A 5 11.15 -17.48 19.37
N HIS A 6 10.95 -17.32 20.68
CA HIS A 6 9.66 -16.89 21.27
C HIS A 6 9.44 -15.36 21.06
N HIS A 7 8.21 -14.97 20.64
CA HIS A 7 7.85 -13.54 20.42
C HIS A 7 6.32 -13.36 20.17
N HIS A 8 5.81 -12.15 20.46
CA HIS A 8 4.42 -11.74 20.15
C HIS A 8 4.32 -10.19 20.13
N SER A 9 3.44 -9.64 19.26
CA SER A 9 3.28 -8.16 19.08
C SER A 9 1.80 -7.73 19.16
N HIS A 10 1.57 -6.49 19.62
CA HIS A 10 0.21 -5.87 19.71
C HIS A 10 0.30 -4.36 19.37
N MET A 11 1.20 -3.65 20.11
CA MET A 11 1.45 -2.19 19.99
C MET A 11 0.20 -1.34 20.39
N GLY A 12 -0.81 -1.28 19.50
CA GLY A 12 -2.04 -0.54 19.77
C GLY A 12 -1.92 0.96 19.49
N GLY A 13 -2.54 1.43 18.39
CA GLY A 13 -2.48 2.84 18.01
C GLY A 13 -2.80 3.03 16.52
N GLY A 14 -1.77 2.90 15.67
CA GLY A 14 -1.93 3.08 14.22
C GLY A 14 -2.25 4.53 13.81
N LYS A 15 -3.02 4.67 12.71
CA LYS A 15 -3.58 5.96 12.21
C LYS A 15 -2.49 6.95 11.68
N GLY A 16 -2.70 7.48 10.46
CA GLY A 16 -1.74 8.40 9.84
C GLY A 16 -2.34 9.26 8.72
N PRO A 17 -1.51 10.05 7.97
CA PRO A 17 -1.97 10.90 6.83
C PRO A 17 -1.99 10.12 5.48
N ALA A 18 -1.79 10.85 4.36
CA ALA A 18 -1.57 10.23 3.02
C ALA A 18 -0.10 9.81 2.85
N ALA A 19 0.80 10.81 2.98
CA ALA A 19 2.27 10.66 2.99
C ALA A 19 2.84 9.96 1.73
N GLU A 20 3.22 10.79 0.76
CA GLU A 20 3.89 10.36 -0.49
C GLU A 20 5.42 10.33 -0.31
N GLU A 21 6.15 9.84 -1.33
CA GLU A 21 7.64 9.72 -1.26
C GLU A 21 8.27 9.50 -2.67
N PRO A 22 9.61 9.77 -2.84
CA PRO A 22 10.35 9.38 -4.07
C PRO A 22 10.56 7.85 -4.17
N LEU A 23 9.90 7.23 -5.16
CA LEU A 23 9.97 5.77 -5.41
C LEU A 23 11.17 5.39 -6.31
N SER A 24 11.94 6.40 -6.77
CA SER A 24 13.08 6.23 -7.70
C SER A 24 14.35 5.72 -6.97
N LEU A 25 14.36 4.43 -6.61
CA LEU A 25 15.52 3.72 -5.99
C LEU A 25 15.72 2.35 -6.68
N LEU A 26 14.81 1.41 -6.39
CA LEU A 26 14.72 0.08 -7.01
C LEU A 26 13.23 -0.39 -6.92
N ASP A 27 12.92 -1.63 -7.33
CA ASP A 27 11.59 -2.24 -7.17
C ASP A 27 11.28 -2.65 -5.69
N ASP A 28 11.60 -1.76 -4.72
CA ASP A 28 11.38 -2.00 -3.28
C ASP A 28 9.88 -2.21 -2.96
N MET A 29 9.01 -1.43 -3.62
CA MET A 29 7.55 -1.60 -3.53
C MET A 29 7.09 -2.95 -4.10
N ASN A 30 7.66 -3.33 -5.27
CA ASN A 30 7.32 -4.59 -5.98
C ASN A 30 7.77 -5.84 -5.18
N HIS A 31 8.87 -5.69 -4.41
CA HIS A 31 9.36 -6.75 -3.48
C HIS A 31 8.37 -6.94 -2.30
N CYS A 32 7.83 -5.82 -1.79
CA CYS A 32 6.77 -5.83 -0.76
C CYS A 32 5.44 -6.40 -1.33
N TYR A 33 5.13 -6.03 -2.58
CA TYR A 33 3.88 -6.42 -3.27
C TYR A 33 3.86 -7.92 -3.64
N SER A 34 5.02 -8.45 -4.07
CA SER A 34 5.17 -9.90 -4.40
C SER A 34 4.95 -10.75 -3.14
N ARG A 35 5.49 -10.27 -2.01
CA ARG A 35 5.33 -10.88 -0.69
C ARG A 35 3.84 -10.83 -0.22
N LEU A 36 3.17 -9.68 -0.48
CA LEU A 36 1.72 -9.53 -0.19
C LEU A 36 0.87 -10.55 -1.00
N ARG A 37 1.19 -10.74 -2.29
CA ARG A 37 0.54 -11.75 -3.18
C ARG A 37 0.62 -13.18 -2.57
N GLU A 38 1.67 -13.43 -1.79
CA GLU A 38 1.94 -14.72 -1.13
C GLU A 38 1.19 -14.82 0.22
N LEU A 39 1.05 -13.67 0.91
CA LEU A 39 0.38 -13.58 2.23
C LEU A 39 -1.16 -13.43 2.12
N VAL A 40 -1.68 -13.19 0.90
CA VAL A 40 -3.15 -13.16 0.63
C VAL A 40 -3.62 -14.49 -0.03
N PRO A 41 -4.25 -15.43 0.76
CA PRO A 41 -4.78 -16.73 0.24
C PRO A 41 -6.00 -16.56 -0.70
N GLY A 42 -6.83 -15.51 -0.45
CA GLY A 42 -8.08 -15.28 -1.19
C GLY A 42 -7.89 -14.60 -2.54
N VAL A 43 -7.23 -15.33 -3.47
CA VAL A 43 -6.92 -14.85 -4.84
C VAL A 43 -7.29 -15.95 -5.87
N PRO A 44 -8.05 -15.61 -6.97
CA PRO A 44 -8.23 -16.52 -8.12
C PRO A 44 -6.88 -16.76 -8.86
N ARG A 45 -6.43 -18.03 -8.89
CA ARG A 45 -5.10 -18.40 -9.39
C ARG A 45 -5.02 -18.25 -10.93
N GLY A 46 -4.34 -17.19 -11.40
CA GLY A 46 -4.23 -16.88 -12.84
C GLY A 46 -4.95 -15.60 -13.24
N THR A 47 -4.96 -14.59 -12.34
CA THR A 47 -5.55 -13.25 -12.61
C THR A 47 -4.40 -12.22 -12.86
N GLN A 48 -4.38 -11.04 -12.20
CA GLN A 48 -3.39 -9.96 -12.47
C GLN A 48 -2.73 -9.47 -11.16
N LEU A 49 -3.46 -8.63 -10.39
CA LEU A 49 -2.97 -8.00 -9.15
C LEU A 49 -1.60 -7.29 -9.34
N SER A 50 -1.61 -6.21 -10.12
CA SER A 50 -0.38 -5.47 -10.47
C SER A 50 0.09 -4.56 -9.33
N GLN A 51 -0.69 -3.49 -9.02
CA GLN A 51 -0.31 -2.45 -8.03
C GLN A 51 -1.42 -2.25 -6.97
N VAL A 52 -2.48 -1.51 -7.36
CA VAL A 52 -3.58 -1.09 -6.46
C VAL A 52 -4.52 -2.28 -6.12
N GLU A 53 -4.69 -3.17 -7.11
CA GLU A 53 -5.50 -4.41 -6.99
C GLU A 53 -5.08 -5.25 -5.75
N ILE A 54 -3.76 -5.28 -5.49
CA ILE A 54 -3.18 -5.92 -4.29
C ILE A 54 -3.68 -5.20 -3.00
N LEU A 55 -3.49 -3.87 -2.93
CA LEU A 55 -3.88 -3.02 -1.78
C LEU A 55 -5.35 -3.25 -1.34
N GLN A 56 -6.26 -3.23 -2.32
CA GLN A 56 -7.71 -3.44 -2.12
C GLN A 56 -8.01 -4.83 -1.49
N ARG A 57 -7.34 -5.89 -2.01
CA ARG A 57 -7.51 -7.28 -1.49
C ARG A 57 -6.80 -7.50 -0.13
N VAL A 58 -5.76 -6.70 0.18
CA VAL A 58 -5.08 -6.75 1.48
C VAL A 58 -5.99 -6.15 2.59
N ILE A 59 -6.66 -5.03 2.28
CA ILE A 59 -7.67 -4.43 3.18
C ILE A 59 -8.85 -5.41 3.41
N ASP A 60 -9.34 -5.99 2.29
CA ASP A 60 -10.41 -7.02 2.30
C ASP A 60 -10.01 -8.27 3.13
N TYR A 61 -8.72 -8.64 3.04
CA TYR A 61 -8.12 -9.76 3.82
C TYR A 61 -8.17 -9.49 5.34
N ILE A 62 -7.67 -8.31 5.76
CA ILE A 62 -7.61 -7.92 7.18
C ILE A 62 -9.03 -7.73 7.79
N LEU A 63 -9.93 -7.08 7.04
CA LEU A 63 -11.36 -6.91 7.41
C LEU A 63 -12.10 -8.26 7.55
N ASP A 64 -11.74 -9.24 6.71
CA ASP A 64 -12.29 -10.61 6.77
C ASP A 64 -11.91 -11.31 8.10
N LEU A 65 -10.68 -11.03 8.59
CA LEU A 65 -10.16 -11.56 9.88
C LEU A 65 -10.82 -10.84 11.08
N GLN A 66 -10.98 -9.52 10.95
CA GLN A 66 -11.60 -8.65 11.97
C GLN A 66 -13.15 -8.72 11.93
N VAL A 67 -13.82 -8.01 12.85
CA VAL A 67 -15.30 -7.93 12.90
C VAL A 67 -15.81 -6.67 12.15
N VAL A 68 -16.56 -6.88 11.05
CA VAL A 68 -17.17 -5.78 10.25
C VAL A 68 -18.71 -5.73 10.49
N MET B 1 26.86 -11.65 -7.96
CA MET B 1 28.12 -11.62 -8.76
C MET B 1 28.84 -13.01 -8.76
N GLY B 2 28.41 -13.92 -7.87
CA GLY B 2 29.06 -15.23 -7.70
C GLY B 2 30.41 -15.14 -7.00
N HIS B 3 31.50 -15.19 -7.79
CA HIS B 3 32.90 -15.13 -7.28
C HIS B 3 33.87 -15.00 -8.48
N HIS B 4 33.66 -15.85 -9.49
CA HIS B 4 34.51 -15.92 -10.71
C HIS B 4 33.92 -15.09 -11.89
N HIS B 5 34.61 -15.14 -13.05
CA HIS B 5 34.18 -14.50 -14.32
C HIS B 5 33.30 -15.47 -15.17
N HIS B 6 32.58 -16.38 -14.48
CA HIS B 6 31.80 -17.47 -15.11
C HIS B 6 30.53 -16.97 -15.84
N HIS B 7 29.87 -17.89 -16.57
CA HIS B 7 28.89 -17.55 -17.63
C HIS B 7 27.43 -17.40 -17.12
N HIS B 8 27.26 -17.15 -15.80
CA HIS B 8 25.94 -17.03 -15.16
C HIS B 8 25.31 -15.62 -15.37
N SER B 9 24.85 -15.36 -16.61
CA SER B 9 24.20 -14.09 -17.00
C SER B 9 22.66 -14.20 -16.85
N HIS B 10 22.06 -13.31 -16.02
CA HIS B 10 20.60 -13.33 -15.69
C HIS B 10 19.98 -11.92 -15.80
N MET B 11 18.65 -11.87 -15.96
CA MET B 11 17.86 -10.62 -15.91
C MET B 11 17.26 -10.43 -14.50
N GLY B 12 17.89 -9.56 -13.67
CA GLY B 12 17.46 -9.35 -12.28
C GLY B 12 17.65 -7.91 -11.77
N GLY B 13 18.01 -7.77 -10.48
CA GLY B 13 18.18 -6.46 -9.84
C GLY B 13 16.86 -5.70 -9.64
N GLY B 14 16.60 -4.70 -10.49
CA GLY B 14 15.36 -3.92 -10.43
C GLY B 14 15.47 -2.58 -11.18
N LYS B 15 14.62 -2.38 -12.21
CA LYS B 15 14.62 -1.14 -13.04
C LYS B 15 13.28 -0.36 -12.89
N GLY B 16 12.19 -1.08 -12.58
CA GLY B 16 10.85 -0.50 -12.46
C GLY B 16 10.18 -0.24 -13.82
N PRO B 17 9.65 -1.30 -14.51
CA PRO B 17 9.01 -1.16 -15.85
C PRO B 17 7.71 -0.30 -15.85
N ALA B 18 7.90 1.03 -16.05
CA ALA B 18 6.79 2.02 -16.13
C ALA B 18 6.43 2.33 -17.60
N ALA B 19 5.24 2.92 -17.81
CA ALA B 19 4.72 3.24 -19.16
C ALA B 19 3.82 4.51 -19.15
N GLU B 20 3.39 4.94 -20.37
CA GLU B 20 2.47 6.09 -20.56
C GLU B 20 1.13 5.86 -19.83
N GLU B 21 0.87 6.66 -18.77
CA GLU B 21 -0.32 6.51 -17.89
C GLU B 21 -1.13 7.83 -17.76
N PRO B 22 -2.50 7.77 -17.68
CA PRO B 22 -3.37 8.98 -17.51
C PRO B 22 -3.11 9.73 -16.17
N LEU B 23 -2.70 11.01 -16.25
CA LEU B 23 -2.36 11.83 -15.05
C LEU B 23 -3.60 12.19 -14.19
N SER B 24 -4.80 12.07 -14.77
CA SER B 24 -6.08 12.31 -14.04
C SER B 24 -6.34 11.20 -12.99
N LEU B 25 -5.77 11.39 -11.78
CA LEU B 25 -5.88 10.41 -10.67
C LEU B 25 -7.09 10.69 -9.75
N LEU B 26 -7.56 9.63 -9.08
CA LEU B 26 -8.69 9.71 -8.10
C LEU B 26 -8.17 9.32 -6.68
N ASP B 27 -6.82 9.34 -6.52
CA ASP B 27 -6.13 8.97 -5.26
C ASP B 27 -6.50 7.53 -4.79
N ASP B 28 -6.76 6.62 -5.74
CA ASP B 28 -7.25 5.25 -5.42
C ASP B 28 -6.26 4.49 -4.51
N MET B 29 -4.94 4.66 -4.76
CA MET B 29 -3.87 4.10 -3.91
C MET B 29 -3.85 4.77 -2.51
N ASN B 30 -4.07 6.10 -2.48
CA ASN B 30 -4.08 6.93 -1.24
C ASN B 30 -5.19 6.47 -0.27
N HIS B 31 -6.43 6.31 -0.80
CA HIS B 31 -7.60 5.83 0.00
C HIS B 31 -7.35 4.41 0.55
N CYS B 32 -6.69 3.57 -0.27
CA CYS B 32 -6.27 2.22 0.15
C CYS B 32 -5.20 2.25 1.27
N TYR B 33 -4.21 3.15 1.14
CA TYR B 33 -3.13 3.33 2.13
C TYR B 33 -3.67 3.89 3.47
N SER B 34 -4.66 4.80 3.39
CA SER B 34 -5.33 5.39 4.57
C SER B 34 -6.04 4.30 5.40
N ARG B 35 -6.72 3.38 4.70
CA ARG B 35 -7.43 2.24 5.30
C ARG B 35 -6.46 1.21 5.94
N LEU B 36 -5.31 0.96 5.27
CA LEU B 36 -4.25 0.09 5.83
C LEU B 36 -3.75 0.63 7.19
N ARG B 37 -3.48 1.95 7.26
CA ARG B 37 -3.03 2.64 8.51
C ARG B 37 -4.03 2.45 9.69
N GLU B 38 -5.32 2.32 9.35
CA GLU B 38 -6.41 2.19 10.34
C GLU B 38 -6.47 0.73 10.90
N LEU B 39 -6.27 -0.24 10.00
CA LEU B 39 -6.39 -1.68 10.33
C LEU B 39 -5.14 -2.25 11.04
N VAL B 40 -3.97 -1.59 10.84
CA VAL B 40 -2.69 -2.03 11.44
C VAL B 40 -2.39 -1.24 12.75
N PRO B 41 -2.52 -1.88 13.96
CA PRO B 41 -2.16 -1.24 15.26
C PRO B 41 -0.63 -1.18 15.49
N GLY B 42 0.14 -1.84 14.59
CA GLY B 42 1.60 -1.94 14.69
C GLY B 42 2.35 -0.62 14.49
N VAL B 43 1.67 0.42 13.96
CA VAL B 43 2.25 1.78 13.84
C VAL B 43 2.29 2.49 15.23
N PRO B 44 3.51 2.83 15.77
CA PRO B 44 3.62 3.62 17.03
C PRO B 44 2.96 5.03 16.90
N ARG B 45 1.93 5.30 17.73
CA ARG B 45 1.16 6.55 17.70
C ARG B 45 2.10 7.80 17.84
N GLY B 46 2.32 8.49 16.72
CA GLY B 46 3.24 9.63 16.65
C GLY B 46 4.00 9.69 15.32
N THR B 47 4.34 8.50 14.76
CA THR B 47 5.00 8.39 13.43
C THR B 47 3.97 8.44 12.29
N GLN B 48 4.34 9.07 11.17
CA GLN B 48 3.48 9.16 9.98
C GLN B 48 3.63 7.91 9.09
N LEU B 49 4.89 7.65 8.62
CA LEU B 49 5.24 6.57 7.64
C LEU B 49 4.66 6.87 6.23
N SER B 50 5.49 6.74 5.18
CA SER B 50 5.03 6.86 3.78
C SER B 50 4.83 5.48 3.10
N GLN B 51 4.52 5.50 1.79
CA GLN B 51 3.93 4.36 1.02
C GLN B 51 4.57 2.96 1.28
N VAL B 52 5.90 2.86 1.16
CA VAL B 52 6.63 1.58 1.28
C VAL B 52 6.67 1.07 2.75
N GLU B 53 6.82 1.99 3.72
CA GLU B 53 6.84 1.66 5.17
C GLU B 53 5.47 1.14 5.65
N ILE B 54 4.39 1.61 5.01
CA ILE B 54 3.03 1.07 5.21
C ILE B 54 3.01 -0.44 4.84
N LEU B 55 3.49 -0.75 3.62
CA LEU B 55 3.55 -2.14 3.11
C LEU B 55 4.35 -3.08 4.06
N GLN B 56 5.54 -2.61 4.49
CA GLN B 56 6.42 -3.33 5.43
C GLN B 56 5.72 -3.61 6.79
N ARG B 57 4.96 -2.61 7.27
CA ARG B 57 4.21 -2.67 8.54
C ARG B 57 3.02 -3.68 8.45
N VAL B 58 2.36 -3.70 7.28
CA VAL B 58 1.26 -4.64 6.98
C VAL B 58 1.79 -6.11 6.92
N ILE B 59 2.92 -6.31 6.22
CA ILE B 59 3.59 -7.64 6.14
C ILE B 59 3.89 -8.16 7.56
N ASP B 60 4.50 -7.32 8.41
CA ASP B 60 4.83 -7.65 9.81
C ASP B 60 3.56 -8.01 10.65
N TYR B 61 2.46 -7.27 10.42
CA TYR B 61 1.14 -7.55 11.04
C TYR B 61 0.65 -8.98 10.71
N ILE B 62 0.77 -9.37 9.42
CA ILE B 62 0.37 -10.71 8.94
C ILE B 62 1.34 -11.81 9.47
N LEU B 63 2.66 -11.50 9.54
CA LEU B 63 3.69 -12.45 10.04
C LEU B 63 3.47 -12.81 11.52
N ASP B 64 2.99 -11.83 12.31
CA ASP B 64 2.62 -12.04 13.72
C ASP B 64 1.48 -13.07 13.86
N LEU B 65 0.48 -12.96 12.97
CA LEU B 65 -0.70 -13.88 12.95
C LEU B 65 -0.29 -15.33 12.54
N GLN B 66 0.70 -15.44 11.65
CA GLN B 66 1.15 -16.74 11.08
C GLN B 66 2.13 -17.49 12.02
N VAL B 67 3.29 -16.86 12.31
CA VAL B 67 4.47 -17.54 12.92
C VAL B 67 4.44 -17.55 14.49
N VAL B 68 3.28 -17.17 15.03
CA VAL B 68 2.97 -17.27 16.48
C VAL B 68 1.77 -18.26 16.68
N MET A 1 -16.07 -27.74 22.58
CA MET A 1 -15.10 -26.65 22.31
C MET A 1 -14.22 -26.41 23.55
N GLY A 2 -12.93 -26.78 23.47
CA GLY A 2 -11.96 -26.58 24.56
C GLY A 2 -11.58 -25.10 24.75
N HIS A 3 -10.64 -24.62 23.93
CA HIS A 3 -10.20 -23.20 23.96
C HIS A 3 -9.33 -22.84 22.71
N HIS A 4 -9.06 -21.54 22.56
CA HIS A 4 -8.19 -20.98 21.49
C HIS A 4 -7.05 -20.11 22.11
N HIS A 5 -6.81 -20.28 23.43
CA HIS A 5 -5.79 -19.52 24.20
C HIS A 5 -4.40 -20.20 24.13
N HIS A 6 -4.10 -20.85 22.99
CA HIS A 6 -2.85 -21.62 22.79
C HIS A 6 -1.62 -20.67 22.69
N HIS A 7 -1.78 -19.62 21.88
CA HIS A 7 -0.73 -18.61 21.60
C HIS A 7 -1.12 -17.24 22.22
N HIS A 8 -0.11 -16.47 22.68
CA HIS A 8 -0.32 -15.13 23.31
C HIS A 8 0.69 -14.10 22.77
N SER A 9 0.24 -13.23 21.84
CA SER A 9 1.07 -12.14 21.28
C SER A 9 0.86 -10.81 22.06
N HIS A 10 1.86 -9.93 22.05
CA HIS A 10 1.77 -8.61 22.71
C HIS A 10 1.16 -7.55 21.76
N MET A 11 -0.15 -7.31 21.89
CA MET A 11 -0.86 -6.31 21.07
C MET A 11 -0.66 -4.89 21.65
N GLY A 12 -0.19 -3.96 20.82
CA GLY A 12 0.03 -2.57 21.23
C GLY A 12 0.68 -1.70 20.15
N GLY A 13 0.48 -0.38 20.25
CA GLY A 13 1.03 0.59 19.29
C GLY A 13 0.36 1.96 19.40
N GLY A 14 0.98 2.97 18.80
CA GLY A 14 0.44 4.34 18.78
C GLY A 14 -0.12 4.72 17.41
N LYS A 15 0.44 5.78 16.80
CA LYS A 15 0.03 6.26 15.46
C LYS A 15 1.23 7.00 14.78
N GLY A 16 1.57 6.56 13.56
CA GLY A 16 2.72 7.12 12.81
C GLY A 16 2.27 7.99 11.62
N PRO A 17 2.60 9.32 11.59
CA PRO A 17 2.25 10.23 10.46
C PRO A 17 3.17 10.07 9.23
N ALA A 18 2.94 10.92 8.20
CA ALA A 18 3.79 10.96 6.98
C ALA A 18 5.14 11.66 7.27
N ALA A 19 6.23 11.13 6.69
CA ALA A 19 7.61 11.60 6.95
C ALA A 19 8.14 12.52 5.82
N GLU A 20 9.10 13.41 6.18
CA GLU A 20 9.88 14.21 5.20
C GLU A 20 11.03 13.34 4.61
N GLU A 21 10.60 12.32 3.86
CA GLU A 21 11.46 11.22 3.37
C GLU A 21 12.49 11.69 2.29
N PRO A 22 13.71 11.07 2.22
CA PRO A 22 14.65 11.27 1.09
C PRO A 22 14.13 10.57 -0.20
N LEU A 23 14.43 11.16 -1.37
CA LEU A 23 13.95 10.65 -2.68
C LEU A 23 14.86 9.51 -3.22
N SER A 24 14.96 8.41 -2.44
CA SER A 24 15.75 7.21 -2.82
C SER A 24 14.88 6.26 -3.69
N LEU A 25 14.89 6.52 -5.01
CA LEU A 25 14.06 5.77 -5.98
C LEU A 25 14.67 4.38 -6.31
N LEU A 26 14.08 3.34 -5.71
CA LEU A 26 14.43 1.92 -5.97
C LEU A 26 13.13 1.07 -5.87
N ASP A 27 13.09 -0.05 -6.62
CA ASP A 27 11.88 -0.90 -6.79
C ASP A 27 11.57 -1.82 -5.56
N ASP A 28 11.92 -1.36 -4.34
CA ASP A 28 11.61 -2.08 -3.06
C ASP A 28 10.09 -2.39 -2.92
N MET A 29 9.26 -1.48 -3.47
CA MET A 29 7.78 -1.59 -3.42
C MET A 29 7.29 -2.87 -4.14
N ASN A 30 7.97 -3.22 -5.25
CA ASN A 30 7.63 -4.40 -6.08
C ASN A 30 7.85 -5.73 -5.30
N HIS A 31 8.96 -5.78 -4.55
CA HIS A 31 9.31 -6.93 -3.68
C HIS A 31 8.32 -7.07 -2.51
N CYS A 32 7.88 -5.91 -1.96
CA CYS A 32 6.84 -5.86 -0.90
C CYS A 32 5.49 -6.40 -1.41
N TYR A 33 5.05 -5.89 -2.58
CA TYR A 33 3.78 -6.26 -3.25
C TYR A 33 3.73 -7.76 -3.65
N SER A 34 4.89 -8.29 -4.08
CA SER A 34 5.02 -9.73 -4.46
C SER A 34 4.71 -10.65 -3.27
N ARG A 35 5.32 -10.34 -2.10
CA ARG A 35 5.15 -11.14 -0.88
C ARG A 35 3.77 -10.89 -0.21
N LEU A 36 3.14 -9.72 -0.46
CA LEU A 36 1.73 -9.46 -0.07
C LEU A 36 0.78 -10.42 -0.82
N ARG A 37 1.03 -10.59 -2.14
CA ARG A 37 0.31 -11.58 -3.01
C ARG A 37 0.47 -13.04 -2.52
N GLU A 38 1.49 -13.28 -1.67
CA GLU A 38 1.80 -14.61 -1.11
C GLU A 38 1.18 -14.79 0.30
N LEU A 39 1.02 -13.68 1.03
CA LEU A 39 0.42 -13.66 2.39
C LEU A 39 -1.13 -13.63 2.35
N VAL A 40 -1.69 -13.08 1.27
CA VAL A 40 -3.16 -13.03 1.06
C VAL A 40 -3.63 -14.33 0.34
N PRO A 41 -4.37 -15.25 1.04
CA PRO A 41 -4.86 -16.53 0.43
C PRO A 41 -5.91 -16.31 -0.69
N GLY A 42 -6.61 -15.16 -0.64
CA GLY A 42 -7.68 -14.83 -1.61
C GLY A 42 -7.18 -14.19 -2.92
N VAL A 43 -6.11 -14.75 -3.49
CA VAL A 43 -5.61 -14.35 -4.84
C VAL A 43 -6.18 -15.32 -5.91
N PRO A 44 -7.12 -14.85 -6.81
CA PRO A 44 -7.69 -15.70 -7.88
C PRO A 44 -6.61 -16.13 -8.92
N ARG A 45 -6.57 -17.45 -9.23
CA ARG A 45 -5.59 -18.02 -10.19
C ARG A 45 -5.74 -17.41 -11.62
N GLY A 46 -4.60 -16.99 -12.21
CA GLY A 46 -4.59 -16.37 -13.55
C GLY A 46 -5.03 -14.90 -13.60
N THR A 47 -5.44 -14.33 -12.45
CA THR A 47 -5.88 -12.90 -12.36
C THR A 47 -4.67 -12.01 -12.00
N GLN A 48 -4.23 -11.19 -13.00
CA GLN A 48 -3.14 -10.21 -12.80
C GLN A 48 -3.62 -9.02 -11.90
N LEU A 49 -3.15 -9.03 -10.64
CA LEU A 49 -3.49 -7.99 -9.66
C LEU A 49 -2.61 -6.73 -9.87
N SER A 50 -3.24 -5.60 -10.26
CA SER A 50 -2.57 -4.28 -10.34
C SER A 50 -2.15 -3.79 -8.94
N GLN A 51 -1.28 -2.77 -8.89
CA GLN A 51 -0.71 -2.23 -7.61
C GLN A 51 -1.82 -1.80 -6.60
N VAL A 52 -2.91 -1.21 -7.14
CA VAL A 52 -4.09 -0.80 -6.32
C VAL A 52 -4.91 -2.03 -5.87
N GLU A 53 -5.04 -3.04 -6.77
CA GLU A 53 -5.80 -4.28 -6.50
C GLU A 53 -5.17 -5.14 -5.39
N ILE A 54 -3.83 -5.12 -5.32
CA ILE A 54 -3.06 -5.78 -4.25
C ILE A 54 -3.40 -5.15 -2.87
N LEU A 55 -3.45 -3.81 -2.83
CA LEU A 55 -3.88 -3.04 -1.64
C LEU A 55 -5.30 -3.47 -1.18
N GLN A 56 -6.24 -3.54 -2.15
CA GLN A 56 -7.65 -3.96 -1.92
C GLN A 56 -7.74 -5.42 -1.37
N ARG A 57 -6.88 -6.31 -1.87
CA ARG A 57 -6.81 -7.73 -1.42
C ARG A 57 -6.29 -7.85 0.04
N VAL A 58 -5.31 -6.99 0.40
CA VAL A 58 -4.77 -6.92 1.76
C VAL A 58 -5.80 -6.34 2.77
N ILE A 59 -6.48 -5.24 2.37
CA ILE A 59 -7.55 -4.59 3.17
C ILE A 59 -8.69 -5.60 3.47
N ASP A 60 -9.15 -6.29 2.41
CA ASP A 60 -10.24 -7.30 2.52
C ASP A 60 -9.79 -8.53 3.34
N TYR A 61 -8.48 -8.89 3.26
CA TYR A 61 -7.86 -9.96 4.09
C TYR A 61 -8.07 -9.69 5.59
N ILE A 62 -7.76 -8.45 6.02
CA ILE A 62 -7.85 -8.03 7.43
C ILE A 62 -9.34 -7.88 7.88
N LEU A 63 -10.17 -7.25 7.02
CA LEU A 63 -11.63 -7.07 7.26
C LEU A 63 -12.39 -8.42 7.33
N ASP A 64 -11.87 -9.44 6.61
CA ASP A 64 -12.40 -10.82 6.66
C ASP A 64 -12.22 -11.44 8.07
N LEU A 65 -11.03 -11.19 8.67
CA LEU A 65 -10.66 -11.70 10.01
C LEU A 65 -11.41 -10.93 11.13
N GLN A 66 -11.66 -9.63 10.89
CA GLN A 66 -12.40 -8.75 11.81
C GLN A 66 -13.94 -9.00 11.68
N VAL A 67 -14.68 -8.91 12.81
CA VAL A 67 -16.15 -9.06 12.82
C VAL A 67 -16.84 -7.67 12.77
N VAL A 68 -17.54 -7.41 11.64
CA VAL A 68 -18.30 -6.14 11.39
C VAL A 68 -17.38 -4.87 11.47
N MET B 1 1.22 -30.26 14.57
CA MET B 1 2.29 -29.82 13.64
C MET B 1 3.65 -30.38 14.10
N GLY B 2 4.44 -30.91 13.13
CA GLY B 2 5.79 -31.40 13.40
C GLY B 2 6.83 -30.29 13.54
N HIS B 3 7.89 -30.53 14.33
CA HIS B 3 8.94 -29.53 14.62
C HIS B 3 9.93 -29.41 13.43
N HIS B 4 10.00 -28.22 12.83
CA HIS B 4 10.80 -27.94 11.62
C HIS B 4 12.33 -27.98 11.89
N HIS B 5 13.03 -28.92 11.23
CA HIS B 5 14.50 -28.95 11.17
C HIS B 5 14.99 -28.23 9.89
N HIS B 6 14.14 -28.29 8.84
CA HIS B 6 14.36 -27.59 7.55
C HIS B 6 13.65 -26.21 7.54
N HIS B 7 14.10 -25.32 6.64
CA HIS B 7 13.44 -24.00 6.40
C HIS B 7 13.74 -23.49 4.97
N HIS B 8 12.75 -22.86 4.34
CA HIS B 8 12.87 -22.26 2.99
C HIS B 8 11.86 -21.09 2.82
N SER B 9 12.26 -20.05 2.07
CA SER B 9 11.40 -18.87 1.79
C SER B 9 11.52 -18.45 0.32
N HIS B 10 10.46 -17.80 -0.20
CA HIS B 10 10.36 -17.38 -1.61
C HIS B 10 10.69 -15.88 -1.75
N MET B 11 11.50 -15.52 -2.77
CA MET B 11 11.92 -14.12 -3.04
C MET B 11 10.81 -13.30 -3.75
N GLY B 12 10.83 -11.98 -3.53
CA GLY B 12 9.92 -11.05 -4.21
C GLY B 12 10.34 -10.81 -5.68
N GLY B 13 9.40 -10.97 -6.62
CA GLY B 13 9.68 -10.76 -8.05
C GLY B 13 8.43 -10.85 -8.94
N GLY B 14 8.39 -10.01 -9.99
CA GLY B 14 7.31 -10.02 -10.99
C GLY B 14 7.74 -9.45 -12.34
N LYS B 15 6.83 -9.43 -13.33
CA LYS B 15 7.13 -8.94 -14.71
C LYS B 15 7.24 -7.39 -14.76
N GLY B 16 6.13 -6.70 -14.45
CA GLY B 16 6.08 -5.23 -14.46
C GLY B 16 4.75 -4.64 -14.02
N PRO B 17 4.39 -3.38 -14.43
CA PRO B 17 3.09 -2.74 -14.11
C PRO B 17 1.95 -3.19 -15.08
N ALA B 18 0.70 -2.84 -14.74
CA ALA B 18 -0.50 -3.18 -15.54
C ALA B 18 -0.89 -2.04 -16.52
N ALA B 19 -1.89 -2.31 -17.38
CA ALA B 19 -2.39 -1.35 -18.39
C ALA B 19 -3.38 -0.34 -17.76
N GLU B 20 -3.04 0.96 -17.84
CA GLU B 20 -3.85 2.06 -17.26
C GLU B 20 -4.58 2.84 -18.38
N GLU B 21 -5.92 2.74 -18.41
CA GLU B 21 -6.77 3.42 -19.41
C GLU B 21 -6.82 4.96 -19.18
N PRO B 22 -6.82 5.81 -20.27
CA PRO B 22 -6.82 7.30 -20.13
C PRO B 22 -8.01 7.90 -19.34
N LEU B 23 -7.79 9.10 -18.74
CA LEU B 23 -8.79 9.89 -17.98
C LEU B 23 -9.24 9.22 -16.65
N SER B 24 -8.60 8.09 -16.27
CA SER B 24 -8.98 7.29 -15.08
C SER B 24 -7.92 7.42 -13.95
N LEU B 25 -8.16 8.35 -12.99
CA LEU B 25 -7.28 8.55 -11.80
C LEU B 25 -8.03 9.44 -10.77
N LEU B 26 -8.29 8.89 -9.57
CA LEU B 26 -9.00 9.61 -8.48
C LEU B 26 -8.39 9.22 -7.09
N ASP B 27 -7.06 8.95 -7.10
CA ASP B 27 -6.25 8.71 -5.88
C ASP B 27 -6.77 7.53 -5.01
N ASP B 28 -7.43 6.54 -5.65
CA ASP B 28 -7.98 5.34 -4.96
C ASP B 28 -6.87 4.57 -4.18
N MET B 29 -5.66 4.55 -4.77
CA MET B 29 -4.44 4.02 -4.12
C MET B 29 -4.14 4.72 -2.77
N ASN B 30 -4.25 6.07 -2.74
CA ASN B 30 -4.01 6.87 -1.52
C ASN B 30 -5.10 6.58 -0.45
N HIS B 31 -6.35 6.39 -0.90
CA HIS B 31 -7.50 6.02 -0.02
C HIS B 31 -7.35 4.57 0.54
N CYS B 32 -6.76 3.68 -0.28
CA CYS B 32 -6.44 2.29 0.13
C CYS B 32 -5.28 2.25 1.17
N TYR B 33 -4.25 3.08 0.94
CA TYR B 33 -3.13 3.28 1.89
C TYR B 33 -3.61 3.87 3.24
N SER B 34 -4.63 4.75 3.17
CA SER B 34 -5.28 5.34 4.35
C SER B 34 -5.90 4.25 5.25
N ARG B 35 -6.57 3.26 4.61
CA ARG B 35 -7.21 2.14 5.32
C ARG B 35 -6.18 1.12 5.86
N LEU B 36 -5.02 0.98 5.19
CA LEU B 36 -3.89 0.19 5.74
C LEU B 36 -3.42 0.78 7.09
N ARG B 37 -3.28 2.12 7.11
CA ARG B 37 -2.92 2.89 8.34
C ARG B 37 -3.92 2.69 9.50
N GLU B 38 -5.17 2.31 9.15
CA GLU B 38 -6.26 2.09 10.14
C GLU B 38 -6.31 0.61 10.60
N LEU B 39 -5.92 -0.31 9.70
CA LEU B 39 -5.99 -1.78 9.93
C LEU B 39 -4.73 -2.35 10.61
N VAL B 40 -3.63 -1.58 10.63
CA VAL B 40 -2.37 -1.98 11.32
C VAL B 40 -2.26 -1.28 12.71
N PRO B 41 -2.53 -2.00 13.85
CA PRO B 41 -2.30 -1.46 15.22
C PRO B 41 -0.81 -1.50 15.66
N GLY B 42 0.04 -2.21 14.88
CA GLY B 42 1.48 -2.33 15.16
C GLY B 42 2.30 -1.18 14.55
N VAL B 43 1.78 0.05 14.65
CA VAL B 43 2.46 1.27 14.21
C VAL B 43 2.82 2.14 15.45
N PRO B 44 4.14 2.28 15.82
CA PRO B 44 4.57 3.11 16.99
C PRO B 44 4.15 4.61 16.90
N ARG B 45 4.06 5.27 18.06
CA ARG B 45 3.73 6.71 18.16
C ARG B 45 4.85 7.57 17.54
N GLY B 46 4.47 8.45 16.58
CA GLY B 46 5.40 9.38 15.91
C GLY B 46 6.60 8.70 15.21
N THR B 47 6.38 7.48 14.70
CA THR B 47 7.46 6.65 14.07
C THR B 47 7.91 7.22 12.69
N GLN B 48 7.05 8.07 12.06
CA GLN B 48 7.33 8.76 10.76
C GLN B 48 7.50 7.73 9.60
N LEU B 49 6.48 7.61 8.73
CA LEU B 49 6.43 6.55 7.68
C LEU B 49 6.26 7.12 6.24
N SER B 50 6.61 6.26 5.26
CA SER B 50 6.37 6.45 3.81
C SER B 50 5.41 5.35 3.30
N GLN B 51 4.97 5.42 2.02
CA GLN B 51 4.13 4.38 1.37
C GLN B 51 4.78 2.97 1.46
N VAL B 52 6.12 2.93 1.26
CA VAL B 52 6.91 1.67 1.33
C VAL B 52 6.93 1.12 2.78
N GLU B 53 7.16 2.03 3.74
CA GLU B 53 7.16 1.73 5.19
C GLU B 53 5.79 1.20 5.68
N ILE B 54 4.70 1.71 5.07
CA ILE B 54 3.32 1.21 5.32
C ILE B 54 3.24 -0.28 4.92
N LEU B 55 3.64 -0.58 3.65
CA LEU B 55 3.66 -1.96 3.12
C LEU B 55 4.46 -2.93 4.02
N GLN B 56 5.60 -2.43 4.54
CA GLN B 56 6.47 -3.19 5.46
C GLN B 56 5.74 -3.51 6.80
N ARG B 57 5.16 -2.47 7.46
CA ARG B 57 4.38 -2.62 8.72
C ARG B 57 3.16 -3.56 8.54
N VAL B 58 2.59 -3.55 7.30
CA VAL B 58 1.52 -4.47 6.91
C VAL B 58 2.02 -5.94 6.89
N ILE B 59 3.20 -6.18 6.24
CA ILE B 59 3.83 -7.53 6.20
C ILE B 59 4.10 -8.05 7.64
N ASP B 60 4.69 -7.19 8.49
CA ASP B 60 4.97 -7.49 9.92
C ASP B 60 3.68 -7.90 10.69
N TYR B 61 2.60 -7.14 10.45
CA TYR B 61 1.26 -7.40 11.02
C TYR B 61 0.73 -8.81 10.63
N ILE B 62 0.81 -9.12 9.32
CA ILE B 62 0.32 -10.40 8.77
C ILE B 62 1.19 -11.60 9.23
N LEU B 63 2.49 -11.35 9.52
CA LEU B 63 3.41 -12.39 10.04
C LEU B 63 3.00 -12.92 11.45
N ASP B 64 2.36 -12.05 12.26
CA ASP B 64 1.77 -12.44 13.56
C ASP B 64 0.45 -13.25 13.39
N LEU B 65 -0.30 -12.95 12.31
CA LEU B 65 -1.57 -13.65 11.97
C LEU B 65 -1.29 -15.06 11.38
N GLN B 66 -0.21 -15.15 10.62
CA GLN B 66 0.26 -16.38 9.95
C GLN B 66 1.42 -17.03 10.75
N VAL B 67 1.97 -18.14 10.23
CA VAL B 67 3.24 -18.71 10.73
C VAL B 67 4.42 -18.02 10.01
N VAL B 68 5.10 -17.09 10.72
CA VAL B 68 6.25 -16.32 10.18
C VAL B 68 7.44 -17.25 9.74
N MET A 1 -1.76 8.00 20.78
CA MET A 1 -2.86 7.99 21.78
C MET A 1 -3.03 9.39 22.43
N GLY A 2 -4.28 9.75 22.77
CA GLY A 2 -4.60 11.03 23.43
C GLY A 2 -4.73 12.22 22.48
N HIS A 3 -4.53 12.00 21.16
CA HIS A 3 -4.61 13.05 20.12
C HIS A 3 -6.04 13.16 19.55
N HIS A 4 -6.53 14.40 19.41
CA HIS A 4 -7.91 14.70 18.95
C HIS A 4 -8.07 14.54 17.42
N HIS A 5 -7.02 14.95 16.66
CA HIS A 5 -6.97 14.87 15.18
C HIS A 5 -8.09 15.70 14.47
N HIS A 6 -8.42 16.86 15.05
CA HIS A 6 -9.49 17.78 14.54
C HIS A 6 -8.99 18.72 13.39
N HIS A 7 -8.08 18.21 12.54
CA HIS A 7 -7.52 18.96 11.40
C HIS A 7 -8.34 18.71 10.12
N HIS A 8 -8.58 19.78 9.35
CA HIS A 8 -9.41 19.75 8.13
C HIS A 8 -8.83 20.72 7.07
N SER A 9 -8.58 20.20 5.86
CA SER A 9 -8.01 20.99 4.74
C SER A 9 -8.60 20.52 3.39
N HIS A 10 -8.22 21.19 2.30
CA HIS A 10 -8.58 20.78 0.93
C HIS A 10 -7.33 20.36 0.13
N MET A 11 -7.29 19.09 -0.31
CA MET A 11 -6.22 18.58 -1.20
C MET A 11 -6.55 18.85 -2.69
N GLY A 12 -5.58 18.61 -3.57
CA GLY A 12 -5.76 18.85 -5.02
C GLY A 12 -4.69 18.17 -5.87
N GLY A 13 -4.96 18.04 -7.18
CA GLY A 13 -4.06 17.35 -8.11
C GLY A 13 -4.60 15.99 -8.58
N GLY A 14 -4.65 15.78 -9.91
CA GLY A 14 -5.16 14.55 -10.51
C GLY A 14 -4.05 13.67 -11.06
N LYS A 15 -3.54 12.73 -10.24
CA LYS A 15 -2.41 11.86 -10.63
C LYS A 15 -2.85 10.69 -11.54
N GLY A 16 -2.02 10.40 -12.54
CA GLY A 16 -2.14 9.19 -13.37
C GLY A 16 -0.98 8.23 -13.10
N PRO A 17 -1.12 7.27 -12.10
CA PRO A 17 0.00 6.38 -11.67
C PRO A 17 0.48 5.40 -12.77
N ALA A 18 1.70 4.87 -12.58
CA ALA A 18 2.32 3.91 -13.52
C ALA A 18 1.63 2.53 -13.43
N ALA A 19 1.08 2.06 -14.57
CA ALA A 19 0.41 0.76 -14.68
C ALA A 19 1.45 -0.39 -14.58
N GLU A 20 1.57 -0.97 -13.36
CA GLU A 20 2.55 -2.02 -13.00
C GLU A 20 4.00 -1.45 -12.99
N GLU A 21 4.47 -1.01 -11.80
CA GLU A 21 5.80 -0.34 -11.63
C GLU A 21 6.99 -1.25 -12.07
N PRO A 22 8.04 -0.67 -12.77
CA PRO A 22 9.11 -1.46 -13.41
C PRO A 22 10.24 -1.92 -12.44
N LEU A 23 11.17 -2.75 -12.97
CA LEU A 23 12.33 -3.28 -12.20
C LEU A 23 13.63 -2.52 -12.57
N SER A 24 14.55 -2.45 -11.59
CA SER A 24 15.83 -1.70 -11.71
C SER A 24 16.94 -2.42 -10.89
N LEU A 25 16.72 -2.58 -9.57
CA LEU A 25 17.60 -3.36 -8.67
C LEU A 25 16.80 -4.55 -8.08
N LEU A 26 15.97 -4.28 -7.06
CA LEU A 26 14.95 -5.22 -6.53
C LEU A 26 13.59 -4.52 -6.39
N ASP A 27 13.65 -3.18 -6.18
CA ASP A 27 12.48 -2.29 -6.00
C ASP A 27 11.69 -2.72 -4.75
N ASP A 28 12.04 -2.11 -3.60
CA ASP A 28 11.56 -2.50 -2.25
C ASP A 28 10.02 -2.50 -2.13
N MET A 29 9.37 -1.50 -2.78
CA MET A 29 7.90 -1.41 -2.85
C MET A 29 7.29 -2.58 -3.66
N ASN A 30 7.87 -2.89 -4.83
CA ASN A 30 7.45 -4.03 -5.70
C ASN A 30 7.68 -5.40 -4.97
N HIS A 31 8.75 -5.46 -4.16
CA HIS A 31 9.09 -6.64 -3.33
C HIS A 31 8.07 -6.82 -2.17
N CYS A 32 7.61 -5.69 -1.62
CA CYS A 32 6.56 -5.67 -0.58
C CYS A 32 5.20 -6.12 -1.16
N TYR A 33 4.90 -5.68 -2.40
CA TYR A 33 3.71 -6.10 -3.17
C TYR A 33 3.72 -7.62 -3.46
N SER A 34 4.93 -8.16 -3.69
CA SER A 34 5.15 -9.62 -3.86
C SER A 34 4.73 -10.38 -2.58
N ARG A 35 5.17 -9.88 -1.41
CA ARG A 35 4.81 -10.45 -0.07
C ARG A 35 3.30 -10.36 0.22
N LEU A 36 2.65 -9.26 -0.19
CA LEU A 36 1.19 -9.10 -0.07
C LEU A 36 0.47 -10.24 -0.84
N ARG A 37 0.88 -10.47 -2.10
CA ARG A 37 0.34 -11.55 -2.96
C ARG A 37 0.60 -12.97 -2.41
N GLU A 38 1.59 -13.10 -1.49
CA GLU A 38 1.92 -14.41 -0.85
C GLU A 38 1.01 -14.66 0.37
N LEU A 39 0.83 -13.60 1.18
CA LEU A 39 0.07 -13.65 2.45
C LEU A 39 -1.45 -13.71 2.23
N VAL A 40 -1.90 -13.21 1.06
CA VAL A 40 -3.32 -13.25 0.65
C VAL A 40 -3.59 -14.53 -0.21
N PRO A 41 -4.28 -15.57 0.34
CA PRO A 41 -4.63 -16.80 -0.42
C PRO A 41 -5.92 -16.66 -1.26
N GLY A 42 -6.53 -15.45 -1.26
CA GLY A 42 -7.72 -15.15 -2.07
C GLY A 42 -7.42 -14.67 -3.49
N VAL A 43 -6.32 -15.19 -4.08
CA VAL A 43 -5.93 -14.89 -5.48
C VAL A 43 -6.68 -15.87 -6.43
N PRO A 44 -7.66 -15.38 -7.27
CA PRO A 44 -8.59 -16.26 -8.04
C PRO A 44 -7.93 -17.00 -9.26
N ARG A 45 -7.22 -18.11 -8.95
CA ARG A 45 -6.58 -19.03 -9.94
C ARG A 45 -5.65 -18.29 -10.95
N GLY A 46 -4.35 -18.28 -10.66
CA GLY A 46 -3.38 -17.49 -11.44
C GLY A 46 -3.56 -15.99 -11.21
N THR A 47 -4.10 -15.28 -12.24
CA THR A 47 -4.45 -13.84 -12.18
C THR A 47 -3.21 -12.91 -12.01
N GLN A 48 -3.12 -11.86 -12.85
CA GLN A 48 -2.05 -10.84 -12.73
C GLN A 48 -2.15 -10.06 -11.40
N LEU A 49 -3.40 -9.63 -11.07
CA LEU A 49 -3.72 -8.67 -9.98
C LEU A 49 -3.09 -7.28 -10.28
N SER A 50 -3.95 -6.27 -10.53
CA SER A 50 -3.48 -4.87 -10.68
C SER A 50 -2.84 -4.38 -9.37
N GLN A 51 -1.88 -3.46 -9.49
CA GLN A 51 -1.13 -2.88 -8.35
C GLN A 51 -2.06 -2.26 -7.28
N VAL A 52 -3.18 -1.66 -7.74
CA VAL A 52 -4.27 -1.15 -6.84
C VAL A 52 -5.08 -2.32 -6.25
N GLU A 53 -5.48 -3.28 -7.13
CA GLU A 53 -6.25 -4.50 -6.76
C GLU A 53 -5.57 -5.32 -5.66
N ILE A 54 -4.22 -5.28 -5.59
CA ILE A 54 -3.45 -5.90 -4.51
C ILE A 54 -3.84 -5.27 -3.15
N LEU A 55 -3.71 -3.92 -3.05
CA LEU A 55 -4.04 -3.15 -1.82
C LEU A 55 -5.49 -3.39 -1.35
N GLN A 56 -6.43 -3.34 -2.31
CA GLN A 56 -7.87 -3.55 -2.07
C GLN A 56 -8.15 -5.02 -1.63
N ARG A 57 -7.39 -5.98 -2.18
CA ARG A 57 -7.49 -7.42 -1.82
C ARG A 57 -6.87 -7.68 -0.42
N VAL A 58 -5.85 -6.88 -0.06
CA VAL A 58 -5.21 -6.94 1.27
C VAL A 58 -6.14 -6.40 2.36
N ILE A 59 -6.82 -5.26 2.09
CA ILE A 59 -7.86 -4.71 3.01
C ILE A 59 -8.99 -5.75 3.23
N ASP A 60 -9.51 -6.29 2.10
CA ASP A 60 -10.50 -7.41 2.07
C ASP A 60 -10.05 -8.59 2.98
N TYR A 61 -8.77 -8.96 2.82
CA TYR A 61 -8.13 -10.04 3.60
C TYR A 61 -8.05 -9.71 5.12
N ILE A 62 -7.70 -8.46 5.47
CA ILE A 62 -7.58 -8.02 6.89
C ILE A 62 -8.98 -7.91 7.54
N LEU A 63 -10.03 -7.65 6.72
CA LEU A 63 -11.44 -7.70 7.16
C LEU A 63 -11.87 -9.14 7.51
N ASP A 64 -11.30 -10.12 6.77
CA ASP A 64 -11.47 -11.56 7.06
C ASP A 64 -10.75 -11.96 8.39
N LEU A 65 -9.57 -11.36 8.64
CA LEU A 65 -8.80 -11.57 9.90
C LEU A 65 -9.57 -10.99 11.12
N GLN A 66 -10.07 -9.76 10.94
CA GLN A 66 -10.80 -9.00 12.00
C GLN A 66 -12.31 -9.37 12.02
N VAL A 67 -13.03 -8.84 13.02
CA VAL A 67 -14.50 -8.96 13.13
C VAL A 67 -15.17 -7.66 12.63
N VAL A 68 -15.62 -7.68 11.36
CA VAL A 68 -16.31 -6.55 10.66
C VAL A 68 -15.39 -5.27 10.54
N MET B 1 15.95 8.43 -23.91
CA MET B 1 14.99 7.31 -24.15
C MET B 1 14.11 7.05 -22.90
N GLY B 2 12.88 6.56 -23.14
CA GLY B 2 11.97 6.16 -22.06
C GLY B 2 12.29 4.77 -21.49
N HIS B 3 12.43 4.68 -20.15
CA HIS B 3 12.77 3.41 -19.47
C HIS B 3 11.61 2.40 -19.56
N HIS B 4 10.44 2.77 -19.02
CA HIS B 4 9.19 1.98 -19.14
C HIS B 4 7.97 2.92 -18.98
N HIS B 5 6.78 2.45 -19.45
CA HIS B 5 5.49 3.21 -19.48
C HIS B 5 5.51 4.37 -20.50
N HIS B 6 4.32 4.80 -20.93
CA HIS B 6 4.16 5.94 -21.85
C HIS B 6 4.04 7.27 -21.06
N HIS B 7 5.15 7.63 -20.36
CA HIS B 7 5.25 8.82 -19.49
C HIS B 7 4.27 8.74 -18.28
N HIS B 8 3.00 9.12 -18.52
CA HIS B 8 1.91 9.07 -17.51
C HIS B 8 0.75 8.18 -18.00
N SER B 9 0.58 8.09 -19.34
CA SER B 9 -0.46 7.32 -20.07
C SER B 9 -1.86 8.01 -20.00
N HIS B 10 -2.29 8.40 -18.79
CA HIS B 10 -3.56 9.14 -18.50
C HIS B 10 -4.81 8.23 -18.63
N MET B 11 -5.78 8.47 -17.74
CA MET B 11 -7.10 7.80 -17.74
C MET B 11 -8.23 8.87 -17.81
N GLY B 12 -9.49 8.46 -17.55
CA GLY B 12 -10.63 9.41 -17.48
C GLY B 12 -10.73 10.14 -16.13
N GLY B 13 -9.58 10.66 -15.64
CA GLY B 13 -9.49 11.31 -14.32
C GLY B 13 -9.60 10.35 -13.12
N GLY B 14 -9.70 10.93 -11.92
CA GLY B 14 -9.84 10.18 -10.67
C GLY B 14 -10.76 10.90 -9.69
N LYS B 15 -12.01 11.14 -10.11
CA LYS B 15 -13.03 11.83 -9.30
C LYS B 15 -13.55 10.92 -8.15
N GLY B 16 -12.97 11.11 -6.96
CA GLY B 16 -13.41 10.41 -5.74
C GLY B 16 -12.54 10.72 -4.52
N PRO B 17 -12.58 11.97 -3.96
CA PRO B 17 -11.94 12.29 -2.65
C PRO B 17 -12.84 11.92 -1.45
N ALA B 18 -12.22 11.73 -0.27
CA ALA B 18 -12.96 11.54 1.01
C ALA B 18 -13.34 12.89 1.65
N ALA B 19 -12.66 13.98 1.20
CA ALA B 19 -12.90 15.39 1.64
C ALA B 19 -12.44 15.66 3.09
N GLU B 20 -12.11 16.96 3.36
CA GLU B 20 -11.51 17.44 4.65
C GLU B 20 -10.12 16.76 4.93
N GLU B 21 -9.50 16.28 3.85
CA GLU B 21 -8.24 15.51 3.88
C GLU B 21 -7.00 16.45 3.96
N PRO B 22 -5.83 15.96 4.52
CA PRO B 22 -4.57 16.76 4.57
C PRO B 22 -3.99 17.07 3.16
N LEU B 23 -3.10 18.08 3.09
CA LEU B 23 -2.55 18.62 1.83
C LEU B 23 -1.72 17.57 1.05
N SER B 24 -2.30 17.04 -0.05
CA SER B 24 -1.67 16.03 -0.93
C SER B 24 -2.33 16.04 -2.32
N LEU B 25 -1.94 15.09 -3.18
CA LEU B 25 -2.60 14.88 -4.51
C LEU B 25 -3.47 13.60 -4.47
N LEU B 26 -4.52 13.56 -5.30
CA LEU B 26 -5.46 12.42 -5.36
C LEU B 26 -4.86 11.20 -6.10
N ASP B 27 -4.50 10.17 -5.31
CA ASP B 27 -4.31 8.80 -5.78
C ASP B 27 -5.52 7.98 -5.34
N ASP B 28 -6.09 7.22 -6.27
CA ASP B 28 -7.06 6.13 -5.97
C ASP B 28 -6.43 5.12 -4.97
N MET B 29 -5.11 4.92 -5.13
CA MET B 29 -4.29 4.03 -4.27
C MET B 29 -4.16 4.58 -2.82
N ASN B 30 -4.18 5.92 -2.67
CA ASN B 30 -4.04 6.62 -1.36
C ASN B 30 -5.22 6.28 -0.41
N HIS B 31 -6.43 6.14 -0.99
CA HIS B 31 -7.64 5.71 -0.25
C HIS B 31 -7.49 4.27 0.31
N CYS B 32 -6.73 3.41 -0.42
CA CYS B 32 -6.37 2.06 0.05
C CYS B 32 -5.29 2.11 1.16
N TYR B 33 -4.24 2.94 0.92
CA TYR B 33 -3.13 3.19 1.89
C TYR B 33 -3.65 3.77 3.22
N SER B 34 -4.75 4.53 3.15
CA SER B 34 -5.42 5.12 4.33
C SER B 34 -5.86 4.03 5.32
N ARG B 35 -6.64 3.04 4.82
CA ARG B 35 -7.16 1.92 5.65
C ARG B 35 -6.06 0.93 6.06
N LEU B 36 -4.95 0.85 5.31
CA LEU B 36 -3.75 0.11 5.76
C LEU B 36 -3.20 0.76 7.07
N ARG B 37 -2.97 2.09 7.02
CA ARG B 37 -2.53 2.88 8.21
C ARG B 37 -3.55 2.84 9.39
N GLU B 38 -4.84 2.57 9.07
CA GLU B 38 -5.92 2.52 10.09
C GLU B 38 -6.05 1.11 10.73
N LEU B 39 -5.57 0.06 10.03
CA LEU B 39 -5.68 -1.35 10.48
C LEU B 39 -4.33 -1.95 10.99
N VAL B 40 -3.28 -1.10 11.14
CA VAL B 40 -1.98 -1.54 11.71
C VAL B 40 -1.67 -0.82 13.07
N PRO B 41 -1.67 -1.58 14.22
CA PRO B 41 -1.26 -1.03 15.55
C PRO B 41 0.28 -1.04 15.78
N GLY B 42 1.04 -1.76 14.92
CA GLY B 42 2.51 -1.88 15.04
C GLY B 42 3.28 -0.74 14.36
N VAL B 43 2.94 0.51 14.74
CA VAL B 43 3.53 1.76 14.18
C VAL B 43 3.87 2.75 15.33
N PRO B 44 5.05 3.48 15.28
CA PRO B 44 5.31 4.64 16.18
C PRO B 44 4.17 5.72 16.13
N ARG B 45 3.97 6.42 17.25
CA ARG B 45 2.84 7.38 17.40
C ARG B 45 3.23 8.78 16.89
N GLY B 46 4.51 9.15 17.04
CA GLY B 46 5.07 10.37 16.45
C GLY B 46 5.76 10.12 15.11
N THR B 47 4.98 9.67 14.10
CA THR B 47 5.51 9.39 12.73
C THR B 47 4.43 9.56 11.65
N GLN B 48 4.89 9.65 10.39
CA GLN B 48 4.03 9.57 9.19
C GLN B 48 4.36 8.26 8.38
N LEU B 49 5.56 7.68 8.67
CA LEU B 49 6.18 6.57 7.90
C LEU B 49 6.63 7.01 6.48
N SER B 50 7.32 6.10 5.79
CA SER B 50 7.59 6.21 4.34
C SER B 50 6.65 5.26 3.56
N GLN B 51 6.61 5.41 2.21
CA GLN B 51 5.70 4.62 1.33
C GLN B 51 5.87 3.08 1.50
N VAL B 52 7.13 2.61 1.45
CA VAL B 52 7.45 1.17 1.57
C VAL B 52 7.22 0.67 3.02
N GLU B 53 7.47 1.55 4.01
CA GLU B 53 7.17 1.28 5.44
C GLU B 53 5.69 0.97 5.68
N ILE B 54 4.77 1.69 4.99
CA ILE B 54 3.31 1.45 5.08
C ILE B 54 2.98 -0.03 4.72
N LEU B 55 3.48 -0.49 3.56
CA LEU B 55 3.30 -1.88 3.09
C LEU B 55 3.88 -2.90 4.09
N GLN B 56 5.12 -2.65 4.54
CA GLN B 56 5.84 -3.55 5.47
C GLN B 56 5.19 -3.65 6.86
N ARG B 57 4.60 -2.54 7.36
CA ARG B 57 3.85 -2.57 8.65
C ARG B 57 2.62 -3.50 8.54
N VAL B 58 1.99 -3.52 7.35
CA VAL B 58 0.90 -4.47 7.02
C VAL B 58 1.43 -5.92 6.93
N ILE B 59 2.58 -6.10 6.26
CA ILE B 59 3.22 -7.43 6.05
C ILE B 59 3.56 -8.11 7.40
N ASP B 60 4.36 -7.43 8.25
CA ASP B 60 4.78 -7.95 9.57
C ASP B 60 3.60 -8.16 10.55
N TYR B 61 2.54 -7.33 10.41
CA TYR B 61 1.25 -7.51 11.12
C TYR B 61 0.63 -8.89 10.78
N ILE B 62 0.46 -9.13 9.46
CA ILE B 62 -0.14 -10.37 8.93
C ILE B 62 0.74 -11.61 9.24
N LEU B 63 2.08 -11.49 9.06
CA LEU B 63 3.07 -12.57 9.36
C LEU B 63 2.92 -13.08 10.81
N ASP B 64 2.82 -12.15 11.76
CA ASP B 64 2.68 -12.46 13.20
C ASP B 64 1.36 -13.20 13.50
N LEU B 65 0.30 -12.91 12.70
CA LEU B 65 -1.00 -13.62 12.78
C LEU B 65 -0.94 -15.01 12.11
N GLN B 66 -0.17 -15.10 11.01
CA GLN B 66 -0.04 -16.32 10.18
C GLN B 66 1.00 -17.32 10.77
N VAL B 67 2.30 -17.06 10.53
CA VAL B 67 3.40 -18.00 10.89
C VAL B 67 4.43 -17.33 11.83
N VAL B 68 4.77 -18.02 12.92
CA VAL B 68 5.75 -17.54 13.94
C VAL B 68 7.08 -18.36 13.88
N MET A 1 6.88 -30.79 15.18
CA MET A 1 7.23 -29.45 14.66
C MET A 1 6.25 -28.39 15.20
N GLY A 2 6.78 -27.25 15.69
CA GLY A 2 5.94 -26.15 16.19
C GLY A 2 6.73 -24.92 16.64
N HIS A 3 6.14 -23.73 16.45
CA HIS A 3 6.70 -22.44 16.94
C HIS A 3 6.18 -22.13 18.37
N HIS A 4 6.72 -21.07 19.01
CA HIS A 4 6.29 -20.65 20.37
C HIS A 4 6.43 -19.11 20.57
N HIS A 5 5.28 -18.43 20.66
CA HIS A 5 5.19 -16.98 20.99
C HIS A 5 3.76 -16.60 21.43
N HIS A 6 3.61 -15.41 22.03
CA HIS A 6 2.31 -14.87 22.46
C HIS A 6 2.37 -13.32 22.42
N HIS A 7 1.89 -12.72 21.32
CA HIS A 7 1.92 -11.25 21.09
C HIS A 7 0.51 -10.68 20.82
N HIS A 8 0.18 -9.57 21.49
CA HIS A 8 -1.08 -8.83 21.28
C HIS A 8 -0.81 -7.31 21.36
N SER A 9 -1.19 -6.59 20.30
CA SER A 9 -1.06 -5.11 20.21
C SER A 9 -2.29 -4.52 19.49
N HIS A 10 -3.08 -3.72 20.21
CA HIS A 10 -4.30 -3.06 19.68
C HIS A 10 -4.14 -1.51 19.70
N MET A 11 -2.95 -1.04 20.09
CA MET A 11 -2.63 0.40 20.23
C MET A 11 -2.29 1.07 18.87
N GLY A 12 -2.18 2.41 18.89
CA GLY A 12 -1.86 3.20 17.70
C GLY A 12 -1.78 4.70 18.05
N GLY A 13 -2.94 5.39 18.05
CA GLY A 13 -3.03 6.80 18.46
C GLY A 13 -2.31 7.81 17.55
N GLY A 14 -1.92 7.36 16.34
CA GLY A 14 -1.15 8.18 15.38
C GLY A 14 -1.99 8.84 14.30
N LYS A 15 -1.41 8.98 13.09
CA LYS A 15 -2.05 9.68 11.95
C LYS A 15 -2.11 8.78 10.71
N GLY A 16 -2.95 9.18 9.73
CA GLY A 16 -3.04 8.48 8.43
C GLY A 16 -2.85 9.41 7.22
N PRO A 17 -1.63 10.04 7.02
CA PRO A 17 -1.39 10.98 5.91
C PRO A 17 -0.81 10.30 4.64
N ALA A 18 -0.37 11.15 3.69
CA ALA A 18 0.33 10.70 2.47
C ALA A 18 1.82 10.43 2.76
N ALA A 19 2.49 11.46 3.35
CA ALA A 19 3.95 11.47 3.63
C ALA A 19 4.81 11.44 2.35
N GLU A 20 6.14 11.53 2.52
CA GLU A 20 7.11 11.47 1.40
C GLU A 20 8.27 10.51 1.73
N GLU A 21 9.13 10.26 0.73
CA GLU A 21 10.21 9.25 0.81
C GLU A 21 11.24 9.46 -0.34
N PRO A 22 12.47 8.84 -0.26
CA PRO A 22 13.44 8.83 -1.41
C PRO A 22 13.01 7.94 -2.62
N LEU A 23 11.71 7.58 -2.67
CA LEU A 23 11.07 6.78 -3.77
C LEU A 23 11.58 5.32 -3.81
N SER A 24 11.19 4.60 -4.87
CA SER A 24 11.67 3.24 -5.16
C SER A 24 13.09 3.28 -5.80
N LEU A 25 14.09 2.75 -5.07
CA LEU A 25 15.49 2.65 -5.55
C LEU A 25 15.63 1.50 -6.57
N LEU A 26 15.21 0.31 -6.16
CA LEU A 26 15.22 -0.92 -7.00
C LEU A 26 13.77 -1.49 -7.06
N ASP A 27 12.78 -0.57 -7.11
CA ASP A 27 11.34 -0.90 -7.00
C ASP A 27 11.03 -1.72 -5.72
N ASP A 28 11.54 -1.20 -4.59
CA ASP A 28 11.50 -1.87 -3.25
C ASP A 28 10.06 -2.23 -2.81
N MET A 29 9.11 -1.31 -3.07
CA MET A 29 7.68 -1.54 -2.80
C MET A 29 7.08 -2.65 -3.68
N ASN A 30 7.56 -2.78 -4.94
CA ASN A 30 7.13 -3.84 -5.89
C ASN A 30 7.56 -5.25 -5.37
N HIS A 31 8.74 -5.32 -4.73
CA HIS A 31 9.21 -6.56 -4.05
C HIS A 31 8.31 -6.88 -2.83
N CYS A 32 7.89 -5.83 -2.10
CA CYS A 32 6.92 -5.94 -0.97
C CYS A 32 5.51 -6.32 -1.46
N TYR A 33 5.14 -5.89 -2.69
CA TYR A 33 3.83 -6.21 -3.32
C TYR A 33 3.69 -7.71 -3.65
N SER A 34 4.81 -8.31 -4.11
CA SER A 34 4.89 -9.78 -4.30
C SER A 34 4.67 -10.52 -2.96
N ARG A 35 5.34 -10.01 -1.91
CA ARG A 35 5.29 -10.54 -0.54
C ARG A 35 3.85 -10.44 0.08
N LEU A 36 3.12 -9.37 -0.27
CA LEU A 36 1.68 -9.21 0.09
C LEU A 36 0.86 -10.38 -0.50
N ARG A 37 0.94 -10.54 -1.83
CA ARG A 37 0.18 -11.57 -2.61
C ARG A 37 0.45 -13.03 -2.12
N GLU A 38 1.60 -13.22 -1.45
CA GLU A 38 2.01 -14.53 -0.91
C GLU A 38 1.35 -14.83 0.47
N LEU A 39 1.06 -13.76 1.22
CA LEU A 39 0.32 -13.83 2.51
C LEU A 39 -1.19 -13.49 2.35
N VAL A 40 -1.59 -13.01 1.16
CA VAL A 40 -2.99 -12.63 0.85
C VAL A 40 -3.59 -13.57 -0.23
N PRO A 41 -4.49 -14.54 0.16
CA PRO A 41 -5.29 -15.32 -0.81
C PRO A 41 -6.47 -14.50 -1.41
N GLY A 42 -7.27 -15.15 -2.27
CA GLY A 42 -8.33 -14.47 -3.03
C GLY A 42 -7.84 -13.77 -4.29
N VAL A 43 -6.52 -13.86 -4.55
CA VAL A 43 -5.90 -13.39 -5.80
C VAL A 43 -6.08 -14.50 -6.89
N PRO A 44 -6.83 -14.22 -8.01
CA PRO A 44 -7.11 -15.23 -9.06
C PRO A 44 -5.82 -15.72 -9.78
N ARG A 45 -5.73 -17.05 -10.00
CA ARG A 45 -4.52 -17.72 -10.53
C ARG A 45 -4.25 -17.33 -12.01
N GLY A 46 -3.12 -16.63 -12.24
CA GLY A 46 -2.72 -16.17 -13.58
C GLY A 46 -3.20 -14.77 -13.93
N THR A 47 -3.86 -14.09 -12.96
CA THR A 47 -4.36 -12.70 -13.12
C THR A 47 -3.32 -11.68 -12.60
N GLN A 48 -3.05 -10.63 -13.40
CA GLN A 48 -2.01 -9.62 -13.10
C GLN A 48 -2.43 -8.71 -11.91
N LEU A 49 -3.69 -8.23 -11.94
CA LEU A 49 -4.26 -7.27 -10.94
C LEU A 49 -3.52 -5.90 -10.92
N SER A 50 -4.29 -4.81 -10.96
CA SER A 50 -3.76 -3.44 -10.78
C SER A 50 -3.24 -3.24 -9.33
N GLN A 51 -2.24 -2.36 -9.16
CA GLN A 51 -1.54 -2.16 -7.86
C GLN A 51 -2.49 -1.78 -6.70
N VAL A 52 -3.52 -0.95 -7.00
CA VAL A 52 -4.54 -0.56 -6.00
C VAL A 52 -5.45 -1.74 -5.63
N GLU A 53 -5.81 -2.57 -6.62
CA GLU A 53 -6.63 -3.79 -6.43
C GLU A 53 -5.93 -4.77 -5.44
N ILE A 54 -4.59 -4.85 -5.53
CA ILE A 54 -3.76 -5.65 -4.59
C ILE A 54 -3.87 -5.11 -3.14
N LEU A 55 -3.85 -3.76 -2.98
CA LEU A 55 -4.08 -3.10 -1.67
C LEU A 55 -5.48 -3.42 -1.10
N GLN A 56 -6.48 -3.44 -1.99
CA GLN A 56 -7.88 -3.78 -1.66
C GLN A 56 -8.05 -5.27 -1.29
N ARG A 57 -7.24 -6.15 -1.92
CA ARG A 57 -7.10 -7.58 -1.54
C ARG A 57 -6.58 -7.72 -0.10
N VAL A 58 -5.56 -6.89 0.24
CA VAL A 58 -4.97 -6.84 1.60
C VAL A 58 -6.00 -6.36 2.65
N ILE A 59 -6.74 -5.27 2.32
CA ILE A 59 -7.83 -4.75 3.16
C ILE A 59 -8.90 -5.83 3.43
N ASP A 60 -9.32 -6.50 2.34
CA ASP A 60 -10.36 -7.57 2.37
C ASP A 60 -9.89 -8.77 3.23
N TYR A 61 -8.58 -9.07 3.16
CA TYR A 61 -7.91 -10.10 3.98
C TYR A 61 -7.99 -9.77 5.49
N ILE A 62 -7.70 -8.50 5.84
CA ILE A 62 -7.75 -8.03 7.24
C ILE A 62 -9.22 -8.01 7.76
N LEU A 63 -10.19 -7.66 6.88
CA LEU A 63 -11.64 -7.69 7.21
C LEU A 63 -12.14 -9.14 7.46
N ASP A 64 -11.49 -10.11 6.79
CA ASP A 64 -11.73 -11.56 7.00
C ASP A 64 -11.22 -12.01 8.41
N LEU A 65 -10.14 -11.35 8.89
CA LEU A 65 -9.57 -11.57 10.25
C LEU A 65 -10.46 -10.90 11.35
N GLN A 66 -10.93 -9.68 11.04
CA GLN A 66 -11.72 -8.84 11.98
C GLN A 66 -13.18 -9.34 12.11
N VAL A 67 -13.95 -9.22 11.02
CA VAL A 67 -15.39 -9.59 10.98
C VAL A 67 -15.57 -11.11 10.74
N VAL A 68 -16.23 -11.79 11.69
CA VAL A 68 -16.60 -13.22 11.57
C VAL A 68 -18.13 -13.36 11.31
N MET B 1 23.87 5.42 16.21
CA MET B 1 23.57 6.87 16.19
C MET B 1 24.09 7.52 14.89
N GLY B 2 23.26 8.36 14.25
CA GLY B 2 23.61 9.03 12.98
C GLY B 2 23.37 8.17 11.74
N HIS B 3 23.99 8.55 10.61
CA HIS B 3 23.90 7.81 9.32
C HIS B 3 25.11 8.18 8.41
N HIS B 4 25.93 7.18 8.06
CA HIS B 4 27.09 7.36 7.16
C HIS B 4 26.62 7.22 5.68
N HIS B 5 26.68 8.34 4.93
CA HIS B 5 26.26 8.38 3.51
C HIS B 5 27.47 8.11 2.57
N HIS B 6 27.25 7.29 1.52
CA HIS B 6 28.26 6.98 0.47
C HIS B 6 27.71 7.31 -0.94
N HIS B 7 28.34 8.29 -1.61
CA HIS B 7 28.06 8.62 -3.02
C HIS B 7 28.95 7.75 -3.94
N HIS B 8 28.48 7.47 -5.17
CA HIS B 8 29.17 6.53 -6.09
C HIS B 8 29.06 6.96 -7.57
N SER B 9 29.86 6.31 -8.42
CA SER B 9 29.89 6.53 -9.89
C SER B 9 29.57 5.21 -10.64
N HIS B 10 28.63 4.42 -10.07
CA HIS B 10 28.22 3.11 -10.66
C HIS B 10 27.11 3.29 -11.73
N MET B 11 27.06 2.34 -12.68
CA MET B 11 26.04 2.31 -13.76
C MET B 11 25.42 0.89 -13.87
N GLY B 12 24.13 0.81 -14.23
CA GLY B 12 23.39 -0.46 -14.29
C GLY B 12 23.00 -1.00 -12.89
N GLY B 13 22.31 -0.17 -12.10
CA GLY B 13 21.88 -0.55 -10.71
C GLY B 13 20.37 -0.75 -10.54
N GLY B 14 19.62 -0.75 -11.66
CA GLY B 14 18.16 -0.92 -11.65
C GLY B 14 17.53 -0.79 -13.04
N LYS B 15 16.29 -1.29 -13.20
CA LYS B 15 15.53 -1.20 -14.47
C LYS B 15 14.97 0.23 -14.72
N GLY B 16 14.50 0.89 -13.65
CA GLY B 16 13.89 2.22 -13.72
C GLY B 16 12.64 2.35 -12.84
N PRO B 17 11.80 3.42 -13.02
CA PRO B 17 10.58 3.63 -12.20
C PRO B 17 9.34 2.80 -12.68
N ALA B 18 8.96 1.78 -11.89
CA ALA B 18 7.71 1.01 -12.11
C ALA B 18 6.46 1.78 -11.63
N ALA B 19 6.67 2.82 -10.78
CA ALA B 19 5.61 3.72 -10.29
C ALA B 19 5.30 4.86 -11.30
N GLU B 20 4.08 5.43 -11.21
CA GLU B 20 3.59 6.51 -12.12
C GLU B 20 2.69 7.52 -11.36
N GLU B 21 2.10 8.49 -12.08
CA GLU B 21 1.30 9.60 -11.48
C GLU B 21 -0.10 9.75 -12.17
N PRO B 22 -1.14 10.29 -11.45
CA PRO B 22 -2.45 10.66 -12.08
C PRO B 22 -2.38 11.97 -12.91
N LEU B 23 -3.54 12.43 -13.44
CA LEU B 23 -3.65 13.69 -14.22
C LEU B 23 -3.25 14.93 -13.38
N SER B 24 -3.74 14.99 -12.13
CA SER B 24 -3.37 16.07 -11.17
C SER B 24 -3.27 15.48 -9.75
N LEU B 25 -4.40 15.46 -9.01
CA LEU B 25 -4.49 14.89 -7.65
C LEU B 25 -5.78 14.05 -7.50
N LEU B 26 -5.62 12.86 -6.93
CA LEU B 26 -6.71 11.92 -6.58
C LEU B 26 -6.06 10.83 -5.72
N ASP B 27 -5.08 10.14 -6.33
CA ASP B 27 -4.27 9.11 -5.67
C ASP B 27 -5.13 7.96 -5.11
N ASP B 28 -5.66 7.15 -6.05
CA ASP B 28 -6.45 5.94 -5.73
C ASP B 28 -5.61 4.91 -4.92
N MET B 29 -4.28 4.96 -5.13
CA MET B 29 -3.29 4.20 -4.34
C MET B 29 -3.34 4.65 -2.86
N ASN B 30 -3.17 5.98 -2.63
CA ASN B 30 -3.13 6.60 -1.28
C ASN B 30 -4.49 6.46 -0.54
N HIS B 31 -5.58 6.37 -1.32
CA HIS B 31 -6.94 6.08 -0.80
C HIS B 31 -6.93 4.78 0.05
N CYS B 32 -6.45 3.69 -0.57
CA CYS B 32 -6.35 2.36 0.06
C CYS B 32 -5.21 2.29 1.10
N TYR B 33 -4.12 3.05 0.86
CA TYR B 33 -2.96 3.16 1.79
C TYR B 33 -3.37 3.75 3.16
N SER B 34 -4.23 4.79 3.14
CA SER B 34 -4.79 5.40 4.36
C SER B 34 -5.65 4.36 5.12
N ARG B 35 -6.50 3.64 4.38
CA ARG B 35 -7.40 2.59 4.92
C ARG B 35 -6.60 1.40 5.54
N LEU B 36 -5.39 1.12 4.98
CA LEU B 36 -4.44 0.17 5.58
C LEU B 36 -3.98 0.66 6.97
N ARG B 37 -3.54 1.95 7.03
CA ARG B 37 -3.09 2.61 8.29
C ARG B 37 -4.17 2.56 9.41
N GLU B 38 -5.46 2.46 9.02
CA GLU B 38 -6.59 2.40 9.97
C GLU B 38 -6.69 0.99 10.61
N LEU B 39 -6.43 -0.04 9.78
CA LEU B 39 -6.56 -1.47 10.18
C LEU B 39 -5.27 -2.03 10.82
N VAL B 40 -4.12 -1.35 10.66
CA VAL B 40 -2.81 -1.79 11.20
C VAL B 40 -2.53 -1.13 12.59
N PRO B 41 -2.60 -1.93 13.73
CA PRO B 41 -2.22 -1.44 15.08
C PRO B 41 -0.68 -1.47 15.33
N GLY B 42 0.11 -1.76 14.27
CA GLY B 42 1.58 -1.75 14.34
C GLY B 42 2.19 -0.38 13.99
N VAL B 43 1.50 0.71 14.40
CA VAL B 43 1.97 2.09 14.18
C VAL B 43 2.45 2.70 15.53
N PRO B 44 3.81 2.77 15.79
CA PRO B 44 4.38 3.32 17.06
C PRO B 44 4.12 4.84 17.22
N ARG B 45 4.06 5.31 18.48
CA ARG B 45 3.65 6.69 18.86
C ARG B 45 4.53 7.79 18.22
N GLY B 46 4.00 8.39 17.13
CA GLY B 46 4.66 9.50 16.43
C GLY B 46 5.46 9.07 15.19
N THR B 47 5.58 7.75 14.95
CA THR B 47 6.32 7.22 13.78
C THR B 47 5.55 7.51 12.47
N GLN B 48 6.03 8.53 11.73
CA GLN B 48 5.47 8.93 10.43
C GLN B 48 5.87 7.91 9.33
N LEU B 49 4.96 6.97 9.05
CA LEU B 49 5.16 5.95 8.00
C LEU B 49 5.01 6.59 6.59
N SER B 50 5.96 6.27 5.69
CA SER B 50 5.86 6.64 4.24
C SER B 50 5.14 5.52 3.45
N GLN B 51 5.08 5.66 2.12
CA GLN B 51 4.27 4.79 1.23
C GLN B 51 4.76 3.31 1.21
N VAL B 52 6.10 3.11 1.14
CA VAL B 52 6.71 1.75 1.21
C VAL B 52 6.62 1.17 2.65
N GLU B 53 6.79 2.05 3.67
CA GLU B 53 6.71 1.68 5.10
C GLU B 53 5.37 1.00 5.46
N ILE B 54 4.27 1.50 4.86
CA ILE B 54 2.91 0.94 5.02
C ILE B 54 2.89 -0.57 4.68
N LEU B 55 3.35 -0.91 3.45
CA LEU B 55 3.39 -2.30 2.93
C LEU B 55 4.17 -3.24 3.88
N GLN B 56 5.35 -2.75 4.31
CA GLN B 56 6.25 -3.49 5.20
C GLN B 56 5.62 -3.73 6.61
N ARG B 57 4.91 -2.72 7.16
CA ARG B 57 4.20 -2.80 8.46
C ARG B 57 3.03 -3.80 8.42
N VAL B 58 2.35 -3.85 7.27
CA VAL B 58 1.28 -4.83 6.98
C VAL B 58 1.85 -6.27 7.02
N ILE B 59 2.98 -6.49 6.32
CA ILE B 59 3.69 -7.81 6.28
C ILE B 59 4.04 -8.27 7.71
N ASP B 60 4.65 -7.38 8.52
CA ASP B 60 5.02 -7.65 9.94
C ASP B 60 3.80 -8.10 10.77
N TYR B 61 2.70 -7.34 10.65
CA TYR B 61 1.41 -7.59 11.35
C TYR B 61 0.87 -9.01 11.04
N ILE B 62 0.85 -9.37 9.76
CA ILE B 62 0.29 -10.65 9.27
C ILE B 62 1.16 -11.86 9.72
N LEU B 63 2.49 -11.69 9.73
CA LEU B 63 3.46 -12.77 10.10
C LEU B 63 3.23 -13.33 11.54
N ASP B 64 2.95 -12.44 12.51
CA ASP B 64 2.64 -12.83 13.91
C ASP B 64 1.30 -13.59 14.02
N LEU B 65 0.35 -13.27 13.14
CA LEU B 65 -0.96 -13.94 13.08
C LEU B 65 -0.88 -15.31 12.36
N GLN B 66 0.04 -15.40 11.38
CA GLN B 66 0.25 -16.59 10.53
C GLN B 66 1.47 -17.42 11.01
N VAL B 67 1.75 -18.52 10.30
CA VAL B 67 3.01 -19.28 10.44
C VAL B 67 4.03 -18.79 9.38
N VAL B 68 5.23 -18.42 9.85
CA VAL B 68 6.29 -17.85 9.00
C VAL B 68 7.16 -18.98 8.37
N MET A 1 -0.45 -49.00 5.90
CA MET A 1 -1.81 -48.40 5.85
C MET A 1 -1.85 -47.05 6.60
N GLY A 2 -3.07 -46.50 6.81
CA GLY A 2 -3.26 -45.30 7.63
C GLY A 2 -2.89 -44.00 6.91
N HIS A 3 -3.34 -43.84 5.65
CA HIS A 3 -3.18 -42.59 4.89
C HIS A 3 -4.32 -41.61 5.25
N HIS A 4 -4.01 -40.63 6.12
CA HIS A 4 -5.03 -39.74 6.74
C HIS A 4 -4.73 -38.23 6.53
N HIS A 5 -3.43 -37.88 6.39
CA HIS A 5 -2.99 -36.46 6.31
C HIS A 5 -3.59 -35.70 5.09
N HIS A 6 -4.59 -34.84 5.38
CA HIS A 6 -5.24 -33.97 4.39
C HIS A 6 -4.41 -32.67 4.22
N HIS A 7 -3.43 -32.72 3.31
CA HIS A 7 -2.53 -31.59 3.01
C HIS A 7 -2.11 -31.64 1.53
N HIS A 8 -2.73 -30.79 0.71
CA HIS A 8 -2.62 -30.83 -0.77
C HIS A 8 -1.90 -29.59 -1.33
N SER A 9 -1.38 -28.72 -0.43
CA SER A 9 -0.68 -27.46 -0.81
C SER A 9 0.83 -27.51 -0.46
N HIS A 10 1.65 -26.83 -1.28
CA HIS A 10 3.12 -26.72 -1.05
C HIS A 10 3.65 -25.41 -1.69
N MET A 11 3.86 -24.39 -0.85
CA MET A 11 4.31 -23.05 -1.31
C MET A 11 5.41 -22.51 -0.35
N GLY A 12 6.57 -22.14 -0.91
CA GLY A 12 7.72 -21.66 -0.15
C GLY A 12 9.05 -22.23 -0.67
N GLY A 13 10.08 -22.22 0.21
CA GLY A 13 11.41 -22.74 -0.13
C GLY A 13 12.25 -21.78 -1.00
N GLY A 14 13.56 -22.02 -1.07
CA GLY A 14 14.48 -21.20 -1.87
C GLY A 14 14.71 -19.80 -1.28
N LYS A 15 14.75 -19.71 0.06
CA LYS A 15 14.96 -18.44 0.78
C LYS A 15 16.48 -18.09 0.84
N GLY A 16 16.93 -17.23 -0.09
CA GLY A 16 18.32 -16.77 -0.14
C GLY A 16 18.64 -15.66 0.89
N PRO A 17 19.93 -15.54 1.36
CA PRO A 17 20.35 -14.44 2.28
C PRO A 17 20.25 -13.03 1.65
N ALA A 18 20.02 -12.01 2.49
CA ALA A 18 20.03 -10.59 2.05
C ALA A 18 21.48 -10.09 1.83
N ALA A 19 22.03 -10.39 0.63
CA ALA A 19 23.39 -9.93 0.24
C ALA A 19 23.39 -8.46 -0.25
N GLU A 20 22.20 -7.82 -0.23
CA GLU A 20 22.03 -6.38 -0.54
C GLU A 20 21.20 -5.68 0.57
N GLU A 21 21.33 -4.35 0.65
CA GLU A 21 20.39 -3.48 1.39
C GLU A 21 19.47 -2.77 0.36
N PRO A 22 18.16 -2.53 0.69
CA PRO A 22 17.23 -1.79 -0.21
C PRO A 22 17.67 -0.31 -0.43
N LEU A 23 18.36 -0.05 -1.55
CA LEU A 23 18.71 1.31 -1.98
C LEU A 23 17.45 2.07 -2.46
N SER A 24 17.23 3.29 -1.94
CA SER A 24 16.05 4.12 -2.28
C SER A 24 16.12 4.66 -3.74
N LEU A 25 15.80 3.77 -4.68
CA LEU A 25 15.93 3.97 -6.14
C LEU A 25 15.43 2.69 -6.85
N LEU A 26 15.77 1.54 -6.25
CA LEU A 26 15.31 0.19 -6.70
C LEU A 26 13.79 0.03 -6.46
N ASP A 27 13.13 -0.87 -7.23
CA ASP A 27 11.67 -1.17 -7.10
C ASP A 27 11.34 -2.02 -5.83
N ASP A 28 11.77 -1.55 -4.64
CA ASP A 28 11.59 -2.27 -3.36
C ASP A 28 10.10 -2.43 -3.01
N MET A 29 9.30 -1.42 -3.42
CA MET A 29 7.82 -1.44 -3.28
C MET A 29 7.21 -2.68 -3.97
N ASN A 30 7.73 -3.00 -5.17
CA ASN A 30 7.27 -4.13 -6.00
C ASN A 30 7.56 -5.49 -5.32
N HIS A 31 8.72 -5.58 -4.64
CA HIS A 31 9.09 -6.76 -3.81
C HIS A 31 8.11 -6.93 -2.62
N CYS A 32 7.77 -5.79 -1.98
CA CYS A 32 6.76 -5.74 -0.90
C CYS A 32 5.35 -6.18 -1.38
N TYR A 33 4.99 -5.75 -2.61
CA TYR A 33 3.71 -6.11 -3.27
C TYR A 33 3.65 -7.61 -3.62
N SER A 34 4.80 -8.20 -3.99
CA SER A 34 4.92 -9.65 -4.25
C SER A 34 4.66 -10.46 -2.95
N ARG A 35 5.16 -9.95 -1.81
CA ARG A 35 4.96 -10.57 -0.48
C ARG A 35 3.55 -10.38 0.10
N LEU A 36 2.85 -9.29 -0.29
CA LEU A 36 1.43 -9.13 0.00
C LEU A 36 0.62 -10.27 -0.67
N ARG A 37 0.93 -10.52 -1.97
CA ARG A 37 0.33 -11.63 -2.75
C ARG A 37 0.54 -13.02 -2.09
N GLU A 38 1.67 -13.19 -1.36
CA GLU A 38 2.02 -14.48 -0.69
C GLU A 38 1.05 -14.79 0.47
N LEU A 39 0.60 -13.71 1.16
CA LEU A 39 -0.15 -13.82 2.43
C LEU A 39 -1.68 -13.64 2.24
N VAL A 40 -2.15 -13.39 1.00
CA VAL A 40 -3.59 -13.18 0.71
C VAL A 40 -4.20 -14.35 -0.13
N PRO A 41 -5.00 -15.27 0.52
CA PRO A 41 -5.83 -16.28 -0.21
C PRO A 41 -7.15 -15.69 -0.77
N GLY A 42 -7.44 -14.40 -0.44
CA GLY A 42 -8.62 -13.69 -0.95
C GLY A 42 -8.47 -13.14 -2.39
N VAL A 43 -7.44 -13.61 -3.11
CA VAL A 43 -7.25 -13.34 -4.54
C VAL A 43 -8.08 -14.34 -5.41
N PRO A 44 -8.92 -13.84 -6.38
CA PRO A 44 -9.62 -14.75 -7.36
C PRO A 44 -8.64 -15.42 -8.36
N ARG A 45 -9.16 -16.38 -9.16
CA ARG A 45 -8.41 -16.99 -10.28
C ARG A 45 -8.27 -15.99 -11.45
N GLY A 46 -9.29 -15.12 -11.63
CA GLY A 46 -9.21 -13.98 -12.54
C GLY A 46 -8.69 -12.71 -11.84
N THR A 47 -9.02 -11.54 -12.40
CA THR A 47 -8.63 -10.20 -11.88
C THR A 47 -7.10 -9.97 -11.97
N GLN A 48 -6.67 -9.19 -12.98
CA GLN A 48 -5.27 -8.74 -13.11
C GLN A 48 -4.91 -7.76 -11.96
N LEU A 49 -4.09 -8.22 -11.02
CA LEU A 49 -3.72 -7.44 -9.82
C LEU A 49 -2.73 -6.29 -10.15
N SER A 50 -3.27 -5.08 -10.36
CA SER A 50 -2.47 -3.84 -10.37
C SER A 50 -2.04 -3.49 -8.93
N GLN A 51 -1.02 -2.64 -8.78
CA GLN A 51 -0.47 -2.20 -7.46
C GLN A 51 -1.58 -1.74 -6.46
N VAL A 52 -2.61 -1.03 -6.97
CA VAL A 52 -3.77 -0.58 -6.17
C VAL A 52 -4.70 -1.77 -5.81
N GLU A 53 -4.97 -2.65 -6.80
CA GLU A 53 -5.84 -3.85 -6.64
C GLU A 53 -5.29 -4.83 -5.58
N ILE A 54 -3.94 -4.92 -5.49
CA ILE A 54 -3.24 -5.71 -4.46
C ILE A 54 -3.61 -5.22 -3.05
N LEU A 55 -3.49 -3.89 -2.82
CA LEU A 55 -3.88 -3.27 -1.53
C LEU A 55 -5.34 -3.56 -1.17
N GLN A 56 -6.24 -3.46 -2.17
CA GLN A 56 -7.68 -3.77 -1.99
C GLN A 56 -7.90 -5.24 -1.55
N ARG A 57 -7.12 -6.18 -2.12
CA ARG A 57 -7.16 -7.61 -1.73
C ARG A 57 -6.68 -7.81 -0.26
N VAL A 58 -5.65 -7.04 0.14
CA VAL A 58 -5.09 -7.09 1.51
C VAL A 58 -6.08 -6.53 2.56
N ILE A 59 -6.71 -5.38 2.25
CA ILE A 59 -7.68 -4.70 3.15
C ILE A 59 -8.87 -5.63 3.50
N ASP A 60 -9.48 -6.22 2.46
CA ASP A 60 -10.58 -7.20 2.61
C ASP A 60 -10.11 -8.50 3.32
N TYR A 61 -8.87 -8.93 3.05
CA TYR A 61 -8.22 -10.07 3.76
C TYR A 61 -8.17 -9.83 5.28
N ILE A 62 -7.71 -8.63 5.68
CA ILE A 62 -7.59 -8.23 7.09
C ILE A 62 -9.00 -8.12 7.76
N LEU A 63 -10.04 -7.80 6.97
CA LEU A 63 -11.45 -7.78 7.45
C LEU A 63 -11.99 -9.21 7.74
N ASP A 64 -11.50 -10.22 6.99
CA ASP A 64 -11.84 -11.64 7.25
C ASP A 64 -11.23 -12.13 8.59
N LEU A 65 -10.08 -11.55 8.95
CA LEU A 65 -9.38 -11.86 10.21
C LEU A 65 -10.02 -11.08 11.40
N GLN A 66 -10.27 -9.78 11.19
CA GLN A 66 -10.88 -8.90 12.20
C GLN A 66 -12.42 -9.06 12.20
N VAL A 67 -12.91 -9.89 13.12
CA VAL A 67 -14.34 -10.23 13.23
C VAL A 67 -15.06 -9.18 14.11
N VAL A 68 -15.61 -8.15 13.45
CA VAL A 68 -16.39 -7.09 14.11
C VAL A 68 -17.86 -7.55 14.42
N MET B 1 23.57 -23.74 5.06
CA MET B 1 24.70 -23.71 4.10
C MET B 1 25.39 -22.33 4.16
N GLY B 2 26.62 -22.29 4.73
CA GLY B 2 27.35 -21.03 4.98
C GLY B 2 28.10 -20.48 3.76
N HIS B 3 27.33 -20.07 2.75
CA HIS B 3 27.84 -19.45 1.50
C HIS B 3 26.67 -18.79 0.73
N HIS B 4 27.00 -17.93 -0.24
CA HIS B 4 26.01 -17.29 -1.14
C HIS B 4 26.67 -16.91 -2.49
N HIS B 5 25.85 -16.76 -3.54
CA HIS B 5 26.31 -16.27 -4.87
C HIS B 5 25.82 -14.81 -5.08
N HIS B 6 25.73 -14.06 -3.96
CA HIS B 6 25.10 -12.73 -3.89
C HIS B 6 23.60 -12.84 -4.26
N HIS B 7 22.79 -13.24 -3.27
CA HIS B 7 21.32 -13.32 -3.42
C HIS B 7 20.69 -11.91 -3.24
N HIS B 8 19.83 -11.53 -4.20
CA HIS B 8 19.21 -10.18 -4.27
C HIS B 8 17.94 -10.09 -3.37
N SER B 9 17.94 -10.83 -2.25
CA SER B 9 16.80 -10.91 -1.31
C SER B 9 16.87 -9.78 -0.25
N HIS B 10 17.00 -8.53 -0.73
CA HIS B 10 16.97 -7.32 0.13
C HIS B 10 15.58 -7.16 0.83
N MET B 11 15.49 -7.71 2.06
CA MET B 11 14.22 -7.89 2.81
C MET B 11 13.56 -6.54 3.20
N GLY B 12 14.34 -5.67 3.84
CA GLY B 12 13.86 -4.35 4.30
C GLY B 12 14.96 -3.50 4.91
N GLY B 13 14.60 -2.30 5.41
CA GLY B 13 15.58 -1.34 5.94
C GLY B 13 16.20 -0.48 4.83
N GLY B 14 15.33 0.24 4.10
CA GLY B 14 15.74 1.10 2.98
C GLY B 14 14.90 2.36 2.87
N LYS B 15 15.28 3.37 3.69
CA LYS B 15 14.54 4.65 3.81
C LYS B 15 15.46 5.85 3.47
N GLY B 16 14.89 7.07 3.47
CA GLY B 16 15.64 8.30 3.15
C GLY B 16 14.89 9.55 3.58
N PRO B 17 15.08 10.73 2.90
CA PRO B 17 14.30 11.97 3.19
C PRO B 17 12.80 11.76 2.89
N ALA B 18 11.97 11.73 3.97
CA ALA B 18 10.52 11.41 3.89
C ALA B 18 9.73 12.43 3.04
N ALA B 19 9.64 12.13 1.73
CA ALA B 19 8.95 13.00 0.74
C ALA B 19 7.47 12.63 0.62
N GLU B 20 6.68 13.53 0.02
CA GLU B 20 5.22 13.35 -0.14
C GLU B 20 4.73 14.00 -1.46
N GLU B 21 3.81 13.30 -2.15
CA GLU B 21 3.11 13.84 -3.34
C GLU B 21 1.96 14.78 -2.89
N PRO B 22 1.70 15.91 -3.63
CA PRO B 22 0.77 16.99 -3.17
C PRO B 22 -0.74 16.67 -3.27
N LEU B 23 -1.08 15.40 -3.57
CA LEU B 23 -2.47 14.85 -3.62
C LEU B 23 -3.41 15.65 -4.57
N SER B 24 -3.63 15.12 -5.78
CA SER B 24 -4.55 15.71 -6.79
C SER B 24 -5.45 14.62 -7.38
N LEU B 25 -6.75 14.96 -7.62
CA LEU B 25 -7.82 13.97 -7.93
C LEU B 25 -8.01 13.00 -6.72
N LEU B 26 -8.67 11.85 -6.94
CA LEU B 26 -8.78 10.80 -5.90
C LEU B 26 -7.63 9.78 -6.05
N ASP B 27 -6.57 9.99 -5.25
CA ASP B 27 -5.42 9.07 -5.18
C ASP B 27 -5.83 7.77 -4.44
N ASP B 28 -6.42 6.83 -5.19
CA ASP B 28 -6.96 5.57 -4.62
C ASP B 28 -5.83 4.65 -4.10
N MET B 29 -4.62 4.78 -4.67
CA MET B 29 -3.37 4.20 -4.14
C MET B 29 -3.16 4.61 -2.65
N ASN B 30 -3.20 5.93 -2.43
CA ASN B 30 -2.98 6.55 -1.11
C ASN B 30 -4.21 6.41 -0.18
N HIS B 31 -5.41 6.27 -0.78
CA HIS B 31 -6.67 6.04 -0.05
C HIS B 31 -6.68 4.60 0.53
N CYS B 32 -6.18 3.64 -0.28
CA CYS B 32 -5.96 2.24 0.16
C CYS B 32 -4.90 2.16 1.29
N TYR B 33 -3.84 3.00 1.19
CA TYR B 33 -2.84 3.18 2.28
C TYR B 33 -3.47 3.73 3.57
N SER B 34 -4.45 4.64 3.42
CA SER B 34 -5.22 5.22 4.55
C SER B 34 -6.13 4.16 5.21
N ARG B 35 -6.65 3.23 4.38
CA ARG B 35 -7.48 2.08 4.85
C ARG B 35 -6.65 1.01 5.56
N LEU B 36 -5.39 0.83 5.13
CA LEU B 36 -4.39 0.01 5.84
C LEU B 36 -4.09 0.63 7.23
N ARG B 37 -3.88 1.96 7.24
CA ARG B 37 -3.64 2.76 8.47
C ARG B 37 -4.79 2.58 9.51
N GLU B 38 -6.00 2.24 9.02
CA GLU B 38 -7.18 1.95 9.87
C GLU B 38 -7.07 0.56 10.54
N LEU B 39 -6.58 -0.43 9.76
CA LEU B 39 -6.59 -1.87 10.14
C LEU B 39 -5.26 -2.36 10.78
N VAL B 40 -4.20 -1.52 10.77
CA VAL B 40 -2.86 -1.92 11.30
C VAL B 40 -2.55 -1.21 12.65
N PRO B 41 -2.69 -1.94 13.82
CA PRO B 41 -2.18 -1.46 15.15
C PRO B 41 -0.64 -1.58 15.27
N GLY B 42 -0.01 -2.22 14.25
CA GLY B 42 1.45 -2.27 14.11
C GLY B 42 2.07 -0.90 13.85
N VAL B 43 1.25 0.10 13.47
CA VAL B 43 1.65 1.52 13.39
C VAL B 43 2.00 2.05 14.81
N PRO B 44 3.27 2.54 15.04
CA PRO B 44 3.74 2.91 16.41
C PRO B 44 3.00 4.15 16.98
N ARG B 45 1.94 3.88 17.76
CA ARG B 45 1.01 4.89 18.35
C ARG B 45 0.37 5.81 17.26
N GLY B 46 1.10 6.86 16.85
CA GLY B 46 0.71 7.74 15.74
C GLY B 46 1.73 7.66 14.59
N THR B 47 2.74 8.56 14.63
CA THR B 47 3.95 8.53 13.77
C THR B 47 3.65 8.48 12.24
N GLN B 48 3.86 9.62 11.56
CA GLN B 48 3.73 9.70 10.08
C GLN B 48 4.76 8.78 9.36
N LEU B 49 4.25 7.70 8.75
CA LEU B 49 5.07 6.70 8.03
C LEU B 49 5.26 7.08 6.53
N SER B 50 6.06 6.25 5.81
CA SER B 50 6.22 6.36 4.33
C SER B 50 5.32 5.32 3.61
N GLN B 51 5.20 5.45 2.28
CA GLN B 51 4.39 4.52 1.44
C GLN B 51 4.95 3.08 1.48
N VAL B 52 6.30 2.96 1.41
CA VAL B 52 7.00 1.65 1.50
C VAL B 52 6.94 1.09 2.94
N GLU B 53 7.05 2.00 3.93
CA GLU B 53 6.93 1.69 5.39
C GLU B 53 5.60 0.98 5.71
N ILE B 54 4.49 1.51 5.14
CA ILE B 54 3.17 0.90 5.28
C ILE B 54 3.15 -0.54 4.70
N LEU B 55 3.65 -0.71 3.45
CA LEU B 55 3.71 -2.03 2.76
C LEU B 55 4.41 -3.12 3.62
N GLN B 56 5.62 -2.80 4.10
CA GLN B 56 6.45 -3.72 4.91
C GLN B 56 5.84 -3.98 6.30
N ARG B 57 5.20 -2.94 6.87
CA ARG B 57 4.54 -3.02 8.19
C ARG B 57 3.22 -3.83 8.13
N VAL B 58 2.56 -3.82 6.96
CA VAL B 58 1.36 -4.64 6.70
C VAL B 58 1.74 -6.13 6.53
N ILE B 59 2.86 -6.39 5.81
CA ILE B 59 3.45 -7.76 5.73
C ILE B 59 3.77 -8.28 7.15
N ASP B 60 4.52 -7.46 7.92
CA ASP B 60 4.91 -7.73 9.32
C ASP B 60 3.68 -7.89 10.26
N TYR B 61 2.60 -7.13 9.96
CA TYR B 61 1.30 -7.24 10.68
C TYR B 61 0.67 -8.64 10.48
N ILE B 62 0.60 -9.08 9.22
CA ILE B 62 0.04 -10.40 8.87
C ILE B 62 0.92 -11.55 9.45
N LEU B 63 2.25 -11.35 9.42
CA LEU B 63 3.23 -12.30 10.02
C LEU B 63 3.13 -12.30 11.56
N ASP B 64 2.71 -11.17 12.16
CA ASP B 64 2.45 -11.05 13.61
C ASP B 64 1.19 -11.87 14.01
N LEU B 65 0.20 -11.91 13.11
CA LEU B 65 -1.03 -12.73 13.28
C LEU B 65 -0.72 -14.24 13.10
N GLN B 66 0.20 -14.53 12.17
CA GLN B 66 0.62 -15.92 11.81
C GLN B 66 1.81 -16.41 12.68
N VAL B 67 2.07 -17.74 12.63
CA VAL B 67 3.21 -18.35 13.35
C VAL B 67 4.48 -18.32 12.47
N VAL B 68 5.37 -17.35 12.74
CA VAL B 68 6.63 -17.13 11.96
C VAL B 68 7.91 -17.36 12.82
N MET A 1 14.81 -23.93 40.19
CA MET A 1 14.53 -22.83 39.23
C MET A 1 14.80 -23.29 37.77
N GLY A 2 13.87 -23.00 36.85
CA GLY A 2 13.99 -23.38 35.44
C GLY A 2 12.85 -22.85 34.58
N HIS A 3 12.97 -21.60 34.09
CA HIS A 3 11.91 -20.91 33.32
C HIS A 3 12.50 -19.95 32.25
N HIS A 4 11.72 -19.69 31.20
CA HIS A 4 12.02 -18.67 30.17
C HIS A 4 11.10 -17.43 30.35
N HIS A 5 11.67 -16.25 30.06
CA HIS A 5 10.96 -14.94 30.14
C HIS A 5 9.99 -14.74 28.95
N HIS A 6 9.17 -13.66 29.02
CA HIS A 6 8.14 -13.36 27.99
C HIS A 6 8.01 -11.84 27.75
N HIS A 7 7.96 -11.44 26.46
CA HIS A 7 7.72 -10.05 26.02
C HIS A 7 6.24 -9.85 25.63
N HIS A 8 5.70 -8.66 25.93
CA HIS A 8 4.28 -8.32 25.71
C HIS A 8 4.10 -6.77 25.57
N SER A 9 4.09 -6.29 24.32
CA SER A 9 3.93 -4.84 24.00
C SER A 9 3.13 -4.67 22.69
N HIS A 10 1.96 -4.01 22.78
CA HIS A 10 1.03 -3.82 21.64
C HIS A 10 0.27 -2.47 21.77
N MET A 11 0.79 -1.42 21.10
CA MET A 11 0.21 -0.06 21.16
C MET A 11 0.72 0.79 19.96
N GLY A 12 -0.10 0.87 18.90
CA GLY A 12 0.18 1.72 17.73
C GLY A 12 -0.86 2.83 17.56
N GLY A 13 -0.90 3.43 16.36
CA GLY A 13 -1.89 4.49 16.01
C GLY A 13 -1.54 5.87 16.56
N GLY A 14 -1.73 6.90 15.73
CA GLY A 14 -1.48 8.30 16.13
C GLY A 14 -1.35 9.26 14.96
N LYS A 15 -0.93 10.49 15.28
CA LYS A 15 -0.76 11.61 14.32
C LYS A 15 0.68 12.16 14.37
N GLY A 16 1.39 12.16 13.23
CA GLY A 16 2.75 12.72 13.14
C GLY A 16 3.05 13.38 11.79
N PRO A 17 4.31 13.83 11.53
CA PRO A 17 4.70 14.45 10.22
C PRO A 17 4.84 13.37 9.10
N ALA A 18 3.95 13.44 8.07
CA ALA A 18 3.84 12.42 6.99
C ALA A 18 5.19 12.19 6.24
N ALA A 19 5.91 11.13 6.66
CA ALA A 19 7.26 10.80 6.13
C ALA A 19 7.14 9.94 4.85
N GLU A 20 7.14 10.60 3.67
CA GLU A 20 7.03 9.93 2.35
C GLU A 20 8.12 10.40 1.36
N GLU A 21 8.39 9.57 0.35
CA GLU A 21 9.31 9.90 -0.77
C GLU A 21 8.82 9.21 -2.07
N PRO A 22 9.02 9.82 -3.28
CA PRO A 22 8.58 9.23 -4.57
C PRO A 22 9.50 8.09 -5.09
N LEU A 23 9.18 7.58 -6.31
CA LEU A 23 9.99 6.54 -6.99
C LEU A 23 11.37 7.11 -7.41
N SER A 24 12.37 6.91 -6.54
CA SER A 24 13.75 7.44 -6.71
C SER A 24 14.79 6.32 -6.52
N LEU A 25 14.64 5.57 -5.41
CA LEU A 25 15.48 4.39 -5.09
C LEU A 25 15.06 3.11 -5.87
N LEU A 26 15.74 1.98 -5.59
CA LEU A 26 15.42 0.65 -6.18
C LEU A 26 14.07 0.11 -5.62
N ASP A 27 13.30 -0.59 -6.48
CA ASP A 27 11.96 -1.16 -6.14
C ASP A 27 12.00 -2.18 -4.99
N ASP A 28 11.83 -1.68 -3.76
CA ASP A 28 11.46 -2.49 -2.58
C ASP A 28 9.94 -2.77 -2.62
N MET A 29 9.19 -1.79 -3.19
CA MET A 29 7.70 -1.79 -3.25
C MET A 29 7.15 -3.08 -3.90
N ASN A 30 7.68 -3.38 -5.10
CA ASN A 30 7.21 -4.51 -5.96
C ASN A 30 7.49 -5.89 -5.32
N HIS A 31 8.58 -5.99 -4.55
CA HIS A 31 8.90 -7.22 -3.77
C HIS A 31 7.94 -7.40 -2.58
N CYS A 32 7.62 -6.28 -1.90
CA CYS A 32 6.60 -6.24 -0.83
C CYS A 32 5.20 -6.61 -1.37
N TYR A 33 4.85 -6.10 -2.57
CA TYR A 33 3.57 -6.40 -3.27
C TYR A 33 3.44 -7.90 -3.61
N SER A 34 4.55 -8.51 -4.03
CA SER A 34 4.63 -9.96 -4.29
C SER A 34 4.38 -10.76 -2.98
N ARG A 35 5.06 -10.33 -1.91
CA ARG A 35 4.95 -10.94 -0.56
C ARG A 35 3.52 -10.80 0.03
N LEU A 36 2.82 -9.69 -0.34
CA LEU A 36 1.39 -9.48 -0.03
C LEU A 36 0.51 -10.52 -0.75
N ARG A 37 0.64 -10.58 -2.10
CA ARG A 37 -0.11 -11.53 -2.98
C ARG A 37 0.02 -13.02 -2.54
N GLU A 38 1.12 -13.34 -1.84
CA GLU A 38 1.41 -14.70 -1.35
C GLU A 38 0.68 -14.98 -0.01
N LEU A 39 0.49 -13.93 0.81
CA LEU A 39 -0.19 -14.01 2.12
C LEU A 39 -1.70 -13.63 2.03
N VAL A 40 -2.12 -13.04 0.88
CA VAL A 40 -3.52 -12.61 0.64
C VAL A 40 -4.29 -13.64 -0.25
N PRO A 41 -5.24 -14.45 0.34
CA PRO A 41 -6.12 -15.34 -0.45
C PRO A 41 -7.26 -14.60 -1.19
N GLY A 42 -7.35 -13.26 -1.00
CA GLY A 42 -8.28 -12.39 -1.74
C GLY A 42 -7.93 -12.25 -3.22
N VAL A 43 -6.65 -12.53 -3.58
CA VAL A 43 -6.18 -12.57 -4.98
C VAL A 43 -6.71 -13.86 -5.69
N PRO A 44 -7.67 -13.75 -6.68
CA PRO A 44 -8.32 -14.92 -7.36
C PRO A 44 -7.38 -15.81 -8.24
N ARG A 45 -6.05 -15.48 -8.28
CA ARG A 45 -5.02 -16.18 -9.09
C ARG A 45 -5.20 -15.93 -10.61
N GLY A 46 -4.13 -15.45 -11.28
CA GLY A 46 -4.23 -14.96 -12.67
C GLY A 46 -4.86 -13.57 -12.72
N THR A 47 -6.21 -13.54 -12.51
CA THR A 47 -7.09 -12.36 -12.18
C THR A 47 -6.93 -11.05 -13.02
N GLN A 48 -5.73 -10.43 -12.99
CA GLN A 48 -5.39 -9.09 -13.53
C GLN A 48 -5.68 -8.01 -12.45
N LEU A 49 -4.64 -7.72 -11.64
CA LEU A 49 -4.67 -6.70 -10.57
C LEU A 49 -3.45 -5.75 -10.74
N SER A 50 -3.69 -4.44 -10.77
CA SER A 50 -2.63 -3.41 -10.83
C SER A 50 -2.13 -3.05 -9.41
N GLN A 51 -1.12 -2.15 -9.31
CA GLN A 51 -0.52 -1.69 -8.03
C GLN A 51 -1.58 -1.26 -6.97
N VAL A 52 -2.56 -0.47 -7.43
CA VAL A 52 -3.69 0.02 -6.60
C VAL A 52 -4.66 -1.13 -6.22
N GLU A 53 -4.92 -2.03 -7.18
CA GLU A 53 -5.88 -3.15 -7.01
C GLU A 53 -5.35 -4.27 -6.09
N ILE A 54 -4.01 -4.41 -6.00
CA ILE A 54 -3.35 -5.28 -5.01
C ILE A 54 -3.65 -4.77 -3.57
N LEU A 55 -3.48 -3.45 -3.37
CA LEU A 55 -3.78 -2.77 -2.08
C LEU A 55 -5.24 -3.02 -1.60
N GLN A 56 -6.18 -2.98 -2.55
CA GLN A 56 -7.60 -3.30 -2.30
C GLN A 56 -7.77 -4.73 -1.75
N ARG A 57 -7.03 -5.69 -2.32
CA ARG A 57 -7.01 -7.11 -1.87
C ARG A 57 -6.33 -7.27 -0.49
N VAL A 58 -5.34 -6.42 -0.20
CA VAL A 58 -4.66 -6.37 1.11
C VAL A 58 -5.64 -5.89 2.22
N ILE A 59 -6.52 -4.94 1.87
CA ILE A 59 -7.65 -4.53 2.73
C ILE A 59 -8.61 -5.71 2.94
N ASP A 60 -9.02 -6.37 1.82
CA ASP A 60 -9.91 -7.56 1.83
C ASP A 60 -9.40 -8.67 2.78
N TYR A 61 -8.08 -8.90 2.75
CA TYR A 61 -7.39 -9.88 3.61
C TYR A 61 -7.67 -9.61 5.11
N ILE A 62 -7.43 -8.36 5.52
CA ILE A 62 -7.62 -7.94 6.92
C ILE A 62 -9.13 -7.94 7.30
N LEU A 63 -10.02 -7.64 6.32
CA LEU A 63 -11.49 -7.70 6.52
C LEU A 63 -11.96 -9.15 6.81
N ASP A 64 -11.32 -10.13 6.13
CA ASP A 64 -11.55 -11.57 6.38
C ASP A 64 -11.03 -11.99 7.79
N LEU A 65 -9.94 -11.34 8.25
CA LEU A 65 -9.38 -11.59 9.62
C LEU A 65 -10.33 -11.05 10.72
N GLN A 66 -10.88 -9.85 10.49
CA GLN A 66 -11.73 -9.13 11.46
C GLN A 66 -13.16 -9.72 11.52
N VAL A 67 -13.89 -9.56 10.41
CA VAL A 67 -15.34 -9.88 10.32
C VAL A 67 -15.56 -11.22 9.57
N VAL A 68 -16.56 -12.01 10.01
CA VAL A 68 -16.94 -13.30 9.39
C VAL A 68 -17.66 -13.07 8.02
N MET B 1 26.51 -6.18 3.37
CA MET B 1 26.74 -5.91 1.92
C MET B 1 25.73 -4.86 1.39
N GLY B 2 26.16 -4.05 0.41
CA GLY B 2 25.31 -3.00 -0.17
C GLY B 2 26.04 -2.19 -1.25
N HIS B 3 25.39 -2.03 -2.43
CA HIS B 3 25.95 -1.26 -3.56
C HIS B 3 25.35 0.16 -3.63
N HIS B 4 26.20 1.20 -3.49
CA HIS B 4 25.81 2.59 -3.74
C HIS B 4 26.03 2.90 -5.25
N HIS B 5 25.06 2.47 -6.07
CA HIS B 5 25.08 2.65 -7.53
C HIS B 5 23.76 3.30 -8.00
N HIS B 6 22.63 2.77 -7.49
CA HIS B 6 21.28 3.33 -7.75
C HIS B 6 21.09 4.67 -6.96
N HIS B 7 20.94 5.78 -7.71
CA HIS B 7 20.70 7.13 -7.17
C HIS B 7 20.07 8.01 -8.26
N HIS B 8 18.87 8.55 -8.00
CA HIS B 8 18.13 9.41 -8.96
C HIS B 8 18.55 10.89 -8.80
N SER B 9 18.93 11.52 -9.93
CA SER B 9 19.31 12.96 -9.99
C SER B 9 18.33 13.75 -10.90
N HIS B 10 18.67 15.01 -11.26
CA HIS B 10 17.80 15.86 -12.13
C HIS B 10 17.65 15.29 -13.56
N MET B 11 16.43 15.39 -14.10
CA MET B 11 16.06 14.87 -15.44
C MET B 11 14.98 15.76 -16.09
N GLY B 12 14.65 15.48 -17.36
CA GLY B 12 13.64 16.25 -18.12
C GLY B 12 14.07 17.68 -18.43
N GLY B 13 15.25 17.82 -19.06
CA GLY B 13 15.80 19.13 -19.43
C GLY B 13 15.01 19.84 -20.54
N GLY B 14 14.61 21.11 -20.29
CA GLY B 14 13.85 21.90 -21.27
C GLY B 14 12.37 22.09 -20.86
N LYS B 15 11.75 20.99 -20.37
CA LYS B 15 10.32 20.94 -19.91
C LYS B 15 9.31 21.14 -21.06
N GLY B 16 8.38 20.17 -21.21
CA GLY B 16 7.34 20.21 -22.26
C GLY B 16 6.16 21.15 -21.97
N PRO B 17 5.02 21.01 -22.72
CA PRO B 17 3.83 21.91 -22.58
C PRO B 17 2.91 21.55 -21.36
N ALA B 18 3.50 21.48 -20.14
CA ALA B 18 2.76 21.22 -18.89
C ALA B 18 2.01 22.48 -18.41
N ALA B 19 0.91 22.81 -19.10
CA ALA B 19 0.09 24.01 -18.83
C ALA B 19 -0.95 23.74 -17.73
N GLU B 20 -1.74 22.69 -17.94
CA GLU B 20 -2.82 22.24 -17.03
C GLU B 20 -2.27 21.54 -15.76
N GLU B 21 -3.18 21.15 -14.86
CA GLU B 21 -2.86 20.42 -13.61
C GLU B 21 -2.38 18.95 -13.90
N PRO B 22 -1.64 18.28 -12.94
CA PRO B 22 -1.22 16.86 -13.10
C PRO B 22 -2.42 15.87 -13.25
N LEU B 23 -2.71 15.50 -14.51
CA LEU B 23 -3.86 14.61 -14.84
C LEU B 23 -3.48 13.12 -14.75
N SER B 24 -4.09 12.40 -13.79
CA SER B 24 -3.86 10.95 -13.59
C SER B 24 -5.19 10.25 -13.24
N LEU B 25 -5.63 10.39 -11.97
CA LEU B 25 -6.79 9.63 -11.42
C LEU B 25 -7.10 10.13 -9.98
N LEU B 26 -8.26 9.69 -9.43
CA LEU B 26 -8.56 9.83 -7.98
C LEU B 26 -7.59 8.93 -7.17
N ASP B 27 -7.13 9.40 -5.99
CA ASP B 27 -6.17 8.66 -5.13
C ASP B 27 -6.85 7.47 -4.39
N ASP B 28 -7.14 6.40 -5.17
CA ASP B 28 -7.66 5.14 -4.63
C ASP B 28 -6.52 4.39 -3.90
N MET B 29 -5.28 4.57 -4.41
CA MET B 29 -4.05 4.03 -3.80
C MET B 29 -3.82 4.59 -2.37
N ASN B 30 -3.88 5.94 -2.23
CA ASN B 30 -3.71 6.60 -0.90
C ASN B 30 -4.92 6.31 0.04
N HIS B 31 -6.12 6.16 -0.56
CA HIS B 31 -7.34 5.71 0.17
C HIS B 31 -7.12 4.31 0.79
N CYS B 32 -6.56 3.40 -0.04
CA CYS B 32 -6.20 2.03 0.37
C CYS B 32 -5.14 2.05 1.49
N TYR B 33 -4.07 2.84 1.27
CA TYR B 33 -2.97 3.04 2.25
C TYR B 33 -3.47 3.63 3.59
N SER B 34 -4.51 4.46 3.52
CA SER B 34 -5.16 5.05 4.72
C SER B 34 -5.87 3.96 5.55
N ARG B 35 -6.68 3.12 4.85
CA ARG B 35 -7.35 1.94 5.46
C ARG B 35 -6.34 0.94 6.08
N LEU B 36 -5.21 0.72 5.40
CA LEU B 36 -4.13 -0.15 5.91
C LEU B 36 -3.57 0.40 7.24
N ARG B 37 -3.25 1.71 7.25
CA ARG B 37 -2.79 2.41 8.48
C ARG B 37 -3.82 2.37 9.65
N GLU B 38 -5.10 2.11 9.32
CA GLU B 38 -6.19 1.99 10.33
C GLU B 38 -6.36 0.53 10.81
N LEU B 39 -6.21 -0.43 9.88
CA LEU B 39 -6.40 -1.87 10.15
C LEU B 39 -5.10 -2.54 10.69
N VAL B 40 -3.97 -1.81 10.59
CA VAL B 40 -2.66 -2.23 11.15
C VAL B 40 -2.37 -1.40 12.42
N PRO B 41 -2.55 -1.97 13.67
CA PRO B 41 -2.13 -1.31 14.94
C PRO B 41 -0.60 -1.39 15.21
N GLY B 42 0.21 -1.57 14.14
CA GLY B 42 1.68 -1.67 14.24
C GLY B 42 2.44 -0.41 13.80
N VAL B 43 1.70 0.68 13.48
CA VAL B 43 2.32 1.99 13.14
C VAL B 43 2.73 2.74 14.43
N PRO B 44 4.06 3.10 14.61
CA PRO B 44 4.61 3.62 15.90
C PRO B 44 4.07 5.02 16.35
N ARG B 45 2.85 4.98 16.97
CA ARG B 45 2.22 6.12 17.72
C ARG B 45 2.18 7.49 16.99
N GLY B 46 2.21 7.48 15.65
CA GLY B 46 2.08 8.72 14.84
C GLY B 46 3.29 8.98 13.96
N THR B 47 3.03 9.12 12.64
CA THR B 47 4.07 9.34 11.61
C THR B 47 3.44 9.52 10.20
N GLN B 48 2.34 8.78 9.95
CA GLN B 48 1.76 8.59 8.60
C GLN B 48 2.85 8.14 7.58
N LEU B 49 3.10 6.82 7.61
CA LEU B 49 4.21 6.16 6.89
C LEU B 49 4.21 6.42 5.36
N SER B 50 5.40 6.24 4.75
CA SER B 50 5.55 6.23 3.27
C SER B 50 4.84 5.02 2.66
N GLN B 51 4.48 5.13 1.37
CA GLN B 51 3.83 4.06 0.59
C GLN B 51 4.52 2.67 0.77
N VAL B 52 5.87 2.69 0.81
CA VAL B 52 6.68 1.47 1.00
C VAL B 52 6.58 0.95 2.46
N GLU B 53 6.81 1.87 3.43
CA GLU B 53 6.78 1.57 4.89
C GLU B 53 5.43 0.96 5.35
N ILE B 54 4.32 1.41 4.72
CA ILE B 54 2.97 0.88 5.00
C ILE B 54 2.87 -0.61 4.57
N LEU B 55 3.33 -0.92 3.33
CA LEU B 55 3.38 -2.32 2.81
C LEU B 55 4.12 -3.27 3.77
N GLN B 56 5.28 -2.78 4.26
CA GLN B 56 6.14 -3.53 5.18
C GLN B 56 5.44 -3.75 6.56
N ARG B 57 4.80 -2.69 7.11
CA ARG B 57 4.05 -2.76 8.40
C ARG B 57 2.82 -3.69 8.32
N VAL B 58 2.21 -3.81 7.12
CA VAL B 58 1.13 -4.80 6.88
C VAL B 58 1.69 -6.22 7.01
N ILE B 59 2.84 -6.47 6.38
CA ILE B 59 3.53 -7.78 6.45
C ILE B 59 3.98 -8.09 7.91
N ASP B 60 4.42 -7.06 8.65
CA ASP B 60 4.79 -7.19 10.09
C ASP B 60 3.56 -7.50 10.98
N TYR B 61 2.41 -6.92 10.60
CA TYR B 61 1.08 -7.20 11.22
C TYR B 61 0.71 -8.70 11.08
N ILE B 62 0.87 -9.22 9.85
CA ILE B 62 0.60 -10.63 9.53
C ILE B 62 1.54 -11.58 10.32
N LEU B 63 2.85 -11.28 10.28
CA LEU B 63 3.90 -12.04 10.99
C LEU B 63 3.72 -11.99 12.53
N ASP B 64 3.18 -10.86 13.04
CA ASP B 64 2.87 -10.70 14.48
C ASP B 64 1.77 -11.67 14.93
N LEU B 65 0.76 -11.87 14.06
CA LEU B 65 -0.35 -12.83 14.29
C LEU B 65 0.13 -14.30 14.22
N GLN B 66 0.95 -14.59 13.19
CA GLN B 66 1.44 -15.96 12.87
C GLN B 66 2.45 -16.50 13.92
N VAL B 67 3.49 -15.70 14.22
CA VAL B 67 4.62 -16.11 15.08
C VAL B 67 4.24 -16.10 16.58
N VAL B 68 4.50 -17.23 17.27
CA VAL B 68 4.32 -17.37 18.72
C VAL B 68 5.62 -16.93 19.48
N MET A 1 2.78 29.95 9.30
CA MET A 1 3.45 29.70 8.00
C MET A 1 2.98 28.38 7.37
N GLY A 2 2.50 28.45 6.12
CA GLY A 2 2.07 27.27 5.36
C GLY A 2 2.84 27.13 4.05
N HIS A 3 3.96 26.39 4.08
CA HIS A 3 4.83 26.17 2.90
C HIS A 3 4.11 25.33 1.81
N HIS A 4 4.41 25.65 0.55
CA HIS A 4 3.81 24.97 -0.62
C HIS A 4 4.80 23.95 -1.23
N HIS A 5 4.57 22.67 -0.96
CA HIS A 5 5.43 21.55 -1.44
C HIS A 5 4.99 21.06 -2.86
N HIS A 6 5.13 21.95 -3.87
CA HIS A 6 4.76 21.64 -5.27
C HIS A 6 5.89 20.89 -5.99
N HIS A 7 5.87 19.55 -5.89
CA HIS A 7 6.76 18.65 -6.64
C HIS A 7 5.97 17.39 -7.02
N HIS A 8 5.88 17.10 -8.33
CA HIS A 8 5.13 15.94 -8.85
C HIS A 8 5.87 14.61 -8.53
N SER A 9 5.57 14.02 -7.38
CA SER A 9 6.01 12.66 -7.00
C SER A 9 4.85 11.68 -7.23
N HIS A 10 4.73 11.18 -8.47
CA HIS A 10 3.68 10.19 -8.83
C HIS A 10 3.98 8.83 -8.17
N MET A 11 5.14 8.22 -8.57
CA MET A 11 5.67 6.95 -8.01
C MET A 11 4.79 5.71 -8.38
N GLY A 12 5.43 4.53 -8.52
CA GLY A 12 4.70 3.26 -8.73
C GLY A 12 5.42 2.29 -9.67
N GLY A 13 4.68 1.26 -10.14
CA GLY A 13 5.20 0.24 -11.05
C GLY A 13 4.18 -0.89 -11.32
N GLY A 14 4.37 -1.65 -12.41
CA GLY A 14 3.43 -2.73 -12.80
C GLY A 14 4.08 -4.09 -13.01
N LYS A 15 5.42 -4.11 -13.20
CA LYS A 15 6.17 -5.36 -13.46
C LYS A 15 7.03 -5.75 -12.25
N GLY A 16 8.20 -5.09 -12.09
CA GLY A 16 9.18 -5.45 -11.05
C GLY A 16 9.95 -6.75 -11.39
N PRO A 17 11.33 -6.75 -11.39
CA PRO A 17 12.14 -7.95 -11.73
C PRO A 17 11.86 -9.15 -10.77
N ALA A 18 11.53 -10.32 -11.34
CA ALA A 18 11.16 -11.53 -10.58
C ALA A 18 12.35 -12.04 -9.72
N ALA A 19 12.37 -11.60 -8.45
CA ALA A 19 13.47 -11.90 -7.49
C ALA A 19 12.91 -12.25 -6.09
N GLU A 20 13.76 -12.78 -5.21
CA GLU A 20 13.36 -13.28 -3.88
C GLU A 20 14.48 -13.02 -2.83
N GLU A 21 14.18 -12.15 -1.84
CA GLU A 21 15.14 -11.74 -0.79
C GLU A 21 14.41 -11.05 0.40
N PRO A 22 15.05 -10.95 1.62
CA PRO A 22 14.44 -10.25 2.81
C PRO A 22 14.09 -8.76 2.56
N LEU A 23 13.20 -8.20 3.41
CA LEU A 23 12.75 -6.79 3.31
C LEU A 23 13.94 -5.80 3.48
N SER A 24 14.27 -5.11 2.39
CA SER A 24 15.42 -4.17 2.30
C SER A 24 15.19 -3.20 1.12
N LEU A 25 15.65 -1.93 1.28
CA LEU A 25 15.44 -0.84 0.27
C LEU A 25 16.04 -1.20 -1.12
N LEU A 26 15.54 -0.53 -2.20
CA LEU A 26 15.71 -0.89 -3.64
C LEU A 26 14.73 -2.02 -4.00
N ASP A 27 13.70 -1.67 -4.81
CA ASP A 27 12.61 -2.60 -5.21
C ASP A 27 11.90 -3.24 -4.01
N ASP A 28 11.97 -2.61 -2.82
CA ASP A 28 11.31 -3.13 -1.60
C ASP A 28 9.78 -3.15 -1.78
N MET A 29 9.24 -2.17 -2.53
CA MET A 29 7.82 -2.13 -2.96
C MET A 29 7.47 -3.35 -3.86
N ASN A 30 8.40 -3.74 -4.77
CA ASN A 30 8.25 -4.94 -5.63
C ASN A 30 8.21 -6.24 -4.77
N HIS A 31 9.19 -6.38 -3.86
CA HIS A 31 9.31 -7.55 -2.95
C HIS A 31 8.14 -7.63 -1.94
N CYS A 32 7.66 -6.44 -1.49
CA CYS A 32 6.49 -6.31 -0.60
C CYS A 32 5.20 -6.77 -1.30
N TYR A 33 4.91 -6.18 -2.47
CA TYR A 33 3.72 -6.53 -3.30
C TYR A 33 3.70 -8.02 -3.72
N SER A 34 4.89 -8.58 -3.99
CA SER A 34 5.05 -10.02 -4.32
C SER A 34 4.63 -10.91 -3.12
N ARG A 35 5.17 -10.58 -1.94
CA ARG A 35 4.88 -11.27 -0.66
C ARG A 35 3.38 -11.16 -0.27
N LEU A 36 2.78 -9.97 -0.53
CA LEU A 36 1.35 -9.71 -0.28
C LEU A 36 0.47 -10.65 -1.15
N ARG A 37 0.74 -10.72 -2.47
CA ARG A 37 -0.01 -11.59 -3.42
C ARG A 37 0.02 -13.10 -3.02
N GLU A 38 1.05 -13.47 -2.23
CA GLU A 38 1.26 -14.88 -1.79
C GLU A 38 0.50 -15.18 -0.49
N LEU A 39 0.35 -14.15 0.38
CA LEU A 39 -0.38 -14.25 1.66
C LEU A 39 -1.90 -13.98 1.49
N VAL A 40 -2.25 -13.21 0.45
CA VAL A 40 -3.65 -12.80 0.18
C VAL A 40 -4.37 -13.78 -0.78
N PRO A 41 -5.51 -14.42 -0.33
CA PRO A 41 -6.40 -15.20 -1.22
C PRO A 41 -7.35 -14.28 -2.06
N GLY A 42 -8.11 -14.88 -2.99
CA GLY A 42 -9.00 -14.13 -3.89
C GLY A 42 -8.27 -13.45 -5.06
N VAL A 43 -6.95 -13.72 -5.21
CA VAL A 43 -6.13 -13.24 -6.35
C VAL A 43 -6.17 -14.31 -7.48
N PRO A 44 -6.83 -14.03 -8.65
CA PRO A 44 -6.87 -14.99 -9.80
C PRO A 44 -5.47 -15.16 -10.46
N ARG A 45 -5.10 -16.42 -10.75
CA ARG A 45 -3.79 -16.77 -11.37
C ARG A 45 -3.65 -16.21 -12.80
N GLY A 46 -4.78 -16.12 -13.52
CA GLY A 46 -4.80 -15.49 -14.86
C GLY A 46 -5.10 -13.98 -14.81
N THR A 47 -4.79 -13.31 -13.68
CA THR A 47 -4.97 -11.84 -13.50
C THR A 47 -3.79 -11.24 -12.73
N GLN A 48 -2.88 -10.55 -13.45
CA GLN A 48 -1.75 -9.82 -12.84
C GLN A 48 -2.24 -8.47 -12.27
N LEU A 49 -2.56 -8.45 -10.96
CA LEU A 49 -2.95 -7.22 -10.24
C LEU A 49 -1.79 -6.19 -10.22
N SER A 50 -2.06 -4.95 -10.62
CA SER A 50 -1.03 -3.92 -10.87
C SER A 50 -0.51 -3.26 -9.56
N GLN A 51 -1.31 -2.31 -8.99
CA GLN A 51 -0.90 -1.52 -7.80
C GLN A 51 -2.04 -1.45 -6.77
N VAL A 52 -3.08 -0.67 -7.08
CA VAL A 52 -4.19 -0.38 -6.13
C VAL A 52 -5.08 -1.63 -5.94
N GLU A 53 -5.21 -2.44 -7.00
CA GLU A 53 -5.89 -3.75 -6.98
C GLU A 53 -5.32 -4.66 -5.86
N ILE A 54 -3.96 -4.69 -5.75
CA ILE A 54 -3.26 -5.45 -4.70
C ILE A 54 -3.62 -4.89 -3.31
N LEU A 55 -3.52 -3.55 -3.14
CA LEU A 55 -3.84 -2.84 -1.88
C LEU A 55 -5.25 -3.20 -1.35
N GLN A 56 -6.25 -3.11 -2.24
CA GLN A 56 -7.65 -3.44 -1.95
C GLN A 56 -7.82 -4.90 -1.50
N ARG A 57 -7.14 -5.83 -2.21
CA ARG A 57 -7.12 -7.27 -1.87
C ARG A 57 -6.47 -7.53 -0.49
N VAL A 58 -5.42 -6.77 -0.14
CA VAL A 58 -4.76 -6.88 1.18
C VAL A 58 -5.73 -6.44 2.30
N ILE A 59 -6.48 -5.34 2.06
CA ILE A 59 -7.51 -4.85 3.00
C ILE A 59 -8.62 -5.92 3.19
N ASP A 60 -9.08 -6.53 2.06
CA ASP A 60 -10.09 -7.64 2.08
C ASP A 60 -9.60 -8.82 2.94
N TYR A 61 -8.33 -9.19 2.74
CA TYR A 61 -7.63 -10.22 3.53
C TYR A 61 -7.62 -9.87 5.04
N ILE A 62 -7.35 -8.60 5.37
CA ILE A 62 -7.34 -8.11 6.76
C ILE A 62 -8.80 -8.06 7.33
N LEU A 63 -9.82 -7.91 6.46
CA LEU A 63 -11.24 -8.02 6.86
C LEU A 63 -11.61 -9.47 7.25
N ASP A 64 -10.93 -10.47 6.66
CA ASP A 64 -11.01 -11.88 7.09
C ASP A 64 -10.33 -12.10 8.46
N LEU A 65 -9.25 -11.33 8.73
CA LEU A 65 -8.53 -11.36 10.03
C LEU A 65 -9.36 -10.69 11.15
N GLN A 66 -10.02 -9.58 10.81
CA GLN A 66 -10.86 -8.78 11.74
C GLN A 66 -12.35 -9.23 11.69
N VAL A 67 -13.17 -8.74 12.64
CA VAL A 67 -14.63 -9.05 12.68
C VAL A 67 -15.43 -8.08 11.77
N VAL A 68 -16.05 -8.64 10.71
CA VAL A 68 -16.92 -7.87 9.77
C VAL A 68 -18.31 -7.61 10.42
N MET B 1 13.23 32.77 -27.63
CA MET B 1 12.42 33.87 -28.23
C MET B 1 11.62 34.63 -27.14
N GLY B 2 11.23 35.88 -27.45
CA GLY B 2 10.55 36.78 -26.50
C GLY B 2 11.42 38.00 -26.17
N HIS B 3 11.51 38.94 -27.12
CA HIS B 3 12.39 40.12 -27.03
C HIS B 3 11.76 41.32 -27.80
N HIS B 4 11.88 42.52 -27.20
CA HIS B 4 11.36 43.78 -27.78
C HIS B 4 12.50 44.81 -27.96
N HIS B 5 12.15 46.06 -28.33
CA HIS B 5 13.12 47.17 -28.41
C HIS B 5 13.69 47.48 -27.01
N HIS B 6 14.90 46.94 -26.72
CA HIS B 6 15.60 47.01 -25.39
C HIS B 6 14.97 46.08 -24.31
N HIS B 7 13.61 46.09 -24.19
CA HIS B 7 12.85 45.23 -23.25
C HIS B 7 13.02 43.72 -23.57
N HIS B 8 14.00 43.07 -22.90
CA HIS B 8 14.22 41.60 -23.00
C HIS B 8 13.52 40.85 -21.84
N SER B 9 13.12 41.59 -20.80
CA SER B 9 12.54 41.02 -19.56
C SER B 9 11.02 41.32 -19.44
N HIS B 10 10.35 40.59 -18.52
CA HIS B 10 8.91 40.76 -18.21
C HIS B 10 8.64 40.41 -16.73
N MET B 11 7.99 41.34 -16.00
CA MET B 11 7.61 41.16 -14.58
C MET B 11 6.19 40.54 -14.47
N GLY B 12 6.09 39.43 -13.72
CA GLY B 12 4.80 38.79 -13.40
C GLY B 12 4.38 39.01 -11.93
N GLY B 13 3.69 40.15 -11.67
CA GLY B 13 3.28 40.55 -10.31
C GLY B 13 2.01 39.84 -9.82
N GLY B 14 2.15 38.57 -9.40
CA GLY B 14 1.03 37.77 -8.84
C GLY B 14 -0.08 37.45 -9.84
N LYS B 15 -1.05 38.39 -9.94
CA LYS B 15 -2.20 38.36 -10.89
C LYS B 15 -3.19 37.20 -10.59
N GLY B 16 -2.82 35.94 -10.97
CA GLY B 16 -3.69 34.77 -10.80
C GLY B 16 -3.95 34.41 -9.32
N PRO B 17 -5.24 34.08 -8.92
CA PRO B 17 -5.58 33.73 -7.51
C PRO B 17 -4.97 32.38 -7.04
N ALA B 18 -4.66 32.29 -5.74
CA ALA B 18 -3.99 31.10 -5.15
C ALA B 18 -4.96 29.89 -5.02
N ALA B 19 -5.02 29.07 -6.07
CA ALA B 19 -5.79 27.80 -6.11
C ALA B 19 -4.90 26.58 -5.75
N GLU B 20 -3.83 26.83 -4.97
CA GLU B 20 -2.83 25.81 -4.58
C GLU B 20 -3.38 24.93 -3.43
N GLU B 21 -4.12 23.86 -3.79
CA GLU B 21 -4.84 23.00 -2.83
C GLU B 21 -4.41 21.52 -2.94
N PRO B 22 -4.52 20.71 -1.81
CA PRO B 22 -4.18 19.26 -1.83
C PRO B 22 -5.30 18.39 -2.48
N LEU B 23 -5.17 17.06 -2.27
CA LEU B 23 -6.13 16.02 -2.71
C LEU B 23 -6.17 15.84 -4.26
N SER B 24 -5.75 14.66 -4.71
CA SER B 24 -5.76 14.26 -6.13
C SER B 24 -7.16 13.73 -6.53
N LEU B 25 -8.17 14.65 -6.52
CA LEU B 25 -9.58 14.40 -6.93
C LEU B 25 -10.35 13.46 -5.95
N LEU B 26 -10.00 12.17 -5.93
CA LEU B 26 -10.63 11.15 -5.04
C LEU B 26 -9.57 10.52 -4.10
N ASP B 27 -8.34 10.32 -4.65
CA ASP B 27 -7.20 9.67 -3.96
C ASP B 27 -7.51 8.18 -3.64
N ASP B 28 -7.63 7.33 -4.68
CA ASP B 28 -7.99 5.90 -4.51
C ASP B 28 -6.84 5.08 -3.84
N MET B 29 -5.62 5.17 -4.42
CA MET B 29 -4.39 4.55 -3.85
C MET B 29 -4.10 5.08 -2.42
N ASN B 30 -4.19 6.41 -2.25
CA ASN B 30 -3.95 7.10 -0.97
C ASN B 30 -5.00 6.67 0.11
N HIS B 31 -6.25 6.47 -0.33
CA HIS B 31 -7.35 6.02 0.56
C HIS B 31 -7.14 4.55 0.99
N CYS B 32 -6.75 3.69 0.04
CA CYS B 32 -6.45 2.25 0.29
C CYS B 32 -5.22 2.07 1.22
N TYR B 33 -4.21 2.93 1.04
CA TYR B 33 -3.00 2.97 1.91
C TYR B 33 -3.35 3.42 3.35
N SER B 34 -4.25 4.42 3.46
CA SER B 34 -4.78 4.89 4.77
C SER B 34 -5.65 3.81 5.44
N ARG B 35 -6.43 3.10 4.60
CA ARG B 35 -7.38 2.04 5.01
C ARG B 35 -6.63 0.80 5.57
N LEU B 36 -5.40 0.57 5.06
CA LEU B 36 -4.44 -0.37 5.68
C LEU B 36 -4.10 0.10 7.13
N ARG B 37 -3.64 1.37 7.22
CA ARG B 37 -3.20 2.01 8.49
C ARG B 37 -4.31 2.14 9.55
N GLU B 38 -5.58 2.02 9.15
CA GLU B 38 -6.73 2.04 10.08
C GLU B 38 -6.75 0.78 10.96
N LEU B 39 -6.52 -0.37 10.31
CA LEU B 39 -6.53 -1.71 10.95
C LEU B 39 -5.14 -2.09 11.52
N VAL B 40 -4.07 -1.43 11.03
CA VAL B 40 -2.70 -1.60 11.55
C VAL B 40 -2.43 -0.60 12.72
N PRO B 41 -2.26 -1.08 14.01
CA PRO B 41 -2.01 -0.19 15.18
C PRO B 41 -0.61 0.47 15.16
N GLY B 42 0.28 0.01 14.25
CA GLY B 42 1.64 0.55 14.10
C GLY B 42 1.66 1.87 13.30
N VAL B 43 1.17 2.96 13.91
CA VAL B 43 1.24 4.32 13.33
C VAL B 43 1.56 5.35 14.45
N PRO B 44 2.77 5.99 14.46
CA PRO B 44 3.09 7.07 15.43
C PRO B 44 2.38 8.41 15.08
N ARG B 45 1.83 9.11 16.11
CA ARG B 45 1.12 10.41 15.91
C ARG B 45 2.10 11.52 15.46
N GLY B 46 1.67 12.35 14.49
CA GLY B 46 2.52 13.40 13.90
C GLY B 46 3.43 12.89 12.77
N THR B 47 3.82 11.59 12.84
CA THR B 47 4.69 10.93 11.86
C THR B 47 3.88 10.54 10.59
N GLN B 48 4.15 11.26 9.49
CA GLN B 48 3.35 11.16 8.24
C GLN B 48 3.62 9.85 7.46
N LEU B 49 4.89 9.38 7.51
CA LEU B 49 5.34 8.10 6.87
C LEU B 49 5.25 8.15 5.31
N SER B 50 5.57 7.03 4.64
CA SER B 50 5.59 6.97 3.15
C SER B 50 5.08 5.61 2.60
N GLN B 51 4.90 5.56 1.26
CA GLN B 51 4.23 4.45 0.52
C GLN B 51 4.79 3.04 0.86
N VAL B 52 6.12 2.88 0.72
CA VAL B 52 6.79 1.58 0.94
C VAL B 52 6.81 1.19 2.44
N GLU B 53 6.97 2.20 3.33
CA GLU B 53 6.94 2.03 4.81
C GLU B 53 5.59 1.39 5.26
N ILE B 54 4.50 1.78 4.57
CA ILE B 54 3.17 1.20 4.80
C ILE B 54 3.16 -0.30 4.46
N LEU B 55 3.63 -0.64 3.24
CA LEU B 55 3.72 -2.05 2.77
C LEU B 55 4.53 -2.94 3.75
N GLN B 56 5.69 -2.43 4.19
CA GLN B 56 6.57 -3.08 5.19
C GLN B 56 5.81 -3.42 6.49
N ARG B 57 5.20 -2.38 7.08
CA ARG B 57 4.57 -2.45 8.42
C ARG B 57 3.25 -3.26 8.39
N VAL B 58 2.61 -3.32 7.20
CA VAL B 58 1.45 -4.21 6.97
C VAL B 58 1.89 -5.68 6.90
N ILE B 59 3.04 -5.98 6.24
CA ILE B 59 3.60 -7.35 6.21
C ILE B 59 3.92 -7.84 7.63
N ASP B 60 4.66 -7.02 8.42
CA ASP B 60 4.99 -7.31 9.83
C ASP B 60 3.73 -7.61 10.67
N TYR B 61 2.70 -6.76 10.48
CA TYR B 61 1.37 -6.88 11.10
C TYR B 61 0.74 -8.27 10.81
N ILE B 62 0.77 -8.66 9.52
CA ILE B 62 0.25 -9.95 9.03
C ILE B 62 1.06 -11.15 9.62
N LEU B 63 2.39 -10.99 9.75
CA LEU B 63 3.29 -12.07 10.24
C LEU B 63 3.02 -12.44 11.72
N ASP B 64 2.69 -11.42 12.55
CA ASP B 64 2.26 -11.63 13.95
C ASP B 64 0.98 -12.48 14.02
N LEU B 65 -0.01 -12.13 13.17
CA LEU B 65 -1.34 -12.78 13.13
C LEU B 65 -1.27 -14.22 12.59
N GLN B 66 -0.43 -14.42 11.56
CA GLN B 66 -0.17 -15.72 10.94
C GLN B 66 0.64 -16.65 11.88
N VAL B 67 1.49 -16.04 12.74
CA VAL B 67 2.37 -16.76 13.69
C VAL B 67 3.40 -17.65 12.93
N VAL B 68 4.52 -17.04 12.54
CA VAL B 68 5.57 -17.69 11.72
C VAL B 68 6.49 -18.59 12.61
N MET A 1 -12.13 38.87 16.01
CA MET A 1 -11.63 38.07 14.86
C MET A 1 -11.76 36.56 15.16
N GLY A 2 -12.38 35.82 14.24
CA GLY A 2 -12.62 34.37 14.41
C GLY A 2 -13.43 33.79 13.25
N HIS A 3 -12.76 33.66 12.09
CA HIS A 3 -13.37 33.16 10.84
C HIS A 3 -13.45 31.60 10.81
N HIS A 4 -14.31 31.06 9.94
CA HIS A 4 -14.47 29.60 9.75
C HIS A 4 -15.13 29.30 8.38
N HIS A 5 -14.68 28.19 7.75
CA HIS A 5 -15.12 27.77 6.39
C HIS A 5 -15.50 26.26 6.37
N HIS A 6 -15.85 25.75 5.18
CA HIS A 6 -16.16 24.32 4.95
C HIS A 6 -15.80 23.91 3.50
N HIS A 7 -14.98 22.85 3.36
CA HIS A 7 -14.64 22.24 2.05
C HIS A 7 -15.47 20.94 1.86
N HIS A 8 -16.34 20.93 0.84
CA HIS A 8 -17.25 19.80 0.55
C HIS A 8 -16.51 18.68 -0.26
N SER A 9 -17.06 17.44 -0.23
CA SER A 9 -16.41 16.24 -0.86
C SER A 9 -16.37 16.30 -2.41
N HIS A 10 -15.44 15.54 -3.01
CA HIS A 10 -15.19 15.53 -4.48
C HIS A 10 -15.10 14.08 -5.02
N MET A 11 -15.44 13.91 -6.31
CA MET A 11 -15.24 12.63 -7.05
C MET A 11 -13.75 12.48 -7.47
N GLY A 12 -13.31 11.22 -7.70
CA GLY A 12 -11.93 10.97 -8.15
C GLY A 12 -11.58 9.50 -8.32
N GLY A 13 -11.10 9.12 -9.53
CA GLY A 13 -10.68 7.75 -9.85
C GLY A 13 -9.23 7.68 -10.32
N GLY A 14 -8.29 7.96 -9.38
CA GLY A 14 -6.85 7.89 -9.65
C GLY A 14 -6.25 6.52 -9.27
N LYS A 15 -4.99 6.28 -9.70
CA LYS A 15 -4.30 4.99 -9.48
C LYS A 15 -2.76 5.14 -9.53
N GLY A 16 -2.04 4.14 -8.95
CA GLY A 16 -0.57 4.06 -9.02
C GLY A 16 -0.09 3.53 -10.39
N PRO A 17 0.77 4.29 -11.16
CA PRO A 17 1.30 3.87 -12.49
C PRO A 17 2.15 2.58 -12.44
N ALA A 18 1.77 1.57 -13.25
CA ALA A 18 2.46 0.25 -13.30
C ALA A 18 3.20 0.03 -14.65
N ALA A 19 4.53 -0.03 -14.59
CA ALA A 19 5.42 -0.31 -15.75
C ALA A 19 5.54 -1.84 -16.00
N GLU A 20 5.74 -2.59 -14.90
CA GLU A 20 5.81 -4.08 -14.88
C GLU A 20 6.99 -4.65 -15.74
N GLU A 21 6.89 -5.94 -16.16
CA GLU A 21 7.91 -6.67 -16.99
C GLU A 21 9.21 -7.01 -16.18
N PRO A 22 9.70 -8.31 -16.26
CA PRO A 22 10.89 -8.76 -15.48
C PRO A 22 12.21 -8.03 -15.89
N LEU A 23 12.55 -6.98 -15.13
CA LEU A 23 13.77 -6.15 -15.37
C LEU A 23 14.75 -6.23 -14.18
N SER A 24 16.05 -5.99 -14.47
CA SER A 24 17.13 -5.97 -13.44
C SER A 24 17.13 -4.66 -12.61
N LEU A 25 16.20 -3.74 -12.95
CA LEU A 25 15.99 -2.44 -12.28
C LEU A 25 15.77 -2.61 -10.74
N LEU A 26 14.86 -3.55 -10.38
CA LEU A 26 14.41 -3.80 -8.98
C LEU A 26 13.66 -2.59 -8.36
N ASP A 27 12.94 -2.87 -7.26
CA ASP A 27 12.21 -1.85 -6.50
C ASP A 27 11.72 -2.44 -5.16
N ASP A 28 12.06 -1.76 -4.05
CA ASP A 28 11.70 -2.16 -2.67
C ASP A 28 10.15 -2.33 -2.50
N MET A 29 9.39 -1.36 -3.03
CA MET A 29 7.90 -1.39 -3.05
C MET A 29 7.33 -2.58 -3.86
N ASN A 30 7.95 -2.87 -5.03
CA ASN A 30 7.55 -4.01 -5.90
C ASN A 30 7.72 -5.37 -5.17
N HIS A 31 8.83 -5.48 -4.42
CA HIS A 31 9.15 -6.66 -3.60
C HIS A 31 8.14 -6.81 -2.41
N CYS A 32 7.72 -5.66 -1.85
CA CYS A 32 6.71 -5.59 -0.77
C CYS A 32 5.30 -6.05 -1.28
N TYR A 33 4.94 -5.64 -2.50
CA TYR A 33 3.67 -6.00 -3.16
C TYR A 33 3.59 -7.51 -3.47
N SER A 34 4.74 -8.09 -3.85
CA SER A 34 4.87 -9.55 -4.02
C SER A 34 4.57 -10.29 -2.68
N ARG A 35 5.22 -9.81 -1.60
CA ARG A 35 5.06 -10.36 -0.23
C ARG A 35 3.61 -10.26 0.30
N LEU A 36 2.91 -9.17 -0.04
CA LEU A 36 1.47 -9.03 0.27
C LEU A 36 0.66 -10.17 -0.38
N ARG A 37 0.82 -10.34 -1.70
CA ARG A 37 0.10 -11.37 -2.49
C ARG A 37 0.46 -12.81 -2.04
N GLU A 38 1.61 -12.96 -1.35
CA GLU A 38 2.03 -14.26 -0.76
C GLU A 38 1.28 -14.53 0.57
N LEU A 39 1.02 -13.46 1.33
CA LEU A 39 0.32 -13.52 2.63
C LEU A 39 -1.22 -13.42 2.48
N VAL A 40 -1.70 -13.04 1.29
CA VAL A 40 -3.15 -12.97 0.96
C VAL A 40 -3.57 -14.19 0.10
N PRO A 41 -4.22 -15.26 0.70
CA PRO A 41 -4.76 -16.41 -0.06
C PRO A 41 -6.13 -16.09 -0.74
N GLY A 42 -6.76 -14.96 -0.35
CA GLY A 42 -8.07 -14.53 -0.90
C GLY A 42 -7.94 -13.72 -2.20
N VAL A 43 -7.25 -14.30 -3.20
CA VAL A 43 -7.03 -13.69 -4.52
C VAL A 43 -7.60 -14.61 -5.64
N PRO A 44 -8.58 -14.13 -6.48
CA PRO A 44 -9.06 -14.88 -7.67
C PRO A 44 -7.90 -15.11 -8.69
N ARG A 45 -7.63 -16.39 -8.97
CA ARG A 45 -6.51 -16.81 -9.87
C ARG A 45 -6.73 -16.32 -11.33
N GLY A 46 -8.01 -16.29 -11.76
CA GLY A 46 -8.39 -15.81 -13.11
C GLY A 46 -8.43 -14.28 -13.25
N THR A 47 -7.92 -13.53 -12.25
CA THR A 47 -7.86 -12.04 -12.29
C THR A 47 -6.42 -11.55 -12.58
N GLN A 48 -5.45 -11.96 -11.73
CA GLN A 48 -4.05 -11.41 -11.72
C GLN A 48 -4.03 -9.89 -11.37
N LEU A 49 -3.60 -9.60 -10.13
CA LEU A 49 -3.66 -8.23 -9.55
C LEU A 49 -2.47 -7.35 -9.98
N SER A 50 -2.74 -6.07 -10.30
CA SER A 50 -1.70 -5.02 -10.39
C SER A 50 -1.67 -4.21 -9.06
N GLN A 51 -0.80 -3.18 -9.00
CA GLN A 51 -0.42 -2.46 -7.73
C GLN A 51 -1.62 -2.06 -6.82
N VAL A 52 -2.64 -1.39 -7.38
CA VAL A 52 -3.81 -0.89 -6.60
C VAL A 52 -4.73 -2.07 -6.16
N GLU A 53 -4.93 -3.03 -7.08
CA GLU A 53 -5.82 -4.20 -6.84
C GLU A 53 -5.27 -5.13 -5.74
N ILE A 54 -3.94 -5.14 -5.58
CA ILE A 54 -3.28 -5.83 -4.45
C ILE A 54 -3.74 -5.20 -3.10
N LEU A 55 -3.62 -3.85 -2.97
CA LEU A 55 -4.05 -3.10 -1.76
C LEU A 55 -5.50 -3.40 -1.36
N GLN A 56 -6.39 -3.41 -2.37
CA GLN A 56 -7.82 -3.73 -2.22
C GLN A 56 -8.02 -5.15 -1.61
N ARG A 57 -7.38 -6.17 -2.23
CA ARG A 57 -7.46 -7.58 -1.78
C ARG A 57 -6.79 -7.81 -0.40
N VAL A 58 -5.83 -6.95 -0.03
CA VAL A 58 -5.23 -6.96 1.32
C VAL A 58 -6.27 -6.52 2.37
N ILE A 59 -7.00 -5.42 2.09
CA ILE A 59 -8.09 -4.93 2.97
C ILE A 59 -9.21 -6.00 3.12
N ASP A 60 -9.57 -6.63 1.98
CA ASP A 60 -10.56 -7.74 1.92
C ASP A 60 -10.11 -8.96 2.78
N TYR A 61 -8.81 -9.29 2.69
CA TYR A 61 -8.18 -10.35 3.52
C TYR A 61 -8.34 -10.04 5.04
N ILE A 62 -8.04 -8.78 5.41
CA ILE A 62 -8.15 -8.32 6.81
C ILE A 62 -9.63 -8.34 7.28
N LEU A 63 -10.58 -8.02 6.36
CA LEU A 63 -12.05 -8.09 6.65
C LEU A 63 -12.49 -9.51 7.07
N ASP A 64 -11.96 -10.53 6.37
CA ASP A 64 -12.19 -11.97 6.71
C ASP A 64 -11.76 -12.29 8.16
N LEU A 65 -10.71 -11.62 8.63
CA LEU A 65 -10.15 -11.80 10.00
C LEU A 65 -10.90 -10.95 11.06
N GLN A 66 -11.38 -9.77 10.64
CA GLN A 66 -12.07 -8.80 11.55
C GLN A 66 -13.57 -9.11 11.70
N VAL A 67 -14.35 -8.87 10.62
CA VAL A 67 -15.82 -8.99 10.64
C VAL A 67 -16.29 -10.44 10.32
N VAL A 68 -17.46 -10.83 10.89
CA VAL A 68 -18.10 -12.15 10.65
C VAL A 68 -19.62 -11.93 10.38
N MET B 1 25.92 7.94 18.00
CA MET B 1 25.95 9.39 18.36
C MET B 1 27.15 9.72 19.28
N GLY B 2 27.94 10.74 18.90
CA GLY B 2 28.95 11.30 19.79
C GLY B 2 28.31 12.10 20.93
N HIS B 3 28.74 11.83 22.18
CA HIS B 3 28.17 12.46 23.38
C HIS B 3 28.46 13.99 23.43
N HIS B 4 27.51 14.78 22.94
CA HIS B 4 27.52 16.26 23.06
C HIS B 4 26.25 16.73 23.79
N HIS B 5 26.44 17.61 24.80
CA HIS B 5 25.31 18.22 25.56
C HIS B 5 24.66 19.40 24.77
N HIS B 6 25.38 19.89 23.72
CA HIS B 6 24.93 21.00 22.86
C HIS B 6 23.63 20.65 22.07
N HIS B 7 22.68 21.61 22.02
CA HIS B 7 21.34 21.44 21.41
C HIS B 7 20.54 20.25 22.02
N HIS B 8 19.78 20.53 23.10
CA HIS B 8 18.78 19.58 23.62
C HIS B 8 17.42 19.88 22.96
N SER B 9 16.98 18.97 22.07
CA SER B 9 15.69 19.10 21.36
C SER B 9 14.49 18.96 22.33
N HIS B 10 13.46 19.80 22.12
CA HIS B 10 12.27 19.86 22.97
C HIS B 10 11.02 20.20 22.12
N MET B 11 9.97 19.39 22.26
CA MET B 11 8.78 19.42 21.36
C MET B 11 7.84 20.63 21.65
N GLY B 12 7.27 21.19 20.57
CA GLY B 12 6.28 22.28 20.64
C GLY B 12 5.09 22.03 19.70
N GLY B 13 4.72 23.05 18.90
CA GLY B 13 3.63 22.94 17.91
C GLY B 13 2.23 23.01 18.55
N GLY B 14 1.97 24.09 19.30
CA GLY B 14 0.68 24.30 20.01
C GLY B 14 -0.40 25.02 19.18
N LYS B 15 -0.12 25.26 17.89
CA LYS B 15 -1.04 25.95 16.96
C LYS B 15 -1.81 24.90 16.09
N GLY B 16 -3.14 25.10 15.96
CA GLY B 16 -4.02 24.23 15.15
C GLY B 16 -4.36 24.85 13.78
N PRO B 17 -3.74 24.39 12.63
CA PRO B 17 -4.05 24.91 11.27
C PRO B 17 -5.34 24.29 10.65
N ALA B 18 -5.91 24.98 9.64
CA ALA B 18 -7.15 24.54 8.94
C ALA B 18 -6.97 24.62 7.41
N ALA B 19 -6.28 23.62 6.85
CA ALA B 19 -5.94 23.58 5.40
C ALA B 19 -6.14 22.16 4.82
N GLU B 20 -6.80 22.08 3.65
CA GLU B 20 -7.16 20.80 2.99
C GLU B 20 -6.10 20.35 1.95
N GLU B 21 -6.41 19.26 1.23
CA GLU B 21 -5.59 18.78 0.11
C GLU B 21 -6.35 19.02 -1.23
N PRO B 22 -5.76 19.83 -2.19
CA PRO B 22 -6.40 20.10 -3.51
C PRO B 22 -6.69 18.82 -4.34
N LEU B 23 -7.93 18.30 -4.19
CA LEU B 23 -8.38 17.06 -4.88
C LEU B 23 -8.70 17.31 -6.37
N SER B 24 -7.97 16.61 -7.26
CA SER B 24 -8.26 16.56 -8.71
C SER B 24 -8.38 15.08 -9.13
N LEU B 25 -7.27 14.33 -8.97
CA LEU B 25 -7.25 12.86 -9.12
C LEU B 25 -7.11 12.21 -7.73
N LEU B 26 -8.19 11.59 -7.24
CA LEU B 26 -8.20 10.93 -5.91
C LEU B 26 -7.72 9.49 -6.11
N ASP B 27 -6.41 9.26 -5.86
CA ASP B 27 -5.81 7.94 -5.96
C ASP B 27 -6.48 6.94 -4.99
N ASP B 28 -7.22 5.99 -5.58
CA ASP B 28 -7.77 4.81 -4.86
C ASP B 28 -6.64 4.09 -4.05
N MET B 29 -5.45 4.05 -4.66
CA MET B 29 -4.21 3.59 -4.01
C MET B 29 -3.91 4.35 -2.68
N ASN B 30 -3.95 5.70 -2.74
CA ASN B 30 -3.62 6.58 -1.58
C ASN B 30 -4.67 6.42 -0.44
N HIS B 31 -5.95 6.33 -0.82
CA HIS B 31 -7.08 6.17 0.13
C HIS B 31 -7.03 4.79 0.84
N CYS B 32 -6.69 3.75 0.06
CA CYS B 32 -6.46 2.37 0.56
C CYS B 32 -5.24 2.30 1.51
N TYR B 33 -4.16 3.03 1.17
CA TYR B 33 -2.92 3.14 2.00
C TYR B 33 -3.21 3.70 3.41
N SER B 34 -4.05 4.74 3.45
CA SER B 34 -4.52 5.36 4.71
C SER B 34 -5.25 4.32 5.59
N ARG B 35 -6.13 3.51 4.97
CA ARG B 35 -6.93 2.50 5.66
C ARG B 35 -6.06 1.32 6.18
N LEU B 36 -4.99 0.97 5.42
CA LEU B 36 -3.99 -0.04 5.87
C LEU B 36 -3.37 0.38 7.21
N ARG B 37 -2.88 1.63 7.25
CA ARG B 37 -2.26 2.25 8.44
C ARG B 37 -3.18 2.20 9.70
N GLU B 38 -4.51 2.23 9.47
CA GLU B 38 -5.52 2.22 10.56
C GLU B 38 -5.70 0.80 11.13
N LEU B 39 -5.68 -0.20 10.24
CA LEU B 39 -5.83 -1.63 10.60
C LEU B 39 -4.53 -2.22 11.19
N VAL B 40 -3.39 -1.53 10.95
CA VAL B 40 -2.06 -1.95 11.48
C VAL B 40 -1.68 -1.17 12.78
N PRO B 41 -1.72 -1.83 13.99
CA PRO B 41 -1.28 -1.19 15.27
C PRO B 41 0.26 -1.03 15.36
N GLY B 42 0.99 -1.74 14.46
CA GLY B 42 2.47 -1.69 14.40
C GLY B 42 3.05 -0.33 14.00
N VAL B 43 2.23 0.50 13.32
CA VAL B 43 2.60 1.89 12.94
C VAL B 43 2.73 2.78 14.22
N PRO B 44 3.93 3.44 14.45
CA PRO B 44 4.13 4.34 15.63
C PRO B 44 3.21 5.59 15.57
N ARG B 45 2.06 5.51 16.27
CA ARG B 45 1.02 6.58 16.29
C ARG B 45 0.46 6.88 14.85
N GLY B 46 -0.18 8.04 14.66
CA GLY B 46 -0.65 8.48 13.33
C GLY B 46 0.45 9.17 12.50
N THR B 47 1.65 8.56 12.43
CA THR B 47 2.80 9.10 11.67
C THR B 47 2.66 8.79 10.16
N GLN B 48 2.98 9.80 9.33
CA GLN B 48 3.01 9.66 7.86
C GLN B 48 4.34 8.96 7.43
N LEU B 49 4.33 7.62 7.51
CA LEU B 49 5.46 6.78 7.03
C LEU B 49 5.53 6.78 5.49
N SER B 50 6.69 6.37 4.92
CA SER B 50 6.82 6.15 3.46
C SER B 50 5.84 5.05 3.01
N GLN B 51 5.20 5.20 1.84
CA GLN B 51 4.23 4.21 1.28
C GLN B 51 4.81 2.76 1.27
N VAL B 52 6.13 2.65 1.07
CA VAL B 52 6.85 1.36 1.08
C VAL B 52 6.94 0.78 2.52
N GLU B 53 7.27 1.65 3.50
CA GLU B 53 7.34 1.28 4.94
C GLU B 53 5.95 0.89 5.49
N ILE B 54 4.89 1.49 4.91
CA ILE B 54 3.49 1.14 5.21
C ILE B 54 3.21 -0.31 4.73
N LEU B 55 3.58 -0.62 3.47
CA LEU B 55 3.48 -1.99 2.90
C LEU B 55 4.16 -3.04 3.80
N GLN B 56 5.42 -2.73 4.17
CA GLN B 56 6.26 -3.58 5.04
C GLN B 56 5.68 -3.72 6.46
N ARG B 57 5.00 -2.66 6.95
CA ARG B 57 4.32 -2.67 8.28
C ARG B 57 3.01 -3.52 8.22
N VAL B 58 2.38 -3.58 7.03
CA VAL B 58 1.23 -4.48 6.77
C VAL B 58 1.70 -5.96 6.69
N ILE B 59 2.86 -6.19 6.03
CA ILE B 59 3.53 -7.53 5.98
C ILE B 59 3.85 -8.01 7.41
N ASP B 60 4.40 -7.10 8.23
CA ASP B 60 4.68 -7.33 9.67
C ASP B 60 3.40 -7.73 10.44
N TYR B 61 2.34 -6.94 10.21
CA TYR B 61 0.99 -7.15 10.81
C TYR B 61 0.43 -8.56 10.49
N ILE B 62 0.49 -8.94 9.21
CA ILE B 62 -0.07 -10.22 8.72
C ILE B 62 0.78 -11.43 9.21
N LEU B 63 2.12 -11.29 9.27
CA LEU B 63 3.03 -12.31 9.85
C LEU B 63 2.79 -12.50 11.38
N ASP B 64 2.41 -11.40 12.04
CA ASP B 64 2.07 -11.38 13.48
C ASP B 64 0.72 -12.11 13.75
N LEU B 65 -0.19 -12.07 12.76
CA LEU B 65 -1.50 -12.79 12.81
C LEU B 65 -1.32 -14.29 12.45
N GLN B 66 -0.54 -14.54 11.40
CA GLN B 66 -0.24 -15.90 10.88
C GLN B 66 0.95 -16.54 11.65
N VAL B 67 1.51 -17.63 11.11
CA VAL B 67 2.80 -18.19 11.57
C VAL B 67 3.94 -17.18 11.27
N VAL B 68 4.74 -16.84 12.30
CA VAL B 68 5.83 -15.85 12.20
C VAL B 68 6.96 -16.27 11.19
N MET A 1 -25.24 36.99 -14.05
CA MET A 1 -25.66 38.26 -13.39
C MET A 1 -24.46 38.92 -12.65
N GLY A 2 -24.18 40.19 -12.96
CA GLY A 2 -23.04 40.92 -12.39
C GLY A 2 -21.70 40.56 -13.07
N HIS A 3 -21.04 39.50 -12.57
CA HIS A 3 -19.72 39.04 -13.08
C HIS A 3 -19.91 37.96 -14.19
N HIS A 4 -19.62 38.36 -15.45
CA HIS A 4 -19.70 37.45 -16.62
C HIS A 4 -18.41 36.61 -16.77
N HIS A 5 -18.54 35.41 -17.37
CA HIS A 5 -17.44 34.43 -17.50
C HIS A 5 -17.19 34.02 -18.97
N HIS A 6 -16.06 33.34 -19.22
CA HIS A 6 -15.67 32.84 -20.55
C HIS A 6 -14.90 31.49 -20.41
N HIS A 7 -15.37 30.46 -21.13
CA HIS A 7 -14.76 29.11 -21.11
C HIS A 7 -15.20 28.31 -22.36
N HIS A 8 -14.23 27.80 -23.12
CA HIS A 8 -14.47 27.08 -24.41
C HIS A 8 -14.36 25.54 -24.25
N SER A 9 -13.43 25.08 -23.39
CA SER A 9 -13.17 23.63 -23.17
C SER A 9 -14.34 22.95 -22.43
N HIS A 10 -15.21 22.27 -23.18
CA HIS A 10 -16.42 21.62 -22.63
C HIS A 10 -16.32 20.07 -22.64
N MET A 11 -15.10 19.54 -22.87
CA MET A 11 -14.85 18.08 -22.97
C MET A 11 -13.52 17.69 -22.28
N GLY A 12 -13.52 16.53 -21.59
CA GLY A 12 -12.33 16.04 -20.86
C GLY A 12 -11.35 15.22 -21.71
N GLY A 13 -11.24 15.57 -23.01
CA GLY A 13 -10.25 14.96 -23.92
C GLY A 13 -8.86 15.59 -23.81
N GLY A 14 -8.84 16.87 -23.39
CA GLY A 14 -7.60 17.64 -23.20
C GLY A 14 -6.83 17.23 -21.94
N LYS A 15 -5.54 16.90 -22.10
CA LYS A 15 -4.69 16.35 -21.02
C LYS A 15 -3.19 16.64 -21.26
N GLY A 16 -2.35 16.21 -20.30
CA GLY A 16 -0.88 16.34 -20.40
C GLY A 16 -0.15 15.51 -19.33
N PRO A 17 1.16 15.16 -19.52
CA PRO A 17 1.93 14.38 -18.53
C PRO A 17 2.35 15.23 -17.29
N ALA A 18 1.46 15.23 -16.26
CA ALA A 18 1.68 15.96 -15.00
C ALA A 18 2.10 14.98 -13.87
N ALA A 19 3.36 15.12 -13.39
CA ALA A 19 3.98 14.25 -12.35
C ALA A 19 4.24 12.80 -12.83
N GLU A 20 5.30 12.17 -12.27
CA GLU A 20 5.73 10.81 -12.64
C GLU A 20 6.56 10.15 -11.52
N GLU A 21 6.98 8.88 -11.75
CA GLU A 21 7.76 8.08 -10.77
C GLU A 21 9.28 8.40 -10.86
N PRO A 22 10.05 8.30 -9.72
CA PRO A 22 11.53 8.48 -9.73
C PRO A 22 12.26 7.20 -10.25
N LEU A 23 13.61 7.17 -10.11
CA LEU A 23 14.41 5.98 -10.50
C LEU A 23 14.12 4.77 -9.58
N SER A 24 13.96 5.07 -8.26
CA SER A 24 13.74 4.07 -7.18
C SER A 24 14.98 3.14 -7.02
N LEU A 25 15.83 3.44 -6.01
CA LEU A 25 17.11 2.76 -5.75
C LEU A 25 16.93 1.22 -5.64
N LEU A 26 16.20 0.78 -4.60
CA LEU A 26 15.92 -0.65 -4.34
C LEU A 26 14.44 -0.94 -4.70
N ASP A 27 14.19 -2.11 -5.32
CA ASP A 27 12.84 -2.55 -5.75
C ASP A 27 11.97 -3.08 -4.57
N ASP A 28 12.19 -2.55 -3.34
CA ASP A 28 11.57 -3.06 -2.09
C ASP A 28 10.02 -3.07 -2.19
N MET A 29 9.46 -2.01 -2.81
CA MET A 29 8.01 -1.90 -3.10
C MET A 29 7.51 -3.06 -3.99
N ASN A 30 8.26 -3.39 -5.05
CA ASN A 30 7.92 -4.47 -6.01
C ASN A 30 7.93 -5.87 -5.32
N HIS A 31 8.97 -6.11 -4.50
CA HIS A 31 9.09 -7.35 -3.68
C HIS A 31 7.95 -7.43 -2.63
N CYS A 32 7.63 -6.28 -2.01
CA CYS A 32 6.56 -6.17 -0.99
C CYS A 32 5.18 -6.51 -1.57
N TYR A 33 4.89 -6.01 -2.79
CA TYR A 33 3.60 -6.25 -3.50
C TYR A 33 3.42 -7.72 -3.94
N SER A 34 4.52 -8.35 -4.36
CA SER A 34 4.55 -9.81 -4.64
C SER A 34 4.28 -10.61 -3.35
N ARG A 35 4.90 -10.15 -2.26
CA ARG A 35 4.85 -10.77 -0.92
C ARG A 35 3.45 -10.62 -0.27
N LEU A 36 2.76 -9.49 -0.60
CA LEU A 36 1.36 -9.27 -0.21
C LEU A 36 0.46 -10.34 -0.86
N ARG A 37 0.64 -10.53 -2.18
CA ARG A 37 -0.09 -11.56 -2.95
C ARG A 37 0.21 -13.01 -2.46
N GLU A 38 1.32 -13.19 -1.70
CA GLU A 38 1.67 -14.51 -1.11
C GLU A 38 0.92 -14.72 0.23
N LEU A 39 0.82 -13.64 1.03
CA LEU A 39 0.20 -13.66 2.38
C LEU A 39 -1.36 -13.59 2.32
N VAL A 40 -1.90 -13.04 1.21
CA VAL A 40 -3.36 -12.91 0.99
C VAL A 40 -3.92 -14.12 0.19
N PRO A 41 -4.74 -15.02 0.82
CA PRO A 41 -5.47 -16.10 0.11
C PRO A 41 -6.77 -15.56 -0.55
N GLY A 42 -6.60 -14.83 -1.68
CA GLY A 42 -7.73 -14.28 -2.43
C GLY A 42 -7.33 -13.61 -3.74
N VAL A 43 -6.09 -13.83 -4.20
CA VAL A 43 -5.59 -13.34 -5.49
C VAL A 43 -5.73 -14.45 -6.58
N PRO A 44 -6.59 -14.27 -7.63
CA PRO A 44 -6.81 -15.30 -8.70
C PRO A 44 -5.50 -15.79 -9.41
N ARG A 45 -5.52 -17.04 -9.93
CA ARG A 45 -4.35 -17.69 -10.55
C ARG A 45 -4.02 -17.09 -11.95
N GLY A 46 -2.96 -16.27 -12.02
CA GLY A 46 -2.53 -15.62 -13.26
C GLY A 46 -3.40 -14.41 -13.64
N THR A 47 -3.81 -13.64 -12.63
CA THR A 47 -4.66 -12.44 -12.81
C THR A 47 -3.82 -11.18 -13.18
N GLN A 48 -2.58 -11.12 -12.65
CA GLN A 48 -1.69 -9.93 -12.78
C GLN A 48 -2.35 -8.65 -12.19
N LEU A 49 -2.92 -8.75 -10.95
CA LEU A 49 -3.48 -7.57 -10.24
C LEU A 49 -2.41 -6.48 -10.07
N SER A 50 -2.70 -5.27 -10.59
CA SER A 50 -1.75 -4.14 -10.54
C SER A 50 -1.67 -3.52 -9.13
N GLN A 51 -0.79 -2.52 -8.99
CA GLN A 51 -0.31 -1.97 -7.69
C GLN A 51 -1.46 -1.62 -6.69
N VAL A 52 -2.53 -0.97 -7.17
CA VAL A 52 -3.71 -0.60 -6.34
C VAL A 52 -4.57 -1.84 -5.97
N GLU A 53 -4.82 -2.72 -6.97
CA GLU A 53 -5.71 -3.92 -6.81
C GLU A 53 -5.17 -4.90 -5.76
N ILE A 54 -3.84 -4.94 -5.61
CA ILE A 54 -3.18 -5.72 -4.55
C ILE A 54 -3.57 -5.18 -3.16
N LEU A 55 -3.49 -3.83 -2.98
CA LEU A 55 -3.90 -3.14 -1.72
C LEU A 55 -5.36 -3.47 -1.33
N GLN A 56 -6.24 -3.52 -2.34
CA GLN A 56 -7.68 -3.84 -2.16
C GLN A 56 -7.87 -5.26 -1.57
N ARG A 57 -7.10 -6.24 -2.09
CA ARG A 57 -7.09 -7.65 -1.60
C ARG A 57 -6.51 -7.77 -0.18
N VAL A 58 -5.52 -6.91 0.14
CA VAL A 58 -4.96 -6.80 1.49
C VAL A 58 -6.03 -6.27 2.49
N ILE A 59 -6.82 -5.27 2.05
CA ILE A 59 -7.98 -4.77 2.82
C ILE A 59 -8.99 -5.93 3.12
N ASP A 60 -9.38 -6.68 2.04
CA ASP A 60 -10.27 -7.87 2.15
C ASP A 60 -9.76 -8.86 3.23
N TYR A 61 -8.48 -9.21 3.14
CA TYR A 61 -7.82 -10.18 4.03
C TYR A 61 -7.92 -9.78 5.53
N ILE A 62 -7.46 -8.55 5.84
CA ILE A 62 -7.37 -8.06 7.23
C ILE A 62 -8.79 -7.83 7.86
N LEU A 63 -9.81 -7.54 7.00
CA LEU A 63 -11.24 -7.48 7.43
C LEU A 63 -11.72 -8.82 8.03
N ASP A 64 -11.48 -9.94 7.31
CA ASP A 64 -11.89 -11.30 7.75
C ASP A 64 -11.22 -11.74 9.08
N LEU A 65 -9.99 -11.26 9.30
CA LEU A 65 -9.24 -11.54 10.55
C LEU A 65 -9.85 -10.81 11.77
N GLN A 66 -10.27 -9.56 11.52
CA GLN A 66 -10.92 -8.69 12.53
C GLN A 66 -12.45 -8.70 12.35
N VAL A 67 -13.14 -7.69 12.91
CA VAL A 67 -14.54 -7.39 12.57
C VAL A 67 -14.60 -6.65 11.21
N VAL A 68 -15.49 -7.11 10.31
CA VAL A 68 -15.64 -6.57 8.94
C VAL A 68 -16.45 -5.23 8.97
N MET B 1 2.24 20.39 -35.64
CA MET B 1 1.85 21.81 -35.87
C MET B 1 0.35 22.04 -35.50
N GLY B 2 0.12 22.51 -34.27
CA GLY B 2 -1.24 22.75 -33.74
C GLY B 2 -1.24 23.59 -32.46
N HIS B 3 -0.68 24.80 -32.57
CA HIS B 3 -0.51 25.74 -31.44
C HIS B 3 -1.70 26.74 -31.31
N HIS B 4 -2.08 27.39 -32.44
CA HIS B 4 -3.09 28.50 -32.43
C HIS B 4 -3.84 28.67 -33.80
N HIS B 5 -3.25 28.15 -34.89
CA HIS B 5 -3.75 28.37 -36.29
C HIS B 5 -5.16 27.75 -36.53
N HIS B 6 -5.50 26.71 -35.77
CA HIS B 6 -6.79 25.97 -35.93
C HIS B 6 -7.92 26.64 -35.12
N HIS B 7 -9.06 26.90 -35.80
CA HIS B 7 -10.24 27.58 -35.19
C HIS B 7 -11.49 26.64 -35.22
N HIS B 8 -11.73 25.94 -34.10
CA HIS B 8 -12.89 25.03 -33.92
C HIS B 8 -13.95 25.65 -32.97
N SER B 9 -15.20 25.76 -33.43
CA SER B 9 -16.31 26.36 -32.66
C SER B 9 -17.65 25.65 -32.94
N HIS B 10 -18.48 25.51 -31.90
CA HIS B 10 -19.84 24.91 -32.00
C HIS B 10 -20.84 25.70 -31.14
N MET B 11 -21.85 26.32 -31.79
CA MET B 11 -22.91 27.07 -31.10
C MET B 11 -23.91 26.11 -30.41
N GLY B 12 -24.10 26.28 -29.10
CA GLY B 12 -24.88 25.35 -28.27
C GLY B 12 -24.00 24.25 -27.66
N GLY B 13 -23.20 23.60 -28.54
CA GLY B 13 -22.26 22.55 -28.12
C GLY B 13 -21.09 23.07 -27.26
N GLY B 14 -20.78 24.37 -27.39
CA GLY B 14 -19.71 25.01 -26.61
C GLY B 14 -20.02 25.19 -25.12
N LYS B 15 -21.32 25.18 -24.77
CA LYS B 15 -21.80 25.39 -23.38
C LYS B 15 -21.45 24.18 -22.46
N GLY B 16 -20.43 24.34 -21.61
CA GLY B 16 -20.07 23.32 -20.60
C GLY B 16 -18.64 23.46 -20.05
N PRO B 17 -18.34 22.87 -18.84
CA PRO B 17 -16.96 22.81 -18.27
C PRO B 17 -16.16 21.54 -18.71
N ALA B 18 -14.92 21.41 -18.21
CA ALA B 18 -14.04 20.25 -18.50
C ALA B 18 -12.98 20.05 -17.40
N ALA B 19 -12.24 18.91 -17.49
CA ALA B 19 -11.11 18.56 -16.60
C ALA B 19 -11.55 18.27 -15.13
N GLU B 20 -10.56 17.99 -14.27
CA GLU B 20 -10.79 17.72 -12.83
C GLU B 20 -10.69 19.01 -11.97
N GLU B 21 -10.71 18.84 -10.63
CA GLU B 21 -10.55 19.96 -9.67
C GLU B 21 -9.10 20.53 -9.69
N PRO B 22 -8.91 21.88 -9.90
CA PRO B 22 -7.59 22.53 -9.73
C PRO B 22 -7.11 22.49 -8.25
N LEU B 23 -5.82 22.15 -8.05
CA LEU B 23 -5.22 21.83 -6.71
C LEU B 23 -5.73 20.47 -6.17
N SER B 24 -4.92 19.82 -5.30
CA SER B 24 -5.17 18.44 -4.75
C SER B 24 -5.08 17.35 -5.86
N LEU B 25 -4.84 16.09 -5.43
CA LEU B 25 -4.74 14.93 -6.36
C LEU B 25 -5.66 13.77 -5.89
N LEU B 26 -6.24 13.04 -6.85
CA LEU B 26 -7.02 11.82 -6.59
C LEU B 26 -6.08 10.59 -6.47
N ASP B 27 -5.39 10.50 -5.31
CA ASP B 27 -4.52 9.37 -4.99
C ASP B 27 -5.35 8.20 -4.44
N ASP B 28 -5.95 7.43 -5.36
CA ASP B 28 -6.67 6.16 -5.05
C ASP B 28 -5.81 5.20 -4.19
N MET B 29 -4.48 5.23 -4.46
CA MET B 29 -3.49 4.49 -3.68
C MET B 29 -3.46 4.94 -2.20
N ASN B 30 -3.43 6.28 -1.98
CA ASN B 30 -3.36 6.88 -0.61
C ASN B 30 -4.67 6.62 0.18
N HIS B 31 -5.82 6.55 -0.53
CA HIS B 31 -7.13 6.21 0.10
C HIS B 31 -7.14 4.73 0.58
N CYS B 32 -6.54 3.83 -0.22
CA CYS B 32 -6.36 2.41 0.15
C CYS B 32 -5.35 2.26 1.33
N TYR B 33 -4.22 2.99 1.23
CA TYR B 33 -3.15 3.04 2.26
C TYR B 33 -3.70 3.56 3.62
N SER B 34 -4.61 4.55 3.55
CA SER B 34 -5.28 5.13 4.73
C SER B 34 -6.11 4.08 5.48
N ARG B 35 -6.88 3.27 4.71
CA ARG B 35 -7.71 2.18 5.25
C ARG B 35 -6.84 1.02 5.79
N LEU B 36 -5.65 0.81 5.19
CA LEU B 36 -4.66 -0.13 5.75
C LEU B 36 -4.18 0.35 7.15
N ARG B 37 -3.91 1.68 7.28
CA ARG B 37 -3.50 2.28 8.57
C ARG B 37 -4.65 2.31 9.63
N GLU B 38 -5.86 1.94 9.20
CA GLU B 38 -7.02 1.76 10.10
C GLU B 38 -7.14 0.28 10.54
N LEU B 39 -6.87 -0.63 9.60
CA LEU B 39 -6.95 -2.10 9.81
C LEU B 39 -5.66 -2.70 10.42
N VAL B 40 -4.57 -1.91 10.45
CA VAL B 40 -3.26 -2.34 11.00
C VAL B 40 -2.93 -1.58 12.32
N PRO B 41 -3.25 -2.18 13.52
CA PRO B 41 -2.69 -1.72 14.82
C PRO B 41 -1.19 -2.09 15.01
N GLY B 42 -0.61 -2.87 14.06
CA GLY B 42 0.83 -3.21 14.05
C GLY B 42 1.71 -2.07 13.51
N VAL B 43 1.58 -0.89 14.13
CA VAL B 43 2.31 0.34 13.78
C VAL B 43 2.92 0.97 15.08
N PRO B 44 4.27 1.24 15.14
CA PRO B 44 4.89 1.99 16.27
C PRO B 44 4.26 3.41 16.45
N ARG B 45 3.98 3.79 17.71
CA ARG B 45 3.31 5.07 18.03
C ARG B 45 4.24 6.29 17.76
N GLY B 46 3.63 7.42 17.35
CA GLY B 46 4.39 8.64 16.99
C GLY B 46 5.30 8.44 15.76
N THR B 47 4.78 7.75 14.73
CA THR B 47 5.57 7.39 13.52
C THR B 47 4.75 7.66 12.23
N GLN B 48 5.24 8.59 11.39
CA GLN B 48 4.67 8.90 10.07
C GLN B 48 5.22 7.92 9.00
N LEU B 49 4.35 7.07 8.45
CA LEU B 49 4.75 6.03 7.47
C LEU B 49 4.55 6.50 6.01
N SER B 50 5.64 6.48 5.23
CA SER B 50 5.63 6.75 3.77
C SER B 50 5.12 5.50 2.99
N GLN B 51 4.96 5.64 1.67
CA GLN B 51 4.34 4.60 0.77
C GLN B 51 4.93 3.16 0.95
N VAL B 52 6.27 3.01 0.89
CA VAL B 52 6.94 1.70 1.06
C VAL B 52 6.88 1.25 2.54
N GLU B 53 7.08 2.21 3.46
CA GLU B 53 7.02 1.99 4.93
C GLU B 53 5.68 1.34 5.37
N ILE B 54 4.59 1.78 4.72
CA ILE B 54 3.25 1.21 4.92
C ILE B 54 3.22 -0.30 4.57
N LEU B 55 3.73 -0.64 3.37
CA LEU B 55 3.80 -2.04 2.88
C LEU B 55 4.59 -2.96 3.84
N GLN B 56 5.73 -2.45 4.34
CA GLN B 56 6.60 -3.16 5.30
C GLN B 56 5.88 -3.44 6.65
N ARG B 57 5.12 -2.44 7.13
CA ARG B 57 4.31 -2.53 8.37
C ARG B 57 3.08 -3.44 8.20
N VAL B 58 2.53 -3.51 6.97
CA VAL B 58 1.42 -4.42 6.63
C VAL B 58 1.90 -5.90 6.67
N ILE B 59 3.00 -6.20 5.94
CA ILE B 59 3.62 -7.54 5.91
C ILE B 59 4.03 -8.00 7.34
N ASP B 60 4.70 -7.11 8.09
CA ASP B 60 5.13 -7.37 9.49
C ASP B 60 3.93 -7.72 10.40
N TYR B 61 2.82 -6.96 10.24
CA TYR B 61 1.55 -7.18 10.96
C TYR B 61 0.93 -8.56 10.63
N ILE B 62 0.89 -8.90 9.34
CA ILE B 62 0.31 -10.16 8.86
C ILE B 62 1.14 -11.38 9.39
N LEU B 63 2.48 -11.24 9.39
CA LEU B 63 3.40 -12.25 9.97
C LEU B 63 3.23 -12.37 11.50
N ASP B 64 2.90 -11.24 12.15
CA ASP B 64 2.58 -11.19 13.60
C ASP B 64 1.30 -12.01 13.92
N LEU B 65 0.35 -12.03 12.97
CA LEU B 65 -0.92 -12.78 13.11
C LEU B 65 -0.76 -14.27 12.72
N GLN B 66 -0.03 -14.54 11.63
CA GLN B 66 0.15 -15.90 11.07
C GLN B 66 1.20 -16.70 11.88
N VAL B 67 2.43 -16.16 11.95
CA VAL B 67 3.58 -16.82 12.62
C VAL B 67 3.52 -16.59 14.14
N VAL B 68 2.76 -17.47 14.82
CA VAL B 68 2.61 -17.50 16.29
C VAL B 68 2.86 -18.94 16.83
N MET A 1 -6.67 58.40 -11.73
CA MET A 1 -6.54 57.86 -13.11
C MET A 1 -5.19 58.27 -13.74
N GLY A 2 -4.23 57.32 -13.79
CA GLY A 2 -2.93 57.54 -14.44
C GLY A 2 -2.91 57.01 -15.88
N HIS A 3 -2.30 57.78 -16.80
CA HIS A 3 -2.16 57.37 -18.22
C HIS A 3 -0.98 56.38 -18.42
N HIS A 4 -1.27 55.10 -18.12
CA HIS A 4 -0.33 53.96 -18.33
C HIS A 4 -1.06 52.78 -19.01
N HIS A 5 -0.28 51.77 -19.42
CA HIS A 5 -0.80 50.58 -20.12
C HIS A 5 -1.28 49.53 -19.08
N HIS A 6 -2.58 49.59 -18.72
CA HIS A 6 -3.16 48.74 -17.65
C HIS A 6 -3.30 47.26 -18.09
N HIS A 7 -2.27 46.45 -17.74
CA HIS A 7 -2.30 44.98 -17.87
C HIS A 7 -1.95 44.33 -16.52
N HIS A 8 -2.99 43.94 -15.76
CA HIS A 8 -2.82 43.22 -14.49
C HIS A 8 -2.29 41.79 -14.74
N SER A 9 -0.97 41.62 -14.58
CA SER A 9 -0.29 40.32 -14.78
C SER A 9 -0.41 39.46 -13.49
N HIS A 10 -0.89 38.22 -13.65
CA HIS A 10 -1.12 37.27 -12.53
C HIS A 10 -1.00 35.81 -13.03
N MET A 11 -0.16 35.00 -12.36
CA MET A 11 0.02 33.55 -12.66
C MET A 11 -0.04 32.71 -11.37
N GLY A 12 -0.15 31.37 -11.52
CA GLY A 12 -0.20 30.45 -10.38
C GLY A 12 0.01 28.99 -10.80
N GLY A 13 1.11 28.38 -10.33
CA GLY A 13 1.46 26.99 -10.65
C GLY A 13 2.84 26.58 -10.08
N GLY A 14 3.01 26.80 -8.77
CA GLY A 14 4.27 26.45 -8.06
C GLY A 14 4.34 24.97 -7.63
N LYS A 15 5.54 24.53 -7.24
CA LYS A 15 5.82 23.12 -6.85
C LYS A 15 6.93 23.05 -5.76
N GLY A 16 6.87 22.01 -4.91
CA GLY A 16 7.86 21.82 -3.84
C GLY A 16 9.20 21.22 -4.32
N PRO A 17 10.07 20.70 -3.39
CA PRO A 17 11.39 20.12 -3.75
C PRO A 17 11.30 18.66 -4.29
N ALA A 18 12.37 18.20 -4.97
CA ALA A 18 12.47 16.84 -5.54
C ALA A 18 13.95 16.52 -5.88
N ALA A 19 14.59 15.65 -5.07
CA ALA A 19 16.02 15.29 -5.23
C ALA A 19 16.26 13.79 -4.97
N GLU A 20 17.12 13.17 -5.81
CA GLU A 20 17.52 11.74 -5.73
C GLU A 20 16.37 10.74 -6.03
N GLU A 21 16.67 9.73 -6.87
CA GLU A 21 15.71 8.68 -7.27
C GLU A 21 15.94 7.39 -6.41
N PRO A 22 14.95 7.01 -5.55
CA PRO A 22 15.06 5.79 -4.70
C PRO A 22 14.57 4.50 -5.41
N LEU A 23 15.38 3.40 -5.30
CA LEU A 23 15.02 2.03 -5.78
C LEU A 23 14.97 1.92 -7.33
N SER A 24 15.65 0.90 -7.90
CA SER A 24 15.76 0.73 -9.38
C SER A 24 15.89 -0.76 -9.79
N LEU A 25 16.88 -1.46 -9.21
CA LEU A 25 17.13 -2.90 -9.49
C LEU A 25 16.12 -3.78 -8.70
N LEU A 26 16.25 -3.77 -7.36
CA LEU A 26 15.27 -4.39 -6.44
C LEU A 26 14.49 -3.28 -5.70
N ASP A 27 13.32 -2.93 -6.24
CA ASP A 27 12.37 -2.00 -5.61
C ASP A 27 11.69 -2.68 -4.43
N ASP A 28 12.00 -2.21 -3.21
CA ASP A 28 11.42 -2.69 -1.94
C ASP A 28 9.87 -2.70 -1.98
N MET A 29 9.28 -1.65 -2.57
CA MET A 29 7.82 -1.55 -2.82
C MET A 29 7.30 -2.71 -3.71
N ASN A 30 8.01 -2.99 -4.82
CA ASN A 30 7.62 -4.05 -5.80
C ASN A 30 7.68 -5.45 -5.14
N HIS A 31 8.76 -5.69 -4.36
CA HIS A 31 8.97 -6.96 -3.62
C HIS A 31 7.94 -7.12 -2.47
N CYS A 32 7.61 -5.99 -1.80
CA CYS A 32 6.58 -5.95 -0.73
C CYS A 32 5.19 -6.28 -1.29
N TYR A 33 4.88 -5.77 -2.49
CA TYR A 33 3.62 -6.07 -3.23
C TYR A 33 3.51 -7.57 -3.58
N SER A 34 4.64 -8.16 -4.03
CA SER A 34 4.74 -9.61 -4.30
C SER A 34 4.43 -10.43 -3.03
N ARG A 35 5.06 -10.04 -1.90
CA ARG A 35 4.87 -10.68 -0.59
C ARG A 35 3.44 -10.51 -0.03
N LEU A 36 2.81 -9.33 -0.29
CA LEU A 36 1.41 -9.06 0.08
C LEU A 36 0.46 -10.08 -0.57
N ARG A 37 0.56 -10.17 -1.92
CA ARG A 37 -0.29 -11.05 -2.75
C ARG A 37 -0.16 -12.54 -2.29
N GLU A 38 1.05 -12.91 -1.84
CA GLU A 38 1.35 -14.27 -1.32
C GLU A 38 0.64 -14.52 0.04
N LEU A 39 0.62 -13.48 0.89
CA LEU A 39 -0.08 -13.50 2.21
C LEU A 39 -1.62 -13.44 2.04
N VAL A 40 -2.10 -13.10 0.84
CA VAL A 40 -3.55 -13.01 0.51
C VAL A 40 -4.03 -14.26 -0.29
N PRO A 41 -4.86 -15.18 0.33
CA PRO A 41 -5.54 -16.28 -0.39
C PRO A 41 -6.79 -15.81 -1.19
N GLY A 42 -7.29 -14.59 -0.88
CA GLY A 42 -8.48 -14.00 -1.55
C GLY A 42 -8.16 -13.29 -2.87
N VAL A 43 -7.51 -14.03 -3.77
CA VAL A 43 -7.15 -13.58 -5.13
C VAL A 43 -7.71 -14.59 -6.16
N PRO A 44 -8.40 -14.12 -7.26
CA PRO A 44 -8.89 -15.02 -8.35
C PRO A 44 -7.74 -15.81 -9.02
N ARG A 45 -7.83 -17.16 -9.00
CA ARG A 45 -6.79 -18.06 -9.56
C ARG A 45 -6.56 -17.78 -11.07
N GLY A 46 -5.31 -17.51 -11.44
CA GLY A 46 -4.93 -17.22 -12.84
C GLY A 46 -4.94 -15.73 -13.20
N THR A 47 -5.35 -14.86 -12.26
CA THR A 47 -5.42 -13.39 -12.46
C THR A 47 -4.13 -12.70 -11.94
N GLN A 48 -3.50 -11.90 -12.83
CA GLN A 48 -2.24 -11.18 -12.53
C GLN A 48 -2.48 -10.00 -11.54
N LEU A 49 -3.68 -9.39 -11.62
CA LEU A 49 -4.08 -8.19 -10.82
C LEU A 49 -3.27 -6.92 -11.23
N SER A 50 -3.45 -5.84 -10.45
CA SER A 50 -2.77 -4.53 -10.64
C SER A 50 -2.20 -4.02 -9.30
N GLN A 51 -1.46 -2.88 -9.34
CA GLN A 51 -0.85 -2.25 -8.15
C GLN A 51 -1.90 -1.90 -7.07
N VAL A 52 -3.00 -1.27 -7.51
CA VAL A 52 -4.11 -0.88 -6.60
C VAL A 52 -4.92 -2.12 -6.15
N GLU A 53 -5.13 -3.08 -7.08
CA GLU A 53 -5.85 -4.36 -6.81
C GLU A 53 -5.27 -5.10 -5.60
N ILE A 54 -3.93 -5.26 -5.57
CA ILE A 54 -3.22 -5.94 -4.45
C ILE A 54 -3.50 -5.25 -3.10
N LEU A 55 -3.42 -3.90 -3.07
CA LEU A 55 -3.82 -3.09 -1.88
C LEU A 55 -5.23 -3.47 -1.37
N GLN A 56 -6.20 -3.53 -2.30
CA GLN A 56 -7.61 -3.88 -2.00
C GLN A 56 -7.73 -5.31 -1.42
N ARG A 57 -7.02 -6.28 -2.04
CA ARG A 57 -7.03 -7.70 -1.63
C ARG A 57 -6.51 -7.87 -0.19
N VAL A 58 -5.51 -7.05 0.17
CA VAL A 58 -4.95 -7.00 1.53
C VAL A 58 -5.96 -6.39 2.54
N ILE A 59 -6.65 -5.30 2.14
CA ILE A 59 -7.70 -4.66 2.96
C ILE A 59 -8.82 -5.68 3.30
N ASP A 60 -9.34 -6.37 2.27
CA ASP A 60 -10.36 -7.43 2.41
C ASP A 60 -9.86 -8.64 3.25
N TYR A 61 -8.56 -8.96 3.10
CA TYR A 61 -7.89 -10.02 3.88
C TYR A 61 -7.95 -9.73 5.39
N ILE A 62 -7.59 -8.50 5.77
CA ILE A 62 -7.59 -8.08 7.18
C ILE A 62 -9.03 -7.88 7.71
N LEU A 63 -9.94 -7.38 6.85
CA LEU A 63 -11.40 -7.28 7.17
C LEU A 63 -12.01 -8.66 7.50
N ASP A 64 -11.50 -9.71 6.84
CA ASP A 64 -11.87 -11.12 7.12
C ASP A 64 -11.43 -11.54 8.55
N LEU A 65 -10.25 -11.05 8.98
CA LEU A 65 -9.65 -11.37 10.31
C LEU A 65 -10.30 -10.53 11.45
N GLN A 66 -10.70 -9.29 11.12
CA GLN A 66 -11.30 -8.33 12.10
C GLN A 66 -12.81 -8.57 12.28
N VAL A 67 -13.29 -8.38 13.52
CA VAL A 67 -14.73 -8.47 13.93
C VAL A 67 -15.33 -9.89 13.69
N VAL A 68 -15.53 -10.65 14.78
CA VAL A 68 -16.17 -11.98 14.74
C VAL A 68 -17.72 -11.84 14.87
N MET B 1 -3.19 33.86 -31.40
CA MET B 1 -3.29 35.10 -32.23
C MET B 1 -4.58 35.88 -31.90
N GLY B 2 -4.53 37.21 -32.08
CA GLY B 2 -5.68 38.09 -31.80
C GLY B 2 -5.44 39.57 -32.14
N HIS B 3 -4.70 39.82 -33.24
CA HIS B 3 -4.46 41.19 -33.75
C HIS B 3 -5.72 41.73 -34.47
N HIS B 4 -6.49 42.58 -33.76
CA HIS B 4 -7.73 43.19 -34.28
C HIS B 4 -8.07 44.51 -33.52
N HIS B 5 -8.71 45.45 -34.23
CA HIS B 5 -9.12 46.77 -33.67
C HIS B 5 -10.41 46.61 -32.81
N HIS B 6 -10.24 46.45 -31.48
CA HIS B 6 -11.35 46.23 -30.53
C HIS B 6 -10.94 46.67 -29.09
N HIS B 7 -11.43 47.85 -28.66
CA HIS B 7 -11.10 48.46 -27.34
C HIS B 7 -12.02 47.94 -26.20
N HIS B 8 -13.08 47.19 -26.57
CA HIS B 8 -14.14 46.75 -25.62
C HIS B 8 -13.74 45.48 -24.84
N SER B 9 -12.47 45.05 -24.97
CA SER B 9 -11.89 43.92 -24.22
C SER B 9 -11.80 44.24 -22.70
N HIS B 10 -12.92 44.05 -22.00
CA HIS B 10 -13.07 44.29 -20.54
C HIS B 10 -13.91 43.16 -19.89
N MET B 11 -13.77 41.95 -20.45
CA MET B 11 -14.54 40.76 -20.02
C MET B 11 -14.03 40.20 -18.67
N GLY B 12 -14.83 40.36 -17.61
CA GLY B 12 -14.51 39.81 -16.28
C GLY B 12 -15.41 38.63 -15.88
N GLY B 13 -15.10 38.00 -14.74
CA GLY B 13 -15.90 36.87 -14.22
C GLY B 13 -15.60 36.58 -12.74
N GLY B 14 -14.85 35.49 -12.47
CA GLY B 14 -14.56 35.06 -11.09
C GLY B 14 -15.79 34.49 -10.36
N LYS B 15 -16.67 33.81 -11.10
CA LYS B 15 -17.94 33.25 -10.56
C LYS B 15 -17.74 31.80 -10.02
N GLY B 16 -16.70 31.65 -9.17
CA GLY B 16 -16.28 30.34 -8.66
C GLY B 16 -15.72 29.40 -9.76
N PRO B 17 -14.58 29.77 -10.44
CA PRO B 17 -14.01 28.95 -11.55
C PRO B 17 -13.32 27.64 -11.06
N ALA B 18 -14.06 26.52 -11.14
CA ALA B 18 -13.57 25.17 -10.74
C ALA B 18 -12.54 24.61 -11.74
N ALA B 19 -11.93 23.45 -11.37
CA ALA B 19 -10.87 22.75 -12.14
C ALA B 19 -9.52 23.51 -12.07
N GLU B 20 -9.48 24.74 -12.64
CA GLU B 20 -8.27 25.62 -12.64
C GLU B 20 -7.84 26.06 -11.22
N GLU B 21 -8.73 25.91 -10.23
CA GLU B 21 -8.43 26.18 -8.81
C GLU B 21 -7.36 25.17 -8.27
N PRO B 22 -6.42 25.60 -7.34
CA PRO B 22 -5.35 24.71 -6.80
C PRO B 22 -5.93 23.47 -6.04
N LEU B 23 -5.62 22.26 -6.56
CA LEU B 23 -6.14 20.99 -5.99
C LEU B 23 -5.14 20.36 -5.00
N SER B 24 -5.66 19.91 -3.83
CA SER B 24 -4.87 19.25 -2.76
C SER B 24 -4.75 17.72 -2.95
N LEU B 25 -5.22 17.23 -4.13
CA LEU B 25 -5.15 15.79 -4.54
C LEU B 25 -6.03 14.86 -3.64
N LEU B 26 -6.00 13.55 -3.95
CA LEU B 26 -6.74 12.51 -3.21
C LEU B 26 -5.96 11.18 -3.35
N ASP B 27 -5.80 10.75 -4.63
CA ASP B 27 -5.12 9.50 -5.03
C ASP B 27 -5.85 8.23 -4.51
N ASP B 28 -6.41 7.45 -5.44
CA ASP B 28 -7.15 6.20 -5.16
C ASP B 28 -6.26 5.17 -4.40
N MET B 29 -4.95 5.15 -4.72
CA MET B 29 -3.96 4.30 -4.02
C MET B 29 -3.75 4.76 -2.58
N ASN B 30 -3.70 6.09 -2.35
CA ASN B 30 -3.49 6.69 -1.00
C ASN B 30 -4.74 6.48 -0.11
N HIS B 31 -5.93 6.40 -0.75
CA HIS B 31 -7.20 6.00 -0.07
C HIS B 31 -7.08 4.56 0.48
N CYS B 32 -6.51 3.65 -0.34
CA CYS B 32 -6.24 2.25 0.04
C CYS B 32 -5.12 2.15 1.13
N TYR B 33 -4.09 3.01 1.00
CA TYR B 33 -2.96 3.10 1.98
C TYR B 33 -3.44 3.58 3.37
N SER B 34 -4.43 4.48 3.37
CA SER B 34 -5.09 4.94 4.61
C SER B 34 -5.81 3.77 5.32
N ARG B 35 -6.56 2.98 4.53
CA ARG B 35 -7.28 1.78 5.01
C ARG B 35 -6.33 0.70 5.58
N LEU B 36 -5.13 0.58 4.99
CA LEU B 36 -4.06 -0.28 5.53
C LEU B 36 -3.66 0.19 6.95
N ARG B 37 -3.31 1.48 7.09
CA ARG B 37 -2.93 2.08 8.39
C ARG B 37 -4.08 2.12 9.43
N GLU B 38 -5.33 1.88 8.98
CA GLU B 38 -6.50 1.78 9.89
C GLU B 38 -6.67 0.33 10.40
N LEU B 39 -6.26 -0.63 9.58
CA LEU B 39 -6.37 -2.08 9.87
C LEU B 39 -5.08 -2.67 10.47
N VAL B 40 -4.00 -1.88 10.55
CA VAL B 40 -2.72 -2.31 11.16
C VAL B 40 -2.44 -1.56 12.50
N PRO B 41 -2.77 -2.18 13.68
CA PRO B 41 -2.37 -1.65 15.01
C PRO B 41 -0.92 -2.04 15.42
N GLY B 42 -0.26 -2.88 14.59
CA GLY B 42 1.14 -3.30 14.82
C GLY B 42 2.16 -2.28 14.28
N VAL B 43 1.96 -1.00 14.67
CA VAL B 43 2.80 0.15 14.26
C VAL B 43 3.21 0.96 15.51
N PRO B 44 4.52 1.39 15.64
CA PRO B 44 4.96 2.34 16.70
C PRO B 44 4.18 3.68 16.59
N ARG B 45 3.52 4.10 17.69
CA ARG B 45 2.59 5.27 17.69
C ARG B 45 3.38 6.61 17.64
N GLY B 46 2.98 7.49 16.71
CA GLY B 46 3.63 8.80 16.51
C GLY B 46 4.87 8.74 15.58
N THR B 47 4.95 7.70 14.72
CA THR B 47 6.06 7.53 13.75
C THR B 47 5.68 8.13 12.36
N GLN B 48 6.63 8.10 11.40
CA GLN B 48 6.42 8.60 10.03
C GLN B 48 6.57 7.44 9.00
N LEU B 49 5.43 6.91 8.53
CA LEU B 49 5.40 5.84 7.51
C LEU B 49 5.26 6.42 6.08
N SER B 50 6.32 6.25 5.27
CA SER B 50 6.26 6.46 3.80
C SER B 50 5.41 5.35 3.13
N GLN B 51 5.02 5.55 1.87
CA GLN B 51 4.18 4.58 1.10
C GLN B 51 4.82 3.16 1.01
N VAL B 52 6.17 3.10 0.94
CA VAL B 52 6.93 1.82 0.99
C VAL B 52 6.89 1.22 2.42
N GLU B 53 7.11 2.09 3.44
CA GLU B 53 7.10 1.69 4.87
C GLU B 53 5.74 1.09 5.30
N ILE B 54 4.63 1.64 4.75
CA ILE B 54 3.25 1.14 5.01
C ILE B 54 3.13 -0.34 4.60
N LEU B 55 3.54 -0.66 3.35
CA LEU B 55 3.55 -2.04 2.81
C LEU B 55 4.31 -3.02 3.73
N GLN B 56 5.46 -2.56 4.24
CA GLN B 56 6.31 -3.31 5.18
C GLN B 56 5.57 -3.61 6.52
N ARG B 57 4.92 -2.58 7.12
CA ARG B 57 4.23 -2.72 8.44
C ARG B 57 2.97 -3.59 8.34
N VAL B 58 2.38 -3.66 7.13
CA VAL B 58 1.30 -4.60 6.82
C VAL B 58 1.83 -6.06 6.83
N ILE B 59 3.01 -6.28 6.20
CA ILE B 59 3.69 -7.61 6.22
C ILE B 59 4.06 -8.02 7.67
N ASP B 60 4.64 -7.08 8.43
CA ASP B 60 4.98 -7.27 9.87
C ASP B 60 3.74 -7.66 10.70
N TYR B 61 2.62 -6.97 10.42
CA TYR B 61 1.30 -7.24 11.03
C TYR B 61 0.84 -8.69 10.77
N ILE B 62 0.78 -9.09 9.49
CA ILE B 62 0.27 -10.40 9.05
C ILE B 62 1.14 -11.56 9.62
N LEU B 63 2.47 -11.45 9.47
CA LEU B 63 3.44 -12.46 9.99
C LEU B 63 3.35 -12.62 11.52
N ASP B 64 3.08 -11.50 12.22
CA ASP B 64 2.86 -11.48 13.69
C ASP B 64 1.61 -12.32 14.10
N LEU B 65 0.60 -12.38 13.20
CA LEU B 65 -0.62 -13.19 13.41
C LEU B 65 -0.38 -14.68 13.03
N GLN B 66 0.42 -14.89 11.98
CA GLN B 66 0.69 -16.24 11.41
C GLN B 66 1.57 -17.10 12.36
N VAL B 67 2.83 -16.66 12.51
CA VAL B 67 3.88 -17.44 13.23
C VAL B 67 4.34 -16.72 14.51
N VAL B 68 4.82 -17.51 15.50
CA VAL B 68 5.34 -16.99 16.78
C VAL B 68 6.84 -16.53 16.68
N MET A 1 0.82 28.29 -7.02
CA MET A 1 1.75 27.85 -5.94
C MET A 1 1.10 26.76 -5.05
N GLY A 2 1.94 26.03 -4.28
CA GLY A 2 1.46 24.95 -3.40
C GLY A 2 0.99 23.71 -4.16
N HIS A 3 1.93 23.05 -4.85
CA HIS A 3 1.65 21.87 -5.72
C HIS A 3 2.82 20.86 -5.65
N HIS A 4 2.49 19.57 -5.46
CA HIS A 4 3.48 18.48 -5.47
C HIS A 4 2.95 17.33 -6.35
N HIS A 5 3.79 16.80 -7.26
CA HIS A 5 3.39 15.69 -8.16
C HIS A 5 3.64 14.32 -7.49
N HIS A 6 2.92 13.29 -7.96
CA HIS A 6 3.07 11.89 -7.49
C HIS A 6 3.31 10.95 -8.70
N HIS A 7 3.90 11.53 -9.77
CA HIS A 7 4.15 10.81 -11.04
C HIS A 7 5.57 10.21 -11.05
N HIS A 8 5.65 8.88 -10.87
CA HIS A 8 6.95 8.14 -10.91
C HIS A 8 6.71 6.65 -11.31
N SER A 9 7.73 6.05 -11.96
CA SER A 9 7.69 4.66 -12.48
C SER A 9 9.09 3.99 -12.38
N HIS A 10 9.24 3.01 -11.47
CA HIS A 10 10.50 2.21 -11.33
C HIS A 10 10.16 0.70 -11.40
N MET A 11 10.74 0.03 -12.41
CA MET A 11 10.58 -1.43 -12.62
C MET A 11 11.84 -2.19 -12.12
N GLY A 12 11.64 -3.16 -11.21
CA GLY A 12 12.74 -4.00 -10.70
C GLY A 12 12.24 -5.08 -9.71
N GLY A 13 12.70 -5.00 -8.45
CA GLY A 13 12.31 -5.97 -7.41
C GLY A 13 13.13 -7.26 -7.46
N GLY A 14 12.46 -8.41 -7.70
CA GLY A 14 13.13 -9.72 -7.76
C GLY A 14 13.66 -10.19 -6.40
N LYS A 15 14.76 -10.96 -6.42
CA LYS A 15 15.45 -11.42 -5.19
C LYS A 15 16.47 -10.35 -4.72
N GLY A 16 16.09 -9.57 -3.69
CA GLY A 16 16.95 -8.50 -3.16
C GLY A 16 16.54 -8.04 -1.75
N PRO A 17 17.40 -8.26 -0.69
CA PRO A 17 17.11 -7.78 0.70
C PRO A 17 17.23 -6.24 0.83
N ALA A 18 16.09 -5.54 0.98
CA ALA A 18 16.04 -4.06 1.09
C ALA A 18 15.57 -3.60 2.50
N ALA A 19 15.31 -2.29 2.66
CA ALA A 19 14.92 -1.66 3.95
C ALA A 19 13.94 -0.49 3.73
N GLU A 20 13.61 0.25 4.82
CA GLU A 20 12.73 1.46 4.76
C GLU A 20 13.38 2.60 3.92
N GLU A 21 13.19 2.52 2.60
CA GLU A 21 13.75 3.45 1.61
C GLU A 21 12.62 4.24 0.88
N PRO A 22 12.94 5.41 0.23
CA PRO A 22 12.02 6.09 -0.70
C PRO A 22 12.07 5.42 -2.11
N LEU A 23 11.91 6.22 -3.17
CA LEU A 23 12.05 5.74 -4.56
C LEU A 23 13.56 5.74 -4.97
N SER A 24 14.35 4.84 -4.33
CA SER A 24 15.81 4.75 -4.52
C SER A 24 16.37 3.41 -3.98
N LEU A 25 17.68 3.17 -4.26
CA LEU A 25 18.49 2.04 -3.70
C LEU A 25 18.06 0.66 -4.27
N LEU A 26 16.93 0.13 -3.77
CA LEU A 26 16.36 -1.17 -4.20
C LEU A 26 14.82 -1.04 -4.17
N ASP A 27 14.15 -1.73 -5.12
CA ASP A 27 12.67 -1.76 -5.20
C ASP A 27 12.07 -2.60 -4.04
N ASP A 28 12.08 -2.02 -2.82
CA ASP A 28 11.50 -2.64 -1.62
C ASP A 28 9.98 -2.76 -1.78
N MET A 29 9.35 -1.68 -2.30
CA MET A 29 7.91 -1.62 -2.62
C MET A 29 7.46 -2.78 -3.54
N ASN A 30 8.25 -3.06 -4.60
CA ASN A 30 7.96 -4.11 -5.59
C ASN A 30 8.02 -5.51 -4.93
N HIS A 31 9.07 -5.73 -4.12
CA HIS A 31 9.29 -6.98 -3.34
C HIS A 31 8.11 -7.21 -2.33
N CYS A 32 7.75 -6.13 -1.63
CA CYS A 32 6.66 -6.10 -0.63
C CYS A 32 5.28 -6.40 -1.25
N TYR A 33 5.03 -5.85 -2.45
CA TYR A 33 3.75 -6.06 -3.19
C TYR A 33 3.52 -7.54 -3.53
N SER A 34 4.57 -8.20 -4.04
CA SER A 34 4.53 -9.65 -4.34
C SER A 34 4.33 -10.46 -3.05
N ARG A 35 5.04 -10.06 -1.97
CA ARG A 35 4.98 -10.69 -0.63
C ARG A 35 3.56 -10.59 0.01
N LEU A 36 2.85 -9.47 -0.24
CA LEU A 36 1.42 -9.32 0.15
C LEU A 36 0.56 -10.38 -0.54
N ARG A 37 0.71 -10.45 -1.88
CA ARG A 37 -0.09 -11.31 -2.79
C ARG A 37 0.15 -12.83 -2.50
N GLU A 38 1.31 -13.14 -1.89
CA GLU A 38 1.64 -14.52 -1.43
C GLU A 38 0.70 -14.96 -0.28
N LEU A 39 0.45 -14.01 0.64
CA LEU A 39 -0.24 -14.26 1.92
C LEU A 39 -1.76 -14.01 1.85
N VAL A 40 -2.27 -13.55 0.69
CA VAL A 40 -3.73 -13.32 0.47
C VAL A 40 -4.38 -14.48 -0.33
N PRO A 41 -5.13 -15.43 0.35
CA PRO A 41 -5.96 -16.45 -0.35
C PRO A 41 -7.32 -15.87 -0.83
N GLY A 42 -7.65 -14.63 -0.39
CA GLY A 42 -8.86 -13.89 -0.81
C GLY A 42 -8.84 -13.46 -2.28
N VAL A 43 -7.67 -13.60 -2.95
CA VAL A 43 -7.52 -13.36 -4.41
C VAL A 43 -8.50 -14.27 -5.23
N PRO A 44 -9.36 -13.68 -6.13
CA PRO A 44 -10.26 -14.49 -7.01
C PRO A 44 -9.48 -15.37 -8.04
N ARG A 45 -10.08 -16.52 -8.39
CA ARG A 45 -9.44 -17.58 -9.22
C ARG A 45 -9.09 -17.09 -10.65
N GLY A 46 -7.78 -16.98 -10.95
CA GLY A 46 -7.28 -16.67 -12.30
C GLY A 46 -7.41 -15.20 -12.73
N THR A 47 -7.67 -14.28 -11.76
CA THR A 47 -7.86 -12.84 -12.04
C THR A 47 -6.49 -12.11 -12.15
N GLN A 48 -6.42 -11.14 -13.09
CA GLN A 48 -5.18 -10.38 -13.41
C GLN A 48 -4.71 -9.53 -12.20
N LEU A 49 -5.64 -8.70 -11.67
CA LEU A 49 -5.43 -7.78 -10.52
C LEU A 49 -4.44 -6.62 -10.80
N SER A 50 -4.93 -5.38 -10.64
CA SER A 50 -4.08 -4.16 -10.59
C SER A 50 -3.36 -4.06 -9.22
N GLN A 51 -2.28 -3.25 -9.16
CA GLN A 51 -1.54 -2.99 -7.89
C GLN A 51 -2.43 -2.26 -6.85
N VAL A 52 -3.43 -1.51 -7.35
CA VAL A 52 -4.45 -0.85 -6.51
C VAL A 52 -5.41 -1.91 -5.91
N GLU A 53 -5.82 -2.87 -6.77
CA GLU A 53 -6.68 -4.01 -6.33
C GLU A 53 -5.96 -4.87 -5.27
N ILE A 54 -4.64 -5.03 -5.39
CA ILE A 54 -3.82 -5.76 -4.38
C ILE A 54 -4.01 -5.13 -2.98
N LEU A 55 -3.81 -3.80 -2.87
CA LEU A 55 -4.00 -3.03 -1.61
C LEU A 55 -5.41 -3.24 -1.00
N GLN A 56 -6.44 -3.09 -1.85
CA GLN A 56 -7.86 -3.21 -1.44
C GLN A 56 -8.25 -4.65 -1.05
N ARG A 57 -7.68 -5.65 -1.73
CA ARG A 57 -7.89 -7.08 -1.41
C ARG A 57 -7.05 -7.54 -0.21
N VAL A 58 -6.00 -6.77 0.14
CA VAL A 58 -5.30 -6.92 1.43
C VAL A 58 -6.18 -6.36 2.58
N ILE A 59 -6.85 -5.21 2.35
CA ILE A 59 -7.89 -4.68 3.28
C ILE A 59 -8.98 -5.78 3.52
N ASP A 60 -9.54 -6.28 2.40
CA ASP A 60 -10.52 -7.39 2.35
C ASP A 60 -10.04 -8.66 3.11
N TYR A 61 -8.75 -9.00 2.90
CA TYR A 61 -8.06 -10.11 3.60
C TYR A 61 -8.07 -9.92 5.14
N ILE A 62 -7.64 -8.72 5.58
CA ILE A 62 -7.54 -8.34 7.01
C ILE A 62 -8.94 -8.32 7.71
N LEU A 63 -9.97 -7.90 6.95
CA LEU A 63 -11.38 -7.91 7.42
C LEU A 63 -11.90 -9.36 7.66
N ASP A 64 -11.42 -10.29 6.82
CA ASP A 64 -11.75 -11.73 6.90
C ASP A 64 -11.06 -12.41 8.11
N LEU A 65 -9.81 -11.98 8.41
CA LEU A 65 -9.04 -12.47 9.58
C LEU A 65 -9.76 -12.12 10.91
N GLN A 66 -10.20 -10.86 10.98
CA GLN A 66 -10.93 -10.31 12.15
C GLN A 66 -12.45 -10.60 12.07
N VAL A 67 -13.23 -10.09 13.04
CA VAL A 67 -14.71 -10.14 12.99
C VAL A 67 -15.27 -8.94 12.18
N VAL A 68 -16.30 -9.20 11.36
CA VAL A 68 -16.94 -8.18 10.50
C VAL A 68 -17.92 -7.28 11.33
N MET B 1 0.86 7.55 -43.06
CA MET B 1 2.25 7.99 -43.35
C MET B 1 2.70 7.47 -44.75
N GLY B 2 3.90 7.91 -45.20
CA GLY B 2 4.48 7.45 -46.48
C GLY B 2 4.03 8.26 -47.70
N HIS B 3 2.70 8.50 -47.82
CA HIS B 3 2.11 9.27 -48.95
C HIS B 3 2.46 10.78 -48.90
N HIS B 4 2.43 11.43 -50.08
CA HIS B 4 2.95 12.81 -50.27
C HIS B 4 1.94 13.92 -49.87
N HIS B 5 2.40 15.18 -49.99
CA HIS B 5 1.60 16.42 -49.75
C HIS B 5 1.32 17.14 -51.08
N HIS B 6 0.41 18.14 -51.06
CA HIS B 6 -0.02 18.89 -52.28
C HIS B 6 0.09 20.42 -52.09
N HIS B 7 0.05 21.15 -53.22
CA HIS B 7 0.06 22.63 -53.25
C HIS B 7 -1.36 23.21 -53.55
N HIS B 8 -2.39 22.36 -53.54
CA HIS B 8 -3.78 22.76 -53.84
C HIS B 8 -4.45 23.45 -52.63
N SER B 9 -5.50 24.26 -52.89
CA SER B 9 -6.30 24.94 -51.84
C SER B 9 -6.93 23.90 -50.87
N HIS B 10 -6.75 24.11 -49.56
CA HIS B 10 -7.23 23.17 -48.51
C HIS B 10 -7.59 23.92 -47.19
N MET B 11 -8.50 23.32 -46.40
CA MET B 11 -8.95 23.84 -45.09
C MET B 11 -8.22 23.09 -43.94
N GLY B 12 -8.66 23.37 -42.69
CA GLY B 12 -8.17 22.65 -41.49
C GLY B 12 -9.01 21.42 -41.12
N GLY B 13 -10.27 21.37 -41.61
CA GLY B 13 -11.21 20.29 -41.31
C GLY B 13 -11.89 20.41 -39.95
N GLY B 14 -11.13 20.11 -38.88
CA GLY B 14 -11.64 20.17 -37.51
C GLY B 14 -10.64 19.56 -36.52
N LYS B 15 -10.16 20.37 -35.56
CA LYS B 15 -9.16 19.94 -34.55
C LYS B 15 -9.17 20.87 -33.31
N GLY B 16 -8.64 20.39 -32.17
CA GLY B 16 -8.58 21.16 -30.92
C GLY B 16 -8.80 20.31 -29.67
N PRO B 17 -7.74 19.66 -29.09
CA PRO B 17 -7.86 18.82 -27.86
C PRO B 17 -7.99 19.67 -26.57
N ALA B 18 -8.84 19.22 -25.63
CA ALA B 18 -9.08 19.92 -24.34
C ALA B 18 -8.02 19.57 -23.26
N ALA B 19 -7.57 20.60 -22.52
CA ALA B 19 -6.58 20.46 -21.42
C ALA B 19 -7.26 20.07 -20.08
N GLU B 20 -8.55 20.43 -19.91
CA GLU B 20 -9.33 20.08 -18.69
C GLU B 20 -9.67 18.58 -18.68
N GLU B 21 -9.48 17.94 -17.51
CA GLU B 21 -9.74 16.49 -17.33
C GLU B 21 -10.25 16.19 -15.89
N PRO B 22 -11.07 15.10 -15.68
CA PRO B 22 -11.47 14.63 -14.32
C PRO B 22 -10.28 14.01 -13.52
N LEU B 23 -10.60 13.50 -12.30
CA LEU B 23 -9.65 12.74 -11.44
C LEU B 23 -8.40 13.54 -10.99
N SER B 24 -8.45 14.89 -11.16
CA SER B 24 -7.31 15.80 -10.81
C SER B 24 -7.24 16.01 -9.27
N LEU B 25 -6.08 15.64 -8.69
CA LEU B 25 -5.83 15.63 -7.22
C LEU B 25 -6.78 14.64 -6.47
N LEU B 26 -6.24 13.44 -6.18
CA LEU B 26 -7.00 12.30 -5.60
C LEU B 26 -6.02 11.21 -5.12
N ASP B 27 -5.30 10.61 -6.12
CA ASP B 27 -4.44 9.42 -5.93
C ASP B 27 -5.28 8.23 -5.37
N ASP B 28 -5.81 7.42 -6.29
CA ASP B 28 -6.72 6.29 -5.97
C ASP B 28 -6.04 5.24 -5.04
N MET B 29 -4.70 5.11 -5.19
CA MET B 29 -3.87 4.20 -4.36
C MET B 29 -3.69 4.72 -2.91
N ASN B 30 -3.64 6.06 -2.75
CA ASN B 30 -3.46 6.72 -1.42
C ASN B 30 -4.67 6.46 -0.50
N HIS B 31 -5.87 6.38 -1.11
CA HIS B 31 -7.12 6.03 -0.40
C HIS B 31 -6.99 4.63 0.26
N CYS B 32 -6.45 3.67 -0.52
CA CYS B 32 -6.20 2.28 -0.09
C CYS B 32 -5.09 2.23 1.01
N TYR B 33 -4.01 3.00 0.80
CA TYR B 33 -2.83 3.08 1.72
C TYR B 33 -3.22 3.58 3.13
N SER B 34 -4.05 4.64 3.16
CA SER B 34 -4.58 5.23 4.40
C SER B 34 -5.36 4.17 5.21
N ARG B 35 -6.21 3.43 4.48
CA ARG B 35 -7.12 2.41 5.03
C ARG B 35 -6.36 1.15 5.52
N LEU B 36 -5.22 0.81 4.86
CA LEU B 36 -4.28 -0.25 5.32
C LEU B 36 -3.76 0.06 6.73
N ARG B 37 -3.20 1.28 6.86
CA ARG B 37 -2.56 1.78 8.10
C ARG B 37 -3.52 1.72 9.33
N GLU B 38 -4.83 1.93 9.06
CA GLU B 38 -5.88 1.92 10.10
C GLU B 38 -6.10 0.50 10.68
N LEU B 39 -5.91 -0.52 9.83
CA LEU B 39 -6.07 -1.95 10.19
C LEU B 39 -4.77 -2.58 10.74
N VAL B 40 -3.69 -1.78 10.85
CA VAL B 40 -2.37 -2.24 11.35
C VAL B 40 -2.04 -1.63 12.75
N PRO B 41 -2.24 -2.41 13.88
CA PRO B 41 -1.75 -2.03 15.23
C PRO B 41 -0.20 -2.05 15.36
N GLY B 42 0.50 -2.57 14.32
CA GLY B 42 1.97 -2.52 14.23
C GLY B 42 2.53 -1.14 13.87
N VAL B 43 1.64 -0.14 13.69
CA VAL B 43 2.02 1.28 13.55
C VAL B 43 2.27 1.91 14.96
N PRO B 44 3.53 2.40 15.25
CA PRO B 44 3.85 3.08 16.54
C PRO B 44 3.10 4.43 16.72
N ARG B 45 2.84 4.81 17.98
CA ARG B 45 2.23 6.10 18.34
C ARG B 45 3.26 7.25 18.14
N GLY B 46 3.15 7.96 16.99
CA GLY B 46 4.12 9.00 16.62
C GLY B 46 5.23 8.49 15.68
N THR B 47 4.88 8.26 14.41
CA THR B 47 5.80 7.70 13.37
C THR B 47 5.61 8.40 12.00
N GLN B 48 6.48 8.07 11.03
CA GLN B 48 6.43 8.61 9.64
C GLN B 48 6.28 7.44 8.62
N LEU B 49 5.11 7.36 7.96
CA LEU B 49 4.77 6.29 6.98
C LEU B 49 4.27 6.92 5.65
N SER B 50 5.14 6.95 4.62
CA SER B 50 4.77 7.49 3.29
C SER B 50 3.96 6.45 2.46
N GLN B 51 4.65 5.40 1.94
CA GLN B 51 4.02 4.35 1.09
C GLN B 51 4.71 2.98 1.30
N VAL B 52 6.05 2.96 1.10
CA VAL B 52 6.89 1.75 1.26
C VAL B 52 6.81 1.23 2.72
N GLU B 53 6.93 2.18 3.65
CA GLU B 53 6.93 1.92 5.10
C GLU B 53 5.56 1.34 5.56
N ILE B 54 4.46 1.84 4.93
CA ILE B 54 3.09 1.30 5.12
C ILE B 54 3.03 -0.19 4.72
N LEU B 55 3.55 -0.53 3.52
CA LEU B 55 3.62 -1.93 3.02
C LEU B 55 4.39 -2.85 4.00
N GLN B 56 5.50 -2.33 4.54
CA GLN B 56 6.35 -3.05 5.51
C GLN B 56 5.61 -3.29 6.87
N ARG B 57 4.77 -2.31 7.28
CA ARG B 57 3.91 -2.44 8.48
C ARG B 57 2.77 -3.46 8.26
N VAL B 58 2.26 -3.52 7.02
CA VAL B 58 1.20 -4.50 6.63
C VAL B 58 1.76 -5.94 6.65
N ILE B 59 2.98 -6.13 6.08
CA ILE B 59 3.68 -7.44 6.14
C ILE B 59 3.95 -7.84 7.61
N ASP B 60 4.47 -6.87 8.39
CA ASP B 60 4.73 -7.03 9.85
C ASP B 60 3.45 -7.46 10.62
N TYR B 61 2.30 -6.89 10.21
CA TYR B 61 0.97 -7.22 10.77
C TYR B 61 0.58 -8.70 10.48
N ILE B 62 0.77 -9.14 9.23
CA ILE B 62 0.43 -10.51 8.80
C ILE B 62 1.39 -11.54 9.49
N LEU B 63 2.68 -11.18 9.59
CA LEU B 63 3.72 -11.95 10.32
C LEU B 63 3.41 -12.01 11.85
N ASP B 64 2.78 -10.94 12.37
CA ASP B 64 2.35 -10.84 13.79
C ASP B 64 1.27 -11.90 14.11
N LEU B 65 0.37 -12.13 13.15
CA LEU B 65 -0.73 -13.12 13.29
C LEU B 65 -0.27 -14.56 13.00
N GLN B 66 0.59 -14.72 11.97
CA GLN B 66 1.06 -16.04 11.50
C GLN B 66 2.33 -16.53 12.28
N VAL B 67 3.45 -15.81 12.07
CA VAL B 67 4.79 -16.22 12.58
C VAL B 67 4.94 -15.93 14.09
N VAL B 68 4.92 -16.99 14.91
CA VAL B 68 5.10 -16.88 16.39
C VAL B 68 6.58 -16.58 16.80
N MET A 1 -16.18 44.16 -5.06
CA MET A 1 -15.94 44.13 -3.60
C MET A 1 -16.06 42.69 -3.04
N GLY A 2 -15.18 42.37 -2.08
CA GLY A 2 -15.13 41.04 -1.45
C GLY A 2 -13.79 40.78 -0.78
N HIS A 3 -13.29 41.81 -0.06
CA HIS A 3 -11.97 41.78 0.62
C HIS A 3 -11.92 40.71 1.74
N HIS A 4 -10.90 39.84 1.69
CA HIS A 4 -10.69 38.77 2.69
C HIS A 4 -9.17 38.57 2.95
N HIS A 5 -8.84 38.10 4.17
CA HIS A 5 -7.44 38.07 4.66
C HIS A 5 -6.69 36.77 4.29
N HIS A 6 -7.37 35.84 3.61
CA HIS A 6 -6.77 34.59 3.10
C HIS A 6 -6.26 34.77 1.64
N HIS A 7 -5.06 34.21 1.35
CA HIS A 7 -4.43 34.28 0.00
C HIS A 7 -4.08 32.84 -0.50
N HIS A 8 -4.75 32.39 -1.59
CA HIS A 8 -4.51 31.06 -2.20
C HIS A 8 -5.21 30.93 -3.58
N SER A 9 -4.57 30.18 -4.50
CA SER A 9 -5.13 29.86 -5.84
C SER A 9 -4.55 28.52 -6.36
N HIS A 10 -3.19 28.38 -6.31
CA HIS A 10 -2.45 27.21 -6.86
C HIS A 10 -2.63 27.11 -8.42
N MET A 11 -2.95 28.24 -9.07
CA MET A 11 -3.25 28.30 -10.52
C MET A 11 -1.94 28.16 -11.36
N GLY A 12 -1.90 27.16 -12.25
CA GLY A 12 -0.76 26.90 -13.13
C GLY A 12 -1.11 25.92 -14.25
N GLY A 13 -1.19 26.43 -15.50
CA GLY A 13 -1.54 25.61 -16.67
C GLY A 13 -0.72 25.96 -17.91
N GLY A 14 0.58 25.62 -17.88
CA GLY A 14 1.51 25.86 -19.01
C GLY A 14 2.02 24.56 -19.66
N LYS A 15 3.20 24.64 -20.33
CA LYS A 15 3.84 23.48 -20.96
C LYS A 15 4.61 22.63 -19.90
N GLY A 16 4.23 21.34 -19.77
CA GLY A 16 4.88 20.41 -18.83
C GLY A 16 6.22 19.85 -19.33
N PRO A 17 7.04 19.20 -18.45
CA PRO A 17 8.38 18.67 -18.81
C PRO A 17 8.32 17.25 -19.47
N ALA A 18 9.50 16.72 -19.84
CA ALA A 18 9.66 15.35 -20.35
C ALA A 18 9.87 14.35 -19.17
N ALA A 19 9.20 13.19 -19.24
CA ALA A 19 9.25 12.17 -18.17
C ALA A 19 10.59 11.41 -18.14
N GLU A 20 11.40 11.67 -17.10
CA GLU A 20 12.63 10.90 -16.79
C GLU A 20 12.29 9.51 -16.19
N GLU A 21 13.32 8.78 -15.67
CA GLU A 21 13.11 7.50 -14.95
C GLU A 21 12.23 7.74 -13.68
N PRO A 22 11.09 6.99 -13.50
CA PRO A 22 10.09 7.24 -12.43
C PRO A 22 10.61 6.86 -11.00
N LEU A 23 11.41 7.78 -10.40
CA LEU A 23 11.94 7.68 -9.02
C LEU A 23 12.74 6.37 -8.76
N SER A 24 12.03 5.29 -8.36
CA SER A 24 12.64 3.99 -8.04
C SER A 24 12.53 3.01 -9.22
N LEU A 25 13.55 3.03 -10.10
CA LEU A 25 13.69 2.08 -11.25
C LEU A 25 14.06 0.66 -10.71
N LEU A 26 14.60 0.61 -9.48
CA LEU A 26 14.86 -0.64 -8.72
C LEU A 26 13.54 -1.38 -8.41
N ASP A 27 12.48 -0.59 -8.12
CA ASP A 27 11.15 -1.08 -7.70
C ASP A 27 11.21 -1.82 -6.33
N ASP A 28 11.60 -1.09 -5.27
CA ASP A 28 11.62 -1.63 -3.89
C ASP A 28 10.18 -1.99 -3.41
N MET A 29 9.19 -1.23 -3.93
CA MET A 29 7.76 -1.47 -3.63
C MET A 29 7.29 -2.84 -4.17
N ASN A 30 7.83 -3.26 -5.33
CA ASN A 30 7.47 -4.55 -5.98
C ASN A 30 7.87 -5.77 -5.10
N HIS A 31 9.00 -5.64 -4.35
CA HIS A 31 9.43 -6.66 -3.37
C HIS A 31 8.39 -6.83 -2.23
N CYS A 32 7.80 -5.70 -1.81
CA CYS A 32 6.74 -5.65 -0.79
C CYS A 32 5.39 -6.22 -1.32
N TYR A 33 5.03 -5.82 -2.56
CA TYR A 33 3.80 -6.29 -3.25
C TYR A 33 3.84 -7.82 -3.53
N SER A 34 5.06 -8.33 -3.78
CA SER A 34 5.33 -9.78 -3.91
C SER A 34 4.86 -10.55 -2.67
N ARG A 35 5.23 -10.01 -1.49
CA ARG A 35 4.90 -10.63 -0.19
C ARG A 35 3.41 -10.41 0.17
N LEU A 36 2.81 -9.27 -0.26
CA LEU A 36 1.35 -9.04 -0.06
C LEU A 36 0.50 -10.09 -0.81
N ARG A 37 1.04 -10.65 -1.92
CA ARG A 37 0.40 -11.77 -2.64
C ARG A 37 0.41 -13.08 -1.81
N GLU A 38 1.46 -13.22 -0.97
CA GLU A 38 1.71 -14.44 -0.16
C GLU A 38 0.90 -14.43 1.15
N LEU A 39 0.69 -13.20 1.67
CA LEU A 39 -0.06 -12.94 2.92
C LEU A 39 -1.59 -13.10 2.72
N VAL A 40 -2.03 -13.02 1.46
CA VAL A 40 -3.45 -13.13 1.09
C VAL A 40 -3.71 -14.46 0.31
N PRO A 41 -4.18 -15.56 0.99
CA PRO A 41 -4.52 -16.83 0.30
C PRO A 41 -5.85 -16.76 -0.50
N GLY A 42 -6.69 -15.75 -0.18
CA GLY A 42 -7.98 -15.53 -0.85
C GLY A 42 -7.85 -14.73 -2.14
N VAL A 43 -7.09 -15.27 -3.10
CA VAL A 43 -6.95 -14.71 -4.45
C VAL A 43 -7.99 -15.36 -5.40
N PRO A 44 -8.96 -14.58 -5.98
CA PRO A 44 -10.01 -15.12 -6.90
C PRO A 44 -9.43 -15.86 -8.15
N ARG A 45 -9.87 -17.13 -8.35
CA ARG A 45 -9.44 -17.96 -9.50
C ARG A 45 -9.95 -17.34 -10.83
N GLY A 46 -9.03 -16.69 -11.57
CA GLY A 46 -9.35 -16.00 -12.83
C GLY A 46 -9.05 -14.50 -12.80
N THR A 47 -7.99 -14.11 -12.06
CA THR A 47 -7.54 -12.70 -11.96
C THR A 47 -6.11 -12.53 -12.51
N GLN A 48 -5.69 -11.27 -12.73
CA GLN A 48 -4.32 -10.92 -13.19
C GLN A 48 -3.55 -10.11 -12.12
N LEU A 49 -4.21 -9.03 -11.61
CA LEU A 49 -3.66 -8.12 -10.54
C LEU A 49 -2.44 -7.29 -11.02
N SER A 50 -2.43 -5.97 -10.71
CA SER A 50 -1.33 -5.06 -11.10
C SER A 50 -0.82 -4.21 -9.92
N GLN A 51 -1.60 -3.18 -9.50
CA GLN A 51 -1.14 -2.16 -8.52
C GLN A 51 -2.11 -2.00 -7.31
N VAL A 52 -3.22 -1.28 -7.54
CA VAL A 52 -4.16 -0.87 -6.46
C VAL A 52 -4.97 -2.08 -5.93
N GLU A 53 -5.26 -2.99 -6.86
CA GLU A 53 -6.03 -4.24 -6.64
C GLU A 53 -5.39 -5.12 -5.54
N ILE A 54 -4.05 -5.05 -5.44
CA ILE A 54 -3.27 -5.77 -4.42
C ILE A 54 -3.54 -5.19 -3.00
N LEU A 55 -3.48 -3.85 -2.89
CA LEU A 55 -3.77 -3.13 -1.62
C LEU A 55 -5.20 -3.42 -1.11
N GLN A 56 -6.18 -3.33 -2.03
CA GLN A 56 -7.59 -3.63 -1.77
C GLN A 56 -7.80 -5.10 -1.35
N ARG A 57 -7.06 -6.03 -2.00
CA ARG A 57 -7.12 -7.49 -1.72
C ARG A 57 -6.59 -7.82 -0.28
N VAL A 58 -5.61 -7.01 0.19
CA VAL A 58 -5.09 -7.09 1.57
C VAL A 58 -6.16 -6.61 2.59
N ILE A 59 -6.88 -5.53 2.24
CA ILE A 59 -8.02 -5.03 3.03
C ILE A 59 -9.14 -6.11 3.11
N ASP A 60 -9.38 -6.83 1.98
CA ASP A 60 -10.31 -7.98 1.93
C ASP A 60 -9.89 -9.11 2.89
N TYR A 61 -8.57 -9.40 2.95
CA TYR A 61 -8.01 -10.43 3.87
C TYR A 61 -8.31 -10.10 5.36
N ILE A 62 -7.94 -8.87 5.77
CA ILE A 62 -8.04 -8.43 7.18
C ILE A 62 -9.52 -8.35 7.65
N LEU A 63 -10.39 -7.75 6.82
CA LEU A 63 -11.84 -7.63 7.11
C LEU A 63 -12.57 -8.99 7.08
N ASP A 64 -12.08 -9.94 6.24
CA ASP A 64 -12.61 -11.33 6.18
C ASP A 64 -12.41 -12.06 7.53
N LEU A 65 -11.27 -11.81 8.18
CA LEU A 65 -10.94 -12.38 9.50
C LEU A 65 -11.82 -11.77 10.62
N GLN A 66 -12.03 -10.44 10.54
CA GLN A 66 -12.75 -9.66 11.57
C GLN A 66 -14.30 -9.80 11.48
N VAL A 67 -14.82 -9.93 10.25
CA VAL A 67 -16.28 -9.92 9.96
C VAL A 67 -16.76 -11.27 9.37
N VAL A 68 -17.84 -11.85 9.94
CA VAL A 68 -18.47 -13.10 9.43
C VAL A 68 -19.61 -12.79 8.39
N MET B 1 -11.43 26.01 7.64
CA MET B 1 -11.21 27.29 8.35
C MET B 1 -12.48 27.72 9.10
N GLY B 2 -12.32 28.18 10.35
CA GLY B 2 -13.45 28.62 11.20
C GLY B 2 -14.23 27.46 11.83
N HIS B 3 -14.72 27.69 13.06
CA HIS B 3 -15.57 26.71 13.79
C HIS B 3 -17.05 26.93 13.42
N HIS B 4 -17.45 28.21 13.29
CA HIS B 4 -18.85 28.62 13.02
C HIS B 4 -19.00 29.04 11.53
N HIS B 5 -19.52 28.12 10.69
CA HIS B 5 -19.75 28.37 9.25
C HIS B 5 -21.18 28.90 9.02
N HIS B 6 -21.33 30.24 9.08
CA HIS B 6 -22.63 30.93 8.90
C HIS B 6 -22.84 31.38 7.44
N HIS B 7 -23.84 30.78 6.77
CA HIS B 7 -24.33 31.23 5.45
C HIS B 7 -25.73 31.86 5.64
N HIS B 8 -25.78 33.20 5.72
CA HIS B 8 -27.03 33.96 6.03
C HIS B 8 -27.93 34.04 4.76
N SER B 9 -27.36 34.58 3.66
CA SER B 9 -27.95 34.55 2.29
C SER B 9 -29.21 35.45 2.12
N HIS B 10 -29.15 36.42 1.18
CA HIS B 10 -30.29 37.31 0.81
C HIS B 10 -30.44 37.40 -0.72
N MET B 11 -31.69 37.55 -1.20
CA MET B 11 -32.04 37.53 -2.63
C MET B 11 -31.50 38.78 -3.37
N GLY B 12 -30.40 38.62 -4.13
CA GLY B 12 -29.85 39.68 -5.00
C GLY B 12 -28.95 40.70 -4.27
N GLY B 13 -29.13 40.87 -2.93
CA GLY B 13 -28.37 41.83 -2.14
C GLY B 13 -26.92 41.39 -1.86
N GLY B 14 -26.04 41.60 -2.85
CA GLY B 14 -24.63 41.19 -2.74
C GLY B 14 -24.41 39.67 -2.83
N LYS B 15 -24.29 39.15 -4.06
CA LYS B 15 -24.01 37.71 -4.29
C LYS B 15 -22.51 37.43 -4.42
N GLY B 16 -22.07 36.27 -3.90
CA GLY B 16 -20.76 35.70 -4.25
C GLY B 16 -20.84 34.95 -5.59
N PRO B 17 -19.80 35.03 -6.49
CA PRO B 17 -19.82 34.34 -7.81
C PRO B 17 -20.05 32.80 -7.70
N ALA B 18 -21.31 32.38 -7.93
CA ALA B 18 -21.76 30.98 -7.78
C ALA B 18 -21.26 30.08 -8.94
N ALA B 19 -20.26 29.24 -8.66
CA ALA B 19 -19.74 28.24 -9.61
C ALA B 19 -18.92 27.17 -8.86
N GLU B 20 -19.08 25.91 -9.27
CA GLU B 20 -18.30 24.77 -8.73
C GLU B 20 -16.81 24.84 -9.17
N GLU B 21 -15.91 24.44 -8.28
CA GLU B 21 -14.45 24.41 -8.55
C GLU B 21 -14.07 23.16 -9.43
N PRO B 22 -13.21 23.34 -10.49
CA PRO B 22 -12.84 22.23 -11.42
C PRO B 22 -11.74 21.29 -10.85
N LEU B 23 -12.09 19.99 -10.71
CA LEU B 23 -11.19 18.89 -10.23
C LEU B 23 -10.77 19.04 -8.74
N SER B 24 -10.20 17.96 -8.18
CA SER B 24 -9.73 17.89 -6.77
C SER B 24 -8.72 16.73 -6.61
N LEU B 25 -8.06 16.66 -5.43
CA LEU B 25 -7.03 15.63 -5.14
C LEU B 25 -7.71 14.28 -4.75
N LEU B 26 -7.35 13.22 -5.50
CA LEU B 26 -7.89 11.86 -5.30
C LEU B 26 -6.86 10.83 -5.80
N ASP B 27 -6.23 10.10 -4.86
CA ASP B 27 -5.29 9.01 -5.17
C ASP B 27 -5.85 7.69 -4.60
N ASP B 28 -6.46 6.87 -5.47
CA ASP B 28 -7.07 5.57 -5.10
C ASP B 28 -6.11 4.66 -4.27
N MET B 29 -4.81 4.74 -4.60
CA MET B 29 -3.75 4.01 -3.87
C MET B 29 -3.61 4.54 -2.42
N ASN B 30 -3.59 5.89 -2.28
CA ASN B 30 -3.47 6.58 -0.96
C ASN B 30 -4.71 6.31 -0.07
N HIS B 31 -5.89 6.19 -0.69
CA HIS B 31 -7.15 5.81 0.00
C HIS B 31 -7.08 4.37 0.55
N CYS B 32 -6.42 3.46 -0.20
CA CYS B 32 -6.14 2.09 0.27
C CYS B 32 -5.08 2.09 1.41
N TYR B 33 -4.03 2.92 1.24
CA TYR B 33 -2.97 3.15 2.25
C TYR B 33 -3.54 3.74 3.56
N SER B 34 -4.63 4.52 3.45
CA SER B 34 -5.36 5.07 4.61
C SER B 34 -5.86 3.93 5.53
N ARG B 35 -6.52 2.92 4.93
CA ARG B 35 -7.06 1.76 5.67
C ARG B 35 -5.96 0.76 6.11
N LEU B 36 -4.85 0.71 5.36
CA LEU B 36 -3.64 -0.01 5.82
C LEU B 36 -2.98 0.72 7.01
N ARG B 37 -3.26 2.03 7.14
CA ARG B 37 -2.82 2.85 8.30
C ARG B 37 -3.87 2.80 9.46
N GLU B 38 -5.12 2.35 9.16
CA GLU B 38 -6.21 2.24 10.19
C GLU B 38 -6.20 0.84 10.87
N LEU B 39 -5.94 -0.21 10.07
CA LEU B 39 -6.03 -1.62 10.52
C LEU B 39 -4.72 -2.14 11.17
N VAL B 40 -3.63 -1.33 11.14
CA VAL B 40 -2.32 -1.70 11.74
C VAL B 40 -2.03 -0.83 13.00
N PRO B 41 -2.22 -1.39 14.24
CA PRO B 41 -1.84 -0.69 15.50
C PRO B 41 -0.33 -0.80 15.84
N GLY B 42 0.44 -1.55 15.02
CA GLY B 42 1.90 -1.73 15.21
C GLY B 42 2.73 -0.58 14.62
N VAL B 43 2.38 0.66 15.01
CA VAL B 43 3.03 1.91 14.55
C VAL B 43 3.95 2.46 15.68
N PRO B 44 5.21 2.93 15.37
CA PRO B 44 6.13 3.49 16.40
C PRO B 44 5.63 4.82 17.02
N ARG B 45 6.26 5.23 18.14
CA ARG B 45 6.00 6.54 18.77
C ARG B 45 6.63 7.67 17.90
N GLY B 46 5.79 8.26 17.03
CA GLY B 46 6.25 9.14 15.95
C GLY B 46 6.16 8.46 14.57
N THR B 47 6.73 9.11 13.54
CA THR B 47 6.78 8.63 12.13
C THR B 47 5.36 8.56 11.48
N GLN B 48 5.11 9.44 10.49
CA GLN B 48 3.82 9.49 9.74
C GLN B 48 3.63 8.24 8.81
N LEU B 49 4.73 7.49 8.62
CA LEU B 49 4.81 6.28 7.76
C LEU B 49 4.80 6.62 6.25
N SER B 50 5.97 6.44 5.61
CA SER B 50 6.14 6.62 4.15
C SER B 50 5.44 5.48 3.35
N GLN B 51 5.18 5.71 2.05
CA GLN B 51 4.38 4.80 1.19
C GLN B 51 4.88 3.32 1.22
N VAL B 52 6.20 3.10 1.05
CA VAL B 52 6.80 1.75 1.06
C VAL B 52 6.87 1.17 2.51
N GLU B 53 7.12 2.06 3.49
CA GLU B 53 7.19 1.70 4.94
C GLU B 53 5.82 1.13 5.41
N ILE B 54 4.71 1.71 4.90
CA ILE B 54 3.35 1.20 5.14
C ILE B 54 3.23 -0.26 4.65
N LEU B 55 3.67 -0.53 3.40
CA LEU B 55 3.66 -1.89 2.81
C LEU B 55 4.39 -2.92 3.70
N GLN B 56 5.62 -2.57 4.11
CA GLN B 56 6.52 -3.43 4.93
C GLN B 56 5.95 -3.66 6.35
N ARG B 57 5.28 -2.63 6.90
CA ARG B 57 4.67 -2.69 8.25
C ARG B 57 3.36 -3.54 8.25
N VAL B 58 2.62 -3.49 7.12
CA VAL B 58 1.45 -4.37 6.90
C VAL B 58 1.89 -5.85 6.77
N ILE B 59 3.03 -6.08 6.08
CA ILE B 59 3.64 -7.42 5.98
C ILE B 59 3.95 -7.97 7.39
N ASP B 60 4.68 -7.16 8.18
CA ASP B 60 5.05 -7.48 9.57
C ASP B 60 3.81 -7.81 10.46
N TYR B 61 2.74 -7.01 10.30
CA TYR B 61 1.46 -7.19 11.04
C TYR B 61 0.79 -8.56 10.72
N ILE B 62 0.70 -8.89 9.43
CA ILE B 62 0.06 -10.13 8.96
C ILE B 62 0.93 -11.38 9.26
N LEU B 63 2.27 -11.21 9.35
CA LEU B 63 3.20 -12.26 9.81
C LEU B 63 2.87 -12.73 11.26
N ASP B 64 2.44 -11.77 12.10
CA ASP B 64 1.98 -12.06 13.48
C ASP B 64 0.66 -12.91 13.47
N LEU B 65 -0.18 -12.71 12.44
CA LEU B 65 -1.44 -13.47 12.24
C LEU B 65 -1.18 -14.87 11.62
N GLN B 66 -0.12 -14.96 10.81
CA GLN B 66 0.26 -16.21 10.09
C GLN B 66 1.54 -16.85 10.71
N VAL B 67 2.22 -17.74 9.95
CA VAL B 67 3.42 -18.48 10.44
C VAL B 67 4.74 -17.76 10.07
N VAL B 68 5.54 -17.40 11.09
CA VAL B 68 6.96 -16.95 10.92
C VAL B 68 7.93 -18.13 11.26
N MET A 1 -47.69 16.96 13.97
CA MET A 1 -46.94 15.68 13.89
C MET A 1 -46.85 15.17 12.42
N GLY A 2 -46.09 14.07 12.21
CA GLY A 2 -45.85 13.50 10.86
C GLY A 2 -44.55 14.01 10.22
N HIS A 3 -43.48 14.11 11.03
CA HIS A 3 -42.16 14.63 10.59
C HIS A 3 -41.19 13.48 10.22
N HIS A 4 -41.30 13.00 8.96
CA HIS A 4 -40.33 12.04 8.38
C HIS A 4 -39.45 12.80 7.36
N HIS A 5 -38.71 13.79 7.88
CA HIS A 5 -37.85 14.68 7.05
C HIS A 5 -36.50 14.01 6.69
N HIS A 6 -36.07 13.04 7.51
CA HIS A 6 -34.80 12.32 7.30
C HIS A 6 -34.96 11.24 6.18
N HIS A 7 -34.50 11.58 4.97
CA HIS A 7 -34.49 10.66 3.81
C HIS A 7 -33.16 9.88 3.74
N HIS A 8 -32.03 10.62 3.89
CA HIS A 8 -30.65 10.09 3.85
C HIS A 8 -30.31 9.44 2.46
N SER A 9 -30.01 10.30 1.47
CA SER A 9 -29.70 9.86 0.09
C SER A 9 -29.11 11.03 -0.74
N HIS A 10 -27.79 11.26 -0.60
CA HIS A 10 -27.05 12.26 -1.41
C HIS A 10 -25.52 12.06 -1.28
N MET A 11 -24.85 11.83 -2.43
CA MET A 11 -23.38 11.83 -2.54
C MET A 11 -22.92 12.70 -3.74
N GLY A 12 -21.61 12.88 -3.88
CA GLY A 12 -21.03 13.71 -4.93
C GLY A 12 -19.55 13.43 -5.18
N GLY A 13 -18.92 12.61 -4.31
CA GLY A 13 -17.50 12.23 -4.45
C GLY A 13 -17.25 11.24 -5.61
N GLY A 14 -16.94 11.79 -6.81
CA GLY A 14 -16.74 10.98 -8.02
C GLY A 14 -15.65 11.54 -8.96
N LYS A 15 -14.51 10.81 -9.05
CA LYS A 15 -13.36 11.12 -9.97
C LYS A 15 -12.58 12.41 -9.53
N GLY A 16 -11.44 12.65 -10.20
CA GLY A 16 -10.65 13.87 -10.01
C GLY A 16 -9.22 13.70 -10.52
N PRO A 17 -8.29 13.11 -9.71
CA PRO A 17 -6.87 12.90 -10.09
C PRO A 17 -6.61 11.55 -10.82
N ALA A 18 -5.35 11.39 -11.25
CA ALA A 18 -4.80 10.13 -11.79
C ALA A 18 -3.26 10.24 -11.80
N ALA A 19 -2.65 10.32 -10.59
CA ALA A 19 -1.20 10.60 -10.42
C ALA A 19 -0.31 9.46 -10.99
N GLU A 20 0.66 9.86 -11.83
CA GLU A 20 1.61 8.93 -12.48
C GLU A 20 2.96 8.85 -11.72
N GLU A 21 3.67 7.73 -11.89
CA GLU A 21 4.96 7.46 -11.19
C GLU A 21 6.13 8.29 -11.80
N PRO A 22 6.93 9.02 -10.96
CA PRO A 22 8.15 9.71 -11.42
C PRO A 22 9.40 8.78 -11.35
N LEU A 23 9.63 8.04 -12.47
CA LEU A 23 10.75 7.07 -12.65
C LEU A 23 10.61 5.79 -11.78
N SER A 24 11.25 4.70 -12.24
CA SER A 24 11.36 3.43 -11.48
C SER A 24 12.85 3.04 -11.35
N LEU A 25 13.29 2.79 -10.11
CA LEU A 25 14.73 2.61 -9.77
C LEU A 25 15.06 1.11 -9.55
N LEU A 26 14.31 0.50 -8.63
CA LEU A 26 14.51 -0.90 -8.16
C LEU A 26 13.25 -1.28 -7.35
N ASP A 27 12.91 -0.36 -6.44
CA ASP A 27 11.64 -0.32 -5.70
C ASP A 27 11.45 -1.53 -4.75
N ASP A 28 11.74 -1.31 -3.45
CA ASP A 28 11.48 -2.31 -2.39
C ASP A 28 9.96 -2.57 -2.25
N MET A 29 9.12 -1.56 -2.60
CA MET A 29 7.65 -1.72 -2.61
C MET A 29 7.18 -2.74 -3.65
N ASN A 30 7.94 -2.87 -4.76
CA ASN A 30 7.64 -3.85 -5.84
C ASN A 30 7.79 -5.30 -5.28
N HIS A 31 8.91 -5.54 -4.57
CA HIS A 31 9.18 -6.82 -3.87
C HIS A 31 8.14 -7.08 -2.74
N CYS A 32 7.80 -6.00 -2.00
CA CYS A 32 6.79 -6.03 -0.91
C CYS A 32 5.37 -6.34 -1.45
N TYR A 33 5.04 -5.82 -2.65
CA TYR A 33 3.73 -6.03 -3.33
C TYR A 33 3.51 -7.51 -3.70
N SER A 34 4.57 -8.13 -4.23
CA SER A 34 4.60 -9.57 -4.52
C SER A 34 4.49 -10.40 -3.21
N ARG A 35 5.22 -9.94 -2.18
CA ARG A 35 5.30 -10.60 -0.85
C ARG A 35 3.93 -10.52 -0.10
N LEU A 36 3.15 -9.44 -0.37
CA LEU A 36 1.76 -9.32 0.10
C LEU A 36 0.94 -10.49 -0.49
N ARG A 37 0.97 -10.60 -1.83
CA ARG A 37 0.24 -11.65 -2.59
C ARG A 37 0.55 -13.09 -2.08
N GLU A 38 1.76 -13.31 -1.51
CA GLU A 38 2.20 -14.63 -1.01
C GLU A 38 1.51 -14.98 0.33
N LEU A 39 1.32 -13.95 1.18
CA LEU A 39 0.73 -14.09 2.53
C LEU A 39 -0.81 -13.91 2.55
N VAL A 40 -1.35 -13.20 1.54
CA VAL A 40 -2.78 -12.80 1.49
C VAL A 40 -3.65 -13.82 0.70
N PRO A 41 -4.54 -14.62 1.37
CA PRO A 41 -5.55 -15.49 0.70
C PRO A 41 -6.70 -14.67 0.05
N GLY A 42 -6.79 -13.36 0.40
CA GLY A 42 -7.68 -12.40 -0.27
C GLY A 42 -7.34 -12.24 -1.77
N VAL A 43 -6.06 -12.46 -2.11
CA VAL A 43 -5.59 -12.67 -3.50
C VAL A 43 -5.97 -14.12 -3.95
N PRO A 44 -6.94 -14.31 -4.88
CA PRO A 44 -7.36 -15.66 -5.35
C PRO A 44 -6.27 -16.39 -6.19
N ARG A 45 -6.60 -17.61 -6.68
CA ARG A 45 -5.67 -18.48 -7.47
C ARG A 45 -5.11 -17.74 -8.74
N GLY A 46 -3.85 -17.29 -8.63
CA GLY A 46 -3.21 -16.48 -9.69
C GLY A 46 -3.77 -15.06 -9.73
N THR A 47 -4.81 -14.85 -10.58
CA THR A 47 -5.59 -13.58 -10.69
C THR A 47 -4.78 -12.43 -11.37
N GLN A 48 -5.50 -11.54 -12.09
CA GLN A 48 -4.93 -10.32 -12.68
C GLN A 48 -5.18 -9.11 -11.75
N LEU A 49 -4.17 -8.78 -10.93
CA LEU A 49 -4.26 -7.65 -9.97
C LEU A 49 -3.22 -6.55 -10.29
N SER A 50 -3.71 -5.32 -10.47
CA SER A 50 -2.85 -4.12 -10.58
C SER A 50 -2.35 -3.66 -9.19
N GLN A 51 -1.53 -2.60 -9.15
CA GLN A 51 -0.93 -2.06 -7.91
C GLN A 51 -2.00 -1.64 -6.86
N VAL A 52 -3.11 -1.05 -7.34
CA VAL A 52 -4.26 -0.67 -6.49
C VAL A 52 -4.98 -1.92 -5.95
N GLU A 53 -5.22 -2.88 -6.87
CA GLU A 53 -5.94 -4.14 -6.60
C GLU A 53 -5.27 -4.98 -5.49
N ILE A 54 -3.93 -4.98 -5.44
CA ILE A 54 -3.18 -5.66 -4.36
C ILE A 54 -3.49 -5.02 -2.99
N LEU A 55 -3.46 -3.66 -2.93
CA LEU A 55 -3.82 -2.88 -1.71
C LEU A 55 -5.24 -3.23 -1.20
N GLN A 56 -6.19 -3.30 -2.14
CA GLN A 56 -7.62 -3.55 -1.84
C GLN A 56 -7.86 -5.02 -1.42
N ARG A 57 -7.14 -5.97 -2.03
CA ARG A 57 -7.19 -7.42 -1.64
C ARG A 57 -6.58 -7.66 -0.24
N VAL A 58 -5.61 -6.81 0.15
CA VAL A 58 -5.09 -6.78 1.52
C VAL A 58 -6.18 -6.27 2.50
N ILE A 59 -6.90 -5.19 2.11
CA ILE A 59 -8.03 -4.65 2.92
C ILE A 59 -9.13 -5.72 3.12
N ASP A 60 -9.43 -6.51 2.04
CA ASP A 60 -10.37 -7.66 2.10
C ASP A 60 -9.89 -8.73 3.11
N TYR A 61 -8.58 -9.04 3.07
CA TYR A 61 -7.93 -9.97 4.02
C TYR A 61 -8.12 -9.52 5.50
N ILE A 62 -7.93 -8.21 5.75
CA ILE A 62 -8.08 -7.63 7.09
C ILE A 62 -9.57 -7.62 7.52
N LEU A 63 -10.50 -7.52 6.53
CA LEU A 63 -11.96 -7.66 6.80
C LEU A 63 -12.31 -9.06 7.34
N ASP A 64 -11.62 -10.11 6.82
CA ASP A 64 -11.76 -11.51 7.34
C ASP A 64 -11.35 -11.60 8.82
N LEU A 65 -10.27 -10.89 9.18
CA LEU A 65 -9.71 -10.86 10.54
C LEU A 65 -10.63 -10.11 11.55
N GLN A 66 -11.12 -8.95 11.13
CA GLN A 66 -11.96 -8.05 11.95
C GLN A 66 -13.38 -8.64 12.17
N VAL A 67 -14.10 -8.88 11.06
CA VAL A 67 -15.47 -9.45 11.08
C VAL A 67 -15.49 -10.85 10.40
N VAL A 68 -16.37 -11.74 10.88
CA VAL A 68 -16.50 -13.11 10.33
C VAL A 68 -17.55 -13.17 9.16
N MET B 1 6.25 14.79 -1.25
CA MET B 1 7.44 15.22 -2.06
C MET B 1 7.01 16.12 -3.24
N GLY B 2 7.96 16.93 -3.75
CA GLY B 2 7.74 17.83 -4.90
C GLY B 2 9.01 17.98 -5.76
N HIS B 3 9.10 17.17 -6.83
CA HIS B 3 10.29 17.10 -7.73
C HIS B 3 10.10 18.03 -8.97
N HIS B 4 10.88 17.79 -10.05
CA HIS B 4 10.89 18.63 -11.27
C HIS B 4 9.52 18.61 -12.02
N HIS B 5 8.81 19.76 -12.00
CA HIS B 5 7.56 20.01 -12.77
C HIS B 5 6.38 19.04 -12.43
N HIS B 6 6.43 17.82 -13.02
CA HIS B 6 5.35 16.80 -12.95
C HIS B 6 4.01 17.39 -13.48
N HIS B 7 3.84 17.32 -14.81
CA HIS B 7 2.67 17.92 -15.52
C HIS B 7 1.34 17.19 -15.22
N HIS B 8 0.21 17.82 -15.62
CA HIS B 8 -1.18 17.33 -15.37
C HIS B 8 -1.36 15.82 -15.71
N SER B 9 -1.34 14.99 -14.67
CA SER B 9 -1.53 13.52 -14.78
C SER B 9 -3.04 13.16 -14.70
N HIS B 10 -3.65 12.90 -15.88
CA HIS B 10 -5.08 12.55 -15.98
C HIS B 10 -5.36 11.63 -17.21
N MET B 11 -5.05 10.33 -17.06
CA MET B 11 -5.37 9.31 -18.09
C MET B 11 -6.86 8.92 -17.99
N GLY B 12 -7.27 8.52 -16.78
CA GLY B 12 -8.65 8.11 -16.51
C GLY B 12 -8.74 7.24 -15.25
N GLY B 13 -9.56 7.67 -14.26
CA GLY B 13 -9.76 6.91 -13.02
C GLY B 13 -10.24 7.76 -11.85
N GLY B 14 -10.85 7.10 -10.85
CA GLY B 14 -11.38 7.77 -9.64
C GLY B 14 -12.67 7.12 -9.14
N LYS B 15 -13.41 7.88 -8.28
CA LYS B 15 -14.72 7.46 -7.68
C LYS B 15 -14.57 6.29 -6.66
N GLY B 16 -15.18 6.46 -5.46
CA GLY B 16 -15.09 5.44 -4.40
C GLY B 16 -15.63 5.95 -3.05
N PRO B 17 -14.89 5.74 -1.91
CA PRO B 17 -15.34 6.18 -0.56
C PRO B 17 -15.19 7.72 -0.34
N ALA B 18 -16.19 8.47 -0.85
CA ALA B 18 -16.24 9.95 -0.72
C ALA B 18 -17.69 10.46 -0.91
N ALA B 19 -18.27 11.08 0.15
CA ALA B 19 -19.57 11.79 0.04
C ALA B 19 -19.39 13.09 -0.78
N GLU B 20 -18.27 13.76 -0.53
CA GLU B 20 -17.94 15.07 -1.11
C GLU B 20 -16.41 15.26 -1.04
N GLU B 21 -15.80 15.77 -2.12
CA GLU B 21 -14.33 15.78 -2.28
C GLU B 21 -13.76 17.20 -2.55
N PRO B 22 -12.44 17.44 -2.29
CA PRO B 22 -11.69 18.57 -2.90
C PRO B 22 -11.24 18.22 -4.35
N LEU B 23 -11.78 18.97 -5.35
CA LEU B 23 -11.52 18.71 -6.79
C LEU B 23 -10.06 19.05 -7.21
N SER B 24 -9.15 18.08 -6.98
CA SER B 24 -7.75 18.14 -7.45
C SER B 24 -7.06 16.77 -7.23
N LEU B 25 -6.54 16.51 -6.00
CA LEU B 25 -5.84 15.25 -5.64
C LEU B 25 -6.63 14.46 -4.56
N LEU B 26 -6.67 13.13 -4.73
CA LEU B 26 -7.40 12.16 -3.88
C LEU B 26 -6.67 10.80 -3.98
N ASP B 27 -6.75 10.20 -5.19
CA ASP B 27 -6.08 8.96 -5.60
C ASP B 27 -6.57 7.73 -4.79
N ASP B 28 -7.16 6.77 -5.52
CA ASP B 28 -7.72 5.53 -4.93
C ASP B 28 -6.63 4.70 -4.22
N MET B 29 -5.36 4.79 -4.73
CA MET B 29 -4.19 4.18 -4.06
C MET B 29 -3.96 4.80 -2.67
N ASN B 30 -4.02 6.15 -2.61
CA ASN B 30 -3.78 6.94 -1.38
C ASN B 30 -4.86 6.66 -0.29
N HIS B 31 -6.13 6.52 -0.74
CA HIS B 31 -7.26 6.20 0.17
C HIS B 31 -7.15 4.74 0.70
N CYS B 32 -6.69 3.83 -0.17
CA CYS B 32 -6.39 2.42 0.21
C CYS B 32 -5.22 2.33 1.22
N TYR B 33 -4.17 3.15 0.99
CA TYR B 33 -3.00 3.29 1.90
C TYR B 33 -3.42 3.84 3.28
N SER B 34 -4.40 4.77 3.27
CA SER B 34 -5.01 5.32 4.51
C SER B 34 -5.67 4.20 5.33
N ARG B 35 -6.53 3.40 4.66
CA ARG B 35 -7.25 2.26 5.29
C ARG B 35 -6.32 1.12 5.74
N LEU B 36 -5.15 0.94 5.08
CA LEU B 36 -4.10 0.03 5.60
C LEU B 36 -3.65 0.54 7.00
N ARG B 37 -3.24 1.81 7.06
CA ARG B 37 -2.80 2.46 8.33
C ARG B 37 -3.91 2.55 9.41
N GLU B 38 -5.21 2.47 8.99
CA GLU B 38 -6.36 2.54 9.93
C GLU B 38 -6.67 1.15 10.54
N LEU B 39 -6.54 0.10 9.72
CA LEU B 39 -6.90 -1.29 10.11
C LEU B 39 -5.69 -2.07 10.72
N VAL B 40 -4.47 -1.50 10.61
CA VAL B 40 -3.25 -2.08 11.23
C VAL B 40 -2.90 -1.35 12.55
N PRO B 41 -3.15 -1.98 13.76
CA PRO B 41 -2.72 -1.41 15.07
C PRO B 41 -1.21 -1.64 15.38
N GLY B 42 -0.50 -2.35 14.47
CA GLY B 42 0.95 -2.56 14.57
C GLY B 42 1.79 -1.32 14.22
N VAL B 43 1.13 -0.30 13.62
CA VAL B 43 1.76 1.01 13.32
C VAL B 43 2.23 1.74 14.63
N PRO B 44 3.57 2.03 14.79
CA PRO B 44 4.09 2.73 16.00
C PRO B 44 3.63 4.21 16.09
N ARG B 45 3.35 4.67 17.31
CA ARG B 45 2.82 6.03 17.58
C ARG B 45 3.94 7.09 17.44
N GLY B 46 3.65 8.17 16.70
CA GLY B 46 4.62 9.24 16.44
C GLY B 46 5.58 8.96 15.27
N THR B 47 5.64 7.68 14.80
CA THR B 47 6.52 7.28 13.70
C THR B 47 5.87 7.58 12.33
N GLN B 48 6.48 8.49 11.56
CA GLN B 48 6.04 8.81 10.18
C GLN B 48 6.48 7.70 9.20
N LEU B 49 5.51 7.08 8.54
CA LEU B 49 5.75 5.99 7.56
C LEU B 49 5.57 6.47 6.11
N SER B 50 6.55 6.16 5.25
CA SER B 50 6.44 6.37 3.78
C SER B 50 5.63 5.23 3.13
N GLN B 51 5.33 5.37 1.82
CA GLN B 51 4.55 4.39 1.01
C GLN B 51 5.02 2.92 1.20
N VAL B 52 6.34 2.72 1.11
CA VAL B 52 6.97 1.39 1.19
C VAL B 52 6.95 0.85 2.65
N GLU B 53 7.20 1.76 3.62
CA GLU B 53 7.19 1.46 5.08
C GLU B 53 5.83 0.91 5.56
N ILE B 54 4.74 1.42 4.93
CA ILE B 54 3.37 0.90 5.11
C ILE B 54 3.30 -0.60 4.72
N LEU B 55 3.71 -0.90 3.47
CA LEU B 55 3.66 -2.28 2.89
C LEU B 55 4.50 -3.28 3.69
N GLN B 56 5.68 -2.82 4.16
CA GLN B 56 6.58 -3.60 5.04
C GLN B 56 5.86 -4.05 6.34
N ARG B 57 5.22 -3.08 7.02
CA ARG B 57 4.53 -3.33 8.31
C ARG B 57 3.19 -4.05 8.14
N VAL B 58 2.63 -4.01 6.92
CA VAL B 58 1.48 -4.88 6.54
C VAL B 58 1.96 -6.35 6.48
N ILE B 59 3.13 -6.60 5.87
CA ILE B 59 3.78 -7.94 5.86
C ILE B 59 4.02 -8.44 7.32
N ASP B 60 4.63 -7.57 8.15
CA ASP B 60 4.88 -7.85 9.60
C ASP B 60 3.57 -8.11 10.39
N TYR B 61 2.50 -7.37 10.04
CA TYR B 61 1.14 -7.53 10.61
C TYR B 61 0.60 -8.97 10.37
N ILE B 62 0.73 -9.43 9.12
CA ILE B 62 0.25 -10.76 8.68
C ILE B 62 1.12 -11.91 9.30
N LEU B 63 2.43 -11.67 9.38
CA LEU B 63 3.41 -12.61 9.97
C LEU B 63 3.26 -12.75 11.51
N ASP B 64 2.87 -11.64 12.18
CA ASP B 64 2.64 -11.59 13.64
C ASP B 64 1.45 -12.50 14.05
N LEU B 65 0.43 -12.55 13.18
CA LEU B 65 -0.77 -13.38 13.37
C LEU B 65 -0.48 -14.89 13.16
N GLN B 66 0.31 -15.17 12.11
CA GLN B 66 0.65 -16.55 11.70
C GLN B 66 1.99 -17.06 12.31
N VAL B 67 2.39 -18.28 11.88
CA VAL B 67 3.66 -18.90 12.32
C VAL B 67 4.91 -18.17 11.75
N VAL B 68 5.89 -17.92 12.63
CA VAL B 68 7.22 -17.33 12.27
C VAL B 68 8.36 -18.01 13.10
N MET A 1 58.43 -6.65 -18.02
CA MET A 1 57.99 -6.35 -16.63
C MET A 1 58.51 -7.42 -15.63
N GLY A 2 59.17 -6.97 -14.55
CA GLY A 2 59.73 -7.87 -13.54
C GLY A 2 61.25 -8.06 -13.68
N HIS A 3 61.98 -8.09 -12.56
CA HIS A 3 63.45 -8.31 -12.53
C HIS A 3 63.79 -9.62 -11.79
N HIS A 4 64.85 -10.31 -12.24
CA HIS A 4 65.29 -11.60 -11.67
C HIS A 4 65.92 -11.43 -10.27
N HIS A 5 65.07 -11.49 -9.23
CA HIS A 5 65.50 -11.50 -7.81
C HIS A 5 65.26 -12.89 -7.20
N HIS A 6 66.26 -13.40 -6.46
CA HIS A 6 66.21 -14.74 -5.85
C HIS A 6 65.29 -14.76 -4.60
N HIS A 7 64.24 -15.60 -4.63
CA HIS A 7 63.28 -15.76 -3.52
C HIS A 7 63.17 -17.25 -3.15
N HIS A 8 63.42 -17.56 -1.86
CA HIS A 8 63.42 -18.95 -1.34
C HIS A 8 62.33 -19.11 -0.26
N SER A 9 61.09 -19.41 -0.69
CA SER A 9 59.91 -19.56 0.20
C SER A 9 58.71 -20.20 -0.55
N HIS A 10 57.86 -20.93 0.20
CA HIS A 10 56.61 -21.54 -0.33
C HIS A 10 55.44 -20.53 -0.29
N MET A 11 54.84 -20.24 -1.46
CA MET A 11 53.79 -19.21 -1.61
C MET A 11 52.39 -19.76 -1.24
N GLY A 12 51.66 -19.04 -0.37
CA GLY A 12 50.34 -19.47 0.13
C GLY A 12 49.17 -19.05 -0.79
N GLY A 13 48.52 -20.05 -1.42
CA GLY A 13 47.34 -19.80 -2.28
C GLY A 13 46.05 -19.66 -1.46
N GLY A 14 45.83 -18.45 -0.88
CA GLY A 14 44.64 -18.17 -0.05
C GLY A 14 43.37 -17.89 -0.87
N LYS A 15 42.24 -17.70 -0.15
CA LYS A 15 40.93 -17.38 -0.76
C LYS A 15 40.82 -15.89 -1.18
N GLY A 16 39.71 -15.53 -1.84
CA GLY A 16 39.46 -14.14 -2.27
C GLY A 16 37.98 -13.73 -2.10
N PRO A 17 37.22 -13.48 -3.22
CA PRO A 17 35.81 -13.04 -3.15
C PRO A 17 34.80 -14.18 -2.81
N ALA A 18 33.63 -13.79 -2.28
CA ALA A 18 32.57 -14.74 -1.85
C ALA A 18 31.21 -14.41 -2.52
N ALA A 19 30.57 -13.31 -2.08
CA ALA A 19 29.26 -12.86 -2.60
C ALA A 19 29.08 -11.34 -2.33
N GLU A 20 28.91 -10.54 -3.39
CA GLU A 20 28.72 -9.06 -3.30
C GLU A 20 27.58 -8.59 -4.21
N GLU A 21 26.55 -8.01 -3.58
CA GLU A 21 25.40 -7.41 -4.29
C GLU A 21 25.71 -5.94 -4.70
N PRO A 22 25.13 -5.42 -5.85
CA PRO A 22 25.34 -4.03 -6.31
C PRO A 22 24.97 -2.98 -5.24
N LEU A 23 25.89 -2.02 -4.97
CA LEU A 23 25.70 -0.94 -3.97
C LEU A 23 24.69 0.11 -4.49
N SER A 24 23.41 -0.29 -4.49
CA SER A 24 22.28 0.48 -5.05
C SER A 24 20.95 -0.01 -4.44
N LEU A 25 19.90 0.83 -4.53
CA LEU A 25 18.54 0.47 -4.05
C LEU A 25 17.91 -0.65 -4.93
N LEU A 26 17.11 -1.52 -4.30
CA LEU A 26 16.37 -2.59 -4.99
C LEU A 26 14.90 -2.16 -5.22
N ASP A 27 14.10 -3.09 -5.78
CA ASP A 27 12.66 -2.89 -5.98
C ASP A 27 11.87 -3.23 -4.67
N ASP A 28 12.17 -2.49 -3.57
CA ASP A 28 11.60 -2.74 -2.21
C ASP A 28 10.06 -2.86 -2.25
N MET A 29 9.44 -1.94 -3.00
CA MET A 29 7.99 -1.87 -3.19
C MET A 29 7.42 -3.10 -3.94
N ASN A 30 8.10 -3.55 -5.00
CA ASN A 30 7.67 -4.74 -5.80
C ASN A 30 7.83 -6.05 -5.00
N HIS A 31 8.93 -6.15 -4.23
CA HIS A 31 9.15 -7.27 -3.27
C HIS A 31 8.00 -7.34 -2.24
N CYS A 32 7.62 -6.16 -1.72
CA CYS A 32 6.50 -6.02 -0.76
C CYS A 32 5.15 -6.44 -1.38
N TYR A 33 4.86 -5.97 -2.61
CA TYR A 33 3.60 -6.26 -3.34
C TYR A 33 3.46 -7.76 -3.70
N SER A 34 4.59 -8.40 -4.05
CA SER A 34 4.64 -9.86 -4.30
C SER A 34 4.34 -10.64 -3.01
N ARG A 35 4.96 -10.19 -1.90
CA ARG A 35 4.81 -10.82 -0.57
C ARG A 35 3.38 -10.61 0.00
N LEU A 36 2.75 -9.47 -0.34
CA LEU A 36 1.32 -9.22 -0.03
C LEU A 36 0.45 -10.33 -0.66
N ARG A 37 0.61 -10.51 -1.99
CA ARG A 37 -0.11 -11.52 -2.79
C ARG A 37 0.12 -12.97 -2.26
N GLU A 38 1.27 -13.19 -1.59
CA GLU A 38 1.59 -14.51 -0.98
C GLU A 38 0.80 -14.72 0.34
N LEU A 39 0.75 -13.68 1.18
CA LEU A 39 0.05 -13.71 2.48
C LEU A 39 -1.49 -13.62 2.32
N VAL A 40 -1.95 -13.15 1.13
CA VAL A 40 -3.39 -13.02 0.81
C VAL A 40 -3.89 -14.21 -0.07
N PRO A 41 -4.60 -15.23 0.53
CA PRO A 41 -5.30 -16.30 -0.24
C PRO A 41 -6.56 -15.78 -0.99
N GLY A 42 -6.97 -14.52 -0.67
CA GLY A 42 -8.08 -13.84 -1.34
C GLY A 42 -7.84 -13.56 -2.82
N VAL A 43 -6.58 -13.70 -3.28
CA VAL A 43 -6.23 -13.66 -4.71
C VAL A 43 -6.49 -15.06 -5.36
N PRO A 44 -7.46 -15.20 -6.32
CA PRO A 44 -7.68 -16.46 -7.08
C PRO A 44 -6.49 -16.83 -8.04
N ARG A 45 -6.65 -17.95 -8.76
CA ARG A 45 -5.58 -18.53 -9.61
C ARG A 45 -5.26 -17.64 -10.84
N GLY A 46 -4.06 -17.02 -10.84
CA GLY A 46 -3.57 -16.19 -11.95
C GLY A 46 -4.32 -14.87 -12.17
N THR A 47 -5.00 -14.38 -11.11
CA THR A 47 -5.81 -13.13 -11.18
C THR A 47 -4.92 -11.88 -11.23
N GLN A 48 -4.91 -11.20 -12.39
CA GLN A 48 -4.08 -10.01 -12.63
C GLN A 48 -4.74 -8.73 -12.05
N LEU A 49 -4.12 -8.19 -10.99
CA LEU A 49 -4.58 -6.95 -10.32
C LEU A 49 -3.51 -5.84 -10.45
N SER A 50 -3.96 -4.57 -10.55
CA SER A 50 -3.05 -3.39 -10.50
C SER A 50 -2.53 -3.20 -9.06
N GLN A 51 -1.46 -2.39 -8.88
CA GLN A 51 -0.87 -2.10 -7.54
C GLN A 51 -1.93 -1.52 -6.55
N VAL A 52 -2.91 -0.79 -7.12
CA VAL A 52 -4.05 -0.22 -6.34
C VAL A 52 -5.00 -1.34 -5.86
N GLU A 53 -5.35 -2.25 -6.80
CA GLU A 53 -6.23 -3.40 -6.54
C GLU A 53 -5.59 -4.46 -5.61
N ILE A 54 -4.24 -4.53 -5.60
CA ILE A 54 -3.50 -5.39 -4.65
C ILE A 54 -3.72 -4.86 -3.22
N LEU A 55 -3.56 -3.53 -3.02
CA LEU A 55 -3.84 -2.86 -1.72
C LEU A 55 -5.27 -3.16 -1.22
N GLN A 56 -6.25 -3.07 -2.14
CA GLN A 56 -7.67 -3.37 -1.88
C GLN A 56 -7.90 -4.86 -1.51
N ARG A 57 -7.16 -5.76 -2.18
CA ARG A 57 -7.25 -7.22 -1.93
C ARG A 57 -6.66 -7.57 -0.54
N VAL A 58 -5.60 -6.84 -0.15
CA VAL A 58 -4.98 -6.93 1.18
C VAL A 58 -5.94 -6.37 2.26
N ILE A 59 -6.65 -5.27 1.96
CA ILE A 59 -7.71 -4.71 2.83
C ILE A 59 -8.77 -5.79 3.15
N ASP A 60 -9.26 -6.45 2.09
CA ASP A 60 -10.25 -7.55 2.19
C ASP A 60 -9.73 -8.72 3.06
N TYR A 61 -8.43 -9.04 2.91
CA TYR A 61 -7.73 -10.07 3.70
C TYR A 61 -7.63 -9.71 5.20
N ILE A 62 -7.24 -8.46 5.51
CA ILE A 62 -7.11 -8.01 6.91
C ILE A 62 -8.51 -7.91 7.56
N LEU A 63 -9.54 -7.56 6.76
CA LEU A 63 -10.96 -7.61 7.19
C LEU A 63 -11.38 -9.05 7.59
N ASP A 64 -10.86 -10.07 6.88
CA ASP A 64 -11.04 -11.50 7.25
C ASP A 64 -10.45 -11.81 8.66
N LEU A 65 -9.35 -11.10 9.02
CA LEU A 65 -8.66 -11.25 10.32
C LEU A 65 -9.30 -10.39 11.45
N GLN A 66 -9.88 -9.23 11.06
CA GLN A 66 -10.48 -8.26 12.02
C GLN A 66 -11.97 -8.56 12.28
N VAL A 67 -12.78 -8.40 11.21
CA VAL A 67 -14.27 -8.49 11.29
C VAL A 67 -14.78 -9.64 10.39
N VAL A 68 -15.26 -10.73 11.01
CA VAL A 68 -15.73 -11.94 10.27
C VAL A 68 -16.97 -11.62 9.38
N MET B 1 43.57 -4.55 6.53
CA MET B 1 44.77 -3.73 6.16
C MET B 1 44.38 -2.38 5.48
N GLY B 2 43.07 -2.12 5.35
CA GLY B 2 42.55 -0.93 4.67
C GLY B 2 42.30 0.26 5.61
N HIS B 3 43.34 0.66 6.36
CA HIS B 3 43.25 1.76 7.35
C HIS B 3 43.47 3.15 6.68
N HIS B 4 42.68 3.41 5.64
CA HIS B 4 42.81 4.61 4.78
C HIS B 4 41.66 5.60 5.07
N HIS B 5 42.01 6.75 5.69
CA HIS B 5 41.04 7.81 6.07
C HIS B 5 40.81 8.81 4.92
N HIS B 6 40.42 8.26 3.76
CA HIS B 6 40.03 9.02 2.56
C HIS B 6 38.51 8.83 2.32
N HIS B 7 37.76 8.80 3.44
CA HIS B 7 36.30 8.51 3.46
C HIS B 7 35.45 9.78 3.73
N HIS B 8 36.06 10.96 3.53
CA HIS B 8 35.42 12.28 3.81
C HIS B 8 34.55 12.79 2.63
N SER B 9 33.57 11.96 2.21
CA SER B 9 32.64 12.28 1.11
C SER B 9 31.35 11.44 1.22
N HIS B 10 30.24 11.97 0.70
CA HIS B 10 28.94 11.25 0.66
C HIS B 10 28.32 11.36 -0.76
N MET B 11 27.74 12.55 -1.07
CA MET B 11 27.00 12.83 -2.33
C MET B 11 25.85 11.80 -2.57
N GLY B 12 24.65 12.12 -2.06
CA GLY B 12 23.49 11.22 -2.14
C GLY B 12 22.73 11.29 -3.47
N GLY B 13 21.39 11.19 -3.41
CA GLY B 13 20.55 11.21 -4.61
C GLY B 13 19.07 11.49 -4.30
N GLY B 14 18.59 12.67 -4.72
CA GLY B 14 17.19 13.07 -4.53
C GLY B 14 16.23 12.30 -5.45
N LYS B 15 15.08 11.87 -4.88
CA LYS B 15 14.07 11.06 -5.61
C LYS B 15 13.27 11.96 -6.59
N GLY B 16 13.65 11.92 -7.89
CA GLY B 16 12.99 12.69 -8.94
C GLY B 16 11.65 12.09 -9.41
N PRO B 17 10.82 12.86 -10.18
CA PRO B 17 9.49 12.39 -10.65
C PRO B 17 9.57 11.37 -11.83
N ALA B 18 8.43 10.69 -12.08
CA ALA B 18 8.31 9.66 -13.15
C ALA B 18 6.85 9.55 -13.63
N ALA B 19 6.69 9.00 -14.85
CA ALA B 19 5.36 8.71 -15.48
C ALA B 19 4.51 9.97 -15.76
N GLU B 20 3.29 9.75 -16.27
CA GLU B 20 2.25 10.80 -16.43
C GLU B 20 0.97 10.40 -15.67
N GLU B 21 0.12 11.39 -15.35
CA GLU B 21 -1.12 11.18 -14.58
C GLU B 21 -2.30 11.97 -15.21
N PRO B 22 -3.58 11.50 -15.03
CA PRO B 22 -4.79 12.32 -15.33
C PRO B 22 -4.85 13.59 -14.43
N LEU B 23 -5.31 14.72 -15.01
CA LEU B 23 -5.45 16.00 -14.27
C LEU B 23 -6.60 15.91 -13.24
N SER B 24 -6.27 15.31 -12.08
CA SER B 24 -7.24 15.02 -11.00
C SER B 24 -6.50 14.69 -9.69
N LEU B 25 -6.55 15.60 -8.70
CA LEU B 25 -6.02 15.35 -7.34
C LEU B 25 -7.06 14.53 -6.53
N LEU B 26 -6.70 13.27 -6.22
CA LEU B 26 -7.59 12.33 -5.49
C LEU B 26 -6.72 11.28 -4.81
N ASP B 27 -5.89 10.59 -5.63
CA ASP B 27 -4.96 9.52 -5.20
C ASP B 27 -5.72 8.29 -4.62
N ASP B 28 -6.15 7.39 -5.53
CA ASP B 28 -6.90 6.16 -5.17
C ASP B 28 -6.01 5.16 -4.41
N MET B 29 -4.69 5.20 -4.69
CA MET B 29 -3.68 4.39 -3.96
C MET B 29 -3.60 4.85 -2.49
N ASN B 30 -3.53 6.18 -2.29
CA ASN B 30 -3.47 6.80 -0.93
C ASN B 30 -4.79 6.56 -0.15
N HIS B 31 -5.91 6.41 -0.89
CA HIS B 31 -7.23 6.05 -0.32
C HIS B 31 -7.16 4.62 0.31
N CYS B 32 -6.58 3.68 -0.45
CA CYS B 32 -6.38 2.29 0.00
C CYS B 32 -5.35 2.20 1.16
N TYR B 33 -4.28 3.02 1.05
CA TYR B 33 -3.23 3.15 2.11
C TYR B 33 -3.81 3.70 3.43
N SER B 34 -4.77 4.63 3.32
CA SER B 34 -5.44 5.26 4.49
C SER B 34 -6.26 4.21 5.27
N ARG B 35 -6.96 3.32 4.53
CA ARG B 35 -7.75 2.22 5.13
C ARG B 35 -6.83 1.12 5.74
N LEU B 36 -5.64 0.91 5.13
CA LEU B 36 -4.59 0.02 5.71
C LEU B 36 -4.15 0.54 7.09
N ARG B 37 -3.88 1.86 7.19
CA ARG B 37 -3.52 2.55 8.46
C ARG B 37 -4.55 2.32 9.59
N GLU B 38 -5.81 2.06 9.19
CA GLU B 38 -6.94 1.82 10.12
C GLU B 38 -6.97 0.34 10.55
N LEU B 39 -6.64 -0.55 9.61
CA LEU B 39 -6.65 -2.01 9.79
C LEU B 39 -5.34 -2.55 10.43
N VAL B 40 -4.32 -1.68 10.58
CA VAL B 40 -3.03 -2.05 11.20
C VAL B 40 -2.84 -1.33 12.56
N PRO B 41 -3.19 -1.99 13.73
CA PRO B 41 -2.86 -1.47 15.09
C PRO B 41 -1.33 -1.45 15.40
N GLY B 42 -0.51 -2.04 14.49
CA GLY B 42 0.96 -1.99 14.61
C GLY B 42 1.59 -0.65 14.20
N VAL B 43 0.75 0.39 13.94
CA VAL B 43 1.21 1.78 13.73
C VAL B 43 1.50 2.46 15.11
N PRO B 44 2.79 2.87 15.40
CA PRO B 44 3.16 3.53 16.70
C PRO B 44 2.50 4.92 16.92
N ARG B 45 2.68 5.49 18.15
CA ARG B 45 2.13 6.82 18.51
C ARG B 45 2.93 7.94 17.78
N GLY B 46 2.52 8.23 16.54
CA GLY B 46 3.26 9.15 15.66
C GLY B 46 4.44 8.47 14.96
N THR B 47 4.45 8.50 13.61
CA THR B 47 5.48 7.83 12.78
C THR B 47 5.52 8.43 11.35
N GLN B 48 6.48 7.98 10.52
CA GLN B 48 6.65 8.42 9.12
C GLN B 48 6.31 7.27 8.13
N LEU B 49 5.04 7.19 7.73
CA LEU B 49 4.53 6.18 6.77
C LEU B 49 4.26 6.85 5.40
N SER B 50 5.21 6.68 4.44
CA SER B 50 5.05 7.20 3.07
C SER B 50 4.20 6.23 2.20
N GLN B 51 4.84 5.16 1.68
CA GLN B 51 4.14 4.11 0.88
C GLN B 51 4.75 2.72 1.17
N VAL B 52 6.08 2.60 0.98
CA VAL B 52 6.83 1.33 1.21
C VAL B 52 6.80 0.97 2.71
N GLU B 53 6.88 2.00 3.58
CA GLU B 53 6.80 1.84 5.06
C GLU B 53 5.48 1.15 5.48
N ILE B 54 4.38 1.55 4.81
CA ILE B 54 3.05 0.98 5.02
C ILE B 54 3.02 -0.51 4.59
N LEU B 55 3.55 -0.80 3.38
CA LEU B 55 3.59 -2.18 2.82
C LEU B 55 4.34 -3.17 3.75
N GLN B 56 5.54 -2.76 4.19
CA GLN B 56 6.42 -3.54 5.10
C GLN B 56 5.75 -3.76 6.49
N ARG B 57 5.04 -2.72 6.97
CA ARG B 57 4.34 -2.76 8.28
C ARG B 57 3.09 -3.68 8.23
N VAL B 58 2.41 -3.72 7.06
CA VAL B 58 1.29 -4.63 6.81
C VAL B 58 1.77 -6.11 6.79
N ILE B 59 2.87 -6.38 6.07
CA ILE B 59 3.49 -7.72 6.00
C ILE B 59 3.90 -8.22 7.41
N ASP B 60 4.61 -7.35 8.16
CA ASP B 60 5.06 -7.66 9.55
C ASP B 60 3.86 -7.94 10.49
N TYR B 61 2.77 -7.17 10.29
CA TYR B 61 1.49 -7.36 11.02
C TYR B 61 0.95 -8.80 10.85
N ILE B 62 0.86 -9.22 9.57
CA ILE B 62 0.32 -10.54 9.18
C ILE B 62 1.22 -11.69 9.70
N LEU B 63 2.54 -11.57 9.52
CA LEU B 63 3.54 -12.56 10.00
C LEU B 63 3.50 -12.72 11.54
N ASP B 64 3.20 -11.61 12.23
CA ASP B 64 3.09 -11.56 13.72
C ASP B 64 1.82 -12.32 14.20
N LEU B 65 0.76 -12.30 13.36
CA LEU B 65 -0.49 -13.05 13.64
C LEU B 65 -0.34 -14.55 13.33
N GLN B 66 0.30 -14.85 12.19
CA GLN B 66 0.51 -16.24 11.71
C GLN B 66 1.49 -17.02 12.61
N VAL B 67 2.55 -16.32 13.09
CA VAL B 67 3.61 -16.87 13.96
C VAL B 67 4.38 -18.05 13.28
N VAL B 68 5.55 -17.72 12.68
CA VAL B 68 6.46 -18.70 12.00
C VAL B 68 5.79 -19.36 10.72
#